data_6IWR
#
_entry.id   6IWR
#
_cell.length_a   137.435
_cell.length_b   158.264
_cell.length_c   251.484
_cell.angle_alpha   90.00
_cell.angle_beta   90.00
_cell.angle_gamma   90.00
#
_symmetry.space_group_name_H-M   'P 21 21 21'
#
loop_
_entity.id
_entity.type
_entity.pdbx_description
1 polymer 'N-acetylgalactosaminyltransferase 7'
2 non-polymer 'MANGANESE (II) ION'
3 non-polymer 2-acetamido-2-deoxy-beta-D-glucopyranose
4 non-polymer "URIDINE-5'-DIPHOSPHATE"
5 non-polymer URIDINE-DIPHOSPHATE-N-ACETYLGALACTOSAMINE
6 water water
#
_entity_poly.entity_id   1
_entity_poly.type   'polypeptide(L)'
_entity_poly.pdbx_seq_one_letter_code
;PGEDRFKPVVPWPHVEGVEVDLESIRRINKAKNEQEHHAGGDSQKDIMQRQYLTFKPQTFTYHDPVLRPGILGNFEPKEP
EPPGVVGGPGEKAKPLVLGPEFKQAIQASIKEFGFNMVASDMISLDRSVNDLRQEECKYWHYDENLLTSSVVIVFHNEGW
STLMRTVHSVIKRTPRKYLAEIVLIDDFSNKEHLKEKLDEYIKLWNGLVKVFRNERREGLIQARSIGAQKAKLGQVLIYL
DAHCEVAVNWYAPLVAPISKDRTICTVPLIDVINGNTYEIIPQGGGDEDGYARGAWDWSMLWKRVPLTPQEKRLRKTKTE
PYRSPAMAGGLFAIEREFFFELGLYDPGLQIWGGENFEISYKIWQCGGKLLFVPCSRVGHIYRLEGWQGNPPPIYVGSSP
TLKNYVRVVEVWWDEYKDYFYASRPESQALPYGDISELKKFREDHNCKSFKWFMEEIAYDITSHYPLPPKNVDWGEIRGF
ETAYCIDSMGKTNGGFVELGPCHRMGGNQLFRINEANQLMQYDQCLTKGADGSKVMITHCNLNEFKEWQYFKNLHRFTHI
PSGKCLDRSEVLHQVFISNCDSSKTTQKWEMNNIHSV
;
_entity_poly.pdbx_strand_id   A,B,C,D,E,F
#
# COMPACT_ATOMS: atom_id res chain seq x y z
N TYR A 52 -23.26 62.73 27.88
CA TYR A 52 -21.98 63.42 27.97
C TYR A 52 -20.83 62.54 28.48
N LEU A 53 -21.12 61.27 28.83
CA LEU A 53 -20.09 60.32 29.25
C LEU A 53 -19.32 59.80 28.04
N THR A 54 -17.99 59.77 28.17
CA THR A 54 -17.09 59.43 27.08
C THR A 54 -16.11 58.37 27.55
N PHE A 55 -15.62 57.55 26.62
CA PHE A 55 -14.57 56.62 26.98
C PHE A 55 -13.23 57.34 27.05
N LYS A 56 -12.34 56.81 27.87
CA LYS A 56 -11.05 57.45 28.10
C LYS A 56 -10.27 57.51 26.77
N PRO A 57 -9.52 58.57 26.51
CA PRO A 57 -8.93 58.74 25.17
C PRO A 57 -7.72 57.83 24.96
N GLN A 58 -7.38 57.63 23.69
CA GLN A 58 -6.16 56.90 23.36
C GLN A 58 -4.93 57.70 23.78
N THR A 59 -4.08 57.06 24.58
CA THR A 59 -2.82 57.65 25.02
C THR A 59 -1.61 56.97 24.40
N PHE A 60 -1.74 55.66 24.15
CA PHE A 60 -0.78 54.86 23.42
C PHE A 60 -0.71 55.30 21.97
N THR A 61 0.50 55.53 21.44
CA THR A 61 0.65 55.75 20.00
C THR A 61 1.05 54.44 19.33
N TYR A 62 0.31 54.02 18.30
CA TYR A 62 0.64 52.79 17.58
C TYR A 62 0.24 52.91 16.12
N HIS A 63 1.07 52.39 15.23
CA HIS A 63 0.89 52.51 13.79
C HIS A 63 0.50 51.18 13.17
N ASP A 64 -0.44 51.22 12.24
CA ASP A 64 -0.88 50.00 11.59
C ASP A 64 0.29 49.30 10.93
N PRO A 65 0.21 47.99 10.76
CA PRO A 65 1.31 47.27 10.11
C PRO A 65 1.34 47.57 8.61
N VAL A 66 2.37 47.03 7.98
CA VAL A 66 2.69 47.30 6.58
C VAL A 66 2.93 45.97 5.89
N LEU A 67 2.34 45.81 4.71
CA LEU A 67 2.44 44.57 3.96
C LEU A 67 3.59 44.69 2.98
N ARG A 68 4.56 43.79 3.08
CA ARG A 68 5.79 43.85 2.31
C ARG A 68 5.91 42.56 1.50
N PRO A 69 5.16 42.44 0.39
CA PRO A 69 5.20 41.20 -0.36
C PRO A 69 6.63 40.76 -0.59
N GLY A 70 6.87 39.48 -0.40
CA GLY A 70 8.17 38.87 -0.61
C GLY A 70 9.13 38.93 0.56
N ILE A 71 8.78 39.63 1.62
CA ILE A 71 9.62 39.72 2.80
C ILE A 71 8.92 39.18 4.05
N LEU A 72 9.51 38.17 4.67
CA LEU A 72 8.91 37.49 5.80
C LEU A 72 9.06 38.30 7.05
N GLY A 73 8.42 37.83 8.12
CA GLY A 73 8.63 38.35 9.46
C GLY A 73 7.69 39.49 9.58
N ASN A 74 7.77 40.28 10.63
CA ASN A 74 8.68 40.09 11.74
C ASN A 74 8.18 39.20 12.84
N PHE A 75 6.90 38.88 12.85
CA PHE A 75 6.41 37.91 13.82
C PHE A 75 6.19 36.54 13.20
N GLU A 76 6.71 36.32 12.02
CA GLU A 76 6.65 35.00 11.44
C GLU A 76 7.76 34.15 12.01
N PRO A 77 7.48 33.00 12.57
CA PRO A 77 8.57 32.13 13.00
C PRO A 77 9.59 31.93 11.88
N LYS A 78 10.86 31.97 12.26
CA LYS A 78 11.95 31.88 11.28
C LYS A 78 12.05 30.46 10.68
N GLU A 79 11.98 29.43 11.52
CA GLU A 79 12.14 28.06 11.04
C GLU A 79 10.97 27.20 11.49
N PRO A 80 10.68 26.11 10.75
CA PRO A 80 9.42 25.39 10.99
C PRO A 80 9.32 24.91 12.43
N GLU A 81 8.10 24.66 12.85
CA GLU A 81 7.83 24.46 14.26
C GLU A 81 8.25 23.06 14.70
N PRO A 82 9.07 22.93 15.72
CA PRO A 82 9.48 21.61 16.22
C PRO A 82 8.29 20.81 16.70
N PRO A 83 8.13 19.55 16.25
CA PRO A 83 6.96 18.78 16.69
C PRO A 83 7.05 18.50 18.18
N GLY A 84 5.90 18.15 18.77
CA GLY A 84 5.92 17.73 20.16
C GLY A 84 6.44 16.31 20.30
N VAL A 85 6.10 15.45 19.34
CA VAL A 85 6.63 14.10 19.25
C VAL A 85 6.88 13.79 17.78
N VAL A 86 8.15 13.54 17.45
CA VAL A 86 8.59 13.05 16.13
C VAL A 86 8.03 11.66 15.91
N GLY A 87 7.15 11.49 14.94
CA GLY A 87 6.60 12.61 14.23
C GLY A 87 5.11 12.35 14.34
N GLY A 88 4.74 11.18 14.87
CA GLY A 88 3.34 10.94 15.14
C GLY A 88 3.02 11.19 16.59
N PRO A 89 1.74 11.10 17.00
CA PRO A 89 0.48 11.24 16.26
C PRO A 89 -0.22 12.56 16.57
N GLY A 90 -1.03 13.08 15.65
CA GLY A 90 -1.63 14.37 15.85
C GLY A 90 -0.89 15.51 15.19
N GLU A 91 0.33 15.28 14.76
CA GLU A 91 1.12 16.30 14.13
C GLU A 91 1.21 16.00 12.65
N LYS A 92 1.27 17.00 11.81
CA LYS A 92 1.07 18.38 12.16
C LYS A 92 -0.41 18.60 12.05
N ALA A 93 -1.13 18.08 13.01
CA ALA A 93 -2.57 17.94 12.89
C ALA A 93 -3.00 17.00 11.78
N LYS A 94 -2.23 15.94 11.53
CA LYS A 94 -2.74 14.86 10.73
C LYS A 94 -3.89 14.25 11.50
N PRO A 95 -4.95 13.83 10.82
CA PRO A 95 -6.05 13.18 11.56
C PRO A 95 -5.57 11.89 12.19
N LEU A 96 -6.07 11.63 13.39
CA LEU A 96 -5.71 10.48 14.19
C LEU A 96 -6.89 9.52 14.23
N VAL A 97 -6.82 8.48 13.41
CA VAL A 97 -7.90 7.52 13.23
C VAL A 97 -7.53 6.29 14.05
N LEU A 98 -8.44 5.88 14.96
CA LEU A 98 -8.22 4.81 15.94
C LEU A 98 -9.14 3.60 15.71
N GLY A 99 -9.22 2.74 16.72
CA GLY A 99 -10.20 1.67 16.79
C GLY A 99 -9.95 0.69 15.69
N PRO A 100 -10.76 -0.37 15.61
CA PRO A 100 -11.88 -0.60 16.52
C PRO A 100 -11.45 -1.17 17.87
N GLU A 101 -10.16 -1.48 18.04
CA GLU A 101 -9.75 -1.96 19.35
C GLU A 101 -9.94 -0.90 20.42
N PHE A 102 -10.07 0.35 20.01
CA PHE A 102 -10.26 1.44 20.95
C PHE A 102 -11.72 1.86 21.11
N LYS A 103 -12.64 1.27 20.33
CA LYS A 103 -13.95 1.90 20.18
C LYS A 103 -14.73 1.91 21.50
N GLN A 104 -14.59 0.89 22.32
CA GLN A 104 -15.31 0.92 23.59
C GLN A 104 -14.81 2.08 24.45
N ALA A 105 -13.48 2.28 24.51
CA ALA A 105 -12.92 3.34 25.33
C ALA A 105 -13.20 4.73 24.76
N ILE A 106 -13.32 4.83 23.43
CA ILE A 106 -13.63 6.12 22.83
C ILE A 106 -15.05 6.53 23.17
N GLN A 107 -16.01 5.66 22.91
CA GLN A 107 -17.39 6.01 23.21
C GLN A 107 -17.53 6.39 24.68
N ALA A 108 -16.88 5.64 25.56
CA ALA A 108 -16.95 5.97 26.98
C ALA A 108 -16.51 7.42 27.22
N SER A 109 -15.41 7.85 26.59
CA SER A 109 -14.92 9.20 26.87
C SER A 109 -15.80 10.25 26.21
N ILE A 110 -16.43 9.94 25.08
CA ILE A 110 -17.35 10.90 24.48
C ILE A 110 -18.53 11.16 25.41
N LYS A 111 -19.13 10.11 25.97
CA LYS A 111 -20.15 10.28 27.01
C LYS A 111 -19.67 11.24 28.10
N GLU A 112 -18.43 11.04 28.59
CA GLU A 112 -18.00 11.84 29.74
C GLU A 112 -17.72 13.29 29.34
N PHE A 113 -17.10 13.52 28.17
CA PHE A 113 -16.60 14.85 27.79
C PHE A 113 -17.20 15.44 26.51
N GLY A 114 -17.75 14.63 25.62
CA GLY A 114 -18.16 15.15 24.33
C GLY A 114 -17.04 15.21 23.30
N PHE A 115 -15.81 14.93 23.70
CA PHE A 115 -14.71 14.77 22.78
C PHE A 115 -14.14 13.36 22.92
N ASN A 116 -13.50 12.91 21.85
CA ASN A 116 -12.75 11.66 21.84
C ASN A 116 -11.52 11.89 22.69
N MET A 117 -11.61 11.62 23.99
CA MET A 117 -10.45 11.91 24.84
C MET A 117 -9.36 10.85 24.72
N VAL A 118 -9.70 9.62 24.31
CA VAL A 118 -8.63 8.65 24.12
C VAL A 118 -7.71 9.12 23.00
N ALA A 119 -8.29 9.64 21.92
CA ALA A 119 -7.49 10.24 20.86
C ALA A 119 -6.70 11.44 21.38
N SER A 120 -7.39 12.42 21.98
CA SER A 120 -6.68 13.59 22.48
C SER A 120 -5.53 13.21 23.40
N ASP A 121 -5.74 12.21 24.26
CA ASP A 121 -4.72 11.86 25.23
C ASP A 121 -3.44 11.30 24.59
N MET A 122 -3.47 10.84 23.34
CA MET A 122 -2.23 10.36 22.72
C MET A 122 -1.55 11.39 21.83
N ILE A 123 -2.19 12.56 21.62
CA ILE A 123 -1.60 13.68 20.89
C ILE A 123 -0.83 14.54 21.89
N SER A 124 0.37 14.95 21.53
CA SER A 124 1.18 15.77 22.43
C SER A 124 0.45 17.05 22.83
N LEU A 125 0.69 17.50 24.06
CA LEU A 125 0.24 18.84 24.43
C LEU A 125 0.98 19.93 23.65
N ASP A 126 2.17 19.63 23.12
CA ASP A 126 3.00 20.59 22.40
C ASP A 126 3.04 20.32 20.89
N ARG A 127 2.01 19.67 20.38
CA ARG A 127 2.02 19.26 18.98
C ARG A 127 2.09 20.48 18.08
N SER A 128 2.66 20.27 16.90
CA SER A 128 2.62 21.26 15.83
C SER A 128 1.25 21.20 15.19
N VAL A 129 0.93 22.15 14.31
CA VAL A 129 -0.41 22.23 13.75
C VAL A 129 -0.32 22.70 12.31
N ASN A 130 -1.35 22.41 11.52
CA ASN A 130 -1.41 22.92 10.16
C ASN A 130 -1.63 24.44 10.19
N ASP A 131 -1.24 25.09 9.10
CA ASP A 131 -1.29 26.54 8.99
C ASP A 131 -2.39 26.87 7.98
N LEU A 132 -3.52 27.34 8.50
CA LEU A 132 -4.68 27.66 7.68
C LEU A 132 -4.70 29.10 7.17
N ARG A 133 -3.76 29.95 7.57
CA ARG A 133 -3.85 31.33 7.07
C ARG A 133 -3.33 31.41 5.64
N GLN A 134 -3.81 32.42 4.94
CA GLN A 134 -3.39 32.63 3.58
C GLN A 134 -1.98 33.15 3.55
N GLU A 135 -1.33 33.01 2.41
CA GLU A 135 0.08 33.29 2.29
C GLU A 135 0.38 34.74 2.64
N GLU A 136 -0.51 35.64 2.23
CA GLU A 136 -0.31 37.06 2.37
C GLU A 136 -0.15 37.45 3.81
N CYS A 137 -0.68 36.63 4.70
CA CYS A 137 -0.60 36.86 6.12
C CYS A 137 0.82 36.88 6.63
N LYS A 138 1.70 36.09 6.03
CA LYS A 138 3.08 36.00 6.51
C LYS A 138 3.94 37.16 6.07
N TYR A 139 3.38 38.21 5.47
CA TYR A 139 4.22 39.31 4.99
C TYR A 139 3.82 40.63 5.61
N TRP A 140 3.12 40.59 6.73
CA TRP A 140 2.78 41.80 7.49
C TRP A 140 3.90 42.12 8.47
N HIS A 141 4.24 43.40 8.57
CA HIS A 141 5.29 43.85 9.49
C HIS A 141 4.69 44.75 10.56
N TYR A 142 4.80 44.30 11.81
CA TYR A 142 4.10 44.89 12.95
C TYR A 142 5.09 45.58 13.89
N ASP A 143 4.65 46.67 14.49
CA ASP A 143 5.51 47.59 15.22
C ASP A 143 6.24 47.10 16.46
N GLU A 144 5.76 46.07 17.15
CA GLU A 144 6.43 45.52 18.35
C GLU A 144 6.05 46.27 19.60
N ASN A 145 5.27 47.29 19.39
CA ASN A 145 4.90 48.30 20.32
C ASN A 145 3.54 47.91 20.93
N LEU A 146 3.19 46.65 20.79
CA LEU A 146 1.89 46.11 21.15
C LEU A 146 1.59 46.07 22.64
N LEU A 147 0.31 46.07 22.95
CA LEU A 147 -0.17 45.91 24.32
C LEU A 147 0.12 44.51 24.82
N THR A 148 0.34 44.37 26.11
CA THR A 148 0.41 43.06 26.73
C THR A 148 -0.99 42.45 26.92
N SER A 149 -1.06 41.17 27.25
CA SER A 149 -2.38 40.54 27.41
C SER A 149 -2.42 39.54 28.55
N SER A 150 -3.56 39.51 29.23
CA SER A 150 -3.94 38.37 30.06
C SER A 150 -4.86 37.48 29.23
N VAL A 151 -4.48 36.24 28.98
CA VAL A 151 -5.45 35.32 28.37
C VAL A 151 -6.20 34.64 29.50
N VAL A 152 -7.53 34.67 29.44
CA VAL A 152 -8.36 34.04 30.46
C VAL A 152 -9.11 32.89 29.79
N ILE A 153 -9.06 31.73 30.42
CA ILE A 153 -9.72 30.51 29.97
C ILE A 153 -10.66 30.12 31.10
N VAL A 154 -11.95 30.18 30.83
CA VAL A 154 -12.96 29.69 31.75
C VAL A 154 -13.19 28.21 31.43
N PHE A 155 -13.16 27.36 32.44
CA PHE A 155 -13.40 25.96 32.18
C PHE A 155 -14.34 25.38 33.23
N HIS A 156 -15.02 24.31 32.83
CA HIS A 156 -15.87 23.53 33.72
C HIS A 156 -15.71 22.07 33.31
N ASN A 157 -15.08 21.27 34.16
CA ASN A 157 -15.01 19.82 33.98
C ASN A 157 -14.30 19.42 32.70
N GLU A 158 -13.47 20.31 32.16
CA GLU A 158 -12.75 20.03 30.92
C GLU A 158 -11.82 18.83 31.08
N GLY A 159 -11.64 18.10 29.98
CA GLY A 159 -10.66 17.02 29.98
C GLY A 159 -9.25 17.58 30.14
N TRP A 160 -8.42 16.84 30.88
CA TRP A 160 -7.10 17.33 31.22
C TRP A 160 -6.28 17.70 29.97
N SER A 161 -6.25 16.82 28.99
CA SER A 161 -5.34 17.04 27.88
C SER A 161 -5.85 18.11 26.93
N THR A 162 -7.16 18.24 26.77
CA THR A 162 -7.65 19.38 26.00
C THR A 162 -7.38 20.70 26.71
N LEU A 163 -7.54 20.74 28.03
CA LEU A 163 -7.30 21.97 28.77
C LEU A 163 -5.83 22.36 28.71
N MET A 164 -4.94 21.40 28.92
CA MET A 164 -3.52 21.74 29.00
C MET A 164 -2.94 21.98 27.62
N ARG A 165 -3.56 21.43 26.57
CA ARG A 165 -3.06 21.72 25.22
C ARG A 165 -3.41 23.15 24.82
N THR A 166 -4.57 23.65 25.26
CA THR A 166 -4.87 25.06 25.03
C THR A 166 -3.74 25.93 25.58
N VAL A 167 -3.45 25.73 26.87
CA VAL A 167 -2.42 26.49 27.56
C VAL A 167 -1.06 26.27 26.91
N HIS A 168 -0.67 25.00 26.72
CA HIS A 168 0.60 24.74 26.06
C HIS A 168 0.67 25.49 24.74
N SER A 169 -0.40 25.40 23.94
CA SER A 169 -0.42 26.07 22.66
C SER A 169 -0.20 27.58 22.81
N VAL A 170 -0.87 28.20 23.79
CA VAL A 170 -0.71 29.65 24.02
C VAL A 170 0.73 29.97 24.42
N ILE A 171 1.27 29.19 25.36
CA ILE A 171 2.67 29.33 25.73
C ILE A 171 3.57 29.14 24.51
N LYS A 172 3.25 28.16 23.66
CA LYS A 172 4.17 27.84 22.58
C LYS A 172 4.25 28.94 21.52
N ARG A 173 3.13 29.53 21.14
CA ARG A 173 3.12 30.37 19.96
C ARG A 173 2.96 31.85 20.28
N THR A 174 3.13 32.23 21.53
CA THR A 174 2.94 33.61 21.88
C THR A 174 4.24 34.19 22.38
N PRO A 175 4.69 35.29 21.79
CA PRO A 175 5.90 35.96 22.28
C PRO A 175 5.83 36.19 23.79
N ARG A 176 6.87 35.72 24.49
CA ARG A 176 6.87 35.78 25.94
C ARG A 176 6.56 37.17 26.47
N LYS A 177 7.12 38.20 25.84
CA LYS A 177 7.07 39.54 26.43
C LYS A 177 5.66 40.15 26.39
N TYR A 178 4.77 39.64 25.55
CA TYR A 178 3.40 40.16 25.55
C TYR A 178 2.46 39.36 26.44
N LEU A 179 2.88 38.19 26.89
CA LEU A 179 2.00 37.30 27.66
C LEU A 179 2.18 37.63 29.15
N ALA A 180 1.26 38.40 29.70
CA ALA A 180 1.41 38.84 31.08
C ALA A 180 1.09 37.76 32.09
N GLU A 181 0.19 36.82 31.74
CA GLU A 181 -0.33 35.79 32.65
C GLU A 181 -1.40 35.01 31.89
N ILE A 182 -1.60 33.77 32.28
CA ILE A 182 -2.70 32.95 31.79
C ILE A 182 -3.55 32.63 33.01
N VAL A 183 -4.76 33.18 33.05
CA VAL A 183 -5.67 33.02 34.18
C VAL A 183 -6.71 31.97 33.83
N LEU A 184 -6.67 30.83 34.49
CA LEU A 184 -7.71 29.83 34.32
C LEU A 184 -8.78 30.10 35.38
N ILE A 185 -10.04 30.13 34.96
CA ILE A 185 -11.17 30.33 35.85
C ILE A 185 -11.94 29.02 35.93
N ASP A 186 -11.85 28.37 37.08
CA ASP A 186 -12.59 27.14 37.35
C ASP A 186 -14.00 27.50 37.77
N ASP A 187 -14.98 27.19 36.92
CA ASP A 187 -16.37 27.47 37.28
C ASP A 187 -17.01 26.27 37.97
N PHE A 188 -16.42 25.90 39.11
CA PHE A 188 -17.06 24.97 40.05
C PHE A 188 -17.07 23.53 39.52
N SER A 189 -15.95 23.11 38.92
CA SER A 189 -15.81 21.73 38.42
C SER A 189 -15.86 20.72 39.58
N ASN A 190 -16.27 19.49 39.26
CA ASN A 190 -16.18 18.43 40.25
C ASN A 190 -15.14 17.37 39.94
N LYS A 191 -14.63 17.29 38.70
CA LYS A 191 -13.73 16.22 38.34
C LYS A 191 -12.36 16.40 39.01
N GLU A 192 -11.86 15.32 39.59
CA GLU A 192 -10.72 15.37 40.49
C GLU A 192 -9.41 15.74 39.80
N HIS A 193 -9.24 15.42 38.53
CA HIS A 193 -8.02 15.79 37.86
C HIS A 193 -7.83 17.29 37.80
N LEU A 194 -8.92 18.02 37.95
CA LEU A 194 -8.89 19.45 37.79
C LEU A 194 -8.50 20.20 39.04
N LYS A 195 -8.32 19.51 40.15
CA LYS A 195 -7.91 20.17 41.36
C LYS A 195 -6.75 19.47 42.03
N GLU A 196 -5.78 20.21 42.52
CA GLU A 196 -4.60 19.65 43.16
C GLU A 196 -3.65 19.09 42.16
N LYS A 197 -4.09 18.15 41.35
CA LYS A 197 -3.27 17.67 40.27
C LYS A 197 -3.03 18.86 39.38
N LEU A 198 -4.06 19.66 39.19
CA LEU A 198 -3.95 20.90 38.44
C LEU A 198 -3.10 21.96 39.11
N ASP A 199 -3.32 22.17 40.40
CA ASP A 199 -2.51 23.13 41.16
C ASP A 199 -1.04 22.78 41.08
N GLU A 200 -0.72 21.50 41.24
CA GLU A 200 0.68 21.09 41.28
C GLU A 200 1.31 21.14 39.88
N TYR A 201 0.62 20.61 38.86
CA TYR A 201 1.15 20.65 37.49
C TYR A 201 1.52 22.08 37.09
N ILE A 202 0.60 23.00 37.30
CA ILE A 202 0.65 24.38 36.85
C ILE A 202 1.91 25.09 37.31
N LYS A 203 2.55 24.55 38.36
CA LYS A 203 3.84 25.09 38.80
C LYS A 203 4.88 25.00 37.69
N LEU A 204 4.62 24.20 36.66
CA LEU A 204 5.51 24.06 35.50
C LEU A 204 5.97 25.40 34.94
N TRP A 205 5.14 26.44 35.05
CA TRP A 205 5.37 27.73 34.38
C TRP A 205 5.71 28.86 35.36
N ASN A 206 6.03 28.53 36.61
CA ASN A 206 6.64 29.49 37.51
C ASN A 206 5.73 30.65 37.85
N GLY A 207 4.41 30.41 37.86
CA GLY A 207 3.50 31.48 38.21
C GLY A 207 2.94 32.24 37.02
N LEU A 208 3.43 31.98 35.81
CA LEU A 208 2.84 32.59 34.63
C LEU A 208 1.36 32.22 34.51
N VAL A 209 1.03 30.97 34.83
CA VAL A 209 -0.32 30.42 34.74
C VAL A 209 -0.88 30.30 36.14
N LYS A 210 -2.12 30.70 36.31
CA LYS A 210 -2.73 30.68 37.62
C LYS A 210 -4.19 30.28 37.45
N VAL A 211 -4.75 29.68 38.50
CA VAL A 211 -6.14 29.24 38.49
C VAL A 211 -6.84 29.90 39.65
N PHE A 212 -8.08 30.32 39.45
CA PHE A 212 -8.92 30.81 40.51
C PHE A 212 -10.21 30.02 40.47
N ARG A 213 -10.63 29.51 41.63
CA ARG A 213 -11.85 28.74 41.79
C ARG A 213 -13.02 29.63 42.13
N ASN A 214 -14.18 29.29 41.56
CA ASN A 214 -15.45 29.92 41.88
C ASN A 214 -16.15 29.12 42.96
N GLU A 215 -16.80 29.81 43.90
CA GLU A 215 -17.42 29.13 45.03
C GLU A 215 -18.74 28.47 44.62
N ARG A 216 -19.40 28.99 43.61
CA ARG A 216 -20.61 28.40 43.05
C ARG A 216 -20.50 28.40 41.54
N ARG A 217 -21.26 27.54 40.89
CA ARG A 217 -21.26 27.55 39.44
C ARG A 217 -21.91 28.84 38.96
N GLU A 218 -21.09 29.82 38.56
CA GLU A 218 -21.58 31.11 38.08
C GLU A 218 -22.07 31.07 36.64
N GLY A 219 -21.79 30.00 35.90
CA GLY A 219 -22.14 29.95 34.50
C GLY A 219 -21.12 30.68 33.64
N LEU A 220 -21.24 30.46 32.33
CA LEU A 220 -20.20 30.86 31.40
C LEU A 220 -20.05 32.38 31.33
N ILE A 221 -21.15 33.11 31.24
CA ILE A 221 -21.08 34.55 31.06
C ILE A 221 -20.49 35.21 32.30
N GLN A 222 -21.05 34.93 33.48
CA GLN A 222 -20.53 35.59 34.66
C GLN A 222 -19.13 35.09 35.00
N ALA A 223 -18.75 33.89 34.56
CA ALA A 223 -17.39 33.43 34.78
C ALA A 223 -16.39 34.28 33.99
N ARG A 224 -16.75 34.66 32.76
CA ARG A 224 -15.90 35.56 31.99
C ARG A 224 -15.74 36.90 32.68
N SER A 225 -16.80 37.38 33.36
CA SER A 225 -16.69 38.66 34.05
C SER A 225 -15.78 38.56 35.27
N ILE A 226 -15.89 37.49 36.04
CA ILE A 226 -14.93 37.22 37.11
C ILE A 226 -13.52 37.17 36.53
N GLY A 227 -13.35 36.48 35.41
CA GLY A 227 -12.07 36.47 34.74
C GLY A 227 -11.52 37.87 34.55
N ALA A 228 -12.32 38.77 33.93
CA ALA A 228 -11.85 40.13 33.77
C ALA A 228 -11.38 40.73 35.09
N GLN A 229 -11.99 40.33 36.20
CA GLN A 229 -11.67 40.96 37.47
C GLN A 229 -10.46 40.34 38.14
N LYS A 230 -10.26 39.05 37.97
CA LYS A 230 -9.12 38.37 38.58
C LYS A 230 -7.90 38.37 37.70
N ALA A 231 -8.00 38.87 36.47
CA ALA A 231 -6.90 38.86 35.52
C ALA A 231 -6.50 40.31 35.34
N LYS A 232 -5.54 40.75 36.14
CA LYS A 232 -5.29 42.17 36.34
C LYS A 232 -4.03 42.68 35.66
N LEU A 233 -3.12 41.78 35.25
CA LEU A 233 -1.78 42.16 34.80
C LEU A 233 -1.74 42.67 33.37
N GLY A 234 -2.56 42.15 32.47
CA GLY A 234 -2.41 42.47 31.08
C GLY A 234 -3.14 43.75 30.66
N GLN A 235 -2.63 44.35 29.62
CA GLN A 235 -3.34 45.51 29.11
C GLN A 235 -4.60 45.10 28.35
N VAL A 236 -4.59 43.99 27.59
CA VAL A 236 -5.82 43.55 26.97
C VAL A 236 -6.17 42.16 27.50
N LEU A 237 -7.47 41.92 27.61
CA LEU A 237 -7.99 40.59 27.91
C LEU A 237 -8.19 39.81 26.61
N ILE A 238 -7.70 38.58 26.57
CA ILE A 238 -7.97 37.68 25.45
C ILE A 238 -8.69 36.49 26.03
N TYR A 239 -9.97 36.33 25.68
CA TYR A 239 -10.73 35.17 26.10
C TYR A 239 -10.55 34.02 25.12
N LEU A 240 -10.48 32.80 25.68
CA LEU A 240 -10.25 31.56 24.94
C LEU A 240 -11.06 30.43 25.58
N ASP A 241 -11.77 29.65 24.76
CA ASP A 241 -12.43 28.41 25.20
C ASP A 241 -11.38 27.50 25.84
N ALA A 242 -11.82 26.57 26.69
CA ALA A 242 -10.85 25.65 27.27
C ALA A 242 -10.47 24.51 26.33
N HIS A 243 -10.89 24.55 25.07
CA HIS A 243 -10.58 23.52 24.08
C HIS A 243 -10.19 24.21 22.77
N CYS A 244 -9.08 24.96 22.81
CA CYS A 244 -8.58 25.73 21.68
C CYS A 244 -7.11 25.43 21.41
N GLU A 245 -6.72 25.64 20.14
CA GLU A 245 -5.31 25.57 19.73
C GLU A 245 -5.03 26.78 18.84
N VAL A 246 -4.24 27.67 19.35
CA VAL A 246 -3.98 28.94 18.70
C VAL A 246 -2.99 28.74 17.54
N ALA A 247 -3.25 29.40 16.40
CA ALA A 247 -2.38 29.29 15.21
C ALA A 247 -1.06 30.03 15.41
N VAL A 248 -0.14 29.94 14.42
CA VAL A 248 1.16 30.59 14.60
C VAL A 248 1.03 32.06 14.19
N ASN A 249 1.72 32.92 14.94
CA ASN A 249 1.60 34.37 14.84
C ASN A 249 0.14 34.80 14.90
N TRP A 250 -0.56 34.35 15.95
CA TRP A 250 -1.95 34.78 16.20
C TRP A 250 -2.01 36.08 16.95
N TYR A 251 -0.92 36.44 17.63
CA TYR A 251 -0.98 37.49 18.63
C TYR A 251 -0.89 38.88 18.01
N ALA A 252 0.09 39.11 17.16
CA ALA A 252 0.28 40.46 16.62
C ALA A 252 -0.90 40.92 15.79
N PRO A 253 -1.35 40.18 14.79
CA PRO A 253 -2.59 40.56 14.09
C PRO A 253 -3.76 40.87 15.03
N LEU A 254 -3.93 40.09 16.10
CA LEU A 254 -5.10 40.25 16.96
C LEU A 254 -4.98 41.49 17.85
N VAL A 255 -3.79 41.78 18.36
CA VAL A 255 -3.65 42.92 19.26
C VAL A 255 -3.18 44.21 18.57
N ALA A 256 -2.78 44.15 17.32
CA ALA A 256 -2.39 45.39 16.66
C ALA A 256 -3.56 46.37 16.59
N PRO A 257 -4.74 46.00 16.12
CA PRO A 257 -5.79 47.01 16.00
C PRO A 257 -6.15 47.65 17.34
N ILE A 258 -6.20 46.87 18.43
CA ILE A 258 -6.51 47.44 19.75
C ILE A 258 -5.42 48.41 20.18
N SER A 259 -4.19 48.19 19.74
CA SER A 259 -3.10 49.09 20.11
C SER A 259 -3.17 50.42 19.36
N LYS A 260 -3.69 50.46 18.11
CA LYS A 260 -3.93 51.78 17.51
C LYS A 260 -5.04 52.48 18.27
N ASP A 261 -6.03 51.73 18.75
CA ASP A 261 -7.33 52.29 19.12
C ASP A 261 -7.96 51.39 20.18
N ARG A 262 -8.04 51.88 21.42
CA ARG A 262 -8.47 51.08 22.56
C ARG A 262 -9.95 50.69 22.51
N THR A 263 -10.76 51.34 21.67
CA THR A 263 -12.17 51.00 21.54
C THR A 263 -12.42 49.98 20.44
N ILE A 264 -11.37 49.43 19.86
CA ILE A 264 -11.55 48.32 18.93
C ILE A 264 -11.51 47.03 19.73
N CYS A 265 -12.43 46.13 19.43
CA CYS A 265 -12.43 44.79 19.99
C CYS A 265 -12.20 43.81 18.84
N THR A 266 -11.34 42.85 19.07
CA THR A 266 -10.77 42.06 18.01
C THR A 266 -11.19 40.60 18.17
N VAL A 267 -11.31 39.90 17.03
CA VAL A 267 -11.78 38.52 17.02
C VAL A 267 -10.97 37.72 16.01
N PRO A 268 -10.30 36.64 16.43
CA PRO A 268 -9.65 35.77 15.45
C PRO A 268 -10.67 35.00 14.61
N LEU A 269 -10.25 34.57 13.44
CA LEU A 269 -11.04 33.58 12.71
C LEU A 269 -11.02 32.27 13.48
N ILE A 270 -12.20 31.76 13.82
CA ILE A 270 -12.32 30.57 14.64
C ILE A 270 -12.42 29.37 13.71
N ASP A 271 -11.40 28.50 13.75
CA ASP A 271 -11.31 27.30 12.92
C ASP A 271 -11.80 26.08 13.70
N VAL A 272 -12.14 25.01 12.97
CA VAL A 272 -12.77 23.82 13.54
C VAL A 272 -11.72 22.74 13.79
N ILE A 273 -11.57 22.37 15.05
CA ILE A 273 -10.78 21.21 15.44
C ILE A 273 -11.74 20.04 15.56
N ASN A 274 -11.47 18.97 14.82
CA ASN A 274 -12.38 17.84 14.82
C ASN A 274 -12.30 17.08 16.14
N GLY A 275 -13.43 17.02 16.86
CA GLY A 275 -13.46 16.42 18.20
C GLY A 275 -13.17 14.92 18.23
N ASN A 276 -13.15 14.29 17.07
CA ASN A 276 -12.83 12.88 17.00
C ASN A 276 -11.40 12.61 16.55
N THR A 277 -10.96 13.23 15.45
CA THR A 277 -9.67 12.94 14.86
C THR A 277 -8.66 14.08 14.97
N TYR A 278 -9.12 15.29 15.30
CA TYR A 278 -8.31 16.43 15.73
C TYR A 278 -7.58 17.13 14.61
N GLU A 279 -7.91 16.85 13.36
CA GLU A 279 -7.39 17.68 12.27
C GLU A 279 -8.16 18.98 12.24
N ILE A 280 -7.54 20.03 11.71
CA ILE A 280 -8.07 21.39 11.85
C ILE A 280 -8.49 21.91 10.48
N ILE A 281 -9.78 22.24 10.37
CA ILE A 281 -10.47 22.65 9.15
C ILE A 281 -11.03 24.05 9.36
N PRO A 282 -11.00 24.93 8.37
CA PRO A 282 -11.70 26.23 8.50
C PRO A 282 -13.20 26.07 8.36
N GLN A 283 -13.95 27.03 8.89
CA GLN A 283 -15.41 27.00 8.76
C GLN A 283 -15.88 27.24 7.32
N GLY A 284 -17.00 26.62 6.96
CA GLY A 284 -17.67 26.98 5.73
C GLY A 284 -18.32 28.35 5.89
N GLY A 285 -17.88 29.30 5.09
CA GLY A 285 -18.25 30.68 5.29
C GLY A 285 -18.20 31.42 3.98
N GLY A 286 -19.03 32.45 3.90
CA GLY A 286 -19.44 32.96 2.60
C GLY A 286 -18.29 33.24 1.64
N ASP A 287 -17.31 34.01 2.09
CA ASP A 287 -16.40 34.65 1.16
C ASP A 287 -15.70 33.66 0.25
N GLU A 288 -15.35 34.13 -0.96
CA GLU A 288 -14.53 33.30 -1.83
C GLU A 288 -13.24 32.90 -1.15
N ASP A 289 -12.82 33.66 -0.13
CA ASP A 289 -11.63 33.41 0.65
C ASP A 289 -11.94 32.73 1.98
N GLY A 290 -13.21 32.38 2.18
CA GLY A 290 -13.67 31.85 3.45
C GLY A 290 -13.98 32.89 4.50
N TYR A 291 -14.02 34.17 4.14
CA TYR A 291 -14.28 35.19 5.15
C TYR A 291 -15.78 35.37 5.32
N ALA A 292 -16.23 35.29 6.57
CA ALA A 292 -17.61 35.55 6.92
C ALA A 292 -17.63 36.66 7.96
N ARG A 293 -18.75 37.36 8.04
CA ARG A 293 -18.95 38.23 9.17
C ARG A 293 -20.09 37.65 10.02
N GLY A 294 -20.11 38.02 11.30
CA GLY A 294 -21.11 37.49 12.23
C GLY A 294 -22.42 38.25 12.14
N ALA A 295 -23.51 37.51 12.28
CA ALA A 295 -24.86 38.04 12.07
C ALA A 295 -25.82 37.26 12.96
N TRP A 296 -27.12 37.40 12.68
CA TRP A 296 -28.17 36.78 13.45
C TRP A 296 -29.45 36.85 12.64
N ASP A 297 -30.39 35.97 12.95
CA ASP A 297 -31.77 36.10 12.47
C ASP A 297 -32.57 36.79 13.57
N TRP A 298 -33.86 37.02 13.35
CA TRP A 298 -34.65 37.85 14.25
C TRP A 298 -35.20 37.11 15.46
N SER A 299 -34.90 35.82 15.59
CA SER A 299 -35.00 35.13 16.86
C SER A 299 -33.71 35.24 17.66
N MET A 300 -32.70 35.88 17.08
CA MET A 300 -31.40 36.12 17.69
C MET A 300 -30.55 34.85 17.75
N LEU A 301 -30.74 33.95 16.79
CA LEU A 301 -29.81 32.85 16.62
C LEU A 301 -28.60 33.30 15.81
N TRP A 302 -27.42 32.92 16.28
CA TRP A 302 -26.18 33.23 15.61
C TRP A 302 -26.17 32.71 14.17
N LYS A 303 -25.69 33.53 13.24
CA LYS A 303 -25.62 33.21 11.81
C LYS A 303 -24.36 33.83 11.23
N ARG A 304 -23.88 33.27 10.11
CA ARG A 304 -22.70 33.81 9.45
C ARG A 304 -23.01 34.15 8.01
N VAL A 305 -22.52 35.28 7.52
CA VAL A 305 -22.79 35.67 6.14
C VAL A 305 -21.46 36.04 5.48
N PRO A 306 -21.35 35.88 4.18
CA PRO A 306 -20.06 36.15 3.52
C PRO A 306 -19.64 37.60 3.68
N LEU A 307 -18.33 37.83 3.66
CA LEU A 307 -17.80 39.19 3.67
C LEU A 307 -18.28 39.95 2.42
N THR A 308 -18.65 41.18 2.61
CA THR A 308 -19.35 41.89 1.55
C THR A 308 -18.38 42.63 0.63
N PRO A 309 -18.84 42.97 -0.57
CA PRO A 309 -18.02 43.87 -1.41
C PRO A 309 -17.86 45.27 -0.84
N GLN A 310 -18.87 45.81 -0.15
CA GLN A 310 -18.73 47.10 0.50
C GLN A 310 -17.53 47.13 1.45
N GLU A 311 -17.38 46.08 2.26
CA GLU A 311 -16.26 46.08 3.20
C GLU A 311 -14.93 45.96 2.48
N LYS A 312 -14.90 45.24 1.35
CA LYS A 312 -13.65 45.11 0.61
C LYS A 312 -13.24 46.42 -0.06
N ARG A 313 -14.20 47.27 -0.46
CA ARG A 313 -13.77 48.55 -1.02
C ARG A 313 -13.10 49.42 0.05
N LEU A 314 -13.39 49.16 1.32
CA LEU A 314 -12.80 49.91 2.43
C LEU A 314 -11.39 49.43 2.77
N ARG A 315 -10.94 48.33 2.16
CA ARG A 315 -9.77 47.61 2.60
C ARG A 315 -8.78 47.50 1.46
N LYS A 316 -7.53 47.89 1.73
CA LYS A 316 -6.51 47.89 0.68
C LYS A 316 -6.05 46.48 0.35
N THR A 317 -6.21 45.55 1.28
CA THR A 317 -5.60 44.24 1.29
C THR A 317 -6.66 43.16 1.36
N LYS A 318 -6.31 41.94 0.92
CA LYS A 318 -7.21 40.81 1.15
C LYS A 318 -7.25 40.40 2.62
N THR A 319 -6.14 40.58 3.34
CA THR A 319 -5.95 39.92 4.63
C THR A 319 -6.15 40.83 5.84
N GLU A 320 -6.27 42.14 5.68
CA GLU A 320 -6.32 42.97 6.88
C GLU A 320 -7.63 42.74 7.65
N PRO A 321 -7.71 43.26 8.89
CA PRO A 321 -8.95 43.12 9.65
C PRO A 321 -10.14 43.59 8.83
N TYR A 322 -11.33 43.15 9.23
CA TYR A 322 -12.55 43.69 8.65
C TYR A 322 -13.65 43.78 9.71
N ARG A 323 -14.71 44.52 9.39
CA ARG A 323 -15.80 44.72 10.34
C ARG A 323 -16.77 43.54 10.35
N SER A 324 -17.16 43.11 11.54
CA SER A 324 -18.28 42.20 11.74
C SER A 324 -19.34 42.88 12.62
N PRO A 325 -20.64 42.65 12.34
CA PRO A 325 -21.65 43.21 13.25
C PRO A 325 -21.67 42.53 14.61
N ALA A 326 -21.20 41.28 14.70
CA ALA A 326 -21.24 40.52 15.95
C ALA A 326 -20.10 39.50 15.96
N MET A 327 -19.85 38.92 17.14
CA MET A 327 -18.87 37.85 17.32
C MET A 327 -19.59 36.58 17.76
N ALA A 328 -18.97 35.42 17.51
CA ALA A 328 -19.56 34.18 18.01
C ALA A 328 -19.64 34.21 19.52
N GLY A 329 -18.60 34.72 20.19
CA GLY A 329 -18.69 34.98 21.62
C GLY A 329 -17.60 34.40 22.51
N GLY A 330 -17.09 33.22 22.17
CA GLY A 330 -16.13 32.57 23.04
C GLY A 330 -14.74 33.19 23.03
N LEU A 331 -14.26 33.59 21.85
CA LEU A 331 -12.88 34.01 21.62
C LEU A 331 -12.90 35.45 21.15
N PHE A 332 -12.27 36.34 21.91
CA PHE A 332 -12.14 37.73 21.46
C PHE A 332 -11.04 38.39 22.29
N ALA A 333 -10.72 39.62 21.91
CA ALA A 333 -9.78 40.46 22.64
C ALA A 333 -10.36 41.87 22.76
N ILE A 334 -10.31 42.44 23.98
CA ILE A 334 -10.61 43.85 24.22
C ILE A 334 -9.56 44.40 25.14
N GLU A 335 -9.32 45.70 25.00
CA GLU A 335 -8.54 46.40 26.01
C GLU A 335 -9.27 46.30 27.35
N ARG A 336 -8.54 46.01 28.41
CA ARG A 336 -9.17 45.67 29.66
C ARG A 336 -10.00 46.76 30.30
N GLU A 337 -9.51 47.99 30.26
CA GLU A 337 -10.24 49.10 30.79
C GLU A 337 -11.51 49.34 30.01
N PHE A 338 -11.42 49.21 28.70
CA PHE A 338 -12.56 49.44 27.83
C PHE A 338 -13.70 48.47 28.07
N PHE A 339 -13.38 47.19 28.21
CA PHE A 339 -14.36 46.22 28.68
C PHE A 339 -14.97 46.68 30.00
N PHE A 340 -14.16 47.16 30.94
CA PHE A 340 -14.77 47.67 32.16
C PHE A 340 -15.61 48.91 31.88
N GLU A 341 -15.16 49.78 30.98
CA GLU A 341 -15.98 50.95 30.65
C GLU A 341 -17.33 50.51 30.10
N LEU A 342 -17.32 49.46 29.27
CA LEU A 342 -18.55 48.79 28.86
C LEU A 342 -19.18 48.15 30.10
N GLY A 343 -18.31 47.65 30.97
CA GLY A 343 -18.66 47.22 32.31
C GLY A 343 -19.71 46.20 32.68
N LEU A 344 -19.68 44.99 32.13
CA LEU A 344 -18.80 44.57 31.06
C LEU A 344 -19.72 43.71 30.23
N TYR A 345 -20.09 42.59 30.82
CA TYR A 345 -21.17 41.74 30.36
C TYR A 345 -22.30 42.06 31.32
N ASP A 346 -23.46 42.41 30.78
CA ASP A 346 -24.58 42.77 31.62
C ASP A 346 -24.68 41.69 32.69
N PRO A 347 -24.81 42.11 33.94
CA PRO A 347 -24.82 41.13 35.02
C PRO A 347 -26.11 40.37 35.16
N GLY A 348 -27.19 40.78 34.46
CA GLY A 348 -28.42 40.01 34.50
C GLY A 348 -28.43 38.76 33.62
N LEU A 349 -27.45 38.62 32.72
CA LEU A 349 -27.43 37.44 31.87
C LEU A 349 -27.16 36.21 32.73
N GLN A 350 -28.04 35.24 32.61
CA GLN A 350 -27.88 33.93 33.20
C GLN A 350 -27.13 33.05 32.22
N ILE A 351 -27.06 31.76 32.46
CA ILE A 351 -25.94 30.94 32.08
C ILE A 351 -25.60 30.92 30.59
N TRP A 352 -26.53 30.60 29.72
CA TRP A 352 -26.17 30.54 28.31
C TRP A 352 -27.09 31.49 27.63
N GLY A 353 -26.55 32.48 26.96
CA GLY A 353 -27.38 33.58 26.52
C GLY A 353 -26.71 34.34 25.44
N GLY A 354 -27.36 35.35 24.90
CA GLY A 354 -26.70 36.18 23.93
C GLY A 354 -25.85 37.27 24.54
N GLU A 355 -24.84 36.90 25.30
CA GLU A 355 -23.80 37.82 25.73
C GLU A 355 -23.03 38.30 24.53
N ASN A 356 -22.82 37.41 23.58
CA ASN A 356 -22.03 37.73 22.42
C ASN A 356 -22.65 38.87 21.65
N PHE A 357 -23.96 38.84 21.52
CA PHE A 357 -24.71 39.91 20.93
C PHE A 357 -24.71 41.20 21.72
N GLU A 358 -24.83 41.10 23.03
CA GLU A 358 -24.88 42.25 23.90
C GLU A 358 -23.61 43.09 23.90
N ILE A 359 -22.45 42.45 23.96
CA ILE A 359 -21.17 43.14 23.88
C ILE A 359 -20.95 43.68 22.48
N SER A 360 -21.39 42.96 21.44
CA SER A 360 -21.31 43.49 20.07
C SER A 360 -22.09 44.79 19.91
N TYR A 361 -23.38 44.78 20.26
CA TYR A 361 -24.16 46.02 20.13
C TYR A 361 -23.55 47.14 20.97
N LYS A 362 -23.21 46.86 22.24
CA LYS A 362 -22.53 47.89 23.05
C LYS A 362 -21.34 48.50 22.32
N ILE A 363 -20.44 47.65 21.81
CA ILE A 363 -19.22 48.18 21.21
C ILE A 363 -19.58 49.08 20.03
N TRP A 364 -20.45 48.60 19.15
CA TRP A 364 -20.72 49.30 17.91
C TRP A 364 -21.51 50.58 18.18
N GLN A 365 -22.61 50.48 18.93
CA GLN A 365 -23.49 51.62 19.11
C GLN A 365 -22.91 52.67 20.04
N CYS A 366 -21.88 52.34 20.81
CA CYS A 366 -21.31 53.33 21.71
C CYS A 366 -19.97 53.85 21.22
N GLY A 367 -19.69 53.67 19.93
CA GLY A 367 -18.54 54.33 19.33
C GLY A 367 -17.32 53.46 19.09
N GLY A 368 -17.37 52.18 19.43
CA GLY A 368 -16.26 51.28 19.18
C GLY A 368 -16.38 50.60 17.84
N LYS A 369 -15.53 49.58 17.66
CA LYS A 369 -15.56 48.74 16.47
C LYS A 369 -15.25 47.31 16.87
N LEU A 370 -15.82 46.37 16.11
CA LEU A 370 -15.60 44.95 16.28
C LEU A 370 -15.01 44.46 14.97
N LEU A 371 -13.77 43.97 14.99
CA LEU A 371 -13.08 43.52 13.79
C LEU A 371 -12.72 42.04 13.87
N PHE A 372 -13.00 41.32 12.79
CA PHE A 372 -12.44 40.00 12.57
C PHE A 372 -11.06 40.14 11.96
N VAL A 373 -10.12 39.30 12.39
CA VAL A 373 -8.72 39.45 12.04
C VAL A 373 -8.26 38.23 11.24
N PRO A 374 -8.30 38.27 9.89
CA PRO A 374 -7.95 37.07 9.11
C PRO A 374 -6.60 36.49 9.44
N CYS A 375 -5.69 37.28 9.93
CA CYS A 375 -4.36 36.75 10.17
C CYS A 375 -4.22 36.17 11.56
N SER A 376 -5.25 36.27 12.40
CA SER A 376 -5.25 35.65 13.71
C SER A 376 -6.28 34.52 13.68
N ARG A 377 -5.81 33.29 13.90
CA ARG A 377 -6.65 32.11 13.75
C ARG A 377 -6.53 31.27 15.01
N VAL A 378 -7.65 30.70 15.44
CA VAL A 378 -7.69 29.85 16.61
C VAL A 378 -8.60 28.68 16.31
N GLY A 379 -8.14 27.49 16.67
CA GLY A 379 -8.94 26.30 16.52
C GLY A 379 -9.73 26.02 17.78
N HIS A 380 -10.99 25.62 17.59
CA HIS A 380 -11.94 25.34 18.66
C HIS A 380 -12.46 23.94 18.41
N ILE A 381 -12.36 23.06 19.41
CA ILE A 381 -12.89 21.71 19.23
C ILE A 381 -14.40 21.73 19.29
N TYR A 382 -15.05 21.05 18.37
CA TYR A 382 -16.49 21.04 18.31
C TYR A 382 -17.03 19.71 18.81
N ARG A 383 -18.00 19.79 19.71
CA ARG A 383 -18.53 18.63 20.42
C ARG A 383 -19.10 17.58 19.47
N LEU A 384 -19.13 16.35 19.96
CA LEU A 384 -19.67 15.21 19.24
C LEU A 384 -20.95 14.75 19.93
N GLU A 385 -21.83 14.09 19.17
CA GLU A 385 -23.01 13.60 19.86
C GLU A 385 -22.60 12.56 20.87
N GLY A 386 -23.51 12.26 21.79
CA GLY A 386 -23.28 11.29 22.83
C GLY A 386 -22.85 11.87 24.16
N TRP A 387 -22.68 13.19 24.24
CA TRP A 387 -22.22 13.80 25.48
C TRP A 387 -23.33 13.81 26.50
N GLN A 388 -22.94 13.97 27.76
CA GLN A 388 -23.92 14.11 28.83
C GLN A 388 -23.27 14.90 29.97
N GLY A 389 -23.30 16.24 29.86
CA GLY A 389 -23.99 16.99 28.81
C GLY A 389 -25.42 17.29 29.23
N ASN A 390 -25.66 18.32 30.08
CA ASN A 390 -26.94 18.44 30.78
C ASN A 390 -27.35 19.81 31.34
N PRO A 391 -28.63 20.19 31.22
CA PRO A 391 -29.06 21.51 31.64
C PRO A 391 -29.30 21.60 33.14
N PRO A 392 -29.37 22.82 33.67
CA PRO A 392 -29.65 23.02 35.09
C PRO A 392 -31.15 22.94 35.35
N PRO A 393 -31.55 22.61 36.56
CA PRO A 393 -32.98 22.58 36.86
C PRO A 393 -33.46 23.91 37.40
N ILE A 394 -33.88 24.81 36.53
CA ILE A 394 -34.62 25.94 36.99
C ILE A 394 -35.81 26.08 36.08
N TYR A 395 -36.99 26.00 36.67
CA TYR A 395 -38.20 26.05 35.88
C TYR A 395 -39.11 27.17 36.35
N VAL A 396 -39.92 27.72 35.44
CA VAL A 396 -40.16 27.13 34.12
C VAL A 396 -39.95 28.08 32.96
N GLY A 397 -39.56 27.50 31.81
CA GLY A 397 -39.37 28.25 30.59
C GLY A 397 -38.45 27.62 29.54
N SER A 398 -38.08 28.45 28.57
CA SER A 398 -37.07 28.13 27.54
C SER A 398 -35.62 27.88 28.05
N SER A 399 -35.16 28.59 29.08
CA SER A 399 -35.95 29.54 29.84
C SER A 399 -35.14 30.75 30.16
N PRO A 400 -34.12 30.56 30.99
CA PRO A 400 -33.31 31.73 31.36
C PRO A 400 -32.63 32.29 30.14
N THR A 401 -32.16 31.44 29.24
CA THR A 401 -31.54 31.94 28.04
C THR A 401 -32.50 32.78 27.20
N LEU A 402 -33.79 32.52 27.27
CA LEU A 402 -34.69 33.26 26.42
C LEU A 402 -34.89 34.59 27.08
N LYS A 403 -34.85 34.55 28.40
CA LYS A 403 -34.91 35.72 29.22
C LYS A 403 -33.71 36.58 28.93
N ASN A 404 -32.59 35.97 28.62
CA ASN A 404 -31.41 36.76 28.29
C ASN A 404 -31.55 37.45 26.94
N TYR A 405 -32.09 36.74 25.94
CA TYR A 405 -32.38 37.40 24.67
C TYR A 405 -33.23 38.64 24.90
N VAL A 406 -34.21 38.57 25.79
CA VAL A 406 -35.11 39.69 26.01
C VAL A 406 -34.38 40.88 26.60
N ARG A 407 -33.47 40.63 27.54
CA ARG A 407 -32.71 41.72 28.11
C ARG A 407 -31.91 42.43 27.03
N VAL A 408 -31.22 41.66 26.20
CA VAL A 408 -30.41 42.28 25.16
C VAL A 408 -31.29 43.11 24.24
N VAL A 409 -32.40 42.53 23.78
CA VAL A 409 -33.24 43.20 22.78
C VAL A 409 -33.84 44.47 23.36
N GLU A 410 -34.36 44.38 24.60
CA GLU A 410 -35.07 45.51 25.19
C GLU A 410 -34.16 46.71 25.40
N VAL A 411 -32.85 46.51 25.60
CA VAL A 411 -31.99 47.67 25.83
C VAL A 411 -31.38 48.19 24.53
N TRP A 412 -31.21 47.33 23.51
CA TRP A 412 -30.40 47.71 22.35
C TRP A 412 -31.15 47.78 21.03
N TRP A 413 -32.21 46.99 20.83
CA TRP A 413 -32.80 46.87 19.49
C TRP A 413 -33.83 47.94 19.16
N ASP A 414 -34.19 48.81 20.10
CA ASP A 414 -35.20 49.82 19.84
C ASP A 414 -36.41 49.27 19.10
N GLU A 415 -36.77 49.91 17.98
CA GLU A 415 -37.99 49.58 17.27
C GLU A 415 -37.88 48.16 16.75
N TYR A 416 -36.64 47.67 16.64
CA TYR A 416 -36.49 46.32 16.13
C TYR A 416 -36.96 45.26 17.12
N LYS A 417 -37.25 45.61 18.38
CA LYS A 417 -37.80 44.59 19.27
C LYS A 417 -39.02 43.91 18.65
N ASP A 418 -39.84 44.66 17.90
CA ASP A 418 -41.01 44.08 17.24
C ASP A 418 -40.66 42.86 16.40
N TYR A 419 -39.54 42.91 15.67
CA TYR A 419 -39.17 41.74 14.88
C TYR A 419 -38.81 40.55 15.78
N PHE A 420 -38.14 40.79 16.89
CA PHE A 420 -37.80 39.69 17.78
C PHE A 420 -39.07 39.05 18.36
N TYR A 421 -40.06 39.87 18.73
CA TYR A 421 -41.30 39.38 19.31
C TYR A 421 -42.21 38.69 18.29
N ALA A 422 -42.18 39.10 17.02
CA ALA A 422 -42.82 38.33 15.96
C ALA A 422 -42.18 36.96 15.78
N SER A 423 -40.85 36.87 15.92
CA SER A 423 -40.19 35.57 15.83
C SER A 423 -40.45 34.72 17.06
N ARG A 424 -40.47 35.33 18.25
CA ARG A 424 -40.64 34.60 19.50
C ARG A 424 -41.71 35.30 20.33
N PRO A 425 -42.97 35.19 19.93
CA PRO A 425 -44.03 35.82 20.73
C PRO A 425 -44.07 35.26 22.12
N GLU A 426 -43.63 34.00 22.29
CA GLU A 426 -43.71 33.35 23.59
C GLU A 426 -42.89 34.08 24.64
N SER A 427 -42.02 34.98 24.20
CA SER A 427 -41.15 35.71 25.12
C SER A 427 -41.74 37.04 25.52
N GLN A 428 -42.80 37.48 24.83
CA GLN A 428 -43.33 38.81 25.05
C GLN A 428 -43.47 39.12 26.55
N ALA A 429 -44.18 38.26 27.29
CA ALA A 429 -44.57 38.60 28.66
C ALA A 429 -43.70 37.97 29.74
N LEU A 430 -42.45 37.72 29.41
CA LEU A 430 -41.45 37.10 30.27
C LEU A 430 -40.91 38.08 31.30
N PRO A 431 -40.80 37.72 32.59
CA PRO A 431 -40.17 38.65 33.54
C PRO A 431 -38.66 38.83 33.29
N TYR A 432 -38.25 39.70 32.36
CA TYR A 432 -36.84 39.76 31.96
C TYR A 432 -35.94 40.46 32.98
N GLY A 433 -36.50 41.12 34.00
CA GLY A 433 -35.72 41.62 35.12
C GLY A 433 -35.39 43.08 34.98
N ASP A 434 -34.69 43.59 35.98
CA ASP A 434 -34.34 45.00 36.02
C ASP A 434 -33.34 45.34 34.92
N ILE A 435 -33.67 46.32 34.08
CA ILE A 435 -32.82 46.71 32.94
C ILE A 435 -32.52 48.20 33.03
N SER A 436 -32.90 48.81 34.15
CA SER A 436 -32.71 50.26 34.37
C SER A 436 -31.28 50.69 34.11
N GLU A 437 -30.34 50.14 34.88
CA GLU A 437 -28.96 50.62 34.78
C GLU A 437 -28.42 50.44 33.36
N LEU A 438 -28.77 49.34 32.71
CA LEU A 438 -28.33 49.16 31.33
C LEU A 438 -28.90 50.25 30.43
N LYS A 439 -30.19 50.57 30.59
CA LYS A 439 -30.76 51.65 29.79
C LYS A 439 -30.14 53.00 30.15
N LYS A 440 -29.84 53.25 31.43
CA LYS A 440 -29.16 54.50 31.77
C LYS A 440 -27.75 54.56 31.19
N PHE A 441 -27.04 53.42 31.17
CA PHE A 441 -25.73 53.38 30.54
C PHE A 441 -25.78 53.89 29.09
N ARG A 442 -26.71 53.34 28.31
CA ARG A 442 -26.81 53.70 26.91
C ARG A 442 -27.13 55.19 26.75
N GLU A 443 -28.02 55.72 27.58
CA GLU A 443 -28.34 57.14 27.51
C GLU A 443 -27.17 58.01 27.96
N ASP A 444 -26.51 57.65 29.06
CA ASP A 444 -25.45 58.51 29.57
C ASP A 444 -24.32 58.63 28.56
N HIS A 445 -23.98 57.54 27.88
CA HIS A 445 -22.91 57.52 26.87
C HIS A 445 -23.38 57.93 25.48
N ASN A 446 -24.63 58.36 25.33
CA ASN A 446 -25.10 58.93 24.07
C ASN A 446 -24.97 57.93 22.93
N CYS A 447 -25.20 56.65 23.23
CA CYS A 447 -24.98 55.60 22.25
C CYS A 447 -25.96 55.75 21.09
N LYS A 448 -25.50 55.38 19.91
CA LYS A 448 -26.27 55.49 18.69
C LYS A 448 -27.42 54.48 18.65
N SER A 449 -28.35 54.74 17.73
CA SER A 449 -29.59 53.99 17.62
C SER A 449 -29.37 52.65 16.95
N PHE A 450 -30.22 51.69 17.28
CA PHE A 450 -30.12 50.44 16.56
C PHE A 450 -30.44 50.63 15.09
N LYS A 451 -31.17 51.68 14.75
CA LYS A 451 -31.50 51.95 13.36
C LYS A 451 -30.26 52.36 12.57
N TRP A 452 -29.43 53.25 13.14
CA TRP A 452 -28.12 53.53 12.54
C TRP A 452 -27.33 52.25 12.36
N PHE A 453 -27.22 51.47 13.43
CA PHE A 453 -26.44 50.24 13.36
C PHE A 453 -26.88 49.35 12.21
N MET A 454 -28.19 49.16 12.05
CA MET A 454 -28.68 48.25 11.01
C MET A 454 -28.44 48.80 9.61
N GLU A 455 -28.33 50.10 9.48
CA GLU A 455 -28.27 50.69 8.15
C GLU A 455 -26.85 51.04 7.71
N GLU A 456 -25.95 51.23 8.66
CA GLU A 456 -24.56 51.61 8.39
C GLU A 456 -23.59 50.46 8.55
N ILE A 457 -23.65 49.69 9.64
CA ILE A 457 -22.65 48.66 9.83
C ILE A 457 -23.19 47.22 9.63
N ALA A 458 -24.50 46.98 9.76
CA ALA A 458 -25.08 45.64 9.60
C ALA A 458 -26.02 45.56 8.40
N TYR A 459 -25.77 46.41 7.40
CA TYR A 459 -26.54 46.62 6.18
C TYR A 459 -26.78 45.36 5.35
N ASP A 460 -26.14 44.22 5.65
CA ASP A 460 -26.35 43.02 4.83
C ASP A 460 -27.25 41.97 5.47
N ILE A 461 -27.62 42.12 6.73
CA ILE A 461 -28.32 41.02 7.40
C ILE A 461 -29.70 40.78 6.79
N THR A 462 -30.49 41.84 6.62
CA THR A 462 -31.86 41.59 6.14
C THR A 462 -31.86 41.02 4.74
N SER A 463 -30.74 41.11 4.04
CA SER A 463 -30.64 40.47 2.74
C SER A 463 -30.42 38.97 2.85
N HIS A 464 -30.07 38.45 4.03
CA HIS A 464 -29.96 37.02 4.24
C HIS A 464 -31.02 36.47 5.19
N TYR A 465 -31.45 37.27 6.15
CA TYR A 465 -32.52 36.92 7.09
C TYR A 465 -33.50 38.09 7.08
N PRO A 466 -34.49 38.04 6.18
CA PRO A 466 -35.44 39.16 6.02
C PRO A 466 -36.22 39.44 7.29
N LEU A 467 -36.66 40.69 7.42
CA LEU A 467 -37.52 41.05 8.55
C LEU A 467 -38.79 40.20 8.51
N PRO A 468 -39.24 39.65 9.64
CA PRO A 468 -40.38 38.74 9.58
C PRO A 468 -41.68 39.51 9.62
N PRO A 469 -42.75 39.01 9.00
CA PRO A 469 -44.06 39.65 9.14
C PRO A 469 -44.57 39.58 10.57
N LYS A 470 -45.37 40.58 10.94
CA LYS A 470 -46.04 40.58 12.23
C LYS A 470 -46.86 39.31 12.39
N ASN A 471 -47.19 38.92 13.61
CA ASN A 471 -48.05 37.75 13.82
C ASN A 471 -49.51 38.16 13.81
N VAL A 472 -50.36 37.32 13.25
CA VAL A 472 -51.80 37.46 13.50
C VAL A 472 -52.14 36.91 14.88
N ASP A 473 -51.68 35.71 15.19
CA ASP A 473 -51.95 35.05 16.45
C ASP A 473 -50.84 34.02 16.69
N TRP A 474 -50.72 33.57 17.94
CA TRP A 474 -49.72 32.58 18.28
C TRP A 474 -50.22 31.77 19.47
N GLY A 475 -49.67 30.57 19.62
CA GLY A 475 -49.97 29.77 20.79
C GLY A 475 -50.10 28.29 20.47
N GLU A 476 -50.70 27.54 21.39
CA GLU A 476 -51.16 26.20 21.08
C GLU A 476 -52.27 26.27 20.03
N ILE A 477 -52.37 25.22 19.23
CA ILE A 477 -53.49 25.04 18.33
C ILE A 477 -54.30 23.88 18.90
N ARG A 478 -55.33 24.21 19.67
CA ARG A 478 -56.07 23.25 20.46
C ARG A 478 -57.39 22.93 19.79
N GLY A 479 -57.82 21.68 19.88
CA GLY A 479 -59.13 21.30 19.35
C GLY A 479 -60.24 21.88 20.21
N PHE A 480 -61.16 22.61 19.56
CA PHE A 480 -62.20 23.35 20.27
C PHE A 480 -62.92 22.46 21.26
N GLU A 481 -62.90 22.85 22.53
CA GLU A 481 -63.59 22.10 23.58
C GLU A 481 -63.05 20.68 23.68
N THR A 482 -61.77 20.50 23.37
CA THR A 482 -61.05 19.24 23.55
C THR A 482 -59.75 19.52 24.30
N ALA A 483 -59.05 18.45 24.61
CA ALA A 483 -57.77 18.51 25.26
C ALA A 483 -56.66 18.01 24.33
N TYR A 484 -56.90 18.11 23.02
CA TYR A 484 -55.93 17.68 22.03
C TYR A 484 -55.38 18.90 21.30
N CYS A 485 -54.08 18.86 21.03
CA CYS A 485 -53.34 19.96 20.43
C CYS A 485 -52.57 19.44 19.23
N ILE A 486 -52.44 20.28 18.20
CA ILE A 486 -51.50 19.95 17.15
C ILE A 486 -50.13 20.01 17.77
N ASP A 487 -49.28 19.05 17.41
CA ASP A 487 -47.94 19.15 17.97
C ASP A 487 -46.94 18.46 17.06
N SER A 488 -45.76 19.05 17.02
CA SER A 488 -44.79 18.80 15.97
C SER A 488 -44.14 17.45 16.12
N MET A 489 -44.14 16.88 17.33
CA MET A 489 -43.21 15.80 17.68
C MET A 489 -41.77 16.21 17.43
N GLY A 490 -41.49 17.51 17.40
CA GLY A 490 -40.17 17.96 17.02
C GLY A 490 -39.80 17.70 15.58
N LYS A 491 -40.69 17.09 14.79
CA LYS A 491 -40.39 16.79 13.39
C LYS A 491 -39.97 18.05 12.65
N THR A 492 -39.05 17.90 11.70
CA THR A 492 -38.61 18.99 10.86
C THR A 492 -38.57 18.53 9.40
N ASN A 493 -38.37 19.52 8.52
CA ASN A 493 -37.97 19.31 7.12
C ASN A 493 -38.60 18.07 6.49
N GLY A 494 -39.92 18.08 6.41
CA GLY A 494 -40.63 17.03 5.72
C GLY A 494 -41.52 16.18 6.59
N GLY A 495 -41.29 16.12 7.91
CA GLY A 495 -42.09 15.30 8.80
C GLY A 495 -43.53 15.74 8.84
N PHE A 496 -44.38 14.85 9.34
CA PHE A 496 -45.82 15.12 9.41
C PHE A 496 -46.24 15.43 10.84
N VAL A 497 -46.97 16.52 10.98
CA VAL A 497 -47.44 16.99 12.26
C VAL A 497 -48.57 16.09 12.72
N GLU A 498 -48.70 15.88 14.03
CA GLU A 498 -49.69 14.98 14.59
C GLU A 498 -50.52 15.69 15.65
N LEU A 499 -51.47 14.94 16.21
CA LEU A 499 -52.29 15.39 17.32
C LEU A 499 -51.79 14.74 18.60
N GLY A 500 -51.71 15.50 19.67
CA GLY A 500 -51.38 14.92 20.96
C GLY A 500 -52.12 15.62 22.08
N PRO A 501 -52.07 15.05 23.27
CA PRO A 501 -52.71 15.69 24.42
C PRO A 501 -52.03 17.01 24.74
N CYS A 502 -52.84 18.05 24.96
CA CYS A 502 -52.33 19.36 25.30
C CYS A 502 -51.64 19.33 26.65
N HIS A 503 -50.51 20.04 26.73
CA HIS A 503 -49.82 20.22 28.00
C HIS A 503 -49.50 21.68 28.30
N ARG A 504 -49.82 22.62 27.40
CA ARG A 504 -49.67 24.03 27.68
C ARG A 504 -48.25 24.40 28.06
N MET A 505 -47.27 23.64 27.59
CA MET A 505 -45.88 23.95 27.89
C MET A 505 -45.15 24.55 26.70
N GLY A 506 -45.87 24.90 25.63
CA GLY A 506 -45.25 25.47 24.46
C GLY A 506 -44.42 24.49 23.65
N GLY A 507 -43.21 24.93 23.28
CA GLY A 507 -42.27 24.13 22.52
C GLY A 507 -42.86 23.55 21.26
N ASN A 508 -43.01 22.23 21.21
CA ASN A 508 -43.51 21.57 20.01
C ASN A 508 -45.02 21.64 19.85
N GLN A 509 -45.74 22.16 20.85
CA GLN A 509 -47.17 22.40 20.73
C GLN A 509 -47.48 23.88 20.55
N LEU A 510 -46.50 24.66 20.10
CA LEU A 510 -46.63 26.11 19.93
C LEU A 510 -46.49 26.46 18.46
N PHE A 511 -47.37 27.33 17.97
CA PHE A 511 -47.31 27.78 16.59
C PHE A 511 -47.60 29.27 16.52
N ARG A 512 -47.26 29.87 15.38
CA ARG A 512 -47.68 31.24 15.12
C ARG A 512 -48.12 31.34 13.68
N ILE A 513 -49.11 32.19 13.43
CA ILE A 513 -49.58 32.46 12.08
C ILE A 513 -49.23 33.90 11.72
N ASN A 514 -48.65 34.05 10.54
CA ASN A 514 -48.17 35.28 9.93
C ASN A 514 -49.30 36.15 9.41
N GLU A 515 -49.01 37.44 9.30
CA GLU A 515 -49.75 38.27 8.35
C GLU A 515 -49.49 37.86 6.91
N ALA A 516 -48.44 37.08 6.65
CA ALA A 516 -48.18 36.55 5.31
C ALA A 516 -48.86 35.21 5.09
N ASN A 517 -49.70 34.78 6.01
CA ASN A 517 -50.41 33.51 5.87
C ASN A 517 -49.47 32.32 6.05
N GLN A 518 -48.40 32.47 6.83
CA GLN A 518 -47.51 31.35 7.12
C GLN A 518 -47.82 30.81 8.51
N LEU A 519 -47.99 29.49 8.60
CA LEU A 519 -48.17 28.79 9.87
C LEU A 519 -46.82 28.21 10.28
N MET A 520 -46.23 28.75 11.34
CA MET A 520 -44.87 28.45 11.68
C MET A 520 -44.62 27.91 13.08
N GLN A 521 -43.68 27.00 13.18
CA GLN A 521 -43.05 26.61 14.43
C GLN A 521 -41.57 26.82 14.23
N TYR A 522 -40.93 27.56 15.12
CA TYR A 522 -39.51 27.83 14.95
C TYR A 522 -39.25 28.49 13.60
N ASP A 523 -38.37 27.91 12.80
CA ASP A 523 -38.07 28.42 11.48
C ASP A 523 -38.85 27.69 10.40
N GLN A 524 -39.64 26.69 10.80
CA GLN A 524 -40.41 25.90 9.86
C GLN A 524 -41.80 26.42 9.60
N CYS A 525 -42.39 25.98 8.50
CA CYS A 525 -43.79 26.25 8.16
C CYS A 525 -44.55 24.96 7.90
N LEU A 526 -45.86 25.00 8.17
CA LEU A 526 -46.75 23.92 7.80
C LEU A 526 -47.24 24.16 6.39
N THR A 527 -47.36 23.08 5.62
CA THR A 527 -47.91 23.12 4.28
C THR A 527 -48.61 21.80 4.01
N LYS A 528 -49.09 21.63 2.80
CA LYS A 528 -49.86 20.46 2.41
C LYS A 528 -48.92 19.44 1.79
N GLY A 529 -48.88 18.24 2.35
CA GLY A 529 -48.01 17.24 1.78
C GLY A 529 -48.71 16.45 0.69
N ALA A 530 -48.51 16.80 -0.57
CA ALA A 530 -48.93 15.90 -1.63
C ALA A 530 -48.22 14.57 -1.47
N ASP A 531 -48.90 13.50 -1.83
CA ASP A 531 -50.24 13.58 -2.40
C ASP A 531 -51.23 13.53 -1.24
N GLY A 532 -50.72 13.28 -0.05
CA GLY A 532 -51.58 13.20 1.11
C GLY A 532 -52.51 14.40 1.25
N SER A 533 -53.37 14.27 2.27
CA SER A 533 -54.04 15.39 2.92
C SER A 533 -53.40 15.68 4.25
N LYS A 534 -52.21 15.13 4.49
CA LYS A 534 -51.46 15.36 5.70
C LYS A 534 -50.82 16.74 5.67
N VAL A 535 -50.59 17.27 6.87
CA VAL A 535 -49.91 18.53 7.07
C VAL A 535 -48.48 18.24 7.45
N MET A 536 -47.56 18.81 6.70
CA MET A 536 -46.14 18.56 6.80
C MET A 536 -45.47 19.81 7.36
N ILE A 537 -44.29 19.62 7.94
CA ILE A 537 -43.45 20.69 8.48
C ILE A 537 -42.17 20.73 7.65
N THR A 538 -41.81 21.90 7.12
CA THR A 538 -40.56 22.02 6.36
C THR A 538 -39.91 23.35 6.60
N HIS A 539 -38.72 23.49 6.03
CA HIS A 539 -38.04 24.77 6.06
C HIS A 539 -38.76 25.79 5.18
N CYS A 540 -38.71 27.04 5.62
CA CYS A 540 -39.60 28.11 5.20
C CYS A 540 -38.79 29.26 4.64
N ASN A 541 -39.27 29.89 3.57
CA ASN A 541 -38.63 31.11 3.03
C ASN A 541 -39.70 32.17 2.80
N LEU A 542 -39.27 33.43 2.81
CA LEU A 542 -40.21 34.54 3.02
C LEU A 542 -41.52 34.40 2.25
N ASN A 543 -41.50 33.84 1.05
CA ASN A 543 -42.73 33.80 0.26
C ASN A 543 -43.19 32.39 -0.03
N GLU A 544 -42.79 31.46 0.82
CA GLU A 544 -43.05 30.04 0.61
C GLU A 544 -44.14 29.60 1.57
N PHE A 545 -45.11 28.86 1.05
CA PHE A 545 -46.17 28.30 1.87
C PHE A 545 -47.02 29.38 2.54
N LYS A 546 -47.20 30.52 1.86
CA LYS A 546 -48.15 31.54 2.31
C LYS A 546 -49.57 31.03 2.13
N GLU A 547 -49.98 30.02 2.90
CA GLU A 547 -51.14 29.27 2.44
C GLU A 547 -52.18 28.95 3.53
N TRP A 548 -52.22 29.71 4.62
CA TRP A 548 -53.20 29.47 5.68
C TRP A 548 -53.87 30.79 6.06
N GLN A 549 -55.16 30.72 6.36
CA GLN A 549 -55.80 31.84 7.01
C GLN A 549 -56.59 31.32 8.21
N TYR A 550 -56.49 32.04 9.32
CA TYR A 550 -57.02 31.63 10.61
C TYR A 550 -58.11 32.61 11.01
N PHE A 551 -59.35 32.13 11.05
CA PHE A 551 -60.48 32.93 11.55
C PHE A 551 -60.73 32.55 13.01
N LYS A 552 -60.46 33.47 13.94
CA LYS A 552 -60.54 33.12 15.35
C LYS A 552 -61.96 32.84 15.78
N ASN A 553 -62.90 33.75 15.45
CA ASN A 553 -64.30 33.57 15.85
C ASN A 553 -64.93 32.32 15.22
N LEU A 554 -64.69 32.09 13.92
CA LEU A 554 -65.07 30.88 13.21
C LEU A 554 -64.35 29.61 13.70
N HIS A 555 -63.33 29.73 14.56
CA HIS A 555 -62.56 28.55 14.98
C HIS A 555 -62.05 27.76 13.78
N ARG A 556 -61.64 28.43 12.71
CA ARG A 556 -61.30 27.74 11.48
C ARG A 556 -59.92 28.12 10.96
N PHE A 557 -59.17 27.10 10.57
CA PHE A 557 -57.93 27.20 9.81
C PHE A 557 -58.22 26.67 8.42
N THR A 558 -58.08 27.52 7.41
CA THR A 558 -58.42 27.10 6.07
C THR A 558 -57.19 27.18 5.19
N HIS A 559 -56.99 26.13 4.38
CA HIS A 559 -55.91 26.05 3.40
C HIS A 559 -56.29 26.80 2.15
N ILE A 560 -55.46 27.75 1.74
CA ILE A 560 -55.90 28.70 0.74
C ILE A 560 -55.89 28.11 -0.66
N PRO A 561 -54.81 27.45 -1.09
CA PRO A 561 -54.81 26.90 -2.47
C PRO A 561 -55.99 25.97 -2.73
N SER A 562 -56.11 24.88 -1.99
CA SER A 562 -57.36 24.13 -2.00
C SER A 562 -58.41 24.98 -1.29
N GLY A 563 -59.59 24.44 -1.06
CA GLY A 563 -60.51 25.18 -0.23
C GLY A 563 -60.56 24.68 1.19
N LYS A 564 -59.70 23.69 1.53
CA LYS A 564 -59.98 22.75 2.60
C LYS A 564 -59.68 23.30 3.99
N CYS A 565 -60.34 22.70 4.99
CA CYS A 565 -60.27 23.06 6.39
C CYS A 565 -59.28 22.16 7.15
N LEU A 566 -58.55 22.75 8.10
CA LEU A 566 -57.77 21.90 8.99
C LEU A 566 -58.72 20.95 9.72
N ASP A 567 -58.38 19.67 9.77
CA ASP A 567 -59.26 18.66 10.39
C ASP A 567 -58.40 17.75 11.24
N ARG A 568 -59.03 16.99 12.11
CA ARG A 568 -58.36 16.07 13.01
C ARG A 568 -59.18 14.80 13.25
N SER A 569 -58.54 13.71 13.65
CA SER A 569 -59.27 12.52 14.08
C SER A 569 -59.48 12.32 15.57
N GLU A 570 -58.50 12.68 16.38
CA GLU A 570 -58.57 12.45 17.82
C GLU A 570 -58.34 11.02 18.25
N VAL A 571 -59.17 10.11 17.78
CA VAL A 571 -59.03 8.71 18.12
C VAL A 571 -57.72 8.18 17.56
N LEU A 572 -57.41 8.61 16.36
CA LEU A 572 -56.20 8.29 15.63
C LEU A 572 -55.02 9.23 15.82
N HIS A 573 -55.20 10.34 16.54
CA HIS A 573 -54.12 11.33 16.74
C HIS A 573 -53.52 11.86 15.44
N GLN A 574 -54.41 12.22 14.53
CA GLN A 574 -54.15 12.52 13.13
C GLN A 574 -54.59 13.93 12.80
N VAL A 575 -53.74 14.65 12.08
CA VAL A 575 -54.03 16.01 11.63
C VAL A 575 -54.02 16.00 10.11
N PHE A 576 -55.11 16.43 9.50
CA PHE A 576 -55.14 16.48 8.03
C PHE A 576 -56.01 17.65 7.62
N ILE A 577 -56.13 17.86 6.31
CA ILE A 577 -57.09 18.82 5.75
C ILE A 577 -58.12 18.08 4.92
N SER A 578 -59.39 18.41 5.10
CA SER A 578 -60.48 17.80 4.36
C SER A 578 -61.45 18.90 3.94
N ASN A 579 -62.47 18.54 3.15
CA ASN A 579 -63.41 19.52 2.61
C ASN A 579 -64.20 20.19 3.72
N CYS A 580 -64.29 21.52 3.71
CA CYS A 580 -64.89 22.20 4.85
C CYS A 580 -66.31 21.72 5.05
N ASP A 581 -66.63 21.37 6.30
CA ASP A 581 -67.96 20.97 6.71
C ASP A 581 -68.26 21.61 8.07
N SER A 582 -69.29 22.43 8.14
CA SER A 582 -69.60 23.18 9.35
C SER A 582 -70.13 22.33 10.47
N SER A 583 -70.61 21.13 10.16
CA SER A 583 -71.12 20.27 11.22
C SER A 583 -69.98 19.64 12.02
N LYS A 584 -68.83 19.44 11.37
CA LYS A 584 -67.74 18.70 11.97
C LYS A 584 -67.02 19.52 13.02
N THR A 585 -67.07 19.12 14.29
CA THR A 585 -66.28 19.86 15.26
C THR A 585 -64.81 19.55 15.13
N THR A 586 -64.47 18.42 14.52
CA THR A 586 -63.09 18.12 14.21
C THR A 586 -62.43 19.17 13.35
N GLN A 587 -63.19 20.11 12.81
CA GLN A 587 -62.63 21.21 12.05
C GLN A 587 -62.67 22.51 12.81
N LYS A 588 -62.86 22.47 14.12
CA LYS A 588 -62.94 23.67 14.93
C LYS A 588 -61.74 23.71 15.87
N TRP A 589 -61.02 24.84 15.85
CA TRP A 589 -59.74 24.98 16.53
C TRP A 589 -59.68 26.32 17.23
N GLU A 590 -58.94 26.38 18.34
CA GLU A 590 -58.57 27.64 18.97
C GLU A 590 -57.05 27.81 18.93
N MET A 591 -56.61 29.07 18.95
CA MET A 591 -55.20 29.37 19.12
C MET A 591 -55.04 30.23 20.37
N ASN A 592 -54.49 29.63 21.40
CA ASN A 592 -54.38 30.25 22.71
C ASN A 592 -52.92 30.54 23.00
N ASN A 593 -52.67 31.75 23.48
CA ASN A 593 -51.31 32.07 23.92
C ASN A 593 -50.93 31.15 25.06
N ILE A 594 -49.74 30.62 24.98
CA ILE A 594 -49.13 29.93 26.10
C ILE A 594 -48.14 30.89 26.74
N HIS A 595 -48.36 31.17 28.02
CA HIS A 595 -47.51 32.08 28.77
C HIS A 595 -46.58 31.29 29.66
N SER A 596 -45.30 31.64 29.60
CA SER A 596 -44.25 31.05 30.42
C SER A 596 -43.89 32.06 31.50
N VAL A 597 -44.04 31.68 32.77
CA VAL A 597 -43.67 32.58 33.87
C VAL A 597 -42.29 32.23 34.44
N TYR B 52 -40.64 -35.79 2.84
CA TYR B 52 -41.71 -36.67 3.28
C TYR B 52 -42.06 -36.45 4.76
N LEU B 53 -41.46 -35.43 5.39
CA LEU B 53 -41.84 -35.04 6.74
C LEU B 53 -43.08 -34.15 6.73
N THR B 54 -43.99 -34.39 7.68
CA THR B 54 -45.27 -33.69 7.72
C THR B 54 -45.56 -33.23 9.14
N PHE B 55 -46.44 -32.24 9.27
CA PHE B 55 -46.88 -31.89 10.60
C PHE B 55 -48.00 -32.81 11.05
N LYS B 56 -48.22 -32.83 12.35
CA LYS B 56 -49.14 -33.80 12.91
C LYS B 56 -50.58 -33.34 12.66
N PRO B 57 -51.51 -34.25 12.40
CA PRO B 57 -52.80 -33.83 11.82
C PRO B 57 -53.72 -33.25 12.87
N GLN B 58 -54.66 -32.43 12.40
CA GLN B 58 -55.68 -31.90 13.29
C GLN B 58 -56.47 -33.05 13.89
N THR B 59 -56.48 -33.13 15.21
CA THR B 59 -57.37 -34.06 15.88
C THR B 59 -58.52 -33.34 16.57
N PHE B 60 -58.31 -32.07 16.87
CA PHE B 60 -59.29 -31.19 17.51
C PHE B 60 -60.36 -30.77 16.51
N THR B 61 -61.63 -30.93 16.88
CA THR B 61 -62.72 -30.38 16.08
C THR B 61 -63.16 -29.05 16.67
N TYR B 62 -63.47 -28.08 15.80
CA TYR B 62 -63.86 -26.75 16.22
C TYR B 62 -64.60 -26.08 15.08
N HIS B 63 -65.52 -25.18 15.41
CA HIS B 63 -66.37 -24.51 14.43
C HIS B 63 -66.04 -23.02 14.35
N ASP B 64 -65.69 -22.55 13.15
CA ASP B 64 -65.40 -21.15 12.93
C ASP B 64 -66.55 -20.29 13.44
N PRO B 65 -66.27 -19.11 14.01
CA PRO B 65 -67.35 -18.33 14.63
C PRO B 65 -68.33 -17.80 13.60
N VAL B 66 -69.47 -17.33 14.13
CA VAL B 66 -70.57 -16.83 13.33
C VAL B 66 -70.85 -15.39 13.73
N LEU B 67 -71.15 -14.56 12.74
CA LEU B 67 -71.49 -13.16 12.94
C LEU B 67 -73.00 -13.03 13.04
N ARG B 68 -73.49 -12.49 14.14
CA ARG B 68 -74.93 -12.32 14.37
C ARG B 68 -75.21 -10.84 14.61
N PRO B 69 -75.27 -10.03 13.54
CA PRO B 69 -75.42 -8.58 13.73
C PRO B 69 -76.59 -8.30 14.65
N GLY B 70 -76.39 -7.37 15.57
CA GLY B 70 -77.42 -6.98 16.50
C GLY B 70 -77.56 -7.87 17.72
N ILE B 71 -76.76 -8.92 17.80
CA ILE B 71 -76.73 -9.73 18.99
C ILE B 71 -75.32 -9.76 19.56
N LEU B 72 -75.21 -9.47 20.84
CA LEU B 72 -73.94 -9.43 21.53
C LEU B 72 -73.45 -10.80 21.96
N GLY B 73 -72.23 -10.84 22.45
CA GLY B 73 -71.69 -12.00 23.13
C GLY B 73 -71.18 -12.88 22.05
N ASN B 74 -70.79 -14.11 22.35
CA ASN B 74 -70.84 -14.67 23.69
C ASN B 74 -69.67 -14.32 24.59
N PHE B 75 -68.60 -13.79 24.02
CA PHE B 75 -67.47 -13.38 24.82
C PHE B 75 -67.38 -11.88 25.00
N GLU B 76 -68.44 -11.14 24.64
CA GLU B 76 -68.47 -9.71 24.93
C GLU B 76 -68.82 -9.52 26.39
N PRO B 77 -68.04 -8.77 27.15
CA PRO B 77 -68.45 -8.49 28.52
C PRO B 77 -69.88 -7.96 28.54
N LYS B 78 -70.64 -8.44 29.52
CA LYS B 78 -72.05 -8.11 29.64
C LYS B 78 -72.25 -6.64 30.02
N GLU B 79 -71.49 -6.15 30.99
CA GLU B 79 -71.61 -4.79 31.47
C GLU B 79 -70.27 -4.05 31.37
N PRO B 80 -70.28 -2.72 31.44
CA PRO B 80 -69.03 -1.96 31.28
C PRO B 80 -68.01 -2.26 32.36
N GLU B 81 -66.73 -2.21 31.95
CA GLU B 81 -65.65 -2.73 32.78
C GLU B 81 -65.44 -1.86 34.02
N PRO B 82 -65.43 -2.46 35.21
CA PRO B 82 -65.11 -1.72 36.45
C PRO B 82 -63.76 -1.01 36.33
N PRO B 83 -63.67 0.27 36.71
CA PRO B 83 -62.35 0.92 36.71
C PRO B 83 -61.48 0.41 37.83
N GLY B 84 -60.16 0.54 37.64
CA GLY B 84 -59.24 0.20 38.71
C GLY B 84 -59.40 1.13 39.90
N VAL B 85 -59.47 2.43 39.63
CA VAL B 85 -59.79 3.46 40.60
C VAL B 85 -60.85 4.34 39.99
N VAL B 86 -61.90 4.64 40.75
CA VAL B 86 -62.90 5.60 40.31
C VAL B 86 -62.41 7.01 40.61
N GLY B 87 -62.33 7.84 39.58
CA GLY B 87 -62.52 7.41 38.23
C GLY B 87 -61.31 7.87 37.44
N GLY B 88 -60.27 8.37 38.12
CA GLY B 88 -59.02 8.59 37.44
C GLY B 88 -57.90 7.97 38.22
N PRO B 89 -56.64 8.01 37.79
CA PRO B 89 -56.15 8.58 36.55
C PRO B 89 -55.62 7.49 35.62
N GLY B 90 -55.60 7.77 34.33
CA GLY B 90 -55.26 6.78 33.35
C GLY B 90 -56.43 5.97 32.90
N GLU B 91 -57.61 6.30 33.38
CA GLU B 91 -58.82 5.58 33.01
C GLU B 91 -59.75 6.50 32.25
N LYS B 92 -60.50 5.99 31.30
CA LYS B 92 -60.30 4.68 30.73
C LYS B 92 -59.36 4.95 29.61
N ALA B 93 -58.08 4.93 29.91
CA ALA B 93 -57.07 5.29 28.96
C ALA B 93 -57.22 6.74 28.51
N LYS B 94 -57.77 7.59 29.37
CA LYS B 94 -57.64 9.01 29.18
C LYS B 94 -56.20 9.43 29.36
N PRO B 95 -55.72 10.37 28.56
CA PRO B 95 -54.31 10.76 28.70
C PRO B 95 -54.07 11.37 30.07
N LEU B 96 -52.95 10.95 30.68
CA LEU B 96 -52.49 11.48 31.96
C LEU B 96 -51.34 12.46 31.70
N VAL B 97 -51.68 13.75 31.65
CA VAL B 97 -50.71 14.83 31.47
C VAL B 97 -50.27 15.31 32.86
N LEU B 98 -48.95 15.38 33.08
CA LEU B 98 -48.40 15.83 34.36
C LEU B 98 -47.55 17.09 34.20
N GLY B 99 -46.91 17.51 35.30
CA GLY B 99 -45.80 18.44 35.31
C GLY B 99 -46.35 19.82 35.31
N PRO B 100 -45.52 20.85 35.37
CA PRO B 100 -44.05 20.76 35.46
C PRO B 100 -43.53 20.44 36.86
N GLU B 101 -44.37 20.41 37.90
CA GLU B 101 -43.81 20.04 39.19
C GLU B 101 -43.20 18.64 39.13
N PHE B 102 -43.56 17.85 38.13
CA PHE B 102 -43.05 16.49 37.97
C PHE B 102 -41.92 16.36 36.97
N LYS B 103 -41.57 17.42 36.23
CA LYS B 103 -40.81 17.17 35.00
C LYS B 103 -39.46 16.54 35.29
N GLN B 104 -38.83 16.89 36.42
CA GLN B 104 -37.52 16.34 36.76
C GLN B 104 -37.60 14.85 37.08
N ALA B 105 -38.56 14.45 37.92
CA ALA B 105 -38.77 13.04 38.17
C ALA B 105 -39.12 12.29 36.90
N ILE B 106 -39.91 12.91 36.02
CA ILE B 106 -40.27 12.21 34.78
C ILE B 106 -39.04 11.97 33.93
N GLN B 107 -38.26 13.01 33.67
CA GLN B 107 -37.07 12.83 32.85
C GLN B 107 -36.14 11.78 33.44
N ALA B 108 -35.95 11.79 34.75
CA ALA B 108 -35.09 10.78 35.37
C ALA B 108 -35.60 9.37 35.06
N SER B 109 -36.91 9.14 35.23
CA SER B 109 -37.43 7.81 34.93
C SER B 109 -37.33 7.49 33.44
N ILE B 110 -37.47 8.49 32.57
CA ILE B 110 -37.32 8.19 31.15
C ILE B 110 -35.92 7.70 30.87
N LYS B 111 -34.90 8.37 31.42
CA LYS B 111 -33.54 7.88 31.26
C LYS B 111 -33.43 6.41 31.68
N GLU B 112 -34.04 6.06 32.81
CA GLU B 112 -33.85 4.70 33.32
C GLU B 112 -34.65 3.69 32.52
N PHE B 113 -35.84 4.05 32.00
CA PHE B 113 -36.71 3.03 31.43
C PHE B 113 -37.12 3.25 29.98
N GLY B 114 -37.01 4.46 29.45
CA GLY B 114 -37.58 4.75 28.16
C GLY B 114 -39.07 5.04 28.16
N PHE B 115 -39.71 4.99 29.33
CA PHE B 115 -41.13 5.28 29.48
C PHE B 115 -41.29 6.26 30.63
N ASN B 116 -42.43 6.93 30.65
CA ASN B 116 -42.72 7.88 31.71
C ASN B 116 -43.24 7.05 32.87
N MET B 117 -42.32 6.67 33.76
CA MET B 117 -42.73 5.78 34.83
C MET B 117 -43.37 6.51 35.99
N VAL B 118 -43.20 7.83 36.12
CA VAL B 118 -43.95 8.44 37.22
C VAL B 118 -45.40 8.59 36.80
N ALA B 119 -45.67 8.75 35.50
CA ALA B 119 -47.05 8.66 35.04
C ALA B 119 -47.60 7.24 35.20
N SER B 120 -46.89 6.25 34.66
CA SER B 120 -47.32 4.87 34.79
C SER B 120 -47.57 4.49 36.25
N ASP B 121 -46.71 4.93 37.15
CA ASP B 121 -46.84 4.51 38.53
C ASP B 121 -48.10 5.06 39.21
N MET B 122 -48.76 6.08 38.67
CA MET B 122 -50.01 6.53 39.28
C MET B 122 -51.24 5.98 38.55
N ILE B 123 -51.04 5.16 37.54
CA ILE B 123 -52.16 4.53 36.86
C ILE B 123 -52.36 3.16 37.46
N SER B 124 -53.62 2.81 37.70
CA SER B 124 -53.95 1.52 38.30
C SER B 124 -53.38 0.37 37.48
N LEU B 125 -52.81 -0.62 38.18
CA LEU B 125 -52.52 -1.86 37.48
C LEU B 125 -53.77 -2.46 36.84
N ASP B 126 -54.96 -2.19 37.37
CA ASP B 126 -56.19 -2.79 36.88
C ASP B 126 -57.05 -1.79 36.10
N ARG B 127 -56.41 -0.78 35.55
CA ARG B 127 -57.12 0.29 34.88
C ARG B 127 -57.92 -0.17 33.69
N SER B 128 -59.08 0.42 33.51
CA SER B 128 -59.90 0.21 32.35
C SER B 128 -59.31 0.92 31.15
N VAL B 129 -59.70 0.48 29.97
CA VAL B 129 -59.08 0.89 28.73
C VAL B 129 -60.13 1.30 27.72
N ASN B 130 -59.74 2.09 26.75
CA ASN B 130 -60.59 2.41 25.61
C ASN B 130 -60.72 1.23 24.66
N ASP B 131 -61.82 1.19 23.92
CA ASP B 131 -62.12 0.04 23.06
C ASP B 131 -61.85 0.50 21.64
N LEU B 132 -60.77 0.00 21.04
CA LEU B 132 -60.38 0.41 19.71
C LEU B 132 -60.92 -0.52 18.62
N ARG B 133 -61.75 -1.49 18.95
CA ARG B 133 -62.23 -2.40 17.92
C ARG B 133 -63.52 -1.88 17.30
N GLN B 134 -63.77 -2.31 16.06
CA GLN B 134 -64.99 -1.90 15.41
C GLN B 134 -66.20 -2.58 16.04
N GLU B 135 -67.37 -2.03 15.82
CA GLU B 135 -68.59 -2.53 16.43
C GLU B 135 -68.90 -3.95 15.97
N GLU B 136 -68.60 -4.26 14.73
CA GLU B 136 -68.92 -5.56 14.16
C GLU B 136 -68.22 -6.68 14.90
N CYS B 137 -67.14 -6.34 15.56
CA CYS B 137 -66.38 -7.27 16.35
C CYS B 137 -67.15 -7.88 17.52
N LYS B 138 -68.02 -7.08 18.09
CA LYS B 138 -68.82 -7.47 19.25
C LYS B 138 -69.92 -8.49 18.98
N TYR B 139 -70.19 -8.77 17.71
CA TYR B 139 -71.30 -9.63 17.34
C TYR B 139 -70.85 -10.97 16.76
N TRP B 140 -69.63 -11.40 17.08
CA TRP B 140 -69.17 -12.73 16.74
C TRP B 140 -69.53 -13.66 17.88
N HIS B 141 -69.98 -14.85 17.54
CA HIS B 141 -70.21 -15.91 18.52
C HIS B 141 -69.19 -17.00 18.26
N TYR B 142 -68.56 -17.43 19.33
CA TYR B 142 -67.37 -18.23 19.29
C TYR B 142 -67.66 -19.49 20.04
N ASP B 143 -66.92 -20.55 19.74
CA ASP B 143 -67.29 -21.86 20.20
C ASP B 143 -67.33 -22.03 21.70
N GLU B 144 -66.33 -21.50 22.39
CA GLU B 144 -66.09 -21.77 23.82
C GLU B 144 -65.30 -23.04 23.99
N ASN B 145 -64.98 -23.66 22.89
CA ASN B 145 -64.31 -24.93 22.85
C ASN B 145 -62.86 -24.71 22.53
N LEU B 146 -62.39 -23.52 22.86
CA LEU B 146 -61.05 -23.08 22.57
C LEU B 146 -60.01 -23.85 23.31
N LEU B 147 -58.84 -23.93 22.68
CA LEU B 147 -57.66 -24.43 23.30
C LEU B 147 -57.23 -23.48 24.41
N THR B 148 -56.63 -24.06 25.44
CA THR B 148 -56.02 -23.31 26.52
C THR B 148 -54.72 -22.65 26.05
N SER B 149 -54.17 -21.72 26.85
CA SER B 149 -52.96 -20.99 26.48
C SER B 149 -52.01 -20.79 27.64
N SER B 150 -50.71 -20.80 27.33
CA SER B 150 -49.68 -20.23 28.19
C SER B 150 -49.23 -18.92 27.54
N VAL B 151 -49.48 -17.78 28.21
CA VAL B 151 -48.86 -16.54 27.77
C VAL B 151 -47.50 -16.45 28.43
N VAL B 152 -46.46 -16.32 27.61
CA VAL B 152 -45.10 -16.12 28.10
C VAL B 152 -44.73 -14.66 27.86
N ILE B 153 -44.10 -14.06 28.85
CA ILE B 153 -43.71 -12.67 28.79
C ILE B 153 -42.22 -12.59 29.09
N VAL B 154 -41.42 -12.22 28.12
CA VAL B 154 -39.98 -12.02 28.33
C VAL B 154 -39.74 -10.58 28.74
N PHE B 155 -38.98 -10.38 29.82
CA PHE B 155 -38.67 -9.05 30.31
C PHE B 155 -37.20 -8.96 30.72
N HIS B 156 -36.60 -7.78 30.52
CA HIS B 156 -35.24 -7.48 30.99
C HIS B 156 -35.26 -6.07 31.58
N ASN B 157 -35.18 -5.97 32.90
CA ASN B 157 -35.09 -4.70 33.60
C ASN B 157 -36.34 -3.85 33.46
N GLU B 158 -37.46 -4.47 33.11
CA GLU B 158 -38.70 -3.74 32.92
C GLU B 158 -39.12 -3.05 34.21
N GLY B 159 -39.63 -1.83 34.10
CA GLY B 159 -40.26 -1.17 35.22
C GLY B 159 -41.30 -2.03 35.91
N TRP B 160 -41.45 -1.87 37.22
CA TRP B 160 -42.43 -2.63 37.97
C TRP B 160 -43.85 -2.41 37.45
N SER B 161 -44.31 -1.16 37.43
CA SER B 161 -45.72 -0.97 37.11
C SER B 161 -46.06 -1.35 35.67
N THR B 162 -45.12 -1.23 34.72
CA THR B 162 -45.46 -1.66 33.36
C THR B 162 -45.47 -3.18 33.24
N LEU B 163 -44.54 -3.86 33.90
CA LEU B 163 -44.55 -5.32 33.90
C LEU B 163 -45.85 -5.85 34.51
N MET B 164 -46.23 -5.34 35.68
CA MET B 164 -47.36 -5.93 36.39
C MET B 164 -48.69 -5.51 35.77
N ARG B 165 -48.75 -4.39 35.07
CA ARG B 165 -50.01 -4.06 34.41
C ARG B 165 -50.24 -4.97 33.21
N THR B 166 -49.18 -5.33 32.49
CA THR B 166 -49.30 -6.37 31.49
C THR B 166 -49.93 -7.62 32.11
N VAL B 167 -49.33 -8.10 33.20
CA VAL B 167 -49.87 -9.28 33.88
C VAL B 167 -51.32 -9.04 34.33
N HIS B 168 -51.58 -7.92 35.00
CA HIS B 168 -52.94 -7.69 35.49
C HIS B 168 -53.93 -7.63 34.36
N SER B 169 -53.56 -6.95 33.28
CA SER B 169 -54.47 -6.84 32.17
C SER B 169 -54.87 -8.23 31.69
N VAL B 170 -53.89 -9.14 31.56
CA VAL B 170 -54.17 -10.47 31.03
C VAL B 170 -55.08 -11.24 31.97
N ILE B 171 -54.83 -11.15 33.28
CA ILE B 171 -55.71 -11.77 34.26
C ILE B 171 -57.10 -11.11 34.25
N LYS B 172 -57.16 -9.81 34.06
CA LYS B 172 -58.45 -9.14 34.13
C LYS B 172 -59.33 -9.47 32.94
N ARG B 173 -58.78 -9.54 31.73
CA ARG B 173 -59.59 -9.66 30.53
C ARG B 173 -59.49 -11.02 29.84
N THR B 174 -59.03 -12.06 30.54
CA THR B 174 -59.03 -13.37 29.89
C THR B 174 -59.89 -14.33 30.68
N PRO B 175 -60.81 -15.04 30.03
CA PRO B 175 -61.58 -16.07 30.74
C PRO B 175 -60.64 -17.01 31.49
N ARG B 176 -60.96 -17.24 32.78
CA ARG B 176 -60.08 -18.04 33.62
C ARG B 176 -59.81 -19.42 33.03
N LYS B 177 -60.84 -20.08 32.52
CA LYS B 177 -60.71 -21.49 32.16
C LYS B 177 -59.73 -21.72 31.01
N TYR B 178 -59.49 -20.70 30.18
CA TYR B 178 -58.57 -20.85 29.04
C TYR B 178 -57.13 -20.43 29.35
N LEU B 179 -56.87 -19.81 30.51
CA LEU B 179 -55.54 -19.30 30.85
C LEU B 179 -54.86 -20.35 31.71
N ALA B 180 -53.98 -21.15 31.08
CA ALA B 180 -53.32 -22.23 31.81
C ALA B 180 -52.26 -21.70 32.77
N GLU B 181 -51.60 -20.61 32.42
CA GLU B 181 -50.47 -20.06 33.14
C GLU B 181 -50.02 -18.78 32.46
N ILE B 182 -49.33 -17.95 33.21
CA ILE B 182 -48.59 -16.82 32.70
C ILE B 182 -47.16 -17.06 33.14
N VAL B 183 -46.27 -17.30 32.18
CA VAL B 183 -44.86 -17.59 32.46
C VAL B 183 -44.02 -16.35 32.16
N LEU B 184 -43.35 -15.84 33.18
CA LEU B 184 -42.44 -14.72 33.03
C LEU B 184 -41.02 -15.26 32.87
N ILE B 185 -40.34 -14.82 31.81
CA ILE B 185 -38.97 -15.21 31.53
C ILE B 185 -38.07 -14.02 31.82
N ASP B 186 -37.37 -14.07 32.95
CA ASP B 186 -36.39 -13.04 33.32
C ASP B 186 -35.11 -13.26 32.51
N ASP B 187 -34.83 -12.39 31.56
CA ASP B 187 -33.58 -12.56 30.81
C ASP B 187 -32.45 -11.79 31.47
N PHE B 188 -32.17 -12.12 32.73
CA PHE B 188 -30.94 -11.67 33.38
C PHE B 188 -31.00 -10.19 33.74
N SER B 189 -32.09 -9.78 34.36
CA SER B 189 -32.22 -8.40 34.84
C SER B 189 -31.29 -8.17 36.02
N ASN B 190 -30.89 -6.92 36.21
CA ASN B 190 -30.17 -6.53 37.40
C ASN B 190 -30.96 -5.64 38.34
N LYS B 191 -32.09 -5.08 37.90
CA LYS B 191 -32.82 -4.16 38.75
C LYS B 191 -33.48 -4.90 39.91
N GLU B 192 -33.24 -4.40 41.13
CA GLU B 192 -33.58 -5.13 42.34
C GLU B 192 -35.07 -5.35 42.52
N HIS B 193 -35.92 -4.56 41.86
CA HIS B 193 -37.35 -4.71 42.09
C HIS B 193 -37.90 -5.92 41.36
N LEU B 194 -37.14 -6.46 40.43
CA LEU B 194 -37.57 -7.63 39.69
C LEU B 194 -37.19 -8.95 40.33
N LYS B 195 -36.43 -8.89 41.40
CA LYS B 195 -36.05 -10.12 42.08
C LYS B 195 -36.53 -10.13 43.50
N GLU B 196 -37.14 -11.23 43.91
CA GLU B 196 -37.55 -11.36 45.29
C GLU B 196 -38.77 -10.55 45.57
N LYS B 197 -38.73 -9.27 45.26
CA LYS B 197 -39.92 -8.46 45.40
C LYS B 197 -40.95 -9.05 44.47
N LEU B 198 -40.53 -9.36 43.25
CA LEU B 198 -41.40 -10.00 42.29
C LEU B 198 -41.82 -11.37 42.75
N ASP B 199 -40.89 -12.13 43.30
CA ASP B 199 -41.24 -13.48 43.76
C ASP B 199 -42.39 -13.42 44.76
N GLU B 200 -42.24 -12.61 45.79
CA GLU B 200 -43.26 -12.51 46.82
C GLU B 200 -44.58 -12.00 46.25
N TYR B 201 -44.54 -10.91 45.48
CA TYR B 201 -45.77 -10.34 44.93
C TYR B 201 -46.53 -11.38 44.14
N ILE B 202 -45.81 -12.15 43.32
CA ILE B 202 -46.44 -13.05 42.38
C ILE B 202 -47.34 -14.06 43.09
N LYS B 203 -47.12 -14.30 44.38
CA LYS B 203 -47.92 -15.27 45.13
C LYS B 203 -49.40 -14.86 45.11
N LEU B 204 -49.66 -13.62 44.69
CA LEU B 204 -51.01 -13.08 44.59
C LEU B 204 -51.91 -13.94 43.72
N TRP B 205 -51.33 -14.72 42.80
CA TRP B 205 -52.13 -15.46 41.84
C TRP B 205 -52.05 -16.96 42.06
N ASN B 206 -51.71 -17.39 43.27
CA ASN B 206 -51.82 -18.80 43.63
C ASN B 206 -51.14 -19.72 42.63
N GLY B 207 -49.91 -19.38 42.26
CA GLY B 207 -49.16 -20.22 41.34
C GLY B 207 -49.50 -20.07 39.87
N LEU B 208 -50.54 -19.32 39.53
CA LEU B 208 -50.91 -19.15 38.13
C LEU B 208 -49.84 -18.40 37.36
N VAL B 209 -49.15 -17.47 38.03
CA VAL B 209 -48.08 -16.67 37.45
C VAL B 209 -46.76 -17.21 38.00
N LYS B 210 -45.86 -17.58 37.11
CA LYS B 210 -44.57 -18.14 37.51
C LYS B 210 -43.47 -17.40 36.78
N VAL B 211 -42.30 -17.34 37.41
CA VAL B 211 -41.13 -16.69 36.82
C VAL B 211 -39.96 -17.67 36.76
N PHE B 212 -39.18 -17.58 35.69
CA PHE B 212 -38.02 -18.41 35.50
C PHE B 212 -36.87 -17.50 35.11
N ARG B 213 -35.78 -17.56 35.86
CA ARG B 213 -34.60 -16.75 35.62
C ARG B 213 -33.74 -17.39 34.53
N ASN B 214 -32.97 -16.55 33.83
CA ASN B 214 -31.92 -17.05 32.94
C ASN B 214 -30.56 -16.83 33.61
N GLU B 215 -29.66 -17.81 33.47
CA GLU B 215 -28.36 -17.69 34.12
C GLU B 215 -27.52 -16.59 33.49
N ARG B 216 -27.56 -16.46 32.17
CA ARG B 216 -26.93 -15.38 31.43
C ARG B 216 -28.00 -14.67 30.62
N ARG B 217 -27.62 -13.53 30.03
CA ARG B 217 -28.54 -12.82 29.15
C ARG B 217 -28.63 -13.55 27.83
N GLU B 218 -29.73 -14.27 27.62
CA GLU B 218 -29.92 -15.02 26.39
C GLU B 218 -30.34 -14.13 25.22
N GLY B 219 -30.66 -12.87 25.47
CA GLY B 219 -31.23 -12.02 24.46
C GLY B 219 -32.65 -12.44 24.11
N LEU B 220 -33.28 -11.63 23.26
CA LEU B 220 -34.74 -11.62 23.17
C LEU B 220 -35.27 -12.85 22.44
N ILE B 221 -34.63 -13.20 21.32
CA ILE B 221 -35.10 -14.30 20.48
C ILE B 221 -34.97 -15.63 21.21
N GLN B 222 -33.78 -15.92 21.75
CA GLN B 222 -33.61 -17.20 22.42
C GLN B 222 -34.38 -17.25 23.75
N ALA B 223 -34.61 -16.10 24.40
CA ALA B 223 -35.44 -16.09 25.61
C ALA B 223 -36.89 -16.52 25.30
N ARG B 224 -37.41 -16.18 24.11
CA ARG B 224 -38.74 -16.68 23.74
C ARG B 224 -38.72 -18.18 23.56
N SER B 225 -37.65 -18.70 22.95
CA SER B 225 -37.55 -20.15 22.77
C SER B 225 -37.44 -20.85 24.10
N ILE B 226 -36.62 -20.31 25.02
CA ILE B 226 -36.61 -20.80 26.39
C ILE B 226 -38.02 -20.76 26.97
N GLY B 227 -38.73 -19.65 26.76
CA GLY B 227 -40.12 -19.57 27.18
C GLY B 227 -40.96 -20.75 26.71
N ALA B 228 -40.85 -21.10 25.42
CA ALA B 228 -41.68 -22.19 24.90
C ALA B 228 -41.35 -23.50 25.60
N GLN B 229 -40.12 -23.68 26.04
CA GLN B 229 -39.71 -24.88 26.75
C GLN B 229 -40.15 -24.87 28.21
N LYS B 230 -40.20 -23.69 28.83
CA LYS B 230 -40.53 -23.60 30.25
C LYS B 230 -42.02 -23.41 30.49
N ALA B 231 -42.80 -23.29 29.44
CA ALA B 231 -44.23 -23.03 29.54
C ALA B 231 -44.95 -24.25 29.00
N LYS B 232 -45.30 -25.19 29.89
CA LYS B 232 -45.72 -26.52 29.45
C LYS B 232 -47.20 -26.78 29.60
N LEU B 233 -47.95 -25.90 30.26
CA LEU B 233 -49.29 -26.25 30.65
C LEU B 233 -50.30 -26.01 29.54
N GLY B 234 -50.08 -24.97 28.73
CA GLY B 234 -51.10 -24.59 27.76
C GLY B 234 -50.98 -25.31 26.44
N GLN B 235 -52.01 -25.16 25.63
CA GLN B 235 -51.98 -25.80 24.32
C GLN B 235 -51.46 -24.87 23.23
N VAL B 236 -51.68 -23.56 23.37
CA VAL B 236 -51.04 -22.60 22.48
C VAL B 236 -50.17 -21.71 23.35
N LEU B 237 -49.06 -21.26 22.77
CA LEU B 237 -48.26 -20.22 23.38
C LEU B 237 -48.73 -18.88 22.82
N ILE B 238 -49.05 -17.95 23.72
CA ILE B 238 -49.30 -16.55 23.37
C ILE B 238 -48.14 -15.75 23.93
N TYR B 239 -47.37 -15.13 23.04
CA TYR B 239 -46.25 -14.29 23.44
C TYR B 239 -46.69 -12.84 23.61
N LEU B 240 -46.17 -12.18 24.64
CA LEU B 240 -46.45 -10.77 24.89
C LEU B 240 -45.18 -10.05 25.34
N ASP B 241 -44.96 -8.83 24.82
CA ASP B 241 -43.96 -7.89 25.36
C ASP B 241 -44.28 -7.63 26.84
N ALA B 242 -43.31 -7.16 27.62
CA ALA B 242 -43.56 -6.90 29.04
C ALA B 242 -44.15 -5.52 29.33
N HIS B 243 -44.62 -4.80 28.30
CA HIS B 243 -45.16 -3.44 28.40
C HIS B 243 -46.37 -3.40 27.45
N CYS B 244 -47.34 -4.29 27.72
CA CYS B 244 -48.55 -4.46 26.92
C CYS B 244 -49.80 -4.29 27.76
N GLU B 245 -50.88 -3.88 27.11
CA GLU B 245 -52.22 -3.96 27.69
C GLU B 245 -53.12 -4.60 26.65
N VAL B 246 -53.83 -5.62 27.08
CA VAL B 246 -54.61 -6.51 26.23
C VAL B 246 -56.04 -6.00 26.22
N ALA B 247 -56.67 -5.92 25.04
CA ALA B 247 -58.00 -5.35 24.91
C ALA B 247 -59.10 -6.34 25.34
N VAL B 248 -60.36 -5.85 25.44
CA VAL B 248 -61.44 -6.75 25.86
C VAL B 248 -61.77 -7.74 24.76
N ASN B 249 -62.18 -8.94 25.17
CA ASN B 249 -62.40 -10.09 24.29
C ASN B 249 -61.30 -10.20 23.24
N TRP B 250 -60.05 -10.14 23.72
CA TRP B 250 -58.88 -10.37 22.88
C TRP B 250 -58.62 -11.85 22.66
N TYR B 251 -59.02 -12.71 23.60
CA TYR B 251 -58.61 -14.11 23.56
C TYR B 251 -59.34 -14.91 22.48
N ALA B 252 -60.69 -14.92 22.53
CA ALA B 252 -61.45 -15.80 21.63
C ALA B 252 -61.13 -15.58 20.17
N PRO B 253 -61.17 -14.36 19.65
CA PRO B 253 -60.78 -14.12 18.25
C PRO B 253 -59.39 -14.63 17.93
N LEU B 254 -58.43 -14.38 18.84
CA LEU B 254 -57.03 -14.73 18.59
C LEU B 254 -56.82 -16.23 18.58
N VAL B 255 -57.46 -16.95 19.51
CA VAL B 255 -57.26 -18.39 19.64
C VAL B 255 -58.24 -19.23 18.81
N ALA B 256 -59.37 -18.65 18.39
CA ALA B 256 -60.31 -19.41 17.58
C ALA B 256 -59.67 -20.04 16.36
N PRO B 257 -59.02 -19.28 15.48
CA PRO B 257 -58.48 -19.89 14.26
C PRO B 257 -57.47 -20.98 14.54
N ILE B 258 -56.68 -20.83 15.60
CA ILE B 258 -55.75 -21.89 15.95
C ILE B 258 -56.52 -23.14 16.28
N SER B 259 -57.68 -22.97 16.92
CA SER B 259 -58.50 -24.10 17.32
C SER B 259 -59.07 -24.88 16.12
N LYS B 260 -59.41 -24.20 15.00
CA LYS B 260 -59.88 -24.99 13.85
C LYS B 260 -58.73 -25.72 13.17
N ASP B 261 -57.50 -25.19 13.25
CA ASP B 261 -56.40 -25.61 12.39
C ASP B 261 -55.09 -25.30 13.10
N ARG B 262 -54.46 -26.33 13.69
CA ARG B 262 -53.28 -26.13 14.52
C ARG B 262 -52.09 -25.50 13.79
N THR B 263 -52.07 -25.46 12.46
CA THR B 263 -50.96 -24.85 11.72
C THR B 263 -51.21 -23.39 11.37
N ILE B 264 -52.30 -22.80 11.85
CA ILE B 264 -52.54 -21.36 11.71
C ILE B 264 -51.85 -20.66 12.88
N CYS B 265 -51.06 -19.64 12.56
CA CYS B 265 -50.47 -18.80 13.58
C CYS B 265 -51.14 -17.43 13.54
N THR B 266 -51.38 -16.86 14.71
CA THR B 266 -52.31 -15.75 14.85
C THR B 266 -51.60 -14.53 15.45
N VAL B 267 -52.02 -13.33 15.02
CA VAL B 267 -51.42 -12.08 15.49
C VAL B 267 -52.52 -11.06 15.77
N PRO B 268 -52.64 -10.56 16.99
CA PRO B 268 -53.53 -9.42 17.24
C PRO B 268 -53.11 -8.17 16.47
N LEU B 269 -54.06 -7.26 16.33
CA LEU B 269 -53.69 -5.95 15.87
C LEU B 269 -52.97 -5.22 17.01
N ILE B 270 -51.79 -4.70 16.73
CA ILE B 270 -50.95 -4.13 17.77
C ILE B 270 -51.17 -2.63 17.81
N ASP B 271 -51.75 -2.15 18.92
CA ASP B 271 -52.07 -0.75 19.11
C ASP B 271 -51.00 -0.04 19.95
N VAL B 272 -51.04 1.29 19.91
CA VAL B 272 -49.98 2.15 20.44
C VAL B 272 -50.38 2.68 21.79
N ILE B 273 -49.67 2.28 22.83
CA ILE B 273 -49.79 2.91 24.14
C ILE B 273 -48.71 3.98 24.24
N ASN B 274 -49.15 5.23 24.41
CA ASN B 274 -48.26 6.37 24.45
C ASN B 274 -47.41 6.30 25.71
N GLY B 275 -46.10 6.18 25.53
CA GLY B 275 -45.23 6.01 26.67
C GLY B 275 -45.11 7.21 27.58
N ASN B 276 -45.65 8.36 27.19
CA ASN B 276 -45.69 9.49 28.11
C ASN B 276 -47.00 9.57 28.86
N THR B 277 -48.13 9.58 28.15
CA THR B 277 -49.43 9.85 28.75
C THR B 277 -50.39 8.66 28.76
N TYR B 278 -50.12 7.62 27.99
CA TYR B 278 -50.68 6.28 28.18
C TYR B 278 -52.06 6.11 27.54
N GLU B 279 -52.54 7.10 26.80
CA GLU B 279 -53.71 6.87 25.97
C GLU B 279 -53.32 5.94 24.82
N ILE B 280 -54.29 5.19 24.32
CA ILE B 280 -54.04 4.10 23.39
C ILE B 280 -54.64 4.46 22.03
N ILE B 281 -53.78 4.46 21.02
CA ILE B 281 -54.04 4.96 19.67
C ILE B 281 -53.79 3.80 18.71
N PRO B 282 -54.64 3.55 17.71
CA PRO B 282 -54.27 2.56 16.69
C PRO B 282 -53.12 3.06 15.85
N GLN B 283 -52.43 2.13 15.19
CA GLN B 283 -51.34 2.52 14.31
C GLN B 283 -51.87 3.10 13.02
N GLY B 284 -51.05 3.94 12.38
CA GLY B 284 -51.37 4.44 11.06
C GLY B 284 -51.06 3.38 10.02
N GLY B 285 -52.08 2.66 9.60
CA GLY B 285 -51.90 1.62 8.63
C GLY B 285 -52.78 1.91 7.43
N GLY B 286 -52.52 1.15 6.37
CA GLY B 286 -53.13 1.48 5.09
C GLY B 286 -54.64 1.49 5.09
N ASP B 287 -55.26 0.41 5.56
CA ASP B 287 -56.64 0.14 5.18
C ASP B 287 -57.56 1.30 5.54
N GLU B 288 -58.60 1.50 4.72
CA GLU B 288 -59.62 2.47 5.08
C GLU B 288 -60.22 2.13 6.43
N ASP B 289 -60.02 0.91 6.90
CA ASP B 289 -60.43 0.51 8.22
C ASP B 289 -59.27 0.47 9.20
N GLY B 290 -58.07 0.87 8.76
CA GLY B 290 -56.88 0.77 9.57
C GLY B 290 -56.13 -0.56 9.51
N TYR B 291 -56.56 -1.49 8.67
CA TYR B 291 -55.91 -2.80 8.63
C TYR B 291 -54.70 -2.74 7.71
N ALA B 292 -53.54 -3.08 8.23
CA ALA B 292 -52.36 -3.31 7.44
C ALA B 292 -52.02 -4.79 7.45
N ARG B 293 -51.17 -5.20 6.52
CA ARG B 293 -50.50 -6.47 6.61
C ARG B 293 -48.99 -6.22 6.67
N GLY B 294 -48.31 -7.17 7.31
CA GLY B 294 -46.91 -7.00 7.60
C GLY B 294 -46.05 -7.37 6.41
N ALA B 295 -45.02 -6.58 6.19
CA ALA B 295 -44.22 -6.61 4.97
C ALA B 295 -42.79 -6.23 5.31
N TRP B 296 -41.95 -6.10 4.29
CA TRP B 296 -40.55 -5.70 4.44
C TRP B 296 -40.12 -5.03 3.15
N ASP B 297 -39.04 -4.26 3.22
CA ASP B 297 -38.36 -3.82 2.01
C ASP B 297 -37.18 -4.77 1.78
N TRP B 298 -36.38 -4.54 0.74
CA TRP B 298 -35.39 -5.57 0.40
C TRP B 298 -34.08 -5.44 1.16
N SER B 299 -33.99 -4.56 2.14
CA SER B 299 -32.99 -4.67 3.20
C SER B 299 -33.52 -5.45 4.40
N MET B 300 -34.75 -5.96 4.30
CA MET B 300 -35.45 -6.66 5.38
C MET B 300 -35.74 -5.73 6.56
N LEU B 301 -36.09 -4.50 6.27
CA LEU B 301 -36.64 -3.63 7.29
C LEU B 301 -38.14 -3.81 7.33
N TRP B 302 -38.67 -3.86 8.55
CA TRP B 302 -40.09 -4.09 8.72
C TRP B 302 -40.88 -2.94 8.11
N LYS B 303 -41.87 -3.28 7.30
CA LYS B 303 -42.77 -2.27 6.78
C LYS B 303 -44.19 -2.78 6.93
N ARG B 304 -45.14 -1.85 6.81
CA ARG B 304 -46.55 -2.20 6.79
C ARG B 304 -47.17 -1.66 5.52
N VAL B 305 -48.09 -2.42 4.95
CA VAL B 305 -48.83 -1.98 3.78
C VAL B 305 -50.31 -2.18 4.07
N PRO B 306 -51.19 -1.51 3.32
CA PRO B 306 -52.62 -1.64 3.58
C PRO B 306 -53.17 -3.01 3.19
N LEU B 307 -54.26 -3.41 3.86
CA LEU B 307 -54.98 -4.61 3.45
C LEU B 307 -55.44 -4.45 2.02
N THR B 308 -55.25 -5.48 1.24
CA THR B 308 -55.44 -5.42 -0.20
C THR B 308 -56.87 -5.81 -0.59
N PRO B 309 -57.35 -5.33 -1.73
CA PRO B 309 -58.66 -5.78 -2.22
C PRO B 309 -58.72 -7.28 -2.46
N GLN B 310 -57.63 -7.88 -2.93
CA GLN B 310 -57.57 -9.33 -3.13
C GLN B 310 -57.96 -10.08 -1.87
N GLU B 311 -57.27 -9.79 -0.77
CA GLU B 311 -57.61 -10.45 0.49
C GLU B 311 -59.06 -10.18 0.87
N LYS B 312 -59.59 -9.00 0.52
CA LYS B 312 -60.95 -8.67 0.94
C LYS B 312 -61.99 -9.48 0.20
N ARG B 313 -61.71 -9.86 -1.06
CA ARG B 313 -62.61 -10.75 -1.76
C ARG B 313 -62.61 -12.14 -1.15
N LEU B 314 -61.53 -12.55 -0.51
CA LEU B 314 -61.50 -13.85 0.17
C LEU B 314 -62.36 -13.90 1.43
N ARG B 315 -62.83 -12.75 1.93
CA ARG B 315 -63.43 -12.66 3.25
C ARG B 315 -64.86 -12.16 3.13
N LYS B 316 -65.76 -12.83 3.84
CA LYS B 316 -67.16 -12.45 3.76
C LYS B 316 -67.47 -11.24 4.63
N THR B 317 -66.64 -10.99 5.63
CA THR B 317 -66.86 -9.98 6.65
C THR B 317 -65.75 -8.96 6.63
N LYS B 318 -66.00 -7.79 7.24
CA LYS B 318 -64.94 -6.81 7.38
C LYS B 318 -63.94 -7.20 8.46
N THR B 319 -64.38 -7.85 9.53
CA THR B 319 -63.61 -8.01 10.75
C THR B 319 -62.99 -9.40 10.93
N GLU B 320 -63.19 -10.32 10.01
CA GLU B 320 -62.61 -11.63 10.22
C GLU B 320 -61.11 -11.61 9.98
N PRO B 321 -60.42 -12.70 10.34
CA PRO B 321 -58.96 -12.75 10.19
C PRO B 321 -58.55 -12.54 8.74
N TYR B 322 -57.28 -12.19 8.55
CA TYR B 322 -56.78 -12.02 7.19
C TYR B 322 -55.29 -12.35 7.12
N ARG B 323 -54.86 -12.73 5.92
CA ARG B 323 -53.50 -13.19 5.70
C ARG B 323 -52.51 -12.04 5.70
N SER B 324 -51.42 -12.20 6.44
CA SER B 324 -50.32 -11.26 6.36
C SER B 324 -49.05 -12.00 6.01
N PRO B 325 -48.19 -11.43 5.17
CA PRO B 325 -46.92 -12.10 4.87
C PRO B 325 -46.01 -12.23 6.08
N ALA B 326 -46.09 -11.33 7.05
CA ALA B 326 -45.15 -11.35 8.17
C ALA B 326 -45.80 -10.73 9.41
N MET B 327 -45.16 -10.96 10.55
CA MET B 327 -45.60 -10.42 11.83
C MET B 327 -44.51 -9.53 12.41
N ALA B 328 -44.92 -8.46 13.08
CA ALA B 328 -43.96 -7.58 13.75
C ALA B 328 -42.95 -8.37 14.58
N GLY B 329 -43.42 -9.34 15.37
CA GLY B 329 -42.51 -10.21 16.12
C GLY B 329 -42.77 -10.41 17.62
N GLY B 330 -43.21 -9.37 18.34
CA GLY B 330 -43.30 -9.49 19.77
C GLY B 330 -44.51 -10.24 20.28
N LEU B 331 -45.65 -10.13 19.60
CA LEU B 331 -46.94 -10.64 20.08
C LEU B 331 -47.53 -11.56 19.01
N PHE B 332 -47.85 -12.78 19.39
CA PHE B 332 -48.47 -13.74 18.46
C PHE B 332 -48.91 -14.97 19.25
N ALA B 333 -49.62 -15.88 18.58
CA ALA B 333 -50.03 -17.15 19.20
C ALA B 333 -49.82 -18.30 18.22
N ILE B 334 -49.08 -19.35 18.64
CA ILE B 334 -49.05 -20.62 17.94
C ILE B 334 -49.48 -21.72 18.89
N GLU B 335 -50.00 -22.80 18.29
CA GLU B 335 -50.14 -24.04 19.02
C GLU B 335 -48.75 -24.50 19.45
N ARG B 336 -48.62 -24.92 20.70
CA ARG B 336 -47.28 -25.16 21.23
C ARG B 336 -46.57 -26.26 20.43
N GLU B 337 -47.28 -27.34 20.13
CA GLU B 337 -46.61 -28.43 19.42
C GLU B 337 -46.15 -27.96 18.05
N PHE B 338 -46.98 -27.16 17.38
CA PHE B 338 -46.62 -26.69 16.04
C PHE B 338 -45.36 -25.82 16.09
N PHE B 339 -45.27 -24.92 17.08
CA PHE B 339 -44.04 -24.16 17.23
C PHE B 339 -42.86 -25.12 17.28
N PHE B 340 -42.97 -26.17 18.10
CA PHE B 340 -41.83 -27.08 18.21
C PHE B 340 -41.59 -27.80 16.90
N GLU B 341 -42.66 -28.25 16.23
CA GLU B 341 -42.46 -28.85 14.92
C GLU B 341 -41.70 -27.92 13.98
N LEU B 342 -41.81 -26.63 14.24
CA LEU B 342 -41.18 -25.59 13.43
C LEU B 342 -39.66 -25.45 13.32
N GLY B 343 -38.90 -25.71 14.36
CA GLY B 343 -39.09 -25.31 15.72
C GLY B 343 -37.74 -24.80 16.14
N LEU B 344 -37.67 -23.74 16.90
CA LEU B 344 -38.76 -22.85 17.12
C LEU B 344 -38.30 -21.65 16.35
N TYR B 345 -37.43 -20.87 16.95
CA TYR B 345 -36.69 -19.86 16.23
C TYR B 345 -35.36 -20.49 15.94
N ASP B 346 -34.74 -20.10 14.84
CA ASP B 346 -33.44 -20.63 14.51
C ASP B 346 -32.52 -20.30 15.68
N PRO B 347 -31.79 -21.30 16.16
CA PRO B 347 -30.94 -21.12 17.34
C PRO B 347 -29.77 -20.18 17.10
N GLY B 348 -29.41 -20.03 15.85
CA GLY B 348 -28.36 -19.14 15.41
C GLY B 348 -28.61 -17.68 15.68
N LEU B 349 -29.85 -17.24 15.61
CA LEU B 349 -30.16 -15.84 15.73
C LEU B 349 -29.75 -15.28 17.08
N GLN B 350 -29.07 -14.16 17.04
CA GLN B 350 -28.56 -13.46 18.20
C GLN B 350 -29.56 -12.42 18.62
N ILE B 351 -29.17 -11.46 19.42
CA ILE B 351 -30.08 -10.76 20.29
C ILE B 351 -31.24 -10.08 19.57
N TRP B 352 -30.97 -9.41 18.47
CA TRP B 352 -31.98 -8.75 17.66
C TRP B 352 -31.44 -9.11 16.31
N GLY B 353 -32.19 -9.13 15.22
CA GLY B 353 -33.57 -8.78 15.09
C GLY B 353 -34.11 -9.81 14.11
N GLY B 354 -35.42 -9.81 13.91
CA GLY B 354 -36.20 -10.98 13.60
C GLY B 354 -35.78 -11.80 12.42
N GLU B 355 -35.89 -13.11 12.55
CA GLU B 355 -36.59 -13.80 13.63
C GLU B 355 -38.08 -13.67 13.44
N ASN B 356 -38.57 -12.45 13.39
CA ASN B 356 -39.95 -12.25 13.03
C ASN B 356 -40.19 -12.68 11.60
N PHE B 357 -39.26 -12.39 10.71
CA PHE B 357 -39.40 -12.89 9.36
C PHE B 357 -39.12 -14.39 9.27
N GLU B 358 -38.07 -14.86 9.95
CA GLU B 358 -37.77 -16.29 9.87
C GLU B 358 -39.00 -17.11 10.21
N ILE B 359 -39.70 -16.78 11.30
CA ILE B 359 -40.88 -17.55 11.70
C ILE B 359 -42.02 -17.34 10.71
N SER B 360 -42.14 -16.14 10.15
CA SER B 360 -43.18 -15.90 9.15
C SER B 360 -42.98 -16.75 7.92
N TYR B 361 -41.75 -16.83 7.42
CA TYR B 361 -41.49 -17.60 6.21
C TYR B 361 -41.68 -19.10 6.47
N LYS B 362 -41.14 -19.63 7.56
CA LYS B 362 -41.36 -21.05 7.87
C LYS B 362 -42.85 -21.37 7.84
N ILE B 363 -43.65 -20.58 8.53
CA ILE B 363 -45.08 -20.86 8.64
C ILE B 363 -45.71 -20.96 7.26
N TRP B 364 -45.47 -19.94 6.43
CA TRP B 364 -46.09 -19.92 5.10
C TRP B 364 -45.51 -20.99 4.19
N GLN B 365 -44.19 -21.05 4.09
CA GLN B 365 -43.56 -21.92 3.10
C GLN B 365 -43.59 -23.38 3.50
N CYS B 366 -43.79 -23.70 4.77
CA CYS B 366 -43.92 -25.08 5.20
C CYS B 366 -45.37 -25.47 5.46
N GLY B 367 -46.33 -24.72 4.92
CA GLY B 367 -47.70 -25.22 4.84
C GLY B 367 -48.68 -24.65 5.81
N GLY B 368 -48.24 -23.82 6.76
CA GLY B 368 -49.14 -23.18 7.70
C GLY B 368 -49.74 -21.89 7.14
N LYS B 369 -50.33 -21.11 8.05
CA LYS B 369 -50.92 -19.80 7.76
C LYS B 369 -50.53 -18.79 8.85
N LEU B 370 -50.40 -17.53 8.46
CA LEU B 370 -50.21 -16.44 9.41
C LEU B 370 -51.37 -15.47 9.24
N LEU B 371 -52.16 -15.31 10.29
CA LEU B 371 -53.37 -14.48 10.23
C LEU B 371 -53.33 -13.38 11.26
N PHE B 372 -53.56 -12.15 10.80
CA PHE B 372 -53.89 -11.02 11.67
C PHE B 372 -55.36 -11.07 12.03
N VAL B 373 -55.67 -10.82 13.29
CA VAL B 373 -57.03 -11.02 13.80
C VAL B 373 -57.63 -9.68 14.22
N PRO B 374 -58.37 -8.99 13.34
CA PRO B 374 -58.86 -7.65 13.70
C PRO B 374 -59.57 -7.55 15.04
N CYS B 375 -60.30 -8.58 15.45
CA CYS B 375 -61.05 -8.49 16.68
C CYS B 375 -60.24 -8.85 17.91
N SER B 376 -58.94 -9.13 17.76
CA SER B 376 -58.04 -9.25 18.88
C SER B 376 -57.02 -8.10 18.78
N ARG B 377 -56.98 -7.26 19.81
CA ARG B 377 -56.18 -6.05 19.84
C ARG B 377 -55.34 -6.02 21.11
N VAL B 378 -54.07 -5.65 20.98
CA VAL B 378 -53.19 -5.49 22.13
C VAL B 378 -52.42 -4.19 21.99
N GLY B 379 -52.39 -3.39 23.06
CA GLY B 379 -51.56 -2.21 23.11
C GLY B 379 -50.15 -2.52 23.59
N HIS B 380 -49.18 -1.88 22.92
CA HIS B 380 -47.75 -1.97 23.20
C HIS B 380 -47.27 -0.57 23.51
N ILE B 381 -46.59 -0.38 24.63
CA ILE B 381 -46.01 0.94 24.90
C ILE B 381 -44.82 1.18 23.99
N TYR B 382 -44.72 2.37 23.43
CA TYR B 382 -43.63 2.67 22.53
C TYR B 382 -42.63 3.57 23.24
N ARG B 383 -41.34 3.27 23.02
CA ARG B 383 -40.27 3.94 23.73
C ARG B 383 -40.26 5.44 23.43
N LEU B 384 -39.71 6.21 24.37
CA LEU B 384 -39.46 7.62 24.19
C LEU B 384 -37.98 7.82 23.99
N GLU B 385 -37.60 8.96 23.41
CA GLU B 385 -36.18 9.30 23.39
C GLU B 385 -35.71 9.66 24.80
N GLY B 386 -34.42 9.53 25.03
CA GLY B 386 -33.85 9.75 26.34
C GLY B 386 -33.46 8.49 27.07
N TRP B 387 -33.79 7.32 26.52
CA TRP B 387 -33.50 6.07 27.19
C TRP B 387 -32.02 5.78 27.14
N GLN B 388 -31.57 4.91 28.05
CA GLN B 388 -30.20 4.44 28.05
C GLN B 388 -30.08 3.10 28.77
N GLY B 389 -30.33 1.96 28.08
CA GLY B 389 -30.65 1.90 26.66
C GLY B 389 -29.38 1.79 25.82
N ASN B 390 -28.85 0.56 25.63
CA ASN B 390 -27.45 0.38 25.18
C ASN B 390 -27.11 -0.97 24.54
N PRO B 391 -26.34 -0.99 23.45
CA PRO B 391 -26.03 -2.26 22.79
C PRO B 391 -24.97 -3.04 23.54
N PRO B 392 -24.83 -4.32 23.22
CA PRO B 392 -23.76 -5.14 23.82
C PRO B 392 -22.45 -4.91 23.10
N PRO B 393 -21.32 -5.16 23.76
CA PRO B 393 -20.02 -5.01 23.08
C PRO B 393 -19.59 -6.30 22.41
N ILE B 394 -19.73 -6.25 21.10
CA ILE B 394 -19.36 -7.30 20.18
C ILE B 394 -18.46 -6.70 19.10
N TYR B 395 -17.71 -7.54 18.41
CA TYR B 395 -17.04 -7.14 17.18
C TYR B 395 -17.40 -8.15 16.11
N VAL B 396 -17.86 -7.71 14.94
CA VAL B 396 -18.18 -6.32 14.61
C VAL B 396 -19.32 -5.58 15.36
N GLY B 397 -20.17 -6.33 16.05
CA GLY B 397 -19.91 -7.74 16.23
C GLY B 397 -19.91 -8.45 14.90
N SER B 398 -20.89 -8.14 14.08
CA SER B 398 -20.89 -8.51 12.69
C SER B 398 -21.26 -7.32 11.80
N SER B 399 -22.35 -6.63 12.11
CA SER B 399 -23.13 -6.74 13.35
C SER B 399 -23.93 -8.02 13.55
N PRO B 400 -24.26 -8.29 14.89
CA PRO B 400 -24.97 -9.57 15.07
C PRO B 400 -26.30 -9.63 14.36
N THR B 401 -27.03 -8.53 14.34
CA THR B 401 -28.35 -8.53 13.72
C THR B 401 -28.28 -8.65 12.20
N LEU B 402 -27.25 -8.05 11.60
CA LEU B 402 -27.03 -8.21 10.18
C LEU B 402 -26.79 -9.65 9.85
N LYS B 403 -25.99 -10.30 10.68
CA LYS B 403 -25.71 -11.71 10.54
C LYS B 403 -27.00 -12.48 10.59
N ASN B 404 -27.95 -12.01 11.39
CA ASN B 404 -29.22 -12.69 11.49
C ASN B 404 -30.02 -12.59 10.20
N TYR B 405 -30.06 -11.39 9.61
CA TYR B 405 -30.76 -11.25 8.33
C TYR B 405 -30.19 -12.21 7.29
N VAL B 406 -28.88 -12.35 7.26
CA VAL B 406 -28.27 -13.23 6.27
C VAL B 406 -28.70 -14.67 6.50
N ARG B 407 -28.85 -15.07 7.77
CA ARG B 407 -29.28 -16.43 8.06
C ARG B 407 -30.67 -16.68 7.51
N VAL B 408 -31.59 -15.74 7.75
CA VAL B 408 -32.95 -15.90 7.27
C VAL B 408 -32.99 -15.92 5.76
N VAL B 409 -32.27 -14.99 5.14
CA VAL B 409 -32.28 -14.84 3.69
C VAL B 409 -31.68 -16.08 3.02
N GLU B 410 -30.54 -16.56 3.53
CA GLU B 410 -29.86 -17.67 2.87
C GLU B 410 -30.66 -18.96 2.95
N VAL B 411 -31.48 -19.12 3.98
CA VAL B 411 -32.22 -20.37 4.06
C VAL B 411 -33.56 -20.25 3.34
N TRP B 412 -34.16 -19.06 3.26
CA TRP B 412 -35.55 -18.95 2.80
C TRP B 412 -35.77 -18.20 1.49
N TRP B 413 -34.93 -17.24 1.13
CA TRP B 413 -35.28 -16.32 0.06
C TRP B 413 -34.94 -16.84 -1.33
N ASP B 414 -34.25 -17.98 -1.42
CA ASP B 414 -33.85 -18.50 -2.72
C ASP B 414 -33.30 -17.40 -3.62
N GLU B 415 -33.75 -17.35 -4.88
CA GLU B 415 -33.19 -16.39 -5.84
C GLU B 415 -33.26 -15.00 -5.27
N TYR B 416 -34.19 -14.73 -4.37
CA TYR B 416 -34.32 -13.35 -3.90
C TYR B 416 -33.16 -12.88 -3.02
N LYS B 417 -32.25 -13.76 -2.60
CA LYS B 417 -31.09 -13.24 -1.87
C LYS B 417 -30.40 -12.14 -2.68
N ASP B 418 -30.49 -12.22 -4.02
CA ASP B 418 -29.90 -11.20 -4.89
C ASP B 418 -30.39 -9.79 -4.54
N TYR B 419 -31.69 -9.63 -4.32
CA TYR B 419 -32.18 -8.30 -4.01
C TYR B 419 -31.65 -7.81 -2.66
N PHE B 420 -31.43 -8.74 -1.73
CA PHE B 420 -30.95 -8.33 -0.41
C PHE B 420 -29.48 -7.95 -0.47
N TYR B 421 -28.65 -8.75 -1.16
CA TYR B 421 -27.25 -8.39 -1.31
C TYR B 421 -27.07 -7.13 -2.15
N ALA B 422 -28.06 -6.79 -3.01
CA ALA B 422 -28.02 -5.51 -3.69
C ALA B 422 -28.29 -4.36 -2.74
N SER B 423 -29.21 -4.56 -1.79
CA SER B 423 -29.52 -3.51 -0.83
C SER B 423 -28.45 -3.42 0.25
N ARG B 424 -27.76 -4.51 0.52
CA ARG B 424 -26.75 -4.57 1.58
C ARG B 424 -25.60 -5.41 1.10
N PRO B 425 -24.82 -4.91 0.13
CA PRO B 425 -23.67 -5.69 -0.32
C PRO B 425 -22.67 -5.88 0.79
N GLU B 426 -22.56 -4.93 1.73
CA GLU B 426 -21.58 -5.06 2.80
C GLU B 426 -21.76 -6.38 3.56
N SER B 427 -22.91 -7.02 3.40
CA SER B 427 -23.25 -8.23 4.13
C SER B 427 -22.90 -9.49 3.36
N GLN B 428 -22.56 -9.37 2.08
CA GLN B 428 -22.25 -10.55 1.29
C GLN B 428 -21.30 -11.49 2.04
N ALA B 429 -20.10 -11.03 2.40
CA ALA B 429 -19.02 -11.90 2.86
C ALA B 429 -18.94 -12.03 4.38
N LEU B 430 -20.07 -11.89 5.06
CA LEU B 430 -20.17 -11.97 6.52
C LEU B 430 -20.15 -13.42 6.98
N PRO B 431 -19.50 -13.73 8.10
CA PRO B 431 -19.58 -15.11 8.61
C PRO B 431 -20.95 -15.38 9.21
N TYR B 432 -21.94 -15.79 8.40
CA TYR B 432 -23.29 -15.90 8.94
C TYR B 432 -23.47 -17.13 9.81
N GLY B 433 -22.58 -18.12 9.73
CA GLY B 433 -22.63 -19.22 10.67
C GLY B 433 -23.24 -20.44 10.05
N ASP B 434 -23.37 -21.48 10.87
CA ASP B 434 -23.80 -22.77 10.35
C ASP B 434 -25.32 -22.78 10.13
N ILE B 435 -25.70 -23.00 8.86
CA ILE B 435 -27.09 -22.92 8.42
C ILE B 435 -27.65 -24.30 8.06
N SER B 436 -26.85 -25.37 8.23
CA SER B 436 -27.12 -26.68 7.64
C SER B 436 -28.46 -27.26 8.08
N GLU B 437 -28.64 -27.45 9.39
CA GLU B 437 -29.88 -28.04 9.91
C GLU B 437 -31.10 -27.24 9.46
N LEU B 438 -30.96 -25.92 9.35
CA LEU B 438 -32.08 -25.12 8.86
C LEU B 438 -32.39 -25.43 7.42
N LYS B 439 -31.35 -25.58 6.59
CA LYS B 439 -31.57 -25.96 5.20
C LYS B 439 -32.13 -27.37 5.11
N LYS B 440 -31.66 -28.28 5.97
CA LYS B 440 -32.21 -29.63 5.92
C LYS B 440 -33.67 -29.63 6.34
N PHE B 441 -33.99 -28.94 7.43
CA PHE B 441 -35.38 -28.81 7.84
C PHE B 441 -36.28 -28.40 6.68
N ARG B 442 -35.88 -27.37 5.94
CA ARG B 442 -36.70 -26.90 4.83
C ARG B 442 -36.85 -27.96 3.74
N GLU B 443 -35.77 -28.66 3.41
CA GLU B 443 -35.88 -29.74 2.43
C GLU B 443 -36.73 -30.90 2.96
N ASP B 444 -36.44 -31.35 4.19
CA ASP B 444 -37.21 -32.45 4.77
C ASP B 444 -38.71 -32.17 4.71
N HIS B 445 -39.13 -30.98 5.12
CA HIS B 445 -40.57 -30.69 5.10
C HIS B 445 -41.08 -30.26 3.74
N ASN B 446 -40.30 -30.41 2.67
CA ASN B 446 -40.80 -30.15 1.32
C ASN B 446 -41.45 -28.78 1.25
N CYS B 447 -40.84 -27.80 1.93
CA CYS B 447 -41.39 -26.45 2.00
C CYS B 447 -41.37 -25.82 0.61
N LYS B 448 -42.29 -24.90 0.38
CA LYS B 448 -42.43 -24.32 -0.95
C LYS B 448 -41.44 -23.18 -1.16
N SER B 449 -41.32 -22.76 -2.42
CA SER B 449 -40.27 -21.82 -2.81
C SER B 449 -40.64 -20.40 -2.45
N PHE B 450 -39.61 -19.56 -2.25
CA PHE B 450 -39.86 -18.15 -1.99
C PHE B 450 -40.58 -17.48 -3.17
N LYS B 451 -40.30 -17.92 -4.41
CA LYS B 451 -41.10 -17.49 -5.55
C LYS B 451 -42.58 -17.76 -5.29
N TRP B 452 -42.94 -19.01 -5.00
CA TRP B 452 -44.33 -19.30 -4.64
C TRP B 452 -44.82 -18.33 -3.59
N PHE B 453 -44.02 -18.09 -2.56
CA PHE B 453 -44.44 -17.22 -1.47
C PHE B 453 -44.66 -15.79 -1.93
N MET B 454 -43.75 -15.26 -2.74
CA MET B 454 -43.88 -13.89 -3.21
C MET B 454 -45.12 -13.70 -4.06
N GLU B 455 -45.47 -14.67 -4.92
CA GLU B 455 -46.58 -14.53 -5.85
C GLU B 455 -47.93 -14.98 -5.28
N GLU B 456 -47.95 -15.85 -4.29
CA GLU B 456 -49.22 -16.31 -3.76
C GLU B 456 -49.70 -15.50 -2.55
N ILE B 457 -48.84 -15.26 -1.58
CA ILE B 457 -49.31 -14.61 -0.37
C ILE B 457 -48.71 -13.21 -0.19
N ALA B 458 -47.53 -12.94 -0.74
CA ALA B 458 -46.96 -11.59 -0.62
C ALA B 458 -46.92 -10.83 -1.95
N TYR B 459 -47.97 -10.96 -2.75
CA TYR B 459 -48.06 -10.35 -4.08
C TYR B 459 -48.06 -8.81 -4.05
N ASP B 460 -48.44 -8.16 -2.95
CA ASP B 460 -48.49 -6.70 -2.95
C ASP B 460 -47.15 -6.05 -2.67
N ILE B 461 -46.21 -6.75 -2.05
CA ILE B 461 -45.02 -6.11 -1.52
C ILE B 461 -44.32 -5.29 -2.60
N THR B 462 -43.94 -5.92 -3.72
CA THR B 462 -43.13 -5.23 -4.71
C THR B 462 -43.82 -4.01 -5.32
N SER B 463 -45.12 -3.84 -5.10
CA SER B 463 -45.75 -2.61 -5.56
C SER B 463 -45.49 -1.46 -4.60
N HIS B 464 -45.19 -1.75 -3.34
CA HIS B 464 -44.78 -0.70 -2.42
C HIS B 464 -43.28 -0.56 -2.31
N TYR B 465 -42.54 -1.66 -2.37
CA TYR B 465 -41.09 -1.66 -2.29
C TYR B 465 -40.55 -2.41 -3.49
N PRO B 466 -40.36 -1.70 -4.60
CA PRO B 466 -39.94 -2.35 -5.85
C PRO B 466 -38.58 -3.03 -5.74
N LEU B 467 -38.35 -4.01 -6.61
CA LEU B 467 -37.11 -4.79 -6.60
C LEU B 467 -35.91 -3.91 -6.96
N PRO B 468 -34.81 -3.99 -6.23
CA PRO B 468 -33.72 -3.04 -6.46
C PRO B 468 -32.85 -3.46 -7.63
N PRO B 469 -32.26 -2.50 -8.34
CA PRO B 469 -31.32 -2.83 -9.41
C PRO B 469 -30.04 -3.40 -8.85
N LYS B 470 -29.36 -4.17 -9.68
CA LYS B 470 -28.11 -4.74 -9.25
C LYS B 470 -27.09 -3.63 -9.03
N ASN B 471 -26.09 -3.90 -8.21
CA ASN B 471 -25.05 -2.93 -7.95
C ASN B 471 -23.98 -3.03 -9.02
N VAL B 472 -23.46 -1.87 -9.42
CA VAL B 472 -22.25 -1.80 -10.21
C VAL B 472 -21.00 -1.88 -9.34
N ASP B 473 -21.01 -1.25 -8.16
CA ASP B 473 -19.87 -1.27 -7.24
C ASP B 473 -20.37 -0.73 -5.91
N TRP B 474 -19.65 -1.06 -4.84
CA TRP B 474 -20.03 -0.51 -3.54
C TRP B 474 -18.77 -0.31 -2.70
N GLY B 475 -18.93 0.47 -1.62
CA GLY B 475 -17.87 0.64 -0.64
C GLY B 475 -17.61 2.08 -0.28
N GLU B 476 -16.42 2.34 0.26
CA GLU B 476 -16.00 3.69 0.53
C GLU B 476 -15.69 4.41 -0.77
N ILE B 477 -16.08 5.68 -0.84
CA ILE B 477 -15.66 6.53 -1.93
C ILE B 477 -14.45 7.34 -1.42
N ARG B 478 -13.25 6.84 -1.71
CA ARG B 478 -12.00 7.41 -1.24
C ARG B 478 -11.40 8.31 -2.32
N GLY B 479 -10.88 9.46 -1.90
CA GLY B 479 -10.08 10.27 -2.80
C GLY B 479 -8.81 9.53 -3.18
N PHE B 480 -8.51 9.52 -4.48
CA PHE B 480 -7.45 8.67 -5.03
C PHE B 480 -6.08 8.97 -4.40
N GLU B 481 -5.42 7.94 -3.89
CA GLU B 481 -4.11 8.08 -3.25
C GLU B 481 -4.15 9.02 -2.06
N THR B 482 -5.28 9.04 -1.34
CA THR B 482 -5.43 9.88 -0.15
C THR B 482 -6.09 9.10 0.97
N ALA B 483 -6.29 9.81 2.09
CA ALA B 483 -6.89 9.30 3.31
C ALA B 483 -8.21 9.98 3.59
N TYR B 484 -8.85 10.55 2.57
CA TYR B 484 -10.14 11.18 2.75
C TYR B 484 -11.22 10.39 2.03
N CYS B 485 -12.39 10.31 2.67
CA CYS B 485 -13.53 9.53 2.21
C CYS B 485 -14.76 10.42 2.24
N ILE B 486 -15.60 10.30 1.21
CA ILE B 486 -16.92 10.89 1.30
C ILE B 486 -17.65 10.22 2.45
N ASP B 487 -18.33 11.03 3.26
CA ASP B 487 -18.99 10.45 4.42
C ASP B 487 -20.18 11.31 4.79
N SER B 488 -21.26 10.59 5.10
CA SER B 488 -22.59 11.14 5.22
C SER B 488 -22.76 12.02 6.45
N MET B 489 -21.93 11.86 7.48
CA MET B 489 -22.25 12.41 8.80
C MET B 489 -23.61 11.93 9.27
N GLY B 490 -24.09 10.82 8.69
CA GLY B 490 -25.42 10.33 8.97
C GLY B 490 -26.53 11.25 8.54
N LYS B 491 -26.23 12.32 7.80
CA LYS B 491 -27.24 13.24 7.31
C LYS B 491 -28.27 12.51 6.47
N THR B 492 -29.50 13.02 6.49
CA THR B 492 -30.62 12.42 5.77
C THR B 492 -31.51 13.52 5.19
N ASN B 493 -32.19 13.18 4.09
CA ASN B 493 -33.33 13.92 3.59
C ASN B 493 -33.02 15.40 3.37
N GLY B 494 -31.94 15.68 2.63
CA GLY B 494 -31.66 17.04 2.23
C GLY B 494 -30.36 17.63 2.77
N GLY B 495 -29.72 16.99 3.74
CA GLY B 495 -28.42 17.46 4.20
C GLY B 495 -27.36 17.28 3.15
N PHE B 496 -26.19 17.84 3.43
CA PHE B 496 -25.07 17.80 2.50
C PHE B 496 -23.99 16.86 3.00
N VAL B 497 -23.38 16.16 2.07
CA VAL B 497 -22.44 15.08 2.31
C VAL B 497 -21.04 15.67 2.30
N GLU B 498 -20.19 15.24 3.23
CA GLU B 498 -18.92 15.93 3.48
C GLU B 498 -17.74 15.03 3.13
N LEU B 499 -16.55 15.55 3.42
CA LEU B 499 -15.30 14.79 3.35
C LEU B 499 -14.82 14.54 4.77
N GLY B 500 -14.23 13.36 5.00
CA GLY B 500 -13.73 13.03 6.30
C GLY B 500 -12.62 12.00 6.23
N PRO B 501 -11.82 11.91 7.28
CA PRO B 501 -10.75 10.92 7.29
C PRO B 501 -11.32 9.51 7.19
N CYS B 502 -10.83 8.75 6.21
CA CYS B 502 -11.23 7.37 6.02
C CYS B 502 -10.97 6.55 7.27
N HIS B 503 -11.96 5.75 7.65
CA HIS B 503 -11.86 4.86 8.80
C HIS B 503 -12.23 3.43 8.47
N ARG B 504 -12.53 3.12 7.21
CA ARG B 504 -12.73 1.76 6.69
C ARG B 504 -13.75 0.95 7.48
N MET B 505 -14.55 1.60 8.32
CA MET B 505 -15.57 0.97 9.12
C MET B 505 -16.94 0.97 8.44
N GLY B 506 -17.01 1.31 7.15
CA GLY B 506 -18.30 1.32 6.47
C GLY B 506 -19.22 2.38 7.06
N GLY B 507 -20.48 1.99 7.27
CA GLY B 507 -21.44 2.91 7.85
C GLY B 507 -21.70 4.14 7.01
N ASN B 508 -21.42 5.32 7.56
CA ASN B 508 -21.64 6.57 6.82
C ASN B 508 -20.55 6.86 5.81
N GLN B 509 -19.55 5.99 5.72
CA GLN B 509 -18.53 6.05 4.69
C GLN B 509 -18.71 4.93 3.67
N LEU B 510 -19.89 4.32 3.65
CA LEU B 510 -20.23 3.25 2.73
C LEU B 510 -21.27 3.73 1.73
N PHE B 511 -21.00 3.53 0.45
CA PHE B 511 -21.93 3.87 -0.60
C PHE B 511 -22.06 2.70 -1.56
N ARG B 512 -22.99 2.84 -2.51
CA ARG B 512 -23.11 1.88 -3.59
C ARG B 512 -23.71 2.61 -4.77
N ILE B 513 -23.43 2.09 -5.95
CA ILE B 513 -23.89 2.71 -7.18
C ILE B 513 -24.60 1.64 -8.02
N ASN B 514 -25.83 1.97 -8.43
CA ASN B 514 -26.84 1.16 -9.10
C ASN B 514 -26.52 0.92 -10.58
N GLU B 515 -27.18 -0.09 -11.16
CA GLU B 515 -27.26 -0.16 -12.60
C GLU B 515 -28.20 0.90 -13.14
N ALA B 516 -29.10 1.42 -12.32
CA ALA B 516 -29.96 2.53 -12.67
C ALA B 516 -29.27 3.88 -12.47
N ASN B 517 -27.98 3.90 -12.17
CA ASN B 517 -27.26 5.15 -12.04
C ASN B 517 -27.60 5.88 -10.73
N GLN B 518 -27.92 5.14 -9.67
CA GLN B 518 -28.18 5.74 -8.37
C GLN B 518 -26.97 5.53 -7.47
N LEU B 519 -26.51 6.63 -6.86
CA LEU B 519 -25.48 6.59 -5.83
C LEU B 519 -26.21 6.62 -4.49
N MET B 520 -26.13 5.53 -3.75
CA MET B 520 -26.93 5.41 -2.55
C MET B 520 -26.17 5.01 -1.29
N GLN B 521 -26.69 5.49 -0.16
CA GLN B 521 -26.32 5.01 1.16
C GLN B 521 -27.62 4.65 1.86
N TYR B 522 -27.71 3.45 2.38
CA TYR B 522 -28.95 3.00 2.99
C TYR B 522 -30.09 3.09 1.98
N ASP B 523 -31.18 3.74 2.34
CA ASP B 523 -32.32 3.90 1.46
C ASP B 523 -32.27 5.24 0.72
N GLN B 524 -31.17 5.97 0.88
CA GLN B 524 -31.05 7.32 0.35
C GLN B 524 -30.21 7.43 -0.92
N CYS B 525 -30.36 8.55 -1.62
CA CYS B 525 -29.51 8.82 -2.77
C CYS B 525 -28.85 10.17 -2.60
N LEU B 526 -27.76 10.34 -3.33
CA LEU B 526 -27.16 11.65 -3.44
C LEU B 526 -27.49 12.19 -4.82
N THR B 527 -27.77 13.49 -4.85
CA THR B 527 -28.10 14.21 -6.07
C THR B 527 -27.47 15.58 -5.94
N LYS B 528 -27.76 16.45 -6.91
CA LYS B 528 -27.25 17.82 -6.90
C LYS B 528 -28.25 18.70 -6.19
N GLY B 529 -27.79 19.43 -5.19
CA GLY B 529 -28.65 20.38 -4.52
C GLY B 529 -28.52 21.74 -5.16
N ALA B 530 -29.53 22.15 -5.93
CA ALA B 530 -29.55 23.52 -6.40
C ALA B 530 -29.72 24.46 -5.22
N ASP B 531 -29.13 25.65 -5.30
CA ASP B 531 -28.45 26.10 -6.50
C ASP B 531 -26.96 25.76 -6.42
N GLY B 532 -26.54 25.20 -5.30
CA GLY B 532 -25.15 24.88 -5.13
C GLY B 532 -24.62 23.91 -6.18
N SER B 533 -23.30 23.71 -6.09
CA SER B 533 -22.63 22.54 -6.62
C SER B 533 -22.51 21.46 -5.56
N LYS B 534 -23.24 21.62 -4.46
CA LYS B 534 -23.20 20.69 -3.34
C LYS B 534 -23.92 19.39 -3.69
N VAL B 535 -23.44 18.29 -3.10
CA VAL B 535 -24.03 16.96 -3.24
C VAL B 535 -24.85 16.66 -2.00
N MET B 536 -26.12 16.37 -2.20
CA MET B 536 -27.10 16.27 -1.14
C MET B 536 -27.67 14.86 -1.05
N ILE B 537 -28.04 14.46 0.16
CA ILE B 537 -28.60 13.12 0.44
C ILE B 537 -30.08 13.26 0.76
N THR B 538 -30.93 12.59 -0.03
CA THR B 538 -32.37 12.66 0.20
C THR B 538 -32.98 11.29 0.01
N HIS B 539 -34.25 11.19 0.39
CA HIS B 539 -35.02 10.01 0.10
C HIS B 539 -35.07 9.78 -1.40
N CYS B 540 -35.10 8.50 -1.76
CA CYS B 540 -34.94 8.02 -3.11
C CYS B 540 -36.14 7.16 -3.50
N ASN B 541 -36.53 7.23 -4.78
CA ASN B 541 -37.58 6.37 -5.33
C ASN B 541 -37.08 5.80 -6.66
N LEU B 542 -37.71 4.70 -7.10
CA LEU B 542 -37.07 3.83 -8.09
C LEU B 542 -36.50 4.57 -9.31
N ASN B 543 -37.12 5.66 -9.75
CA ASN B 543 -36.62 6.38 -10.93
C ASN B 543 -36.21 7.81 -10.62
N GLU B 544 -35.88 8.08 -9.36
CA GLU B 544 -35.44 9.41 -8.95
C GLU B 544 -33.92 9.40 -8.85
N PHE B 545 -33.31 10.50 -9.31
CA PHE B 545 -31.88 10.75 -9.12
C PHE B 545 -31.02 9.70 -9.81
N LYS B 546 -31.46 9.17 -10.95
CA LYS B 546 -30.62 8.30 -11.76
C LYS B 546 -29.54 9.12 -12.46
N GLU B 547 -28.58 9.69 -11.71
CA GLU B 547 -27.75 10.74 -12.30
C GLU B 547 -26.24 10.55 -12.11
N TRP B 548 -25.77 9.38 -11.69
CA TRP B 548 -24.35 9.17 -11.48
C TRP B 548 -23.88 8.02 -12.36
N GLN B 549 -22.66 8.14 -12.91
CA GLN B 549 -22.02 6.99 -13.52
C GLN B 549 -20.54 7.02 -13.19
N TYR B 550 -20.01 5.85 -12.85
CA TYR B 550 -18.70 5.70 -12.24
C TYR B 550 -17.79 4.94 -13.19
N PHE B 551 -16.61 5.50 -13.46
CA PHE B 551 -15.65 4.92 -14.39
C PHE B 551 -14.43 4.42 -13.62
N LYS B 552 -14.50 3.18 -13.13
CA LYS B 552 -13.48 2.69 -12.19
C LYS B 552 -12.09 3.01 -12.70
N ASN B 553 -11.84 2.66 -13.96
CA ASN B 553 -10.50 2.85 -14.51
C ASN B 553 -10.14 4.32 -14.60
N LEU B 554 -11.13 5.16 -14.92
CA LEU B 554 -10.98 6.60 -14.99
C LEU B 554 -10.93 7.28 -13.63
N HIS B 555 -11.22 6.57 -12.54
CA HIS B 555 -11.22 7.19 -11.22
C HIS B 555 -12.17 8.38 -11.21
N ARG B 556 -13.28 8.27 -11.94
CA ARG B 556 -14.18 9.39 -12.13
C ARG B 556 -15.60 8.98 -11.79
N PHE B 557 -16.23 9.75 -10.91
CA PHE B 557 -17.67 9.83 -10.83
C PHE B 557 -18.10 11.08 -11.58
N THR B 558 -19.04 10.92 -12.50
CA THR B 558 -19.47 12.03 -13.33
C THR B 558 -20.98 12.16 -13.21
N HIS B 559 -21.42 13.36 -12.86
CA HIS B 559 -22.83 13.72 -12.78
C HIS B 559 -23.38 13.86 -14.19
N ILE B 560 -24.54 13.25 -14.45
CA ILE B 560 -24.95 13.01 -15.84
C ILE B 560 -25.71 14.20 -16.41
N PRO B 561 -26.69 14.76 -15.69
CA PRO B 561 -27.45 15.91 -16.23
C PRO B 561 -26.57 17.12 -16.56
N SER B 562 -25.73 17.54 -15.62
CA SER B 562 -24.59 18.37 -16.00
C SER B 562 -23.54 17.48 -16.65
N GLY B 563 -22.40 18.06 -17.02
CA GLY B 563 -21.28 17.23 -17.40
C GLY B 563 -20.27 17.08 -16.27
N LYS B 564 -20.58 17.65 -15.08
CA LYS B 564 -19.56 17.92 -14.07
C LYS B 564 -19.07 16.63 -13.40
N CYS B 565 -17.87 16.71 -12.86
CA CYS B 565 -17.25 15.60 -12.16
C CYS B 565 -17.49 15.70 -10.63
N LEU B 566 -17.27 14.59 -9.92
CA LEU B 566 -17.30 14.65 -8.47
C LEU B 566 -15.95 15.18 -7.98
N ASP B 567 -15.99 16.14 -7.07
CA ASP B 567 -14.78 16.88 -6.71
C ASP B 567 -14.79 17.08 -5.19
N ARG B 568 -13.63 17.45 -4.65
CA ARG B 568 -13.54 17.80 -3.24
C ARG B 568 -12.54 18.94 -3.05
N SER B 569 -12.60 19.53 -1.86
CA SER B 569 -11.48 20.26 -1.27
C SER B 569 -11.01 19.55 -0.01
N GLU B 570 -9.72 19.26 0.10
CA GLU B 570 -9.28 18.46 1.24
C GLU B 570 -9.16 19.27 2.54
N VAL B 571 -8.96 20.59 2.45
CA VAL B 571 -9.30 21.52 3.52
C VAL B 571 -10.01 22.67 2.84
N LEU B 572 -11.27 22.89 3.18
CA LEU B 572 -11.91 22.12 4.21
C LEU B 572 -12.56 20.90 3.61
N HIS B 573 -13.08 20.07 4.48
CA HIS B 573 -13.58 18.76 4.11
C HIS B 573 -14.87 18.86 3.30
N GLN B 574 -14.75 19.18 2.02
CA GLN B 574 -15.89 19.61 1.21
C GLN B 574 -16.04 18.74 -0.04
N VAL B 575 -17.28 18.31 -0.32
CA VAL B 575 -17.58 17.55 -1.53
C VAL B 575 -18.57 18.32 -2.40
N PHE B 576 -18.29 18.36 -3.70
CA PHE B 576 -19.06 19.17 -4.64
C PHE B 576 -18.79 18.64 -6.04
N ILE B 577 -19.57 19.12 -7.02
CA ILE B 577 -19.32 18.83 -8.43
C ILE B 577 -18.82 20.10 -9.11
N SER B 578 -17.87 19.93 -10.02
CA SER B 578 -17.32 21.03 -10.81
C SER B 578 -17.06 20.53 -12.23
N ASN B 579 -16.67 21.45 -13.12
CA ASN B 579 -16.47 21.07 -14.53
C ASN B 579 -15.29 20.11 -14.68
N CYS B 580 -15.53 18.98 -15.32
CA CYS B 580 -14.49 17.96 -15.37
C CYS B 580 -13.17 18.57 -15.82
N ASP B 581 -12.09 18.16 -15.16
CA ASP B 581 -10.73 18.57 -15.48
C ASP B 581 -9.79 17.44 -15.09
N SER B 582 -9.13 16.85 -16.09
CA SER B 582 -8.33 15.67 -15.84
C SER B 582 -7.05 15.97 -15.07
N SER B 583 -6.62 17.22 -14.98
CA SER B 583 -5.45 17.52 -14.18
C SER B 583 -5.74 17.33 -12.71
N LYS B 584 -6.79 18.02 -12.22
CA LYS B 584 -7.19 18.00 -10.82
C LYS B 584 -7.21 16.59 -10.24
N THR B 585 -6.36 16.33 -9.26
CA THR B 585 -6.50 15.05 -8.58
C THR B 585 -7.69 15.06 -7.64
N THR B 586 -8.27 16.22 -7.38
CA THR B 586 -9.44 16.30 -6.52
C THR B 586 -10.68 15.74 -7.17
N GLN B 587 -10.59 15.28 -8.42
CA GLN B 587 -11.71 14.69 -9.13
C GLN B 587 -11.46 13.22 -9.41
N LYS B 588 -10.46 12.64 -8.77
CA LYS B 588 -10.16 11.23 -8.87
C LYS B 588 -10.60 10.56 -7.58
N TRP B 589 -11.35 9.46 -7.70
CA TRP B 589 -11.83 8.69 -6.58
C TRP B 589 -11.64 7.22 -6.86
N GLU B 590 -11.50 6.43 -5.80
CA GLU B 590 -11.64 4.99 -5.90
C GLU B 590 -12.84 4.55 -5.07
N MET B 591 -13.49 3.46 -5.50
CA MET B 591 -14.55 2.83 -4.72
C MET B 591 -14.06 1.48 -4.26
N ASN B 592 -13.97 1.29 -2.95
CA ASN B 592 -13.38 0.09 -2.37
C ASN B 592 -14.37 -0.61 -1.46
N ASN B 593 -14.49 -1.92 -1.62
CA ASN B 593 -15.28 -2.74 -0.71
C ASN B 593 -14.72 -2.68 0.70
N ILE B 594 -15.59 -2.42 1.66
CA ILE B 594 -15.23 -2.50 3.08
C ILE B 594 -15.84 -3.79 3.63
N HIS B 595 -15.01 -4.78 3.89
CA HIS B 595 -15.47 -6.03 4.46
C HIS B 595 -15.47 -5.95 5.98
N SER B 596 -16.57 -6.39 6.59
CA SER B 596 -16.68 -6.53 8.02
C SER B 596 -16.59 -8.02 8.36
N VAL B 597 -15.70 -8.37 9.28
CA VAL B 597 -15.49 -9.76 9.65
C VAL B 597 -16.23 -10.09 10.94
N TYR C 52 3.61 -70.55 8.19
CA TYR C 52 2.65 -71.06 7.20
C TYR C 52 1.35 -70.24 7.17
N LEU C 53 1.19 -69.30 8.10
CA LEU C 53 0.04 -68.40 8.08
C LEU C 53 0.14 -67.41 6.93
N THR C 54 -1.00 -67.16 6.28
CA THR C 54 -1.07 -66.30 5.10
C THR C 54 -2.23 -65.31 5.25
N PHE C 55 -2.16 -64.20 4.52
CA PHE C 55 -3.28 -63.27 4.45
C PHE C 55 -4.28 -63.73 3.39
N LYS C 56 -5.51 -63.27 3.51
CA LYS C 56 -6.56 -63.82 2.66
C LYS C 56 -6.39 -63.26 1.24
N PRO C 57 -6.60 -64.09 0.22
CA PRO C 57 -6.19 -63.70 -1.13
C PRO C 57 -7.13 -62.67 -1.74
N GLN C 58 -6.60 -61.95 -2.73
CA GLN C 58 -7.40 -60.94 -3.41
C GLN C 58 -8.52 -61.60 -4.18
N THR C 59 -9.75 -61.20 -3.92
CA THR C 59 -10.86 -61.66 -4.75
C THR C 59 -11.48 -60.55 -5.56
N PHE C 60 -11.39 -59.31 -5.09
CA PHE C 60 -11.83 -58.11 -5.79
C PHE C 60 -10.99 -57.87 -7.04
N THR C 61 -11.64 -57.63 -8.18
CA THR C 61 -10.91 -57.32 -9.41
C THR C 61 -11.01 -55.82 -9.68
N TYR C 62 -9.88 -55.15 -9.83
CA TYR C 62 -9.84 -53.71 -10.07
C TYR C 62 -8.75 -53.37 -11.06
N HIS C 63 -8.84 -52.23 -11.74
CA HIS C 63 -7.80 -51.81 -12.67
C HIS C 63 -7.04 -50.57 -12.22
N ASP C 64 -5.70 -50.63 -12.18
CA ASP C 64 -4.92 -49.44 -11.90
C ASP C 64 -5.35 -48.29 -12.80
N PRO C 65 -5.30 -47.05 -12.33
CA PRO C 65 -5.75 -45.94 -13.16
C PRO C 65 -4.82 -45.66 -14.33
N VAL C 66 -5.32 -44.79 -15.21
CA VAL C 66 -4.71 -44.46 -16.48
C VAL C 66 -4.58 -42.95 -16.55
N LEU C 67 -3.42 -42.49 -16.99
CA LEU C 67 -3.15 -41.07 -17.13
C LEU C 67 -3.38 -40.66 -18.58
N ARG C 68 -4.37 -39.80 -18.81
CA ARG C 68 -4.70 -39.32 -20.16
C ARG C 68 -4.46 -37.82 -20.21
N PRO C 69 -3.20 -37.38 -20.35
CA PRO C 69 -2.94 -35.94 -20.28
C PRO C 69 -3.84 -35.20 -21.23
N GLY C 70 -4.32 -34.06 -20.78
CA GLY C 70 -5.15 -33.21 -21.60
C GLY C 70 -6.62 -33.54 -21.57
N ILE C 71 -7.00 -34.68 -21.00
CA ILE C 71 -8.40 -35.04 -20.83
C ILE C 71 -8.69 -35.11 -19.34
N LEU C 72 -9.53 -34.18 -18.89
CA LEU C 72 -9.91 -34.04 -17.50
C LEU C 72 -10.67 -35.29 -17.02
N GLY C 73 -11.17 -35.19 -15.79
CA GLY C 73 -12.11 -36.16 -15.22
C GLY C 73 -11.31 -37.33 -14.76
N ASN C 74 -11.98 -38.42 -14.35
CA ASN C 74 -13.45 -38.57 -14.26
C ASN C 74 -13.94 -38.36 -12.82
N PHE C 75 -13.01 -38.21 -11.88
CA PHE C 75 -13.34 -37.80 -10.52
C PHE C 75 -12.94 -36.36 -10.27
N GLU C 76 -12.51 -35.65 -11.31
CA GLU C 76 -12.14 -34.26 -11.15
C GLU C 76 -13.39 -33.41 -11.18
N PRO C 77 -13.62 -32.58 -10.16
CA PRO C 77 -14.83 -31.75 -10.20
C PRO C 77 -14.95 -31.06 -11.54
N LYS C 78 -16.14 -31.22 -12.13
CA LYS C 78 -16.44 -30.61 -13.43
C LYS C 78 -16.31 -29.09 -13.35
N GLU C 79 -16.89 -28.46 -12.34
CA GLU C 79 -16.89 -27.01 -12.21
C GLU C 79 -16.34 -26.62 -10.85
N PRO C 80 -15.94 -25.34 -10.69
CA PRO C 80 -15.27 -24.92 -9.45
C PRO C 80 -16.13 -25.03 -8.21
N GLU C 81 -15.47 -25.23 -7.08
CA GLU C 81 -16.18 -25.63 -5.87
C GLU C 81 -16.97 -24.45 -5.30
N PRO C 82 -18.28 -24.58 -5.13
CA PRO C 82 -19.07 -23.52 -4.47
C PRO C 82 -18.41 -23.12 -3.17
N PRO C 83 -18.34 -21.83 -2.84
CA PRO C 83 -17.81 -21.46 -1.52
C PRO C 83 -18.83 -21.71 -0.43
N GLY C 84 -18.33 -21.86 0.80
CA GLY C 84 -19.21 -21.94 1.94
C GLY C 84 -19.95 -20.64 2.17
N VAL C 85 -19.23 -19.51 2.11
CA VAL C 85 -19.82 -18.18 2.15
C VAL C 85 -19.12 -17.34 1.11
N VAL C 86 -19.88 -16.75 0.20
CA VAL C 86 -19.35 -15.85 -0.83
C VAL C 86 -18.97 -14.53 -0.17
N GLY C 87 -17.70 -14.18 -0.20
CA GLY C 87 -16.71 -15.04 -0.75
C GLY C 87 -15.66 -15.05 0.32
N GLY C 88 -15.92 -14.42 1.47
CA GLY C 88 -14.99 -14.54 2.59
C GLY C 88 -15.67 -15.17 3.79
N PRO C 89 -14.97 -15.29 4.94
CA PRO C 89 -13.53 -15.34 5.20
C PRO C 89 -12.99 -16.76 5.37
N GLY C 90 -11.77 -17.01 4.88
CA GLY C 90 -11.22 -18.34 4.88
C GLY C 90 -11.25 -19.07 3.55
N GLU C 91 -12.03 -18.61 2.59
CA GLU C 91 -11.96 -19.15 1.25
C GLU C 91 -11.06 -18.27 0.39
N LYS C 92 -10.44 -18.86 -0.63
CA LYS C 92 -10.55 -20.27 -0.91
C LYS C 92 -9.87 -20.91 0.29
N ALA C 93 -8.54 -20.82 0.42
CA ALA C 93 -7.89 -20.93 1.73
C ALA C 93 -7.15 -19.65 2.07
N LYS C 94 -7.74 -18.50 1.78
CA LYS C 94 -7.10 -17.21 1.99
C LYS C 94 -6.77 -17.00 3.46
N PRO C 95 -5.54 -16.65 3.81
CA PRO C 95 -5.23 -16.50 5.24
C PRO C 95 -6.15 -15.47 5.88
N LEU C 96 -6.60 -15.79 7.08
CA LEU C 96 -7.54 -14.97 7.86
C LEU C 96 -6.74 -14.28 8.97
N VAL C 97 -6.44 -13.00 8.79
CA VAL C 97 -5.69 -12.24 9.79
C VAL C 97 -6.68 -11.41 10.60
N LEU C 98 -6.57 -11.47 11.92
CA LEU C 98 -7.49 -10.81 12.82
C LEU C 98 -6.76 -9.76 13.67
N GLY C 99 -7.45 -9.26 14.71
CA GLY C 99 -6.87 -8.46 15.77
C GLY C 99 -6.61 -7.10 15.24
N PRO C 100 -6.10 -6.18 16.08
CA PRO C 100 -5.82 -6.50 17.47
C PRO C 100 -7.06 -6.49 18.32
N GLU C 101 -8.20 -6.01 17.81
CA GLU C 101 -9.41 -6.04 18.63
C GLU C 101 -9.76 -7.46 19.04
N PHE C 102 -9.18 -8.43 18.35
CA PHE C 102 -9.46 -9.82 18.58
C PHE C 102 -8.42 -10.52 19.42
N LYS C 103 -7.38 -9.81 19.83
CA LYS C 103 -6.22 -10.44 20.46
C LYS C 103 -6.48 -11.17 21.76
N GLN C 104 -7.24 -10.59 22.67
CA GLN C 104 -7.49 -11.24 23.95
C GLN C 104 -8.26 -12.52 23.76
N ALA C 105 -9.28 -12.46 22.92
CA ALA C 105 -10.13 -13.59 22.67
C ALA C 105 -9.32 -14.68 22.03
N ILE C 106 -8.45 -14.30 21.12
CA ILE C 106 -7.66 -15.31 20.44
C ILE C 106 -6.74 -16.00 21.42
N GLN C 107 -6.06 -15.22 22.24
CA GLN C 107 -5.18 -15.83 23.22
C GLN C 107 -5.95 -16.81 24.10
N ALA C 108 -7.13 -16.41 24.58
CA ALA C 108 -7.86 -17.28 25.48
C ALA C 108 -8.17 -18.61 24.81
N SER C 109 -8.50 -18.57 23.51
CA SER C 109 -8.82 -19.77 22.76
C SER C 109 -7.57 -20.60 22.48
N ILE C 110 -6.42 -19.96 22.22
CA ILE C 110 -5.21 -20.76 22.06
C ILE C 110 -4.89 -21.50 23.35
N LYS C 111 -5.05 -20.83 24.49
CA LYS C 111 -4.80 -21.50 25.76
C LYS C 111 -5.67 -22.74 25.92
N GLU C 112 -6.92 -22.69 25.42
CA GLU C 112 -7.82 -23.82 25.67
C GLU C 112 -7.61 -24.97 24.67
N PHE C 113 -7.23 -24.67 23.42
CA PHE C 113 -7.22 -25.66 22.35
C PHE C 113 -5.90 -25.77 21.59
N GLY C 114 -5.02 -24.76 21.66
CA GLY C 114 -3.80 -24.73 20.86
C GLY C 114 -4.00 -24.30 19.43
N PHE C 115 -5.22 -23.90 19.07
CA PHE C 115 -5.57 -23.32 17.79
C PHE C 115 -6.23 -21.98 18.03
N ASN C 116 -6.10 -21.08 17.07
CA ASN C 116 -6.84 -19.84 17.07
C ASN C 116 -8.26 -20.22 16.71
N MET C 117 -9.07 -20.45 17.74
CA MET C 117 -10.46 -20.85 17.50
C MET C 117 -11.36 -19.68 17.16
N VAL C 118 -11.01 -18.45 17.55
CA VAL C 118 -11.91 -17.38 17.15
C VAL C 118 -11.81 -17.18 15.65
N ALA C 119 -10.62 -17.36 15.07
CA ALA C 119 -10.48 -17.40 13.62
C ALA C 119 -11.28 -18.55 13.03
N SER C 120 -11.00 -19.77 13.49
CA SER C 120 -11.65 -20.93 12.90
C SER C 120 -13.17 -20.85 13.00
N ASP C 121 -13.69 -20.08 13.96
CA ASP C 121 -15.14 -19.97 14.13
C ASP C 121 -15.78 -19.06 13.11
N MET C 122 -15.02 -18.19 12.42
CA MET C 122 -15.62 -17.36 11.39
C MET C 122 -15.36 -17.89 10.00
N ILE C 123 -14.79 -19.08 9.90
CA ILE C 123 -14.56 -19.78 8.63
C ILE C 123 -15.64 -20.84 8.48
N SER C 124 -16.24 -20.91 7.29
CA SER C 124 -17.35 -21.84 7.07
C SER C 124 -16.90 -23.27 7.27
N LEU C 125 -17.73 -24.07 7.95
CA LEU C 125 -17.43 -25.50 7.98
C LEU C 125 -17.32 -26.07 6.57
N ASP C 126 -18.03 -25.48 5.61
CA ASP C 126 -18.07 -25.94 4.23
C ASP C 126 -17.21 -25.08 3.31
N ARG C 127 -16.19 -24.43 3.87
CA ARG C 127 -15.33 -23.55 3.08
C ARG C 127 -14.63 -24.31 1.97
N SER C 128 -14.47 -23.63 0.83
CA SER C 128 -13.58 -24.14 -0.21
C SER C 128 -12.13 -23.94 0.19
N VAL C 129 -11.20 -24.43 -0.62
CA VAL C 129 -9.81 -24.60 -0.19
C VAL C 129 -8.94 -24.50 -1.44
N ASN C 130 -7.68 -24.10 -1.25
CA ASN C 130 -6.72 -24.07 -2.35
C ASN C 130 -6.33 -25.48 -2.79
N ASP C 131 -5.93 -25.62 -4.06
CA ASP C 131 -5.54 -26.91 -4.63
C ASP C 131 -4.03 -26.98 -4.62
N LEU C 132 -3.49 -27.95 -3.87
CA LEU C 132 -2.06 -28.13 -3.77
C LEU C 132 -1.53 -29.32 -4.57
N ARG C 133 -2.41 -30.09 -5.17
CA ARG C 133 -1.97 -31.19 -6.00
C ARG C 133 -1.38 -30.62 -7.26
N GLN C 134 -0.46 -31.35 -7.86
CA GLN C 134 0.15 -30.99 -9.12
C GLN C 134 -0.89 -31.14 -10.19
N GLU C 135 -0.64 -30.52 -11.32
CA GLU C 135 -1.60 -30.49 -12.40
C GLU C 135 -1.92 -31.87 -12.92
N GLU C 136 -0.92 -32.72 -13.00
CA GLU C 136 -1.02 -34.02 -13.63
C GLU C 136 -2.07 -34.84 -12.92
N CYS C 137 -2.27 -34.56 -11.65
CA CYS C 137 -3.19 -35.28 -10.84
C CYS C 137 -4.58 -35.18 -11.40
N LYS C 138 -4.90 -34.08 -12.06
CA LYS C 138 -6.23 -33.90 -12.59
C LYS C 138 -6.52 -34.78 -13.79
N TYR C 139 -5.54 -35.49 -14.34
CA TYR C 139 -5.77 -36.24 -15.56
C TYR C 139 -5.73 -37.74 -15.38
N TRP C 140 -5.77 -38.24 -14.13
CA TRP C 140 -5.97 -39.66 -13.90
C TRP C 140 -7.43 -40.03 -14.04
N HIS C 141 -7.69 -41.17 -14.67
CA HIS C 141 -9.02 -41.77 -14.75
C HIS C 141 -9.01 -43.06 -13.94
N TYR C 142 -9.98 -43.18 -13.06
CA TYR C 142 -10.01 -44.22 -12.07
C TYR C 142 -11.17 -45.15 -12.32
N ASP C 143 -11.03 -46.37 -11.83
CA ASP C 143 -11.91 -47.46 -12.17
C ASP C 143 -13.36 -47.24 -11.80
N GLU C 144 -13.60 -46.62 -10.66
CA GLU C 144 -14.95 -46.28 -10.20
C GLU C 144 -15.58 -47.42 -9.46
N ASN C 145 -14.90 -48.55 -9.47
CA ASN C 145 -15.35 -49.75 -8.85
C ASN C 145 -14.64 -49.89 -7.54
N LEU C 146 -14.38 -48.75 -6.94
CA LEU C 146 -13.62 -48.65 -5.74
C LEU C 146 -14.30 -49.34 -4.60
N LEU C 147 -13.50 -49.80 -3.65
CA LEU C 147 -14.01 -50.19 -2.34
C LEU C 147 -14.67 -49.00 -1.67
N THR C 148 -15.58 -49.30 -0.73
CA THR C 148 -16.18 -48.33 0.16
C THR C 148 -15.25 -48.11 1.35
N SER C 149 -15.50 -47.04 2.10
CA SER C 149 -14.66 -46.69 3.24
C SER C 149 -15.49 -46.34 4.47
N SER C 150 -14.98 -46.70 5.65
CA SER C 150 -15.40 -46.10 6.92
C SER C 150 -14.28 -45.19 7.39
N VAL C 151 -14.48 -43.87 7.34
CA VAL C 151 -13.49 -42.95 7.92
C VAL C 151 -13.74 -42.88 9.42
N VAL C 152 -12.71 -43.11 10.22
CA VAL C 152 -12.84 -42.97 11.67
C VAL C 152 -11.97 -41.81 12.12
N ILE C 153 -12.54 -40.98 12.99
CA ILE C 153 -11.90 -39.81 13.54
C ILE C 153 -11.97 -39.97 15.05
N VAL C 154 -10.83 -40.15 15.68
CA VAL C 154 -10.78 -40.13 17.14
C VAL C 154 -10.65 -38.69 17.59
N PHE C 155 -11.26 -38.35 18.74
CA PHE C 155 -11.12 -36.99 19.21
C PHE C 155 -11.13 -36.96 20.74
N HIS C 156 -10.43 -35.94 21.27
CA HIS C 156 -10.43 -35.67 22.71
C HIS C 156 -10.45 -34.16 22.92
N ASN C 157 -11.62 -33.61 23.28
CA ASN C 157 -11.78 -32.20 23.64
C ASN C 157 -11.53 -31.26 22.46
N GLU C 158 -11.86 -31.72 21.26
CA GLU C 158 -11.58 -30.95 20.04
C GLU C 158 -12.53 -29.77 19.94
N GLY C 159 -12.03 -28.64 19.44
CA GLY C 159 -12.90 -27.51 19.21
C GLY C 159 -14.06 -27.88 18.29
N TRP C 160 -15.24 -27.31 18.56
CA TRP C 160 -16.41 -27.63 17.75
C TRP C 160 -16.15 -27.42 16.25
N SER C 161 -15.70 -26.22 15.86
CA SER C 161 -15.59 -25.93 14.43
C SER C 161 -14.46 -26.68 13.76
N THR C 162 -13.39 -27.04 14.49
CA THR C 162 -12.34 -27.82 13.84
C THR C 162 -12.81 -29.26 13.63
N LEU C 163 -13.51 -29.82 14.61
CA LEU C 163 -14.03 -31.18 14.48
C LEU C 163 -15.04 -31.26 13.35
N MET C 164 -16.04 -30.37 13.36
CA MET C 164 -17.08 -30.46 12.34
C MET C 164 -16.57 -30.04 10.96
N ARG C 165 -15.62 -29.12 10.88
CA ARG C 165 -15.08 -28.82 9.57
C ARG C 165 -14.39 -30.05 8.95
N THR C 166 -13.70 -30.86 9.76
CA THR C 166 -13.18 -32.12 9.25
C THR C 166 -14.30 -32.96 8.63
N VAL C 167 -15.40 -33.14 9.39
CA VAL C 167 -16.52 -33.95 8.93
C VAL C 167 -17.17 -33.32 7.71
N HIS C 168 -17.47 -32.04 7.78
CA HIS C 168 -18.06 -31.37 6.62
C HIS C 168 -17.21 -31.60 5.38
N SER C 169 -15.89 -31.44 5.52
CA SER C 169 -15.01 -31.58 4.38
C SER C 169 -15.10 -32.99 3.78
N VAL C 170 -14.99 -34.03 4.61
CA VAL C 170 -15.16 -35.38 4.11
C VAL C 170 -16.43 -35.48 3.28
N ILE C 171 -17.54 -35.05 3.86
CA ILE C 171 -18.82 -35.14 3.18
C ILE C 171 -18.87 -34.28 1.93
N LYS C 172 -18.24 -33.12 1.95
CA LYS C 172 -18.33 -32.25 0.78
C LYS C 172 -17.48 -32.73 -0.39
N ARG C 173 -16.42 -33.51 -0.15
CA ARG C 173 -15.45 -33.79 -1.20
C ARG C 173 -15.29 -35.27 -1.53
N THR C 174 -16.07 -36.14 -0.90
CA THR C 174 -16.10 -37.56 -1.18
C THR C 174 -17.40 -37.94 -1.87
N PRO C 175 -17.34 -38.66 -3.00
CA PRO C 175 -18.58 -39.19 -3.60
C PRO C 175 -19.40 -39.93 -2.56
N ARG C 176 -20.71 -39.80 -2.66
CA ARG C 176 -21.59 -40.37 -1.65
C ARG C 176 -21.53 -41.88 -1.61
N LYS C 177 -21.42 -42.53 -2.78
CA LYS C 177 -21.61 -43.98 -2.88
C LYS C 177 -20.45 -44.77 -2.29
N TYR C 178 -19.29 -44.14 -2.03
CA TYR C 178 -18.17 -44.87 -1.45
C TYR C 178 -18.04 -44.63 0.03
N LEU C 179 -18.80 -43.67 0.58
CA LEU C 179 -18.65 -43.24 1.97
C LEU C 179 -19.66 -44.01 2.80
N ALA C 180 -19.26 -45.16 3.30
CA ALA C 180 -20.18 -46.02 4.05
C ALA C 180 -20.61 -45.39 5.37
N GLU C 181 -19.70 -44.66 6.03
CA GLU C 181 -19.99 -44.07 7.34
C GLU C 181 -18.80 -43.21 7.76
N ILE C 182 -19.06 -42.26 8.65
CA ILE C 182 -18.03 -41.52 9.37
C ILE C 182 -18.23 -41.83 10.85
N VAL C 183 -17.26 -42.51 11.45
CA VAL C 183 -17.34 -42.98 12.84
C VAL C 183 -16.48 -42.09 13.70
N LEU C 184 -17.10 -41.32 14.57
CA LEU C 184 -16.37 -40.50 15.54
C LEU C 184 -16.22 -41.29 16.83
N ILE C 185 -14.98 -41.36 17.33
CA ILE C 185 -14.63 -42.07 18.55
C ILE C 185 -14.25 -41.02 19.56
N ASP C 186 -15.05 -40.90 20.60
CA ASP C 186 -14.87 -39.88 21.62
C ASP C 186 -13.99 -40.52 22.68
N ASP C 187 -12.75 -40.10 22.77
CA ASP C 187 -11.89 -40.66 23.79
C ASP C 187 -12.01 -39.94 25.11
N PHE C 188 -13.16 -40.07 25.75
CA PHE C 188 -13.37 -39.51 27.08
C PHE C 188 -13.21 -38.01 27.27
N SER C 189 -13.72 -37.22 26.33
CA SER C 189 -13.67 -35.76 26.45
C SER C 189 -14.58 -35.23 27.56
N ASN C 190 -14.18 -34.13 28.20
CA ASN C 190 -15.04 -33.48 29.18
C ASN C 190 -15.79 -32.26 28.65
N LYS C 191 -15.32 -31.62 27.59
CA LYS C 191 -15.94 -30.38 27.16
C LYS C 191 -17.38 -30.62 26.73
N GLU C 192 -18.25 -29.73 27.18
CA GLU C 192 -19.70 -29.80 27.02
C GLU C 192 -20.20 -29.77 25.58
N HIS C 193 -19.57 -28.97 24.74
CA HIS C 193 -19.98 -28.84 23.36
C HIS C 193 -19.85 -30.16 22.63
N LEU C 194 -18.96 -31.01 23.10
CA LEU C 194 -18.79 -32.34 22.51
C LEU C 194 -19.88 -33.35 22.84
N LYS C 195 -20.72 -33.06 23.82
CA LYS C 195 -21.76 -33.99 24.20
C LYS C 195 -23.16 -33.42 24.00
N GLU C 196 -24.07 -34.24 23.52
CA GLU C 196 -25.46 -33.84 23.43
C GLU C 196 -25.67 -32.87 22.32
N LYS C 197 -24.93 -31.77 22.36
CA LYS C 197 -25.00 -30.81 21.31
C LYS C 197 -24.54 -31.53 20.07
N LEU C 198 -23.48 -32.31 20.22
CA LEU C 198 -22.97 -33.13 19.15
C LEU C 198 -23.94 -34.20 18.72
N ASP C 199 -24.57 -34.87 19.69
CA ASP C 199 -25.48 -35.95 19.38
C ASP C 199 -26.63 -35.41 18.57
N GLU C 200 -27.11 -34.25 18.98
CA GLU C 200 -28.26 -33.61 18.33
C GLU C 200 -27.89 -33.03 16.97
N TYR C 201 -26.66 -32.49 16.85
CA TYR C 201 -26.19 -31.92 15.58
C TYR C 201 -25.95 -33.00 14.55
N ILE C 202 -25.34 -34.10 14.96
CA ILE C 202 -24.97 -35.17 14.04
C ILE C 202 -26.17 -35.67 13.25
N LYS C 203 -27.38 -35.59 13.83
CA LYS C 203 -28.59 -36.01 13.12
C LYS C 203 -28.72 -35.34 11.77
N LEU C 204 -27.99 -34.24 11.55
CA LEU C 204 -27.94 -33.57 10.26
C LEU C 204 -27.77 -34.54 9.11
N TRP C 205 -26.95 -35.57 9.29
CA TRP C 205 -26.54 -36.46 8.22
C TRP C 205 -27.26 -37.80 8.23
N ASN C 206 -28.45 -37.85 8.83
CA ASN C 206 -29.35 -39.01 8.73
C ASN C 206 -28.65 -40.32 9.08
N GLY C 207 -27.86 -40.34 10.15
CA GLY C 207 -27.24 -41.57 10.56
C GLY C 207 -25.92 -41.89 9.90
N LEU C 208 -25.61 -41.23 8.78
CA LEU C 208 -24.34 -41.45 8.08
C LEU C 208 -23.15 -41.22 9.00
N VAL C 209 -23.30 -40.35 9.98
CA VAL C 209 -22.23 -40.04 10.94
C VAL C 209 -22.72 -40.47 12.31
N LYS C 210 -21.84 -41.12 13.06
CA LYS C 210 -22.18 -41.69 14.34
C LYS C 210 -21.03 -41.39 15.29
N VAL C 211 -21.34 -41.38 16.59
CA VAL C 211 -20.32 -41.20 17.61
C VAL C 211 -20.42 -42.34 18.60
N PHE C 212 -19.27 -42.78 19.08
CA PHE C 212 -19.19 -43.81 20.11
C PHE C 212 -18.27 -43.30 21.22
N ARG C 213 -18.76 -43.35 22.46
CA ARG C 213 -18.08 -42.83 23.63
C ARG C 213 -17.28 -43.91 24.32
N ASN C 214 -16.09 -43.57 24.79
CA ASN C 214 -15.28 -44.49 25.59
C ASN C 214 -15.53 -44.24 27.08
N GLU C 215 -15.51 -45.32 27.85
CA GLU C 215 -15.79 -45.19 29.28
C GLU C 215 -14.62 -44.58 30.02
N ARG C 216 -13.41 -44.78 29.52
CA ARG C 216 -12.20 -44.21 30.08
C ARG C 216 -11.36 -43.66 28.93
N ARG C 217 -10.40 -42.80 29.26
CA ARG C 217 -9.51 -42.25 28.25
C ARG C 217 -8.55 -43.36 27.83
N GLU C 218 -8.81 -43.98 26.68
CA GLU C 218 -8.05 -45.11 26.22
C GLU C 218 -6.73 -44.73 25.56
N GLY C 219 -6.51 -43.44 25.29
CA GLY C 219 -5.34 -43.02 24.54
C GLY C 219 -5.52 -43.16 23.04
N LEU C 220 -4.73 -42.37 22.30
CA LEU C 220 -4.85 -42.31 20.85
C LEU C 220 -4.74 -43.68 20.22
N ILE C 221 -3.66 -44.41 20.53
CA ILE C 221 -3.37 -45.68 19.85
C ILE C 221 -4.53 -46.66 20.02
N GLN C 222 -4.85 -47.00 21.27
CA GLN C 222 -5.91 -47.97 21.46
C GLN C 222 -7.26 -47.44 20.98
N ALA C 223 -7.42 -46.11 20.89
CA ALA C 223 -8.70 -45.55 20.44
C ALA C 223 -8.92 -45.79 18.95
N ARG C 224 -7.86 -45.73 18.14
CA ARG C 224 -7.97 -46.14 16.74
C ARG C 224 -8.38 -47.60 16.64
N SER C 225 -7.85 -48.45 17.53
CA SER C 225 -8.22 -49.84 17.50
C SER C 225 -9.71 -50.02 17.80
N ILE C 226 -10.19 -49.39 18.87
CA ILE C 226 -11.62 -49.42 19.15
C ILE C 226 -12.39 -48.99 17.91
N GLY C 227 -12.02 -47.84 17.34
CA GLY C 227 -12.65 -47.40 16.10
C GLY C 227 -12.71 -48.50 15.07
N ALA C 228 -11.57 -49.12 14.77
CA ALA C 228 -11.54 -50.24 13.83
C ALA C 228 -12.63 -51.27 14.14
N GLN C 229 -12.87 -51.50 15.43
CA GLN C 229 -13.91 -52.44 15.84
C GLN C 229 -15.31 -51.85 15.70
N LYS C 230 -15.47 -50.55 16.01
CA LYS C 230 -16.81 -49.99 15.94
C LYS C 230 -17.20 -49.54 14.54
N ALA C 231 -16.28 -49.49 13.60
CA ALA C 231 -16.55 -49.05 12.23
C ALA C 231 -16.64 -50.29 11.36
N LYS C 232 -17.85 -50.79 11.16
CA LYS C 232 -18.08 -52.08 10.56
C LYS C 232 -18.62 -52.01 9.14
N LEU C 233 -19.01 -50.82 8.68
CA LEU C 233 -19.74 -50.80 7.42
C LEU C 233 -18.82 -50.78 6.21
N GLY C 234 -17.68 -50.14 6.29
CA GLY C 234 -16.87 -49.93 5.12
C GLY C 234 -15.88 -51.04 4.85
N GLN C 235 -15.47 -51.13 3.58
CA GLN C 235 -14.50 -52.16 3.21
C GLN C 235 -13.08 -51.71 3.53
N VAL C 236 -12.81 -50.41 3.49
CA VAL C 236 -11.56 -49.89 4.00
C VAL C 236 -11.85 -48.95 5.16
N LEU C 237 -10.87 -48.86 6.05
CA LEU C 237 -10.84 -47.86 7.10
C LEU C 237 -9.92 -46.73 6.67
N ILE C 238 -10.43 -45.50 6.67
CA ILE C 238 -9.59 -44.30 6.51
C ILE C 238 -9.54 -43.59 7.85
N TYR C 239 -8.37 -43.51 8.44
CA TYR C 239 -8.18 -42.76 9.68
C TYR C 239 -7.83 -41.30 9.39
N LEU C 240 -8.35 -40.39 10.22
CA LEU C 240 -8.22 -38.94 10.05
C LEU C 240 -8.11 -38.29 11.42
N ASP C 241 -7.19 -37.33 11.57
CA ASP C 241 -7.16 -36.50 12.78
C ASP C 241 -8.49 -35.74 12.87
N ALA C 242 -8.84 -35.30 14.06
CA ALA C 242 -10.07 -34.54 14.17
C ALA C 242 -9.89 -33.08 13.82
N HIS C 243 -8.73 -32.71 13.27
CA HIS C 243 -8.49 -31.34 12.83
C HIS C 243 -7.85 -31.41 11.44
N CYS C 244 -8.61 -31.94 10.48
CA CYS C 244 -8.16 -32.10 9.10
C CYS C 244 -9.14 -31.47 8.13
N GLU C 245 -8.65 -31.20 6.94
CA GLU C 245 -9.45 -30.72 5.82
C GLU C 245 -8.98 -31.47 4.61
N VAL C 246 -9.86 -32.14 3.97
CA VAL C 246 -9.53 -33.07 2.91
C VAL C 246 -9.60 -32.33 1.59
N ALA C 247 -8.76 -32.71 0.63
CA ALA C 247 -8.61 -32.00 -0.63
C ALA C 247 -9.55 -32.55 -1.71
N VAL C 248 -9.57 -31.90 -2.87
CA VAL C 248 -10.51 -32.33 -3.89
C VAL C 248 -9.98 -33.62 -4.53
N ASN C 249 -10.92 -34.53 -4.82
CA ASN C 249 -10.62 -35.86 -5.30
C ASN C 249 -9.53 -36.54 -4.47
N TRP C 250 -9.65 -36.44 -3.15
CA TRP C 250 -8.74 -37.16 -2.27
C TRP C 250 -9.02 -38.67 -2.22
N TYR C 251 -10.23 -39.11 -2.54
CA TYR C 251 -10.64 -40.47 -2.18
C TYR C 251 -10.16 -41.49 -3.20
N ALA C 252 -10.51 -41.30 -4.47
CA ALA C 252 -10.19 -42.27 -5.51
C ALA C 252 -8.71 -42.60 -5.57
N PRO C 253 -7.83 -41.61 -5.69
CA PRO C 253 -6.39 -41.89 -5.62
C PRO C 253 -6.02 -42.71 -4.41
N LEU C 254 -6.60 -42.39 -3.25
CA LEU C 254 -6.18 -42.99 -2.00
C LEU C 254 -6.62 -44.45 -1.90
N VAL C 255 -7.77 -44.79 -2.47
CA VAL C 255 -8.36 -46.11 -2.31
C VAL C 255 -8.17 -47.00 -3.53
N ALA C 256 -7.85 -46.44 -4.69
CA ALA C 256 -7.57 -47.27 -5.86
C ALA C 256 -6.48 -48.30 -5.62
N PRO C 257 -5.32 -47.97 -5.05
CA PRO C 257 -4.33 -49.01 -4.76
C PRO C 257 -4.87 -50.10 -3.87
N ILE C 258 -5.67 -49.75 -2.87
CA ILE C 258 -6.21 -50.80 -2.02
C ILE C 258 -7.18 -51.66 -2.82
N SER C 259 -7.84 -51.07 -3.81
CA SER C 259 -8.83 -51.84 -4.55
C SER C 259 -8.18 -52.92 -5.40
N LYS C 260 -7.02 -52.62 -6.01
CA LYS C 260 -6.30 -53.68 -6.73
C LYS C 260 -5.76 -54.72 -5.75
N ASP C 261 -5.15 -54.28 -4.64
CA ASP C 261 -4.36 -55.13 -3.78
C ASP C 261 -4.71 -54.83 -2.33
N ARG C 262 -5.48 -55.72 -1.69
CA ARG C 262 -5.95 -55.49 -0.32
C ARG C 262 -4.83 -55.42 0.71
N THR C 263 -3.59 -55.74 0.34
CA THR C 263 -2.45 -55.64 1.25
C THR C 263 -1.66 -54.36 1.09
N ILE C 264 -2.02 -53.51 0.13
CA ILE C 264 -1.49 -52.16 0.05
C ILE C 264 -2.17 -51.30 1.10
N CYS C 265 -1.39 -50.55 1.86
CA CYS C 265 -1.91 -49.54 2.76
C CYS C 265 -1.47 -48.17 2.28
N THR C 266 -2.42 -47.23 2.23
CA THR C 266 -2.26 -45.98 1.52
C THR C 266 -2.15 -44.80 2.49
N VAL C 267 -1.34 -43.82 2.13
CA VAL C 267 -1.24 -42.62 2.97
C VAL C 267 -1.34 -41.38 2.09
N PRO C 268 -2.22 -40.43 2.42
CA PRO C 268 -2.23 -39.15 1.71
C PRO C 268 -0.97 -38.35 2.01
N LEU C 269 -0.67 -37.42 1.11
CA LEU C 269 0.26 -36.36 1.46
C LEU C 269 -0.41 -35.43 2.47
N ILE C 270 0.26 -35.20 3.59
CA ILE C 270 -0.31 -34.44 4.69
C ILE C 270 0.23 -33.01 4.62
N ASP C 271 -0.62 -32.07 4.22
CA ASP C 271 -0.26 -30.66 4.14
C ASP C 271 -0.51 -29.95 5.47
N VAL C 272 -0.11 -28.68 5.54
CA VAL C 272 -0.12 -27.95 6.79
C VAL C 272 -1.23 -26.90 6.75
N ILE C 273 -2.15 -27.03 7.70
CA ILE C 273 -3.18 -26.04 7.94
C ILE C 273 -2.67 -25.15 9.05
N ASN C 274 -2.56 -23.86 8.76
CA ASN C 274 -1.96 -22.94 9.72
C ASN C 274 -2.94 -22.63 10.84
N GLY C 275 -2.67 -23.16 12.03
CA GLY C 275 -3.56 -23.08 13.18
C GLY C 275 -3.93 -21.69 13.65
N ASN C 276 -3.24 -20.65 13.16
CA ASN C 276 -3.59 -19.26 13.43
C ASN C 276 -4.42 -18.63 12.33
N THR C 277 -3.92 -18.63 11.10
CA THR C 277 -4.57 -17.92 9.99
C THR C 277 -5.27 -18.82 8.97
N TYR C 278 -5.05 -20.14 9.03
CA TYR C 278 -5.81 -21.24 8.41
C TYR C 278 -5.58 -21.43 6.92
N GLU C 279 -4.57 -20.80 6.34
CA GLU C 279 -4.14 -21.13 4.99
C GLU C 279 -3.38 -22.46 5.01
N ILE C 280 -3.26 -23.09 3.83
CA ILE C 280 -2.75 -24.45 3.73
C ILE C 280 -1.52 -24.48 2.84
N ILE C 281 -0.41 -24.93 3.41
CA ILE C 281 0.93 -24.94 2.85
C ILE C 281 1.39 -26.39 2.80
N PRO C 282 2.07 -26.86 1.75
CA PRO C 282 2.66 -28.20 1.80
C PRO C 282 3.86 -28.21 2.73
N GLN C 283 4.15 -29.38 3.30
CA GLN C 283 5.31 -29.51 4.18
C GLN C 283 6.62 -29.32 3.41
N GLY C 284 7.66 -28.94 4.15
CA GLY C 284 8.99 -28.88 3.59
C GLY C 284 9.58 -30.27 3.43
N GLY C 285 9.46 -30.82 2.24
CA GLY C 285 9.87 -32.19 2.00
C GLY C 285 10.90 -32.21 0.88
N GLY C 286 11.60 -33.33 0.81
CA GLY C 286 12.80 -33.35 0.01
C GLY C 286 12.56 -33.01 -1.45
N ASP C 287 11.59 -33.66 -2.06
CA ASP C 287 11.63 -33.81 -3.50
C ASP C 287 11.62 -32.44 -4.18
N GLU C 288 12.20 -32.37 -5.38
CA GLU C 288 11.97 -31.19 -6.19
C GLU C 288 10.47 -30.96 -6.37
N ASP C 289 9.68 -32.02 -6.32
CA ASP C 289 8.24 -31.94 -6.42
C ASP C 289 7.57 -31.92 -5.06
N GLY C 290 8.34 -31.73 -3.99
CA GLY C 290 7.84 -31.77 -2.63
C GLY C 290 7.56 -33.14 -2.05
N TYR C 291 7.87 -34.22 -2.76
CA TYR C 291 7.55 -35.54 -2.24
C TYR C 291 8.62 -36.01 -1.25
N ALA C 292 8.17 -36.39 -0.06
CA ALA C 292 9.01 -36.98 0.97
C ALA C 292 8.59 -38.42 1.21
N ARG C 293 9.45 -39.16 1.89
CA ARG C 293 9.08 -40.49 2.35
C ARG C 293 9.43 -40.55 3.82
N GLY C 294 8.64 -41.32 4.59
CA GLY C 294 8.70 -41.28 6.03
C GLY C 294 9.76 -42.20 6.57
N ALA C 295 10.54 -41.69 7.52
CA ALA C 295 11.72 -42.39 7.99
C ALA C 295 11.78 -42.20 9.50
N TRP C 296 12.95 -42.45 10.08
CA TRP C 296 13.18 -42.34 11.51
C TRP C 296 14.68 -42.27 11.73
N ASP C 297 15.07 -41.78 12.90
CA ASP C 297 16.47 -41.87 13.31
C ASP C 297 16.57 -42.99 14.34
N TRP C 298 17.76 -43.31 14.81
CA TRP C 298 17.90 -44.55 15.55
C TRP C 298 17.50 -44.44 17.01
N SER C 299 17.11 -43.26 17.48
CA SER C 299 16.33 -43.18 18.72
C SER C 299 14.83 -43.35 18.46
N MET C 300 14.47 -43.53 17.19
CA MET C 300 13.10 -43.80 16.76
C MET C 300 12.23 -42.52 16.79
N LEU C 301 12.82 -41.39 16.36
CA LEU C 301 12.07 -40.16 16.14
C LEU C 301 11.67 -40.07 14.68
N TRP C 302 10.45 -39.62 14.45
CA TRP C 302 9.96 -39.48 13.08
C TRP C 302 10.82 -38.48 12.31
N LYS C 303 11.06 -38.78 11.03
CA LYS C 303 11.83 -37.94 10.14
C LYS C 303 11.26 -38.07 8.74
N ARG C 304 11.51 -37.07 7.91
CA ARG C 304 11.10 -37.17 6.52
C ARG C 304 12.33 -37.00 5.66
N VAL C 305 12.33 -37.68 4.52
CA VAL C 305 13.47 -37.64 3.61
C VAL C 305 12.94 -37.56 2.19
N PRO C 306 13.72 -36.93 1.31
CA PRO C 306 13.24 -36.71 -0.06
C PRO C 306 12.96 -38.03 -0.76
N LEU C 307 12.04 -37.98 -1.73
CA LEU C 307 11.83 -39.11 -2.62
C LEU C 307 13.12 -39.38 -3.40
N THR C 308 13.51 -40.57 -3.43
CA THR C 308 14.75 -41.10 -3.96
C THR C 308 14.65 -41.37 -5.46
N PRO C 309 15.76 -41.17 -6.20
CA PRO C 309 15.75 -41.50 -7.65
C PRO C 309 15.48 -42.98 -7.94
N GLN C 310 15.86 -43.89 -7.04
CA GLN C 310 15.50 -45.29 -7.17
C GLN C 310 13.99 -45.47 -7.28
N GLU C 311 13.22 -44.77 -6.44
CA GLU C 311 11.77 -44.95 -6.47
C GLU C 311 11.20 -44.39 -7.78
N LYS C 312 11.83 -43.36 -8.35
CA LYS C 312 11.31 -42.77 -9.58
C LYS C 312 11.63 -43.60 -10.81
N ARG C 313 12.73 -44.37 -10.78
CA ARG C 313 12.91 -45.34 -11.86
C ARG C 313 11.84 -46.42 -11.82
N LEU C 314 11.32 -46.72 -10.62
CA LEU C 314 10.22 -47.66 -10.47
C LEU C 314 8.91 -47.14 -11.02
N ARG C 315 8.79 -45.85 -11.29
CA ARG C 315 7.50 -45.23 -11.55
C ARG C 315 7.50 -44.58 -12.92
N LYS C 316 6.54 -44.94 -13.77
CA LYS C 316 6.39 -44.34 -15.09
C LYS C 316 6.06 -42.88 -15.03
N THR C 317 5.27 -42.51 -14.05
CA THR C 317 4.69 -41.20 -13.90
C THR C 317 5.29 -40.48 -12.70
N LYS C 318 5.25 -39.16 -12.72
CA LYS C 318 5.53 -38.34 -11.54
C LYS C 318 4.53 -38.45 -10.40
N THR C 319 3.25 -38.51 -10.75
CA THR C 319 2.16 -38.38 -9.80
C THR C 319 1.67 -39.68 -9.14
N GLU C 320 2.08 -40.82 -9.63
CA GLU C 320 1.53 -42.08 -9.13
C GLU C 320 2.06 -42.38 -7.73
N PRO C 321 1.49 -43.38 -7.05
CA PRO C 321 1.94 -43.71 -5.70
C PRO C 321 3.42 -44.13 -5.65
N TYR C 322 3.94 -44.19 -4.43
CA TYR C 322 5.35 -44.47 -4.24
C TYR C 322 5.60 -44.97 -2.82
N ARG C 323 6.61 -45.84 -2.69
CA ARG C 323 6.85 -46.55 -1.44
C ARG C 323 7.45 -45.66 -0.35
N SER C 324 7.02 -45.89 0.88
CA SER C 324 7.52 -45.20 2.06
C SER C 324 7.88 -46.23 3.12
N PRO C 325 9.04 -46.11 3.74
CA PRO C 325 9.34 -47.00 4.86
C PRO C 325 8.31 -46.92 5.99
N ALA C 326 7.73 -45.74 6.22
CA ALA C 326 6.84 -45.56 7.37
C ALA C 326 5.89 -44.39 7.13
N MET C 327 4.80 -44.39 7.89
CA MET C 327 3.79 -43.34 7.85
C MET C 327 3.88 -42.47 9.10
N ALA C 328 3.54 -41.19 8.96
CA ALA C 328 3.52 -40.31 10.12
C ALA C 328 2.68 -40.89 11.25
N GLY C 329 1.50 -41.42 10.91
CA GLY C 329 0.69 -42.13 11.89
C GLY C 329 -0.79 -41.83 11.88
N GLY C 330 -1.18 -40.56 11.77
CA GLY C 330 -2.55 -40.18 12.05
C GLY C 330 -3.53 -40.38 10.90
N LEU C 331 -3.06 -40.28 9.66
CA LEU C 331 -3.92 -40.42 8.49
C LEU C 331 -3.39 -41.58 7.66
N PHE C 332 -4.26 -42.53 7.32
CA PHE C 332 -3.92 -43.62 6.41
C PHE C 332 -5.20 -44.34 6.05
N ALA C 333 -5.11 -45.19 5.02
CA ALA C 333 -6.17 -46.13 4.65
C ALA C 333 -5.63 -47.56 4.58
N ILE C 334 -6.32 -48.52 5.23
CA ILE C 334 -6.11 -49.95 4.98
C ILE C 334 -7.46 -50.60 4.76
N GLU C 335 -7.46 -51.66 3.95
CA GLU C 335 -8.62 -52.51 3.87
C GLU C 335 -8.94 -53.05 5.26
N ARG C 336 -10.24 -53.12 5.58
CA ARG C 336 -10.61 -53.41 6.96
C ARG C 336 -10.07 -54.77 7.42
N GLU C 337 -10.30 -55.82 6.62
CA GLU C 337 -9.86 -57.17 7.01
C GLU C 337 -8.35 -57.25 7.16
N PHE C 338 -7.60 -56.67 6.22
CA PHE C 338 -6.15 -56.67 6.35
C PHE C 338 -5.71 -56.12 7.70
N PHE C 339 -6.27 -54.98 8.13
CA PHE C 339 -5.85 -54.40 9.40
C PHE C 339 -6.03 -55.42 10.52
N PHE C 340 -7.20 -56.05 10.59
CA PHE C 340 -7.42 -57.06 11.61
C PHE C 340 -6.47 -58.25 11.42
N GLU C 341 -6.20 -58.62 10.18
CA GLU C 341 -5.26 -59.69 9.94
C GLU C 341 -3.87 -59.35 10.50
N LEU C 342 -3.49 -58.09 10.46
CA LEU C 342 -2.26 -57.60 11.04
C LEU C 342 -2.20 -57.59 12.56
N GLY C 343 -3.35 -57.47 13.20
CA GLY C 343 -3.42 -57.15 14.61
C GLY C 343 -3.54 -55.65 14.59
N LEU C 344 -4.54 -55.10 15.22
CA LEU C 344 -4.90 -53.74 14.93
C LEU C 344 -3.73 -52.79 15.19
N TYR C 345 -3.10 -52.96 16.33
CA TYR C 345 -1.92 -52.22 16.69
C TYR C 345 -1.62 -53.10 17.83
N ASP C 346 -0.37 -53.16 18.23
CA ASP C 346 -0.06 -53.98 19.37
C ASP C 346 -0.82 -53.41 20.55
N PRO C 347 -1.55 -54.26 21.25
CA PRO C 347 -2.39 -53.86 22.38
C PRO C 347 -1.61 -53.35 23.56
N GLY C 348 -0.32 -53.65 23.56
CA GLY C 348 0.67 -53.17 24.48
C GLY C 348 0.93 -51.69 24.45
N LEU C 349 0.82 -51.07 23.28
CA LEU C 349 1.09 -49.66 23.14
C LEU C 349 -0.03 -48.86 23.73
N GLN C 350 0.29 -48.00 24.67
CA GLN C 350 -0.57 -46.91 25.09
C GLN C 350 0.45 -45.87 25.49
N ILE C 351 0.17 -44.59 25.36
CA ILE C 351 -0.97 -44.02 24.69
C ILE C 351 -0.52 -43.18 23.49
N TRP C 352 0.75 -42.83 23.44
CA TRP C 352 1.34 -42.12 22.32
C TRP C 352 2.75 -42.66 22.06
N GLY C 353 3.20 -42.58 20.81
CA GLY C 353 4.52 -43.07 20.44
C GLY C 353 4.41 -44.30 19.60
N GLY C 354 4.61 -44.11 18.31
CA GLY C 354 4.13 -45.02 17.29
C GLY C 354 4.78 -46.35 17.39
N GLU C 355 4.04 -47.41 17.13
CA GLU C 355 2.65 -47.42 16.65
C GLU C 355 2.53 -47.07 15.19
N ASN C 356 2.94 -45.86 14.79
CA ASN C 356 3.03 -45.56 13.38
C ASN C 356 4.13 -46.43 12.76
N PHE C 357 5.23 -46.55 13.47
CA PHE C 357 6.30 -47.46 13.12
C PHE C 357 5.90 -48.93 13.26
N GLU C 358 5.18 -49.29 14.31
CA GLU C 358 4.79 -50.69 14.45
C GLU C 358 4.05 -51.18 13.21
N ILE C 359 2.97 -50.49 12.83
CA ILE C 359 2.16 -50.92 11.69
C ILE C 359 2.99 -50.89 10.40
N SER C 360 3.81 -49.85 10.21
CA SER C 360 4.63 -49.76 9.02
C SER C 360 5.52 -50.98 8.87
N TYR C 361 6.21 -51.36 9.93
CA TYR C 361 7.04 -52.56 9.87
C TYR C 361 6.21 -53.79 9.60
N LYS C 362 5.03 -53.93 10.23
CA LYS C 362 4.23 -55.12 9.98
C LYS C 362 3.82 -55.20 8.53
N ILE C 363 3.40 -54.07 7.96
CA ILE C 363 2.89 -54.09 6.58
C ILE C 363 3.99 -54.49 5.60
N TRP C 364 5.17 -53.90 5.75
CA TRP C 364 6.27 -54.19 4.83
C TRP C 364 6.81 -55.61 5.02
N GLN C 365 7.18 -55.95 6.24
CA GLN C 365 7.86 -57.20 6.50
C GLN C 365 6.96 -58.44 6.38
N CYS C 366 5.65 -58.29 6.54
CA CYS C 366 4.74 -59.42 6.40
C CYS C 366 4.10 -59.52 5.03
N GLY C 367 4.57 -58.79 4.03
CA GLY C 367 4.17 -59.06 2.66
C GLY C 367 3.37 -57.98 1.98
N GLY C 368 3.02 -56.91 2.68
CA GLY C 368 2.22 -55.86 2.09
C GLY C 368 3.06 -54.74 1.51
N LYS C 369 2.41 -53.58 1.35
CA LYS C 369 3.03 -52.36 0.85
C LYS C 369 2.46 -51.16 1.60
N LEU C 370 3.30 -50.13 1.73
CA LEU C 370 2.89 -48.83 2.28
C LEU C 370 3.19 -47.77 1.23
N LEU C 371 2.15 -47.15 0.68
CA LEU C 371 2.32 -46.15 -0.38
C LEU C 371 1.86 -44.77 0.09
N PHE C 372 2.65 -43.76 -0.24
CA PHE C 372 2.18 -42.38 -0.24
C PHE C 372 1.55 -42.12 -1.60
N VAL C 373 0.40 -41.45 -1.60
CA VAL C 373 -0.33 -41.17 -2.83
C VAL C 373 -0.27 -39.68 -3.13
N PRO C 374 0.56 -39.23 -4.08
CA PRO C 374 0.67 -37.78 -4.33
C PRO C 374 -0.64 -37.11 -4.67
N CYS C 375 -1.58 -37.82 -5.27
CA CYS C 375 -2.81 -37.21 -5.74
C CYS C 375 -3.91 -37.22 -4.70
N SER C 376 -3.64 -37.74 -3.51
CA SER C 376 -4.58 -37.70 -2.40
C SER C 376 -3.94 -36.88 -1.28
N ARG C 377 -4.56 -35.77 -0.94
CA ARG C 377 -3.95 -34.77 -0.07
C ARG C 377 -4.94 -34.39 1.00
N VAL C 378 -4.43 -34.24 2.23
CA VAL C 378 -5.25 -33.86 3.37
C VAL C 378 -4.43 -32.93 4.25
N GLY C 379 -4.98 -31.75 4.54
CA GLY C 379 -4.34 -30.82 5.46
C GLY C 379 -4.66 -31.15 6.90
N HIS C 380 -3.73 -30.77 7.77
CA HIS C 380 -3.74 -31.10 9.19
C HIS C 380 -3.38 -29.80 9.91
N ILE C 381 -4.26 -29.34 10.81
CA ILE C 381 -3.91 -28.17 11.61
C ILE C 381 -2.79 -28.52 12.56
N TYR C 382 -1.76 -27.69 12.59
CA TYR C 382 -0.63 -27.89 13.46
C TYR C 382 -0.70 -26.92 14.61
N ARG C 383 -0.37 -27.41 15.81
CA ARG C 383 -0.60 -26.71 17.06
C ARG C 383 0.29 -25.48 17.19
N LEU C 384 -0.18 -24.54 18.01
CA LEU C 384 0.56 -23.34 18.31
C LEU C 384 1.19 -23.47 19.69
N GLU C 385 2.05 -22.52 20.04
CA GLU C 385 2.48 -22.45 21.42
C GLU C 385 1.43 -21.72 22.25
N GLY C 386 1.34 -22.13 23.51
CA GLY C 386 0.40 -21.55 24.45
C GLY C 386 -0.65 -22.53 24.92
N TRP C 387 -0.64 -23.74 24.37
CA TRP C 387 -1.66 -24.71 24.70
C TRP C 387 -1.42 -25.27 26.09
N GLN C 388 -2.48 -25.85 26.65
CA GLN C 388 -2.36 -26.50 27.95
C GLN C 388 -3.46 -27.53 28.18
N GLY C 389 -3.30 -28.74 27.63
CA GLY C 389 -2.10 -29.18 26.92
C GLY C 389 -1.16 -29.82 27.91
N ASN C 390 -1.40 -31.10 28.24
CA ASN C 390 -0.85 -31.65 29.49
C ASN C 390 -0.73 -33.17 29.54
N PRO C 391 0.39 -33.68 30.04
CA PRO C 391 0.57 -35.13 30.10
C PRO C 391 -0.20 -35.77 31.24
N PRO C 392 -0.99 -36.89 30.93
CA PRO C 392 -1.55 -37.56 32.12
C PRO C 392 -0.39 -38.17 32.91
N PRO C 393 -0.53 -38.26 34.31
CA PRO C 393 0.71 -38.70 34.96
C PRO C 393 0.71 -40.17 35.39
N ILE C 394 1.60 -40.94 34.77
CA ILE C 394 1.92 -42.29 35.21
C ILE C 394 3.42 -42.29 35.47
N TYR C 395 3.82 -42.68 36.68
CA TYR C 395 5.22 -42.64 37.05
C TYR C 395 5.78 -43.96 37.57
N VAL C 396 6.93 -44.37 37.03
CA VAL C 396 7.59 -43.62 35.97
C VAL C 396 7.73 -44.41 34.67
N GLY C 397 7.23 -43.84 33.59
CA GLY C 397 6.40 -42.66 33.66
C GLY C 397 7.22 -41.39 33.81
N SER C 398 6.57 -40.23 33.83
CA SER C 398 5.11 -40.13 33.73
C SER C 398 4.63 -40.68 32.39
N SER C 399 5.38 -40.42 31.32
CA SER C 399 5.08 -40.97 30.01
C SER C 399 5.52 -42.41 29.89
N PRO C 400 4.76 -43.21 29.15
CA PRO C 400 5.21 -44.58 28.91
C PRO C 400 5.59 -44.70 27.45
N THR C 401 5.83 -43.58 26.80
CA THR C 401 6.15 -43.60 25.39
C THR C 401 7.38 -44.46 25.08
N LEU C 402 8.37 -44.39 25.96
CA LEU C 402 9.63 -45.11 25.75
C LEU C 402 9.41 -46.61 25.74
N LYS C 403 8.58 -47.09 26.65
CA LYS C 403 8.21 -48.48 26.76
C LYS C 403 7.63 -49.01 25.46
N ASN C 404 6.84 -48.17 24.80
CA ASN C 404 6.35 -48.47 23.48
C ASN C 404 7.50 -48.69 22.52
N TYR C 405 8.41 -47.73 22.49
CA TYR C 405 9.47 -47.73 21.49
C TYR C 405 10.18 -49.06 21.63
N VAL C 406 10.34 -49.51 22.85
CA VAL C 406 11.13 -50.71 23.12
C VAL C 406 10.40 -51.96 22.65
N ARG C 407 9.08 -52.03 22.89
CA ARG C 407 8.30 -53.15 22.39
C ARG C 407 8.39 -53.27 20.87
N VAL C 408 8.28 -52.16 20.16
CA VAL C 408 8.38 -52.20 18.71
C VAL C 408 9.76 -52.68 18.29
N VAL C 409 10.81 -52.10 18.88
CA VAL C 409 12.17 -52.44 18.47
C VAL C 409 12.46 -53.91 18.77
N GLU C 410 11.99 -54.40 19.93
CA GLU C 410 12.32 -55.76 20.35
C GLU C 410 11.72 -56.80 19.41
N VAL C 411 10.55 -56.50 18.85
CA VAL C 411 9.86 -57.51 18.05
C VAL C 411 10.18 -57.36 16.56
N TRP C 412 10.67 -56.20 16.11
CA TRP C 412 10.82 -55.99 14.67
C TRP C 412 12.22 -55.66 14.19
N TRP C 413 13.02 -54.93 14.99
CA TRP C 413 14.32 -54.39 14.57
C TRP C 413 15.45 -55.42 14.54
N ASP C 414 15.28 -56.61 15.09
CA ASP C 414 16.32 -57.64 14.97
C ASP C 414 17.65 -57.08 15.50
N GLU C 415 18.72 -57.28 14.71
CA GLU C 415 20.08 -56.87 15.08
C GLU C 415 20.18 -55.37 15.22
N TYR C 416 19.28 -54.62 14.62
CA TYR C 416 19.29 -53.18 14.78
C TYR C 416 18.88 -52.70 16.17
N LYS C 417 18.37 -53.58 17.05
CA LYS C 417 18.05 -53.09 18.39
C LYS C 417 19.28 -52.48 19.08
N ASP C 418 20.48 -52.83 18.62
CA ASP C 418 21.69 -52.22 19.15
C ASP C 418 21.71 -50.72 18.91
N TYR C 419 21.50 -50.30 17.67
CA TYR C 419 21.53 -48.88 17.36
C TYR C 419 20.49 -48.12 18.19
N PHE C 420 19.32 -48.72 18.41
CA PHE C 420 18.34 -48.07 19.26
C PHE C 420 18.88 -47.90 20.68
N TYR C 421 19.47 -48.97 21.22
CA TYR C 421 20.00 -48.99 22.58
C TYR C 421 21.28 -48.16 22.74
N ALA C 422 22.08 -48.02 21.69
CA ALA C 422 23.15 -47.04 21.75
C ALA C 422 22.61 -45.63 21.77
N SER C 423 21.50 -45.37 21.06
CA SER C 423 20.95 -44.02 21.03
C SER C 423 20.23 -43.71 22.34
N ARG C 424 19.48 -44.65 22.89
CA ARG C 424 18.78 -44.45 24.16
C ARG C 424 19.21 -45.53 25.14
N PRO C 425 20.42 -45.45 25.71
CA PRO C 425 20.81 -46.50 26.67
C PRO C 425 19.98 -46.48 27.92
N GLU C 426 19.30 -45.37 28.23
CA GLU C 426 18.49 -45.31 29.45
C GLU C 426 17.37 -46.32 29.41
N SER C 427 17.05 -46.82 28.22
CA SER C 427 15.91 -47.70 28.01
C SER C 427 16.29 -49.18 28.07
N GLN C 428 17.58 -49.48 28.09
CA GLN C 428 18.02 -50.87 28.02
C GLN C 428 17.28 -51.74 29.03
N ALA C 429 17.17 -51.28 30.28
CA ALA C 429 16.56 -52.15 31.27
C ALA C 429 15.24 -51.62 31.80
N LEU C 430 14.34 -51.27 30.89
CA LEU C 430 12.97 -50.83 31.05
C LEU C 430 12.03 -52.02 31.00
N PRO C 431 11.11 -52.17 31.93
CA PRO C 431 10.15 -53.27 31.83
C PRO C 431 9.15 -53.02 30.72
N TYR C 432 9.38 -53.62 29.54
CA TYR C 432 8.57 -53.29 28.37
C TYR C 432 7.33 -54.17 28.24
N GLY C 433 7.13 -55.12 29.15
CA GLY C 433 5.91 -55.89 29.18
C GLY C 433 5.99 -57.16 28.36
N ASP C 434 4.83 -57.78 28.16
CA ASP C 434 4.75 -59.09 27.51
C ASP C 434 4.66 -58.93 25.99
N ILE C 435 5.69 -59.39 25.30
CA ILE C 435 5.82 -59.27 23.85
C ILE C 435 5.65 -60.62 23.15
N SER C 436 5.21 -61.66 23.87
CA SER C 436 5.16 -63.01 23.32
C SER C 436 4.34 -63.09 22.04
N GLU C 437 3.03 -62.80 22.13
CA GLU C 437 2.14 -63.01 20.99
C GLU C 437 2.56 -62.18 19.79
N LEU C 438 3.23 -61.05 20.03
CA LEU C 438 3.70 -60.22 18.94
C LEU C 438 4.84 -60.90 18.19
N LYS C 439 5.82 -61.42 18.93
CA LYS C 439 6.90 -62.19 18.31
C LYS C 439 6.35 -63.45 17.63
N LYS C 440 5.34 -64.09 18.24
CA LYS C 440 4.77 -65.29 17.62
C LYS C 440 3.97 -64.93 16.37
N PHE C 441 3.31 -63.78 16.38
CA PHE C 441 2.66 -63.31 15.17
C PHE C 441 3.65 -63.25 14.00
N ARG C 442 4.83 -62.70 14.26
CA ARG C 442 5.83 -62.51 13.21
C ARG C 442 6.33 -63.86 12.70
N GLU C 443 6.64 -64.79 13.61
CA GLU C 443 7.06 -66.10 13.17
C GLU C 443 5.91 -66.83 12.46
N ASP C 444 4.70 -66.73 13.00
CA ASP C 444 3.58 -67.46 12.41
C ASP C 444 3.32 -67.02 10.97
N HIS C 445 3.58 -65.76 10.67
CA HIS C 445 3.39 -65.24 9.33
C HIS C 445 4.68 -65.21 8.53
N ASN C 446 5.77 -65.75 9.07
CA ASN C 446 6.97 -65.92 8.26
C ASN C 446 7.43 -64.57 7.71
N CYS C 447 7.22 -63.51 8.48
CA CYS C 447 7.57 -62.15 8.05
C CYS C 447 9.06 -62.05 7.84
N LYS C 448 9.45 -61.21 6.88
CA LYS C 448 10.85 -61.02 6.54
C LYS C 448 11.61 -60.25 7.62
N SER C 449 12.91 -60.13 7.42
CA SER C 449 13.81 -59.65 8.44
C SER C 449 13.99 -58.14 8.34
N PHE C 450 14.30 -57.53 9.48
CA PHE C 450 14.55 -56.10 9.44
C PHE C 450 15.72 -55.79 8.52
N LYS C 451 16.69 -56.70 8.46
CA LYS C 451 17.80 -56.51 7.52
C LYS C 451 17.29 -56.42 6.09
N TRP C 452 16.43 -57.37 5.67
CA TRP C 452 15.80 -57.28 4.35
C TRP C 452 15.12 -55.94 4.16
N PHE C 453 14.24 -55.59 5.11
CA PHE C 453 13.50 -54.34 5.04
C PHE C 453 14.43 -53.14 4.85
N MET C 454 15.50 -53.04 5.68
CA MET C 454 16.42 -51.91 5.56
C MET C 454 17.05 -51.82 4.18
N GLU C 455 17.39 -52.97 3.58
CA GLU C 455 18.13 -52.95 2.33
C GLU C 455 17.24 -52.82 1.10
N GLU C 456 16.01 -53.33 1.14
CA GLU C 456 15.10 -53.32 0.00
C GLU C 456 14.22 -52.06 -0.07
N ILE C 457 13.62 -51.68 1.04
CA ILE C 457 12.64 -50.62 1.01
C ILE C 457 13.09 -49.39 1.78
N ALA C 458 13.96 -49.53 2.78
CA ALA C 458 14.46 -48.35 3.49
C ALA C 458 15.96 -48.14 3.31
N TYR C 459 16.44 -48.23 2.07
CA TYR C 459 17.87 -48.14 1.76
C TYR C 459 18.44 -46.74 1.91
N ASP C 460 17.61 -45.70 1.96
CA ASP C 460 18.16 -44.35 2.07
C ASP C 460 18.34 -43.87 3.50
N ILE C 461 17.74 -44.53 4.50
CA ILE C 461 17.69 -43.97 5.84
C ILE C 461 19.09 -43.76 6.39
N THR C 462 19.98 -44.76 6.27
CA THR C 462 21.31 -44.58 6.86
C THR C 462 22.09 -43.47 6.18
N SER C 463 21.69 -43.10 4.96
CA SER C 463 22.38 -42.02 4.25
C SER C 463 22.06 -40.66 4.87
N HIS C 464 20.96 -40.55 5.60
CA HIS C 464 20.59 -39.30 6.24
C HIS C 464 20.75 -39.33 7.73
N TYR C 465 20.53 -40.49 8.35
CA TYR C 465 20.71 -40.69 9.79
C TYR C 465 21.64 -41.89 9.94
N PRO C 466 22.95 -41.64 9.97
CA PRO C 466 23.92 -42.74 9.95
C PRO C 466 23.83 -43.60 11.19
N LEU C 467 24.28 -44.84 11.07
CA LEU C 467 24.18 -45.73 12.22
C LEU C 467 25.07 -45.23 13.36
N PRO C 468 24.69 -45.42 14.62
CA PRO C 468 25.42 -44.76 15.71
C PRO C 468 26.55 -45.63 16.24
N PRO C 469 27.67 -45.03 16.63
CA PRO C 469 28.74 -45.83 17.26
C PRO C 469 28.26 -46.41 18.57
N LYS C 470 28.86 -47.51 18.97
CA LYS C 470 28.46 -48.09 20.23
C LYS C 470 28.86 -47.17 21.38
N ASN C 471 28.26 -47.40 22.54
CA ASN C 471 28.55 -46.61 23.72
C ASN C 471 29.71 -47.20 24.50
N VAL C 472 30.55 -46.32 25.03
CA VAL C 472 31.51 -46.69 26.07
C VAL C 472 30.87 -46.61 27.45
N ASP C 473 30.18 -45.52 27.77
CA ASP C 473 29.54 -45.42 29.07
C ASP C 473 28.42 -44.38 28.96
N TRP C 474 27.57 -44.31 29.98
CA TRP C 474 26.45 -43.38 29.93
C TRP C 474 25.91 -43.13 31.33
N GLY C 475 25.13 -42.06 31.47
CA GLY C 475 24.46 -41.75 32.73
C GLY C 475 24.57 -40.29 33.12
N GLU C 476 24.36 -39.99 34.40
CA GLU C 476 24.71 -38.67 34.92
C GLU C 476 26.21 -38.50 34.89
N ILE C 477 26.65 -37.26 34.82
CA ILE C 477 28.07 -36.94 35.00
C ILE C 477 28.16 -36.16 36.30
N ARG C 478 28.51 -36.85 37.38
CA ARG C 478 28.53 -36.33 38.74
C ARG C 478 29.96 -36.06 39.20
N GLY C 479 30.12 -35.05 40.05
CA GLY C 479 31.44 -34.72 40.56
C GLY C 479 31.85 -35.68 41.65
N PHE C 480 33.05 -36.25 41.52
CA PHE C 480 33.44 -37.39 42.36
C PHE C 480 33.17 -37.10 43.83
N GLU C 481 32.59 -38.08 44.53
CA GLU C 481 32.18 -37.95 45.92
C GLU C 481 31.59 -36.58 46.21
N THR C 482 30.72 -36.10 45.34
CA THR C 482 29.94 -34.89 45.59
C THR C 482 28.51 -35.12 45.14
N ALA C 483 27.72 -34.05 45.19
CA ALA C 483 26.30 -34.09 44.90
C ALA C 483 25.90 -33.13 43.77
N TYR C 484 26.83 -32.83 42.86
CA TYR C 484 26.60 -31.93 41.75
C TYR C 484 26.82 -32.67 40.43
N CYS C 485 25.95 -32.38 39.45
CA CYS C 485 25.92 -33.08 38.18
C CYS C 485 25.98 -32.08 37.04
N ILE C 486 26.84 -32.35 36.05
CA ILE C 486 26.74 -31.58 34.81
C ILE C 486 25.33 -31.73 34.29
N ASP C 487 24.70 -30.60 33.95
CA ASP C 487 23.33 -30.68 33.49
C ASP C 487 23.07 -29.56 32.48
N SER C 488 22.38 -29.93 31.41
CA SER C 488 22.29 -29.19 30.16
C SER C 488 21.37 -27.98 30.24
N MET C 489 20.56 -27.86 31.29
CA MET C 489 19.61 -26.75 31.38
C MET C 489 18.67 -26.75 30.19
N GLY C 490 18.49 -27.92 29.58
CA GLY C 490 17.75 -28.02 28.35
C GLY C 490 18.37 -27.25 27.20
N LYS C 491 19.45 -26.52 27.49
CA LYS C 491 20.10 -25.73 26.46
C LYS C 491 20.32 -26.56 25.21
N THR C 492 20.38 -25.89 24.06
CA THR C 492 20.60 -26.55 22.79
C THR C 492 21.37 -25.63 21.86
N ASN C 493 22.13 -26.24 20.95
CA ASN C 493 22.66 -25.57 19.77
C ASN C 493 23.46 -24.32 20.11
N GLY C 494 24.49 -24.48 20.94
CA GLY C 494 25.40 -23.39 21.21
C GLY C 494 25.35 -22.86 22.63
N GLY C 495 24.36 -23.23 23.43
CA GLY C 495 24.31 -22.83 24.82
C GLY C 495 25.43 -23.49 25.60
N PHE C 496 25.54 -23.10 26.85
CA PHE C 496 26.60 -23.59 27.70
C PHE C 496 26.03 -24.48 28.80
N VAL C 497 26.70 -25.58 29.01
CA VAL C 497 26.28 -26.59 29.98
C VAL C 497 26.78 -26.17 31.35
N GLU C 498 25.95 -26.31 32.38
CA GLU C 498 26.31 -25.86 33.72
C GLU C 498 26.29 -27.02 34.72
N LEU C 499 26.53 -26.67 35.98
CA LEU C 499 26.41 -27.61 37.09
C LEU C 499 25.06 -27.42 37.75
N GLY C 500 24.51 -28.51 38.27
CA GLY C 500 23.30 -28.45 39.05
C GLY C 500 23.28 -29.56 40.08
N PRO C 501 22.51 -29.37 41.14
CA PRO C 501 22.26 -30.48 42.08
C PRO C 501 21.77 -31.71 41.34
N CYS C 502 22.49 -32.83 41.53
CA CYS C 502 22.07 -34.12 41.01
C CYS C 502 20.63 -34.41 41.43
N HIS C 503 19.89 -35.01 40.53
CA HIS C 503 18.57 -35.48 40.88
C HIS C 503 18.30 -36.90 40.39
N ARG C 504 19.27 -37.55 39.74
CA ARG C 504 19.18 -38.96 39.36
C ARG C 504 17.89 -39.24 38.56
N MET C 505 17.29 -38.21 37.96
CA MET C 505 16.12 -38.36 37.12
C MET C 505 16.47 -38.35 35.63
N GLY C 506 17.74 -38.40 35.29
CA GLY C 506 18.11 -38.51 33.88
C GLY C 506 17.92 -37.17 33.17
N GLY C 507 17.16 -37.19 32.08
CA GLY C 507 16.82 -36.00 31.33
C GLY C 507 18.01 -35.19 30.86
N ASN C 508 18.06 -33.92 31.26
CA ASN C 508 19.18 -33.05 30.96
C ASN C 508 20.40 -33.29 31.83
N GLN C 509 20.32 -34.16 32.85
CA GLN C 509 21.48 -34.61 33.59
C GLN C 509 22.00 -35.95 33.07
N LEU C 510 21.61 -36.34 31.85
CA LEU C 510 21.93 -37.64 31.29
C LEU C 510 22.79 -37.47 30.04
N PHE C 511 23.83 -38.28 29.93
CA PHE C 511 24.80 -38.17 28.85
C PHE C 511 25.30 -39.56 28.51
N ARG C 512 25.93 -39.66 27.34
CA ARG C 512 26.54 -40.90 26.88
C ARG C 512 27.80 -40.53 26.12
N ILE C 513 28.77 -41.43 26.13
CA ILE C 513 30.04 -41.20 25.45
C ILE C 513 30.26 -42.28 24.39
N ASN C 514 30.59 -41.83 23.19
CA ASN C 514 30.73 -42.66 21.99
C ASN C 514 32.02 -43.46 22.00
N GLU C 515 32.00 -44.60 21.30
CA GLU C 515 33.26 -45.17 20.82
C GLU C 515 33.97 -44.22 19.86
N ALA C 516 33.24 -43.25 19.30
CA ALA C 516 33.81 -42.25 18.38
C ALA C 516 34.29 -41.02 19.12
N ASN C 517 34.26 -41.03 20.45
CA ASN C 517 34.79 -39.93 21.26
C ASN C 517 33.84 -38.73 21.28
N GLN C 518 32.54 -38.99 21.14
CA GLN C 518 31.53 -37.96 21.21
C GLN C 518 30.88 -38.03 22.58
N LEU C 519 30.67 -36.86 23.18
CA LEU C 519 29.92 -36.72 24.43
C LEU C 519 28.57 -36.12 24.05
N MET C 520 27.51 -36.91 24.22
CA MET C 520 26.24 -36.59 23.62
C MET C 520 25.14 -36.53 24.67
N GLN C 521 24.12 -35.72 24.37
CA GLN C 521 22.82 -35.75 25.02
C GLN C 521 21.78 -35.66 23.91
N TYR C 522 20.84 -36.60 23.88
CA TYR C 522 19.84 -36.63 22.81
C TYR C 522 20.52 -36.68 21.45
N ASP C 523 20.31 -35.66 20.62
CA ASP C 523 20.90 -35.61 19.29
C ASP C 523 22.17 -34.75 19.23
N GLN C 524 22.50 -34.04 20.30
CA GLN C 524 23.59 -33.06 20.30
C GLN C 524 24.81 -33.60 21.05
N CYS C 525 25.94 -32.92 20.87
CA CYS C 525 27.21 -33.23 21.53
C CYS C 525 27.75 -31.99 22.23
N LEU C 526 28.62 -32.21 23.21
CA LEU C 526 29.34 -31.12 23.85
C LEU C 526 30.67 -30.91 23.14
N THR C 527 31.06 -29.65 22.95
CA THR C 527 32.38 -29.31 22.43
C THR C 527 32.90 -28.08 23.16
N LYS C 528 34.06 -27.59 22.71
CA LYS C 528 34.76 -26.48 23.35
C LYS C 528 34.31 -25.18 22.70
N GLY C 529 33.75 -24.28 23.51
CA GLY C 529 33.34 -23.01 22.98
C GLY C 529 34.45 -21.99 23.05
N ALA C 530 35.16 -21.78 21.94
CA ALA C 530 36.08 -20.64 21.90
C ALA C 530 35.27 -19.36 22.04
N ASP C 531 35.88 -18.35 22.66
CA ASP C 531 37.26 -18.41 23.11
C ASP C 531 37.38 -18.97 24.53
N GLY C 532 36.26 -19.38 25.11
CA GLY C 532 36.26 -19.79 26.48
C GLY C 532 36.86 -21.16 26.71
N SER C 533 37.00 -21.49 27.98
CA SER C 533 37.13 -22.87 28.40
C SER C 533 35.78 -23.48 28.74
N LYS C 534 34.71 -22.89 28.18
CA LYS C 534 33.33 -23.30 28.42
C LYS C 534 32.96 -24.46 27.50
N VAL C 535 32.23 -25.42 28.08
CA VAL C 535 31.75 -26.59 27.37
C VAL C 535 30.37 -26.28 26.83
N MET C 536 30.22 -26.45 25.52
CA MET C 536 29.05 -25.98 24.79
C MET C 536 28.38 -27.14 24.06
N ILE C 537 27.04 -27.11 24.06
CA ILE C 537 26.20 -28.13 23.44
C ILE C 537 25.73 -27.62 22.09
N THR C 538 25.91 -28.42 21.06
CA THR C 538 25.46 -28.03 19.73
C THR C 538 24.94 -29.25 19.01
N HIS C 539 24.37 -29.02 17.84
CA HIS C 539 24.01 -30.13 16.99
C HIS C 539 25.25 -30.87 16.53
N CYS C 540 25.09 -32.18 16.33
CA CYS C 540 26.17 -33.13 16.14
C CYS C 540 26.00 -33.88 14.82
N ASN C 541 27.09 -34.04 14.07
CA ASN C 541 27.15 -34.87 12.87
C ASN C 541 28.21 -35.94 13.06
N LEU C 542 28.21 -36.93 12.16
CA LEU C 542 28.82 -38.22 12.49
C LEU C 542 30.30 -38.11 12.83
N ASN C 543 31.02 -37.13 12.28
CA ASN C 543 32.44 -37.00 12.55
C ASN C 543 32.81 -35.70 13.23
N GLU C 544 31.81 -34.96 13.71
CA GLU C 544 32.04 -33.69 14.37
C GLU C 544 32.28 -33.93 15.85
N PHE C 545 33.16 -33.12 16.43
CA PHE C 545 33.35 -33.09 17.87
C PHE C 545 33.67 -34.47 18.42
N LYS C 546 34.62 -35.17 17.80
CA LYS C 546 35.12 -36.45 18.33
C LYS C 546 36.31 -36.14 19.22
N GLU C 547 36.03 -35.55 20.38
CA GLU C 547 37.08 -34.86 21.13
C GLU C 547 37.09 -35.16 22.62
N TRP C 548 36.41 -36.21 23.08
CA TRP C 548 36.35 -36.51 24.49
C TRP C 548 36.78 -37.96 24.69
N GLN C 549 37.45 -38.23 25.80
CA GLN C 549 37.74 -39.60 26.17
C GLN C 549 37.68 -39.71 27.67
N TYR C 550 37.02 -40.75 28.13
CA TYR C 550 36.68 -40.93 29.53
C TYR C 550 37.47 -42.09 30.11
N PHE C 551 38.08 -41.86 31.27
CA PHE C 551 38.86 -42.86 31.96
C PHE C 551 38.16 -43.18 33.27
N LYS C 552 37.32 -44.22 33.27
CA LYS C 552 36.49 -44.49 34.43
C LYS C 552 37.32 -44.56 35.70
N ASN C 553 38.39 -45.37 35.67
CA ASN C 553 39.20 -45.57 36.88
C ASN C 553 39.87 -44.27 37.31
N LEU C 554 40.43 -43.52 36.36
CA LEU C 554 41.06 -42.22 36.61
C LEU C 554 40.08 -41.14 37.05
N HIS C 555 38.76 -41.36 36.92
CA HIS C 555 37.79 -40.32 37.25
C HIS C 555 38.00 -39.08 36.40
N ARG C 556 38.55 -39.25 35.20
CA ARG C 556 38.90 -38.12 34.35
C ARG C 556 38.14 -38.18 33.03
N PHE C 557 37.56 -37.05 32.65
CA PHE C 557 37.23 -36.76 31.26
C PHE C 557 38.31 -35.82 30.73
N THR C 558 38.83 -36.11 29.54
CA THR C 558 39.88 -35.26 29.00
C THR C 558 39.51 -34.81 27.59
N HIS C 559 39.64 -33.49 27.35
CA HIS C 559 39.44 -32.89 26.04
C HIS C 559 40.63 -33.16 25.14
N ILE C 560 40.37 -33.74 23.97
CA ILE C 560 41.45 -34.34 23.20
C ILE C 560 42.29 -33.29 22.46
N PRO C 561 41.69 -32.34 21.74
CA PRO C 561 42.50 -31.36 20.99
C PRO C 561 43.40 -30.50 21.87
N SER C 562 42.87 -29.96 22.95
CA SER C 562 43.75 -29.44 24.00
C SER C 562 44.25 -30.64 24.80
N GLY C 563 45.01 -30.38 25.86
CA GLY C 563 45.31 -31.44 26.80
C GLY C 563 44.41 -31.43 28.01
N LYS C 564 43.39 -30.57 28.03
CA LYS C 564 42.76 -30.14 29.26
C LYS C 564 41.77 -31.17 29.80
N CYS C 565 41.58 -31.16 31.12
CA CYS C 565 40.62 -32.00 31.82
C CYS C 565 39.26 -31.29 31.96
N LEU C 566 38.20 -32.08 32.15
CA LEU C 566 36.90 -31.47 32.45
C LEU C 566 36.90 -30.98 33.89
N ASP C 567 36.54 -29.71 34.11
CA ASP C 567 36.65 -29.10 35.42
C ASP C 567 35.36 -28.38 35.77
N ARG C 568 35.11 -28.21 37.08
CA ARG C 568 33.98 -27.44 37.57
C ARG C 568 34.41 -26.50 38.69
N SER C 569 33.58 -25.49 38.92
CA SER C 569 33.55 -24.75 40.19
C SER C 569 32.25 -25.09 40.90
N GLU C 570 32.35 -25.60 42.14
CA GLU C 570 31.15 -26.02 42.85
C GLU C 570 30.25 -24.83 43.16
N VAL C 571 30.83 -23.68 43.46
CA VAL C 571 30.10 -22.41 43.58
C VAL C 571 30.99 -21.33 42.99
N LEU C 572 30.51 -20.69 41.93
CA LEU C 572 29.18 -20.93 41.40
C LEU C 572 29.10 -22.22 40.56
N HIS C 573 27.99 -22.44 39.86
CA HIS C 573 27.72 -23.74 39.26
C HIS C 573 28.20 -23.76 37.81
N GLN C 574 29.47 -24.02 37.65
CA GLN C 574 30.15 -23.73 36.40
C GLN C 574 30.94 -24.94 35.91
N VAL C 575 30.82 -25.21 34.60
CA VAL C 575 31.50 -26.33 33.96
C VAL C 575 32.45 -25.77 32.91
N PHE C 576 33.74 -26.06 33.05
CA PHE C 576 34.76 -25.61 32.10
C PHE C 576 35.80 -26.72 31.94
N ILE C 577 36.76 -26.50 31.02
CA ILE C 577 37.95 -27.34 30.89
C ILE C 577 39.17 -26.51 31.24
N SER C 578 40.10 -27.12 31.99
CA SER C 578 41.32 -26.46 32.46
C SER C 578 42.48 -27.44 32.34
N ASN C 579 43.70 -26.95 32.58
CA ASN C 579 44.86 -27.81 32.47
C ASN C 579 44.81 -28.92 33.51
N CYS C 580 45.14 -30.13 33.11
CA CYS C 580 44.92 -31.28 33.98
C CYS C 580 45.79 -31.19 35.21
N ASP C 581 45.17 -31.31 36.38
CA ASP C 581 45.87 -31.27 37.65
C ASP C 581 45.33 -32.37 38.55
N SER C 582 46.20 -33.29 38.91
CA SER C 582 45.79 -34.49 39.64
C SER C 582 45.37 -34.20 41.08
N SER C 583 45.70 -33.02 41.60
CA SER C 583 45.36 -32.72 42.98
C SER C 583 43.91 -32.27 43.10
N LYS C 584 43.46 -31.46 42.12
CA LYS C 584 42.11 -30.91 42.10
C LYS C 584 41.06 -31.99 42.12
N THR C 585 40.26 -32.05 43.18
CA THR C 585 39.16 -32.99 43.10
C THR C 585 38.03 -32.48 42.21
N THR C 586 38.15 -31.24 41.73
CA THR C 586 37.18 -30.66 40.81
C THR C 586 37.31 -31.19 39.40
N GLN C 587 38.37 -31.93 39.09
CA GLN C 587 38.49 -32.57 37.79
C GLN C 587 38.12 -34.05 37.86
N LYS C 588 37.59 -34.49 38.99
CA LYS C 588 37.26 -35.87 39.23
C LYS C 588 35.76 -36.08 39.07
N TRP C 589 35.38 -37.03 38.19
CA TRP C 589 33.99 -37.30 37.88
C TRP C 589 33.72 -38.79 37.88
N GLU C 590 32.45 -39.14 38.09
CA GLU C 590 31.98 -40.49 37.84
C GLU C 590 30.81 -40.44 36.86
N MET C 591 30.66 -41.49 36.05
CA MET C 591 29.54 -41.61 35.13
C MET C 591 28.71 -42.82 35.55
N ASN C 592 27.46 -42.57 35.92
CA ASN C 592 26.64 -43.55 36.62
C ASN C 592 25.33 -43.77 35.88
N ASN C 593 25.05 -45.01 35.51
CA ASN C 593 23.78 -45.33 34.87
C ASN C 593 22.62 -44.85 35.73
N ILE C 594 21.68 -44.14 35.13
CA ILE C 594 20.43 -43.78 35.77
C ILE C 594 19.33 -44.68 35.21
N HIS C 595 18.84 -45.59 36.02
CA HIS C 595 17.84 -46.56 35.59
C HIS C 595 16.45 -46.01 35.88
N SER C 596 15.57 -46.13 34.89
CA SER C 596 14.18 -45.69 34.98
C SER C 596 13.27 -46.92 35.06
N VAL C 597 12.64 -47.13 36.22
CA VAL C 597 11.77 -48.31 36.39
C VAL C 597 10.33 -47.95 36.05
N TYR D 52 19.81 26.32 39.36
CA TYR D 52 20.16 26.99 40.61
C TYR D 52 19.79 26.17 41.84
N LEU D 53 18.83 25.26 41.70
CA LEU D 53 18.40 24.45 42.84
C LEU D 53 19.51 23.51 43.29
N THR D 54 19.62 23.31 44.60
CA THR D 54 20.66 22.45 45.16
C THR D 54 20.06 21.51 46.20
N PHE D 55 20.71 20.35 46.37
CA PHE D 55 20.29 19.37 47.37
C PHE D 55 20.75 19.78 48.75
N LYS D 56 20.05 19.29 49.77
CA LYS D 56 20.25 19.84 51.10
C LYS D 56 21.57 19.32 51.67
N PRO D 57 22.35 20.15 52.38
CA PRO D 57 23.73 19.78 52.70
C PRO D 57 23.77 18.73 53.79
N GLN D 58 24.93 18.06 53.87
CA GLN D 58 25.14 16.95 54.81
C GLN D 58 25.39 17.51 56.20
N THR D 59 24.34 17.52 57.03
CA THR D 59 24.53 17.91 58.41
C THR D 59 25.11 16.76 59.24
N PHE D 60 24.79 15.53 58.88
CA PHE D 60 25.20 14.37 59.65
C PHE D 60 26.70 14.09 59.47
N THR D 61 27.37 13.68 60.54
CA THR D 61 28.80 13.43 60.53
C THR D 61 29.08 11.94 60.72
N TYR D 62 29.97 11.41 59.89
CA TYR D 62 30.24 9.98 59.90
C TYR D 62 31.68 9.72 59.46
N HIS D 63 32.22 8.56 59.87
CA HIS D 63 33.59 8.19 59.59
C HIS D 63 33.68 6.95 58.73
N ASP D 64 34.32 7.08 57.58
CA ASP D 64 34.52 5.92 56.72
C ASP D 64 35.05 4.77 57.55
N PRO D 65 34.67 3.54 57.20
CA PRO D 65 35.10 2.39 58.00
C PRO D 65 36.54 2.03 57.72
N VAL D 66 37.11 1.29 58.66
CA VAL D 66 38.51 0.90 58.62
C VAL D 66 38.60 -0.62 58.70
N LEU D 67 39.47 -1.20 57.88
CA LEU D 67 39.66 -2.64 57.81
C LEU D 67 41.01 -3.00 58.43
N ARG D 68 40.98 -3.90 59.41
CA ARG D 68 42.17 -4.36 60.15
C ARG D 68 42.36 -5.85 59.92
N PRO D 69 43.16 -6.28 58.94
CA PRO D 69 43.32 -7.73 58.71
C PRO D 69 43.51 -8.47 60.03
N GLY D 70 42.87 -9.64 60.14
CA GLY D 70 43.03 -10.50 61.30
C GLY D 70 42.17 -10.16 62.50
N ILE D 71 41.39 -9.10 62.47
CA ILE D 71 40.54 -8.72 63.60
C ILE D 71 39.11 -8.66 63.12
N LEU D 72 38.24 -9.42 63.79
CA LEU D 72 36.85 -9.46 63.35
C LEU D 72 36.18 -8.10 63.56
N GLY D 73 35.23 -7.80 62.70
CA GLY D 73 34.54 -6.53 62.77
C GLY D 73 33.38 -6.57 63.72
N ASN D 74 33.01 -5.40 64.22
CA ASN D 74 32.00 -5.32 65.26
C ASN D 74 30.65 -5.87 64.82
N PHE D 75 30.30 -5.70 63.53
CA PHE D 75 28.97 -6.11 63.08
C PHE D 75 28.97 -7.54 62.57
N GLU D 76 30.15 -8.15 62.51
CA GLU D 76 30.25 -9.56 62.14
C GLU D 76 29.78 -10.41 63.32
N PRO D 77 29.01 -11.47 63.07
CA PRO D 77 28.49 -12.25 64.21
C PRO D 77 29.63 -12.95 64.93
N LYS D 78 29.50 -13.01 66.26
CA LYS D 78 30.58 -13.56 67.07
C LYS D 78 30.74 -15.06 66.81
N GLU D 79 29.63 -15.79 66.73
CA GLU D 79 29.57 -17.23 66.53
C GLU D 79 28.66 -17.59 65.36
N PRO D 80 28.86 -18.76 64.75
CA PRO D 80 28.06 -19.15 63.58
C PRO D 80 26.57 -19.12 63.85
N GLU D 81 25.81 -18.71 62.83
CA GLU D 81 24.37 -18.47 62.97
C GLU D 81 23.64 -19.78 63.28
N PRO D 82 22.82 -19.82 64.33
CA PRO D 82 22.04 -21.01 64.59
C PRO D 82 21.07 -21.28 63.45
N PRO D 83 20.98 -22.53 62.98
CA PRO D 83 19.98 -22.85 61.96
C PRO D 83 18.58 -22.69 62.53
N GLY D 84 17.63 -22.36 61.66
CA GLY D 84 16.25 -22.20 62.10
C GLY D 84 15.59 -23.52 62.49
N VAL D 85 15.93 -24.61 61.79
CA VAL D 85 15.45 -25.96 62.11
C VAL D 85 16.64 -26.91 62.02
N VAL D 86 16.83 -27.73 63.05
CA VAL D 86 17.97 -28.64 63.04
C VAL D 86 17.81 -29.64 61.91
N GLY D 87 18.93 -30.06 61.34
CA GLY D 87 18.87 -31.03 60.27
C GLY D 87 18.10 -30.57 59.05
N GLY D 88 18.28 -29.30 58.66
CA GLY D 88 17.68 -28.76 57.47
C GLY D 88 16.17 -28.91 57.55
N PRO D 89 15.50 -29.02 56.39
CA PRO D 89 16.07 -28.97 55.03
C PRO D 89 16.19 -27.56 54.42
N GLY D 90 17.23 -27.30 53.64
CA GLY D 90 17.51 -25.98 53.14
C GLY D 90 18.46 -25.16 53.98
N GLU D 91 19.03 -25.73 55.02
CA GLU D 91 20.00 -25.05 55.85
C GLU D 91 21.39 -25.67 55.74
N LYS D 92 22.41 -24.82 55.79
CA LYS D 92 22.19 -23.40 55.92
C LYS D 92 21.88 -22.95 54.53
N ALA D 93 22.65 -23.50 53.62
CA ALA D 93 22.57 -23.13 52.22
C ALA D 93 22.16 -24.30 51.34
N LYS D 94 22.17 -25.52 51.88
CA LYS D 94 22.34 -26.70 51.05
C LYS D 94 21.14 -26.87 50.13
N PRO D 95 21.33 -27.35 48.89
CA PRO D 95 20.19 -27.42 47.98
C PRO D 95 19.20 -28.47 48.43
N LEU D 96 17.93 -28.19 48.16
CA LEU D 96 16.82 -29.07 48.52
C LEU D 96 16.22 -29.64 47.25
N VAL D 97 16.28 -30.97 47.10
CA VAL D 97 15.81 -31.69 45.92
C VAL D 97 14.61 -32.56 46.30
N LEU D 98 13.53 -32.38 45.56
CA LEU D 98 12.31 -33.15 45.77
C LEU D 98 12.14 -34.30 44.79
N GLY D 99 11.31 -35.25 45.20
CA GLY D 99 11.07 -36.49 44.49
C GLY D 99 10.18 -36.39 43.28
N PRO D 100 10.12 -37.56 42.50
CA PRO D 100 9.22 -37.45 41.35
C PRO D 100 7.78 -37.19 41.75
N GLU D 101 7.39 -37.71 42.90
CA GLU D 101 6.01 -37.66 43.33
C GLU D 101 5.56 -36.23 43.45
N PHE D 102 6.46 -35.40 43.95
CA PHE D 102 6.19 -33.99 44.15
C PHE D 102 6.10 -33.27 42.84
N LYS D 103 6.57 -33.90 41.78
CA LYS D 103 6.76 -33.22 40.53
C LYS D 103 5.45 -32.64 40.10
N GLN D 104 4.40 -33.40 40.30
CA GLN D 104 3.10 -32.91 39.92
C GLN D 104 2.76 -31.67 40.71
N ALA D 105 3.01 -31.72 42.01
CA ALA D 105 2.76 -30.55 42.83
C ALA D 105 3.71 -29.41 42.53
N ILE D 106 4.99 -29.70 42.40
CA ILE D 106 5.91 -28.60 42.10
C ILE D 106 5.45 -27.87 40.84
N GLN D 107 5.16 -28.61 39.76
CA GLN D 107 4.84 -27.99 38.48
C GLN D 107 3.61 -27.09 38.59
N ALA D 108 2.61 -27.52 39.35
CA ALA D 108 1.47 -26.64 39.62
C ALA D 108 1.91 -25.39 40.38
N SER D 109 2.79 -25.53 41.36
CA SER D 109 3.19 -24.37 42.14
C SER D 109 4.03 -23.41 41.31
N ILE D 110 4.85 -23.94 40.40
CA ILE D 110 5.66 -23.06 39.57
C ILE D 110 4.77 -22.20 38.69
N LYS D 111 3.72 -22.78 38.09
CA LYS D 111 2.81 -21.97 37.30
C LYS D 111 2.13 -20.91 38.17
N GLU D 112 1.73 -21.28 39.39
CA GLU D 112 0.99 -20.35 40.24
C GLU D 112 1.88 -19.19 40.70
N PHE D 113 3.15 -19.46 40.99
CA PHE D 113 4.04 -18.49 41.62
C PHE D 113 5.36 -18.27 40.89
N GLY D 114 5.79 -19.19 40.03
CA GLY D 114 7.11 -19.09 39.43
C GLY D 114 8.25 -19.62 40.27
N PHE D 115 7.94 -20.28 41.37
CA PHE D 115 8.94 -20.86 42.25
C PHE D 115 8.47 -22.24 42.73
N ASN D 116 9.41 -23.15 42.92
CA ASN D 116 9.08 -24.38 43.59
C ASN D 116 8.62 -24.08 45.02
N MET D 117 7.31 -23.90 45.22
CA MET D 117 6.84 -23.50 46.55
C MET D 117 6.82 -24.65 47.54
N VAL D 118 6.64 -25.88 47.04
CA VAL D 118 6.65 -27.06 47.91
C VAL D 118 8.01 -27.23 48.57
N ALA D 119 9.09 -26.87 47.87
CA ALA D 119 10.41 -26.92 48.47
C ALA D 119 10.63 -25.72 49.38
N SER D 120 10.10 -24.56 49.00
CA SER D 120 10.17 -23.39 49.87
C SER D 120 9.43 -23.64 51.19
N ASP D 121 8.23 -24.21 51.11
CA ASP D 121 7.38 -24.36 52.28
C ASP D 121 7.98 -25.28 53.34
N MET D 122 8.96 -26.11 52.98
CA MET D 122 9.62 -27.00 53.93
C MET D 122 11.00 -26.48 54.33
N ILE D 123 11.32 -25.24 53.99
CA ILE D 123 12.55 -24.60 54.43
C ILE D 123 12.19 -23.57 55.50
N SER D 124 12.93 -23.58 56.60
CA SER D 124 12.61 -22.69 57.70
C SER D 124 12.54 -21.25 57.20
N LEU D 125 11.60 -20.49 57.76
CA LEU D 125 11.61 -19.06 57.51
C LEU D 125 12.85 -18.39 58.09
N ASP D 126 13.38 -18.91 59.20
CA ASP D 126 14.56 -18.36 59.87
C ASP D 126 15.82 -19.13 59.53
N ARG D 127 15.85 -19.74 58.34
CA ARG D 127 16.93 -20.65 58.00
C ARG D 127 18.25 -19.90 57.89
N SER D 128 19.31 -20.61 58.27
CA SER D 128 20.66 -20.11 58.04
C SER D 128 20.97 -20.13 56.55
N VAL D 129 22.07 -19.49 56.15
CA VAL D 129 22.44 -19.37 54.75
C VAL D 129 23.96 -19.36 54.66
N ASN D 130 24.48 -19.76 53.50
CA ASN D 130 25.90 -19.71 53.22
C ASN D 130 26.42 -18.28 53.13
N ASP D 131 27.72 -18.14 53.29
CA ASP D 131 28.39 -16.85 53.25
C ASP D 131 29.06 -16.74 51.89
N LEU D 132 28.63 -15.78 51.08
CA LEU D 132 29.15 -15.60 49.73
C LEU D 132 30.13 -14.43 49.62
N ARG D 133 30.27 -13.62 50.68
CA ARG D 133 31.25 -12.54 50.73
C ARG D 133 32.66 -13.08 50.97
N GLN D 134 33.65 -12.27 50.57
CA GLN D 134 35.04 -12.66 50.76
C GLN D 134 35.47 -12.51 52.22
N GLU D 135 36.62 -13.09 52.55
CA GLU D 135 37.15 -12.99 53.91
C GLU D 135 37.34 -11.55 54.31
N GLU D 136 37.98 -10.75 53.43
CA GLU D 136 38.23 -9.36 53.76
C GLU D 136 37.00 -8.71 54.36
N CYS D 137 35.80 -9.17 54.01
CA CYS D 137 34.59 -8.43 54.39
C CYS D 137 34.30 -8.54 55.88
N LYS D 138 34.87 -9.54 56.57
CA LYS D 138 34.58 -9.66 57.99
C LYS D 138 35.43 -8.72 58.84
N TYR D 139 36.45 -8.11 58.24
CA TYR D 139 37.42 -7.41 59.05
C TYR D 139 37.16 -5.92 59.16
N TRP D 140 36.23 -5.39 58.36
CA TRP D 140 35.92 -3.97 58.41
C TRP D 140 35.25 -3.61 59.74
N HIS D 141 35.65 -2.46 60.26
CA HIS D 141 35.07 -1.94 61.46
C HIS D 141 34.33 -0.70 61.07
N TYR D 142 33.13 -0.57 61.59
CA TYR D 142 32.19 0.45 61.17
C TYR D 142 31.88 1.39 62.31
N ASP D 143 31.66 2.64 61.97
CA ASP D 143 31.19 3.54 62.95
C ASP D 143 29.86 2.91 63.14
N GLU D 144 29.43 2.82 64.37
CA GLU D 144 28.05 2.49 64.65
C GLU D 144 27.46 3.87 64.54
N ASN D 145 26.20 4.10 64.88
CA ASN D 145 25.59 5.38 64.51
C ASN D 145 25.47 5.50 62.99
N LEU D 146 25.12 4.40 62.36
CA LEU D 146 24.68 4.45 60.98
C LEU D 146 23.29 5.03 60.95
N LEU D 147 22.87 5.60 59.82
CA LEU D 147 21.49 6.08 59.75
C LEU D 147 20.51 4.93 59.97
N THR D 148 19.31 5.24 60.43
CA THR D 148 18.28 4.23 60.56
C THR D 148 17.62 3.98 59.20
N SER D 149 16.95 2.84 59.05
CA SER D 149 16.43 2.47 57.73
C SER D 149 15.01 1.93 57.84
N SER D 150 14.16 2.33 56.89
CA SER D 150 12.91 1.63 56.61
C SER D 150 13.11 0.77 55.37
N VAL D 151 13.04 -0.55 55.51
CA VAL D 151 13.04 -1.42 54.35
C VAL D 151 11.60 -1.57 53.85
N VAL D 152 11.39 -1.22 52.57
CA VAL D 152 10.06 -1.33 51.97
C VAL D 152 10.08 -2.46 50.95
N ILE D 153 9.10 -3.33 51.04
CA ILE D 153 8.99 -4.53 50.22
C ILE D 153 7.66 -4.45 49.49
N VAL D 154 7.70 -4.14 48.18
CA VAL D 154 6.55 -4.22 47.29
C VAL D 154 6.29 -5.67 46.91
N PHE D 155 5.02 -6.08 46.94
CA PHE D 155 4.68 -7.46 46.63
C PHE D 155 3.34 -7.53 45.92
N HIS D 156 3.25 -8.47 44.97
CA HIS D 156 2.03 -8.72 44.21
C HIS D 156 1.89 -10.23 44.02
N ASN D 157 0.90 -10.82 44.69
CA ASN D 157 0.60 -12.24 44.56
C ASN D 157 1.80 -13.13 44.90
N GLU D 158 2.66 -12.67 45.80
CA GLU D 158 3.80 -13.47 46.20
C GLU D 158 3.38 -14.66 47.06
N GLY D 159 4.14 -15.74 46.96
CA GLY D 159 3.90 -16.87 47.83
C GLY D 159 4.17 -16.51 49.28
N TRP D 160 3.40 -17.11 50.18
CA TRP D 160 3.56 -16.80 51.59
C TRP D 160 4.99 -17.11 52.05
N SER D 161 5.56 -18.26 51.64
CA SER D 161 6.85 -18.66 52.21
C SER D 161 8.00 -17.79 51.69
N THR D 162 7.95 -17.39 50.42
CA THR D 162 8.99 -16.53 49.90
C THR D 162 8.90 -15.13 50.50
N LEU D 163 7.68 -14.64 50.71
CA LEU D 163 7.51 -13.30 51.27
C LEU D 163 7.96 -13.24 52.73
N MET D 164 7.45 -14.15 53.56
CA MET D 164 7.76 -14.05 54.99
C MET D 164 9.21 -14.39 55.26
N ARG D 165 9.81 -15.27 54.46
CA ARG D 165 11.23 -15.57 54.65
C ARG D 165 12.08 -14.33 54.36
N THR D 166 11.62 -13.47 53.45
CA THR D 166 12.28 -12.20 53.21
C THR D 166 12.32 -11.37 54.48
N VAL D 167 11.14 -11.11 55.04
CA VAL D 167 11.04 -10.35 56.29
C VAL D 167 11.82 -11.05 57.40
N HIS D 168 11.51 -12.33 57.66
CA HIS D 168 12.25 -13.07 58.67
C HIS D 168 13.75 -12.85 58.49
N SER D 169 14.23 -12.88 57.25
CA SER D 169 15.66 -12.77 56.98
C SER D 169 16.19 -11.41 57.41
N VAL D 170 15.45 -10.35 57.08
CA VAL D 170 15.86 -9.00 57.46
C VAL D 170 15.93 -8.88 58.98
N ILE D 171 14.86 -9.30 59.66
CA ILE D 171 14.78 -9.26 61.12
C ILE D 171 15.94 -10.04 61.74
N LYS D 172 16.30 -11.15 61.13
CA LYS D 172 17.28 -12.03 61.74
C LYS D 172 18.71 -11.55 61.58
N ARG D 173 18.99 -10.69 60.58
CA ARG D 173 20.37 -10.29 60.34
C ARG D 173 20.58 -8.78 60.30
N THR D 174 19.59 -8.01 60.75
CA THR D 174 19.76 -6.57 60.89
C THR D 174 19.81 -6.19 62.36
N PRO D 175 20.84 -5.44 62.78
CA PRO D 175 20.83 -4.85 64.13
C PRO D 175 19.50 -4.13 64.41
N ARG D 176 18.92 -4.42 65.57
CA ARG D 176 17.58 -3.93 65.86
C ARG D 176 17.53 -2.40 65.89
N LYS D 177 18.54 -1.75 66.47
CA LYS D 177 18.48 -0.30 66.66
C LYS D 177 18.38 0.45 65.34
N TYR D 178 18.85 -0.17 64.26
CA TYR D 178 18.90 0.45 62.95
C TYR D 178 17.67 0.17 62.11
N LEU D 179 16.85 -0.81 62.47
CA LEU D 179 15.72 -1.28 61.68
C LEU D 179 14.46 -0.56 62.16
N ALA D 180 14.15 0.58 61.53
CA ALA D 180 13.07 1.44 62.01
C ALA D 180 11.70 0.83 61.80
N GLU D 181 11.52 0.12 60.69
CA GLU D 181 10.23 -0.46 60.32
C GLU D 181 10.49 -1.33 59.10
N ILE D 182 9.52 -2.19 58.80
CA ILE D 182 9.53 -2.95 57.55
C ILE D 182 8.18 -2.73 56.93
N VAL D 183 8.13 -1.96 55.85
CA VAL D 183 6.87 -1.62 55.21
C VAL D 183 6.67 -2.53 54.00
N LEU D 184 5.64 -3.37 54.07
CA LEU D 184 5.19 -4.14 52.93
C LEU D 184 4.13 -3.32 52.21
N ILE D 185 4.26 -3.18 50.88
CA ILE D 185 3.27 -2.49 50.05
C ILE D 185 2.53 -3.51 49.21
N ASP D 186 1.27 -3.78 49.56
CA ASP D 186 0.43 -4.71 48.81
C ASP D 186 -0.08 -3.98 47.58
N ASP D 187 0.46 -4.31 46.41
CA ASP D 187 -0.02 -3.72 45.17
C ASP D 187 -1.17 -4.54 44.58
N PHE D 188 -2.21 -4.74 45.40
CA PHE D 188 -3.50 -5.20 44.89
C PHE D 188 -3.49 -6.70 44.56
N SER D 189 -2.98 -7.50 45.49
CA SER D 189 -3.01 -8.94 45.30
C SER D 189 -4.41 -9.49 45.57
N ASN D 190 -4.68 -10.67 45.01
CA ASN D 190 -5.95 -11.34 45.25
C ASN D 190 -5.83 -12.65 46.01
N LYS D 191 -4.62 -13.13 46.25
CA LYS D 191 -4.46 -14.42 46.90
C LYS D 191 -4.89 -14.32 48.36
N GLU D 192 -5.63 -15.29 48.84
CA GLU D 192 -6.26 -15.16 50.14
C GLU D 192 -5.19 -14.98 51.20
N HIS D 193 -4.08 -15.65 51.01
CA HIS D 193 -3.02 -15.68 52.00
C HIS D 193 -2.49 -14.30 52.25
N LEU D 194 -2.49 -13.47 51.24
CA LEU D 194 -2.02 -12.11 51.38
C LEU D 194 -2.86 -11.23 52.31
N LYS D 195 -4.17 -11.41 52.30
CA LYS D 195 -5.05 -10.58 53.11
C LYS D 195 -5.63 -11.31 54.32
N GLU D 196 -5.62 -10.64 55.47
CA GLU D 196 -6.10 -11.24 56.73
C GLU D 196 -5.09 -12.19 57.30
N LYS D 197 -4.71 -13.18 56.53
CA LYS D 197 -3.73 -14.15 57.00
C LYS D 197 -2.47 -13.37 57.28
N LEU D 198 -2.16 -12.42 56.41
CA LEU D 198 -1.03 -11.54 56.60
C LEU D 198 -1.16 -10.66 57.83
N ASP D 199 -2.35 -10.10 58.02
CA ASP D 199 -2.56 -9.11 59.05
C ASP D 199 -2.38 -9.65 60.48
N GLU D 200 -2.94 -10.82 60.74
CA GLU D 200 -2.84 -11.45 62.05
C GLU D 200 -1.43 -11.95 62.31
N TYR D 201 -0.78 -12.56 61.30
CA TYR D 201 0.57 -13.09 61.47
C TYR D 201 1.57 -11.99 61.83
N ILE D 202 1.46 -10.84 61.16
CA ILE D 202 2.43 -9.76 61.27
C ILE D 202 2.47 -9.18 62.67
N LYS D 203 1.41 -9.42 63.45
CA LYS D 203 1.38 -8.98 64.84
C LYS D 203 2.49 -9.62 65.65
N LEU D 204 3.21 -10.57 65.05
CA LEU D 204 4.33 -11.24 65.71
C LEU D 204 5.37 -10.25 66.19
N TRP D 205 5.60 -9.20 65.42
CA TRP D 205 6.75 -8.34 65.61
C TRP D 205 6.39 -7.08 66.36
N ASN D 206 5.17 -7.02 66.90
CA ASN D 206 4.73 -5.94 67.75
C ASN D 206 4.64 -4.64 66.98
N GLY D 207 4.17 -4.73 65.74
CA GLY D 207 4.04 -3.51 64.95
C GLY D 207 5.33 -3.03 64.30
N LEU D 208 6.41 -3.78 64.39
CA LEU D 208 7.64 -3.45 63.67
C LEU D 208 7.42 -3.62 62.17
N VAL D 209 6.57 -4.55 61.78
CA VAL D 209 6.26 -4.86 60.40
C VAL D 209 4.82 -4.43 60.14
N LYS D 210 4.63 -3.70 59.04
CA LYS D 210 3.35 -3.05 58.75
C LYS D 210 3.09 -3.13 57.26
N VAL D 211 1.81 -3.21 56.89
CA VAL D 211 1.41 -3.43 55.51
C VAL D 211 0.35 -2.41 55.11
N PHE D 212 0.51 -1.85 53.91
CA PHE D 212 -0.40 -0.86 53.38
C PHE D 212 -0.95 -1.36 52.05
N ARG D 213 -2.26 -1.50 51.97
CA ARG D 213 -2.88 -1.93 50.73
C ARG D 213 -3.01 -0.77 49.76
N ASN D 214 -2.92 -1.09 48.48
CA ASN D 214 -3.23 -0.16 47.39
C ASN D 214 -4.62 -0.44 46.86
N GLU D 215 -5.34 0.62 46.50
CA GLU D 215 -6.71 0.47 46.02
C GLU D 215 -6.76 -0.03 44.58
N ARG D 216 -5.86 0.43 43.74
CA ARG D 216 -5.73 -0.11 42.39
C ARG D 216 -4.31 -0.56 42.15
N ARG D 217 -4.12 -1.31 41.07
CA ARG D 217 -2.81 -1.80 40.67
C ARG D 217 -1.98 -0.63 40.17
N GLU D 218 -1.05 -0.14 41.00
CA GLU D 218 -0.22 0.98 40.59
C GLU D 218 0.95 0.51 39.75
N GLY D 219 1.35 -0.75 39.91
CA GLY D 219 2.58 -1.17 39.28
C GLY D 219 3.79 -0.94 40.17
N LEU D 220 4.80 -1.79 39.97
CA LEU D 220 5.90 -1.84 40.94
C LEU D 220 6.67 -0.53 41.01
N ILE D 221 6.87 0.12 39.87
CA ILE D 221 7.53 1.43 39.85
C ILE D 221 6.80 2.40 40.76
N GLN D 222 5.50 2.57 40.52
CA GLN D 222 4.75 3.51 41.36
C GLN D 222 4.53 2.95 42.76
N ALA D 223 4.27 1.65 42.87
CA ALA D 223 4.20 1.01 44.18
C ALA D 223 5.40 1.41 45.04
N ARG D 224 6.60 1.39 44.45
CA ARG D 224 7.80 1.78 45.20
C ARG D 224 7.71 3.23 45.66
N SER D 225 7.13 4.10 44.83
CA SER D 225 7.00 5.50 45.22
C SER D 225 6.02 5.65 46.37
N ILE D 226 4.84 5.02 46.27
CA ILE D 226 3.95 4.98 47.41
C ILE D 226 4.70 4.49 48.64
N GLY D 227 5.47 3.41 48.47
CA GLY D 227 6.30 2.95 49.57
C GLY D 227 7.08 4.08 50.21
N ALA D 228 7.83 4.84 49.40
CA ALA D 228 8.66 5.91 49.94
C ALA D 228 7.85 6.85 50.83
N GLN D 229 6.61 7.15 50.41
CA GLN D 229 5.74 8.06 51.15
C GLN D 229 5.14 7.40 52.40
N LYS D 230 4.82 6.10 52.32
CA LYS D 230 4.17 5.43 53.45
C LYS D 230 5.17 4.93 54.49
N ALA D 231 6.47 4.96 54.18
CA ALA D 231 7.50 4.48 55.10
C ALA D 231 8.22 5.72 55.61
N LYS D 232 7.81 6.21 56.78
CA LYS D 232 8.21 7.51 57.26
C LYS D 232 9.26 7.46 58.37
N LEU D 233 9.41 6.31 59.03
CA LEU D 233 10.21 6.23 60.25
C LEU D 233 11.70 6.25 60.00
N GLY D 234 12.16 5.76 58.86
CA GLY D 234 13.59 5.57 58.69
C GLY D 234 14.29 6.79 58.11
N GLN D 235 15.61 6.82 58.31
CA GLN D 235 16.37 7.87 57.67
C GLN D 235 16.71 7.51 56.22
N VAL D 236 16.98 6.23 55.96
CA VAL D 236 17.21 5.78 54.58
C VAL D 236 16.14 4.74 54.24
N LEU D 237 15.77 4.75 52.97
CA LEU D 237 14.90 3.73 52.39
C LEU D 237 15.78 2.62 51.85
N ILE D 238 15.45 1.38 52.21
CA ILE D 238 16.09 0.22 51.59
C ILE D 238 14.99 -0.57 50.90
N TYR D 239 15.17 -0.78 49.60
CA TYR D 239 14.17 -1.47 48.81
C TYR D 239 14.57 -2.92 48.64
N LEU D 240 13.58 -3.80 48.72
CA LEU D 240 13.81 -5.22 48.53
C LEU D 240 12.68 -5.80 47.70
N ASP D 241 13.02 -6.81 46.91
CA ASP D 241 12.01 -7.59 46.23
C ASP D 241 11.35 -8.52 47.23
N ALA D 242 10.11 -8.93 46.94
CA ALA D 242 9.37 -9.81 47.82
C ALA D 242 9.84 -11.26 47.76
N HIS D 243 11.08 -11.50 47.29
CA HIS D 243 11.65 -12.85 47.26
C HIS D 243 13.16 -12.68 47.31
N CYS D 244 13.65 -12.34 48.50
CA CYS D 244 15.03 -12.02 48.77
C CYS D 244 15.42 -12.64 50.10
N GLU D 245 16.71 -12.97 50.20
CA GLU D 245 17.34 -13.38 51.45
C GLU D 245 18.60 -12.54 51.61
N VAL D 246 18.62 -11.75 52.64
CA VAL D 246 19.69 -10.83 52.99
C VAL D 246 20.82 -11.59 53.70
N ALA D 247 22.08 -11.20 53.45
CA ALA D 247 23.24 -11.92 53.95
C ALA D 247 23.63 -11.45 55.36
N VAL D 248 24.67 -12.07 55.96
CA VAL D 248 25.05 -11.63 57.30
C VAL D 248 25.89 -10.36 57.18
N ASN D 249 25.68 -9.44 58.12
CA ASN D 249 26.25 -8.10 58.08
C ASN D 249 26.09 -7.47 56.70
N TRP D 250 24.83 -7.40 56.25
CA TRP D 250 24.51 -6.68 55.03
C TRP D 250 24.21 -5.22 55.31
N TYR D 251 23.69 -4.90 56.50
CA TYR D 251 23.24 -3.54 56.78
C TYR D 251 24.40 -2.56 56.83
N ALA D 252 25.38 -2.82 57.68
CA ALA D 252 26.41 -1.81 57.92
C ALA D 252 27.12 -1.39 56.65
N PRO D 253 27.67 -2.30 55.85
CA PRO D 253 28.38 -1.89 54.63
C PRO D 253 27.50 -1.13 53.64
N LEU D 254 26.22 -1.50 53.57
CA LEU D 254 25.27 -0.87 52.65
C LEU D 254 24.94 0.55 53.06
N VAL D 255 24.79 0.79 54.37
CA VAL D 255 24.32 2.09 54.84
C VAL D 255 25.46 3.03 55.24
N ALA D 256 26.67 2.52 55.43
CA ALA D 256 27.77 3.38 55.85
C ALA D 256 28.09 4.45 54.82
N PRO D 257 28.18 4.15 53.52
CA PRO D 257 28.49 5.23 52.57
C PRO D 257 27.40 6.30 52.50
N ILE D 258 26.13 5.91 52.66
CA ILE D 258 25.06 6.90 52.76
C ILE D 258 25.27 7.79 53.97
N SER D 259 25.93 7.27 55.00
CA SER D 259 26.05 8.02 56.24
C SER D 259 27.08 9.13 56.10
N LYS D 260 28.24 8.83 55.49
CA LYS D 260 29.18 9.93 55.25
C LYS D 260 28.57 10.97 54.32
N ASP D 261 27.68 10.56 53.42
CA ASP D 261 27.26 11.40 52.29
C ASP D 261 25.85 10.99 51.88
N ARG D 262 24.88 11.90 52.07
CA ARG D 262 23.47 11.64 51.84
C ARG D 262 23.10 11.57 50.37
N THR D 263 24.00 11.93 49.47
CA THR D 263 23.75 11.86 48.03
C THR D 263 24.32 10.60 47.40
N ILE D 264 24.92 9.73 48.20
CA ILE D 264 25.36 8.41 47.73
C ILE D 264 24.17 7.45 47.81
N CYS D 265 23.94 6.71 46.74
CA CYS D 265 22.97 5.63 46.72
C CYS D 265 23.70 4.30 46.64
N THR D 266 23.17 3.30 47.33
CA THR D 266 23.92 2.09 47.63
C THR D 266 23.16 0.86 47.14
N VAL D 267 23.90 -0.07 46.53
CA VAL D 267 23.33 -1.27 45.94
C VAL D 267 24.15 -2.45 46.42
N PRO D 268 23.54 -3.40 47.13
CA PRO D 268 24.24 -4.65 47.45
C PRO D 268 24.51 -5.45 46.18
N LEU D 269 25.53 -6.29 46.23
CA LEU D 269 25.63 -7.33 45.23
C LEU D 269 24.43 -8.26 45.35
N ILE D 270 23.81 -8.57 44.23
CA ILE D 270 22.62 -9.40 44.20
C ILE D 270 23.04 -10.80 43.81
N ASP D 271 22.76 -11.77 44.65
CA ASP D 271 23.14 -13.15 44.35
C ASP D 271 21.91 -13.94 43.93
N VAL D 272 22.15 -15.12 43.35
CA VAL D 272 21.08 -15.90 42.73
C VAL D 272 20.59 -16.96 43.70
N ILE D 273 19.35 -16.84 44.13
CA ILE D 273 18.67 -17.92 44.82
C ILE D 273 17.97 -18.76 43.77
N ASN D 274 18.33 -20.03 43.69
CA ASN D 274 17.72 -20.97 42.75
C ASN D 274 16.26 -21.22 43.09
N GLY D 275 15.35 -20.78 42.23
CA GLY D 275 13.93 -20.89 42.52
C GLY D 275 13.42 -22.32 42.65
N ASN D 276 14.31 -23.29 42.51
CA ASN D 276 13.94 -24.69 42.58
C ASN D 276 14.54 -25.41 43.77
N THR D 277 15.82 -25.20 44.05
CA THR D 277 16.50 -25.92 45.10
C THR D 277 17.06 -25.02 46.19
N TYR D 278 17.08 -23.71 45.96
CA TYR D 278 17.22 -22.69 46.99
C TYR D 278 18.61 -22.58 47.57
N GLU D 279 19.61 -23.23 46.97
CA GLU D 279 20.97 -22.87 47.28
C GLU D 279 21.27 -21.54 46.60
N ILE D 280 22.30 -20.85 47.08
CA ILE D 280 22.54 -19.48 46.69
C ILE D 280 23.92 -19.36 46.05
N ILE D 281 23.96 -18.80 44.86
CA ILE D 281 25.09 -18.77 43.95
C ILE D 281 25.31 -17.31 43.55
N PRO D 282 26.55 -16.83 43.54
CA PRO D 282 26.83 -15.51 42.98
C PRO D 282 26.56 -15.46 41.47
N GLN D 283 26.29 -14.26 40.96
CA GLN D 283 26.10 -14.08 39.53
C GLN D 283 27.42 -14.27 38.78
N GLY D 284 27.34 -14.83 37.59
CA GLY D 284 28.52 -14.92 36.75
C GLY D 284 28.84 -13.57 36.18
N GLY D 285 29.74 -12.84 36.81
CA GLY D 285 30.04 -11.48 36.42
C GLY D 285 31.51 -11.29 36.12
N GLY D 286 31.81 -10.10 35.62
CA GLY D 286 33.10 -9.89 34.96
C GLY D 286 34.29 -10.13 35.86
N ASP D 287 34.38 -9.40 36.96
CA ASP D 287 35.64 -9.27 37.69
C ASP D 287 36.21 -10.62 38.12
N GLU D 288 37.55 -10.70 38.06
CA GLU D 288 38.26 -11.85 38.64
C GLU D 288 37.68 -12.20 39.99
N ASP D 289 37.32 -11.19 40.78
CA ASP D 289 36.64 -11.42 42.04
C ASP D 289 35.14 -11.51 41.88
N GLY D 290 34.66 -11.59 40.65
CA GLY D 290 33.25 -11.60 40.38
C GLY D 290 32.53 -10.27 40.53
N TYR D 291 33.24 -9.14 40.42
CA TYR D 291 32.64 -7.82 40.57
C TYR D 291 32.30 -7.25 39.19
N ALA D 292 31.02 -7.03 38.95
CA ALA D 292 30.55 -6.35 37.75
C ALA D 292 29.93 -5.02 38.13
N ARG D 293 29.85 -4.13 37.16
CA ARG D 293 29.14 -2.89 37.35
C ARG D 293 28.00 -2.87 36.34
N GLY D 294 26.91 -2.21 36.70
CA GLY D 294 25.72 -2.26 35.86
C GLY D 294 25.82 -1.31 34.68
N ALA D 295 25.24 -1.74 33.57
CA ALA D 295 25.33 -1.01 32.30
C ALA D 295 24.06 -1.28 31.51
N TRP D 296 24.12 -1.06 30.20
CA TRP D 296 23.00 -1.27 29.29
C TRP D 296 23.57 -1.36 27.89
N ASP D 297 22.79 -1.93 26.99
CA ASP D 297 23.04 -1.77 25.57
C ASP D 297 22.12 -0.64 25.10
N TRP D 298 22.13 -0.32 23.81
CA TRP D 298 21.49 0.93 23.40
C TRP D 298 20.00 0.77 23.08
N SER D 299 19.46 -0.44 23.16
CA SER D 299 18.02 -0.58 23.29
C SER D 299 17.58 -0.39 24.74
N MET D 300 18.52 -0.06 25.63
CA MET D 300 18.26 0.11 27.05
C MET D 300 17.88 -1.20 27.74
N LEU D 301 18.46 -2.30 27.29
CA LEU D 301 18.43 -3.56 28.03
C LEU D 301 19.56 -3.60 29.05
N TRP D 302 19.23 -4.13 30.23
CA TRP D 302 20.20 -4.27 31.30
C TRP D 302 21.34 -5.22 30.93
N LYS D 303 22.56 -4.79 31.24
CA LYS D 303 23.76 -5.57 30.96
C LYS D 303 24.73 -5.35 32.11
N ARG D 304 25.55 -6.35 32.40
CA ARG D 304 26.59 -6.18 33.39
C ARG D 304 27.95 -6.24 32.70
N VAL D 305 28.92 -5.55 33.29
CA VAL D 305 30.25 -5.49 32.70
C VAL D 305 31.28 -5.52 33.79
N PRO D 306 32.45 -6.06 33.50
CA PRO D 306 33.46 -6.28 34.55
C PRO D 306 33.90 -4.97 35.21
N LEU D 307 34.23 -5.07 36.50
CA LEU D 307 34.77 -3.92 37.24
C LEU D 307 36.13 -3.55 36.67
N THR D 308 36.29 -2.32 36.34
CA THR D 308 37.39 -1.95 35.47
C THR D 308 38.68 -1.66 36.25
N PRO D 309 39.83 -1.75 35.59
CA PRO D 309 41.08 -1.26 36.22
C PRO D 309 41.01 0.18 36.69
N GLN D 310 40.43 1.08 35.89
CA GLN D 310 40.30 2.47 36.32
C GLN D 310 39.64 2.56 37.69
N GLU D 311 38.49 1.91 37.86
CA GLU D 311 37.83 1.97 39.15
C GLU D 311 38.76 1.47 40.26
N LYS D 312 39.57 0.45 39.95
CA LYS D 312 40.39 -0.20 40.97
C LYS D 312 41.51 0.71 41.45
N ARG D 313 42.10 1.51 40.55
CA ARG D 313 43.08 2.51 40.97
C ARG D 313 42.50 3.43 42.03
N LEU D 314 41.20 3.70 41.96
CA LEU D 314 40.57 4.62 42.91
C LEU D 314 40.37 4.01 44.29
N ARG D 315 40.47 2.69 44.40
CA ARG D 315 40.12 1.99 45.62
C ARG D 315 41.37 1.38 46.24
N LYS D 316 41.59 1.66 47.52
CA LYS D 316 42.72 1.10 48.23
C LYS D 316 42.54 -0.39 48.49
N THR D 317 41.29 -0.84 48.59
CA THR D 317 40.96 -2.18 49.06
C THR D 317 40.25 -2.97 47.97
N LYS D 318 40.18 -4.29 48.17
CA LYS D 318 39.49 -5.14 47.21
C LYS D 318 37.97 -5.10 47.42
N THR D 319 37.51 -5.01 48.67
CA THR D 319 36.10 -5.19 48.99
C THR D 319 35.32 -3.88 49.18
N GLU D 320 36.00 -2.74 49.33
CA GLU D 320 35.28 -1.47 49.54
C GLU D 320 34.39 -1.14 48.34
N PRO D 321 33.34 -0.31 48.55
CA PRO D 321 32.42 -0.01 47.44
C PRO D 321 33.14 0.45 46.17
N TYR D 322 32.44 0.38 45.05
CA TYR D 322 32.96 0.91 43.81
C TYR D 322 31.82 1.51 43.01
N ARG D 323 32.16 2.27 41.97
CA ARG D 323 31.18 3.05 41.24
C ARG D 323 30.52 2.23 40.14
N SER D 324 29.18 2.24 40.13
CA SER D 324 28.43 1.60 39.03
C SER D 324 27.63 2.63 38.24
N PRO D 325 27.64 2.54 36.91
CA PRO D 325 26.79 3.43 36.11
C PRO D 325 25.30 3.29 36.41
N ALA D 326 24.79 2.09 36.65
CA ALA D 326 23.37 1.85 36.86
C ALA D 326 23.20 0.74 37.90
N MET D 327 21.97 0.61 38.39
CA MET D 327 21.58 -0.42 39.34
C MET D 327 20.52 -1.31 38.69
N ALA D 328 20.43 -2.56 39.15
CA ALA D 328 19.47 -3.48 38.53
C ALA D 328 18.05 -2.98 38.70
N GLY D 329 17.73 -2.46 39.89
CA GLY D 329 16.41 -1.90 40.12
C GLY D 329 15.75 -2.24 41.46
N GLY D 330 15.69 -3.54 41.78
CA GLY D 330 14.83 -3.99 42.85
C GLY D 330 15.39 -3.82 44.25
N LEU D 331 16.72 -3.68 44.37
CA LEU D 331 17.41 -3.61 45.66
C LEU D 331 18.32 -2.41 45.67
N PHE D 332 18.03 -1.44 46.52
CA PHE D 332 18.97 -0.36 46.71
C PHE D 332 18.62 0.41 47.98
N ALA D 333 19.52 1.30 48.38
CA ALA D 333 19.37 2.15 49.57
C ALA D 333 19.68 3.59 49.20
N ILE D 334 18.72 4.52 49.44
CA ILE D 334 18.99 5.96 49.39
C ILE D 334 18.55 6.59 50.69
N GLU D 335 19.15 7.74 51.01
CA GLU D 335 18.67 8.54 52.13
C GLU D 335 17.29 9.12 51.79
N ARG D 336 16.30 8.83 52.65
CA ARG D 336 14.91 9.10 52.31
C ARG D 336 14.73 10.49 51.71
N GLU D 337 15.33 11.52 52.34
CA GLU D 337 15.14 12.90 51.88
C GLU D 337 15.73 13.12 50.51
N PHE D 338 16.90 12.53 50.25
CA PHE D 338 17.53 12.67 48.96
C PHE D 338 16.65 12.11 47.84
N PHE D 339 16.13 10.89 48.03
CA PHE D 339 15.18 10.32 47.07
C PHE D 339 14.08 11.32 46.74
N PHE D 340 13.48 11.93 47.75
CA PHE D 340 12.42 12.89 47.47
C PHE D 340 12.95 14.11 46.73
N GLU D 341 14.16 14.54 47.04
CA GLU D 341 14.76 15.68 46.37
C GLU D 341 14.92 15.40 44.89
N LEU D 342 15.25 14.15 44.59
CA LEU D 342 15.33 13.60 43.25
C LEU D 342 13.97 13.46 42.62
N GLY D 343 12.96 13.41 43.48
CA GLY D 343 11.56 13.36 43.13
C GLY D 343 10.71 12.44 42.28
N LEU D 344 10.60 11.14 42.50
CA LEU D 344 11.52 10.23 43.09
C LEU D 344 11.75 9.34 41.90
N TYR D 345 10.70 8.63 41.49
CA TYR D 345 10.61 7.97 40.20
C TYR D 345 9.59 8.79 39.46
N ASP D 346 9.77 9.02 38.18
CA ASP D 346 8.86 9.89 37.45
C ASP D 346 7.44 9.31 37.47
N PRO D 347 6.39 10.08 37.82
CA PRO D 347 5.05 9.46 37.83
C PRO D 347 4.59 8.88 36.51
N GLY D 348 5.16 9.33 35.41
CA GLY D 348 4.83 8.82 34.10
C GLY D 348 5.12 7.36 33.85
N LEU D 349 6.15 6.82 34.48
CA LEU D 349 6.55 5.45 34.23
C LEU D 349 5.48 4.45 34.60
N GLN D 350 5.21 3.52 33.69
CA GLN D 350 4.18 2.51 33.88
C GLN D 350 4.76 1.22 34.39
N ILE D 351 4.05 0.13 34.25
CA ILE D 351 4.20 -0.96 35.17
C ILE D 351 5.59 -1.56 35.30
N TRP D 352 6.28 -1.84 34.21
CA TRP D 352 7.62 -2.43 34.33
C TRP D 352 8.70 -1.82 33.46
N GLY D 353 9.82 -1.48 34.09
CA GLY D 353 11.06 -1.20 33.41
C GLY D 353 11.44 0.21 33.05
N GLY D 354 12.74 0.44 33.05
CA GLY D 354 13.35 1.72 32.75
C GLY D 354 13.53 2.57 33.97
N GLU D 355 12.91 2.20 35.08
CA GLU D 355 13.01 2.96 36.31
C GLU D 355 14.39 2.97 36.93
N ASN D 356 15.08 1.85 36.86
CA ASN D 356 16.41 1.72 37.40
C ASN D 356 17.40 2.62 36.70
N PHE D 357 17.29 2.70 35.39
CA PHE D 357 18.09 3.62 34.62
C PHE D 357 17.74 5.07 34.93
N GLU D 358 16.46 5.34 35.08
CA GLU D 358 16.02 6.69 35.31
C GLU D 358 16.55 7.29 36.60
N ILE D 359 16.52 6.53 37.68
CA ILE D 359 17.09 6.98 38.96
C ILE D 359 18.62 6.97 38.92
N SER D 360 19.22 5.99 38.22
CA SER D 360 20.68 5.96 38.08
C SER D 360 21.18 7.20 37.37
N TYR D 361 20.52 7.59 36.28
CA TYR D 361 20.94 8.82 35.60
C TYR D 361 20.69 10.06 36.48
N LYS D 362 19.52 10.15 37.13
CA LYS D 362 19.31 11.30 38.01
C LYS D 362 20.44 11.41 39.02
N ILE D 363 20.79 10.29 39.67
CA ILE D 363 21.76 10.35 40.76
C ILE D 363 23.11 10.85 40.25
N TRP D 364 23.61 10.26 39.16
CA TRP D 364 24.91 10.64 38.64
C TRP D 364 24.92 12.06 38.08
N GLN D 365 23.99 12.36 37.18
CA GLN D 365 24.02 13.64 36.48
C GLN D 365 23.68 14.82 37.38
N CYS D 366 22.96 14.63 38.47
CA CYS D 366 22.63 15.73 39.36
C CYS D 366 23.52 15.78 40.60
N GLY D 367 24.70 15.14 40.55
CA GLY D 367 25.68 15.32 41.59
C GLY D 367 25.78 14.27 42.68
N GLY D 368 25.04 13.17 42.62
CA GLY D 368 25.19 12.08 43.56
C GLY D 368 26.22 11.05 43.10
N LYS D 369 26.27 9.92 43.83
CA LYS D 369 27.02 8.74 43.38
C LYS D 369 26.16 7.50 43.55
N LEU D 370 26.42 6.50 42.71
CA LEU D 370 25.81 5.17 42.81
C LEU D 370 26.91 4.17 43.09
N LEU D 371 26.81 3.46 44.20
CA LEU D 371 27.88 2.59 44.67
C LEU D 371 27.40 1.16 44.84
N PHE D 372 28.12 0.22 44.23
CA PHE D 372 27.96 -1.20 44.53
C PHE D 372 28.79 -1.51 45.77
N VAL D 373 28.18 -2.19 46.74
CA VAL D 373 28.82 -2.49 48.03
C VAL D 373 29.19 -3.96 48.13
N PRO D 374 30.44 -4.36 47.88
CA PRO D 374 30.76 -5.79 47.92
C PRO D 374 30.45 -6.49 49.22
N CYS D 375 30.62 -5.81 50.36
CA CYS D 375 30.44 -6.52 51.62
C CYS D 375 28.99 -6.63 52.03
N SER D 376 28.07 -6.10 51.21
CA SER D 376 26.65 -6.26 51.41
C SER D 376 26.11 -7.12 50.28
N ARG D 377 25.40 -8.18 50.64
CA ARG D 377 24.93 -9.12 49.66
C ARG D 377 23.50 -9.54 49.98
N VAL D 378 22.72 -9.69 48.92
CA VAL D 378 21.32 -10.07 49.04
C VAL D 378 21.01 -11.06 47.94
N GLY D 379 20.43 -12.20 48.33
CA GLY D 379 19.99 -13.17 47.37
C GLY D 379 18.64 -12.79 46.81
N HIS D 380 18.44 -13.14 45.57
CA HIS D 380 17.22 -12.80 44.85
C HIS D 380 16.73 -14.07 44.16
N ILE D 381 15.54 -14.56 44.54
CA ILE D 381 14.98 -15.70 43.83
C ILE D 381 14.66 -15.27 42.40
N TYR D 382 14.93 -16.16 41.45
CA TYR D 382 14.80 -15.85 40.03
C TYR D 382 13.73 -16.71 39.40
N ARG D 383 12.84 -16.09 38.63
CA ARG D 383 11.60 -16.74 38.23
C ARG D 383 11.84 -17.87 37.25
N LEU D 384 11.18 -19.00 37.45
CA LEU D 384 11.41 -20.13 36.57
C LEU D 384 10.56 -19.98 35.31
N GLU D 385 10.84 -20.84 34.33
CA GLU D 385 10.08 -20.82 33.09
C GLU D 385 8.70 -21.45 33.29
N GLY D 386 7.73 -20.91 32.57
CA GLY D 386 6.37 -21.41 32.66
C GLY D 386 5.51 -20.69 33.66
N TRP D 387 6.00 -19.62 34.25
CA TRP D 387 5.20 -18.84 35.18
C TRP D 387 4.05 -18.16 34.45
N GLN D 388 2.85 -18.34 34.98
CA GLN D 388 1.65 -17.68 34.45
C GLN D 388 1.78 -16.17 34.54
N GLY D 397 -3.56 -1.25 24.20
CA GLY D 397 -2.82 -0.11 23.74
C GLY D 397 -1.46 -0.47 23.15
N SER D 398 -0.40 0.15 23.67
CA SER D 398 0.95 -0.17 23.23
C SER D 398 1.88 -0.43 24.39
N SER D 399 2.95 -1.18 24.21
CA SER D 399 3.61 -1.64 25.39
C SER D 399 4.01 -0.45 26.24
N PRO D 400 3.53 -0.50 27.55
CA PRO D 400 3.98 0.63 28.38
C PRO D 400 5.49 0.67 28.54
N THR D 401 6.12 -0.50 28.62
CA THR D 401 7.53 -0.57 28.96
C THR D 401 8.35 0.18 27.94
N LEU D 402 8.01 0.03 26.67
CA LEU D 402 8.71 0.73 25.63
C LEU D 402 8.46 2.20 25.79
N LYS D 403 7.33 2.56 26.38
CA LYS D 403 6.98 3.94 26.44
C LYS D 403 7.80 4.49 27.58
N ASN D 404 8.04 3.63 28.56
CA ASN D 404 8.84 4.02 29.69
C ASN D 404 10.23 4.31 29.22
N TYR D 405 10.72 3.49 28.32
CA TYR D 405 12.08 3.70 27.82
C TYR D 405 12.24 5.08 27.14
N VAL D 406 11.29 5.43 26.27
CA VAL D 406 11.31 6.72 25.58
C VAL D 406 11.28 7.88 26.57
N ARG D 407 10.54 7.75 27.67
CA ARG D 407 10.52 8.83 28.66
C ARG D 407 11.89 9.02 29.28
N VAL D 408 12.54 7.93 29.69
CA VAL D 408 13.86 8.06 30.30
C VAL D 408 14.88 8.59 29.32
N VAL D 409 14.86 8.10 28.08
CA VAL D 409 15.79 8.58 27.05
C VAL D 409 15.58 10.07 26.77
N GLU D 410 14.33 10.51 26.56
CA GLU D 410 14.10 11.85 26.04
C GLU D 410 14.50 12.88 27.08
N VAL D 411 14.51 12.49 28.35
CA VAL D 411 14.83 13.53 29.33
C VAL D 411 16.28 13.40 29.78
N TRP D 412 16.89 12.23 29.62
CA TRP D 412 18.23 12.07 30.19
C TRP D 412 19.35 11.88 29.19
N TRP D 413 19.11 11.15 28.10
CA TRP D 413 20.16 10.71 27.19
C TRP D 413 20.74 11.77 26.29
N ASP D 414 20.09 12.91 26.19
CA ASP D 414 20.60 13.99 25.36
C ASP D 414 20.76 13.52 23.93
N GLU D 415 21.91 13.78 23.32
CA GLU D 415 22.14 13.46 21.91
C GLU D 415 22.15 11.96 21.66
N TYR D 416 22.38 11.20 22.72
CA TYR D 416 22.46 9.77 22.62
C TYR D 416 21.14 9.11 22.25
N LYS D 417 20.04 9.82 22.38
CA LYS D 417 18.71 9.29 22.03
C LYS D 417 18.72 8.79 20.59
N ASP D 418 19.57 9.39 19.76
CA ASP D 418 19.80 8.88 18.42
C ASP D 418 20.14 7.40 18.42
N TYR D 419 21.04 6.96 19.30
CA TYR D 419 21.41 5.55 19.27
C TYR D 419 20.29 4.66 19.79
N PHE D 420 19.44 5.18 20.70
CA PHE D 420 18.30 4.41 21.17
C PHE D 420 17.25 4.24 20.08
N TYR D 421 17.06 5.28 19.26
CA TYR D 421 16.14 5.20 18.14
C TYR D 421 16.69 4.38 16.98
N ALA D 422 18.01 4.34 16.76
CA ALA D 422 18.53 3.34 15.84
C ALA D 422 18.25 1.92 16.32
N SER D 423 18.37 1.69 17.63
CA SER D 423 18.11 0.36 18.20
C SER D 423 16.64 0.00 18.18
N ARG D 424 15.76 0.98 18.32
CA ARG D 424 14.32 0.74 18.43
C ARG D 424 13.61 1.76 17.56
N PRO D 425 13.79 1.71 16.24
CA PRO D 425 13.20 2.79 15.45
C PRO D 425 11.70 2.86 15.66
N GLU D 426 11.02 1.72 15.80
CA GLU D 426 9.54 1.72 15.94
C GLU D 426 9.07 2.51 17.14
N SER D 427 9.96 2.86 18.06
CA SER D 427 9.54 3.55 19.27
C SER D 427 9.51 5.06 19.13
N GLN D 428 10.09 5.61 18.07
CA GLN D 428 10.16 7.07 18.05
C GLN D 428 8.77 7.69 17.91
N ALA D 429 8.00 7.24 16.92
CA ALA D 429 6.73 7.90 16.65
C ALA D 429 5.73 7.72 17.78
N LEU D 430 6.02 6.91 18.79
CA LEU D 430 4.93 6.54 19.68
C LEU D 430 4.81 7.58 20.80
N PRO D 431 3.64 7.74 21.42
CA PRO D 431 3.48 8.96 22.23
C PRO D 431 3.83 8.72 23.69
N TYR D 432 4.99 9.20 24.12
CA TYR D 432 5.52 8.83 25.41
C TYR D 432 4.82 9.52 26.58
N GLY D 433 4.04 10.58 26.36
CA GLY D 433 3.45 11.34 27.46
C GLY D 433 4.11 12.69 27.68
N ASP D 434 3.72 13.33 28.79
CA ASP D 434 4.21 14.64 29.19
C ASP D 434 5.46 14.47 30.06
N ILE D 435 6.59 14.93 29.56
CA ILE D 435 7.81 14.92 30.37
C ILE D 435 8.24 16.34 30.67
N SER D 436 7.29 17.27 30.58
CA SER D 436 7.60 18.68 30.79
C SER D 436 8.27 18.90 32.14
N GLU D 437 7.66 18.40 33.20
CA GLU D 437 8.14 18.67 34.54
C GLU D 437 9.44 17.95 34.79
N LEU D 438 9.63 16.78 34.19
CA LEU D 438 10.91 16.09 34.33
C LEU D 438 12.01 16.88 33.64
N LYS D 439 11.73 17.43 32.45
CA LYS D 439 12.71 18.26 31.77
C LYS D 439 13.04 19.50 32.58
N LYS D 440 12.01 20.15 33.15
CA LYS D 440 12.26 21.31 34.01
C LYS D 440 13.11 20.92 35.22
N PHE D 441 12.94 19.69 35.73
CA PHE D 441 13.69 19.30 36.93
C PHE D 441 15.17 19.30 36.65
N ARG D 442 15.55 18.64 35.55
CA ARG D 442 16.94 18.58 35.12
C ARG D 442 17.53 19.98 34.92
N GLU D 443 16.79 20.89 34.30
CA GLU D 443 17.37 22.22 34.07
C GLU D 443 17.49 23.01 35.39
N ASP D 444 16.48 22.95 36.25
CA ASP D 444 16.52 23.73 37.48
C ASP D 444 17.68 23.31 38.38
N HIS D 445 18.02 22.02 38.40
CA HIS D 445 19.14 21.56 39.22
C HIS D 445 20.45 21.59 38.46
N ASN D 446 20.47 22.14 37.25
CA ASN D 446 21.69 22.27 36.46
C ASN D 446 22.48 20.96 36.39
N CYS D 447 21.75 19.84 36.25
CA CYS D 447 22.35 18.52 36.11
C CYS D 447 23.30 18.48 34.91
N LYS D 448 24.34 17.66 35.02
CA LYS D 448 25.34 17.58 33.97
C LYS D 448 24.83 16.77 32.79
N SER D 449 25.56 16.87 31.69
CA SER D 449 25.11 16.32 30.43
C SER D 449 25.24 14.80 30.42
N PHE D 450 24.43 14.16 29.59
CA PHE D 450 24.67 12.75 29.38
C PHE D 450 26.04 12.53 28.75
N LYS D 451 26.51 13.51 27.97
CA LYS D 451 27.83 13.42 27.38
C LYS D 451 28.91 13.29 28.45
N TRP D 452 28.89 14.19 29.44
CA TRP D 452 29.82 14.06 30.56
C TRP D 452 29.69 12.70 31.24
N PHE D 453 28.45 12.28 31.54
CA PHE D 453 28.19 11.00 32.19
C PHE D 453 28.84 9.85 31.45
N MET D 454 28.66 9.80 30.14
CA MET D 454 29.21 8.70 29.35
C MET D 454 30.73 8.71 29.34
N GLU D 455 31.35 9.90 29.33
CA GLU D 455 32.79 10.01 29.17
C GLU D 455 33.56 9.93 30.50
N GLU D 456 32.96 10.28 31.64
CA GLU D 456 33.65 10.30 32.92
C GLU D 456 33.28 9.13 33.82
N ILE D 457 32.02 8.69 33.84
CA ILE D 457 31.62 7.64 34.75
C ILE D 457 31.15 6.36 34.03
N ALA D 458 30.51 6.46 32.86
CA ALA D 458 30.25 5.21 32.13
C ALA D 458 31.21 4.97 30.96
N TYR D 459 32.51 5.20 31.17
CA TYR D 459 33.51 5.16 30.11
C TYR D 459 33.74 3.76 29.51
N ASP D 460 33.31 2.67 30.17
CA ASP D 460 33.56 1.31 29.65
C ASP D 460 32.43 0.77 28.79
N ILE D 461 31.22 1.32 28.91
CA ILE D 461 30.04 0.70 28.31
C ILE D 461 30.26 0.45 26.82
N THR D 462 30.64 1.48 26.05
CA THR D 462 30.69 1.26 24.59
C THR D 462 31.72 0.21 24.20
N SER D 463 32.73 0.01 25.03
CA SER D 463 33.72 -1.03 24.73
C SER D 463 33.09 -2.43 24.73
N HIS D 464 31.99 -2.64 25.46
CA HIS D 464 31.30 -3.92 25.42
C HIS D 464 30.02 -3.90 24.59
N TYR D 465 29.40 -2.73 24.50
CA TYR D 465 28.18 -2.53 23.73
C TYR D 465 28.47 -1.32 22.86
N PRO D 466 29.07 -1.54 21.70
CA PRO D 466 29.42 -0.42 20.80
C PRO D 466 28.18 0.37 20.38
N LEU D 467 28.38 1.67 20.15
CA LEU D 467 27.34 2.51 19.55
C LEU D 467 26.86 1.87 18.24
N PRO D 468 25.57 1.98 17.89
CA PRO D 468 25.06 1.26 16.70
C PRO D 468 24.97 2.18 15.50
N PRO D 469 25.20 1.66 14.30
CA PRO D 469 25.09 2.50 13.10
C PRO D 469 23.67 3.02 12.93
N LYS D 470 23.55 4.18 12.30
CA LYS D 470 22.27 4.74 11.88
C LYS D 470 21.50 3.75 11.01
N ASN D 471 20.16 3.87 10.94
CA ASN D 471 19.37 2.97 10.10
C ASN D 471 19.18 3.56 8.71
N VAL D 472 19.25 2.68 7.71
CA VAL D 472 18.83 3.04 6.36
C VAL D 472 17.32 3.00 6.22
N ASP D 473 16.68 1.95 6.71
CA ASP D 473 15.23 1.78 6.67
C ASP D 473 14.87 0.77 7.75
N TRP D 474 13.57 0.65 8.04
CA TRP D 474 13.05 -0.26 9.05
C TRP D 474 11.54 -0.44 8.85
N GLY D 475 11.02 -1.62 9.25
CA GLY D 475 9.61 -1.95 9.15
C GLY D 475 9.33 -3.42 8.89
N GLU D 476 8.11 -3.80 8.53
CA GLU D 476 7.88 -5.10 7.91
C GLU D 476 8.68 -5.19 6.61
N ILE D 477 9.05 -6.41 6.24
CA ILE D 477 9.62 -6.69 4.92
C ILE D 477 8.56 -7.45 4.13
N ARG D 478 7.80 -6.73 3.32
CA ARG D 478 6.62 -7.23 2.62
C ARG D 478 6.91 -7.50 1.15
N GLY D 479 6.33 -8.57 0.64
CA GLY D 479 6.43 -8.84 -0.79
C GLY D 479 5.67 -7.81 -1.60
N PHE D 480 6.34 -7.24 -2.61
CA PHE D 480 5.77 -6.15 -3.40
C PHE D 480 4.41 -6.55 -3.94
N GLU D 481 3.42 -5.72 -3.70
CA GLU D 481 2.07 -5.97 -4.17
C GLU D 481 1.57 -7.34 -3.69
N THR D 482 1.97 -7.73 -2.48
CA THR D 482 1.45 -8.95 -1.85
C THR D 482 1.19 -8.72 -0.37
N ALA D 483 0.57 -9.73 0.25
CA ALA D 483 0.16 -9.71 1.65
C ALA D 483 1.03 -10.64 2.48
N TYR D 484 2.22 -10.93 2.00
CA TYR D 484 3.11 -11.81 2.73
C TYR D 484 4.30 -11.05 3.26
N CYS D 485 4.81 -11.51 4.40
CA CYS D 485 5.90 -10.83 5.07
C CYS D 485 6.99 -11.83 5.44
N ILE D 486 8.24 -11.35 5.46
CA ILE D 486 9.31 -12.07 6.14
C ILE D 486 9.01 -12.03 7.65
N ASP D 487 9.03 -13.20 8.28
CA ASP D 487 8.59 -13.41 9.66
C ASP D 487 9.62 -14.30 10.34
N SER D 488 10.35 -13.70 11.28
CA SER D 488 11.30 -14.41 12.15
C SER D 488 10.73 -15.70 12.76
N MET D 489 9.43 -15.75 13.01
CA MET D 489 8.81 -16.82 13.80
C MET D 489 9.41 -16.94 15.18
N GLY D 490 9.99 -15.87 15.70
CA GLY D 490 10.61 -15.93 17.01
C GLY D 490 11.97 -16.63 17.06
N LYS D 491 12.45 -17.19 15.95
CA LYS D 491 13.68 -17.98 15.97
C LYS D 491 14.91 -17.14 16.25
N THR D 492 15.90 -17.75 16.91
CA THR D 492 17.17 -17.09 17.20
C THR D 492 18.31 -18.06 17.05
N ASN D 493 19.51 -17.51 16.87
CA ASN D 493 20.76 -18.28 16.96
C ASN D 493 20.80 -19.48 16.03
N GLY D 494 20.44 -19.30 14.78
CA GLY D 494 20.63 -20.37 13.84
C GLY D 494 19.36 -20.85 13.17
N GLY D 495 18.21 -20.33 13.60
CA GLY D 495 16.97 -20.68 12.94
C GLY D 495 16.86 -20.05 11.57
N PHE D 496 15.96 -20.58 10.76
CA PHE D 496 15.69 -19.99 9.46
C PHE D 496 14.42 -19.17 9.52
N VAL D 497 14.48 -18.03 8.85
CA VAL D 497 13.41 -17.05 8.78
C VAL D 497 12.39 -17.54 7.74
N GLU D 498 11.13 -17.13 7.88
CA GLU D 498 10.04 -17.66 7.07
C GLU D 498 9.16 -16.57 6.49
N LEU D 499 8.37 -16.94 5.50
CA LEU D 499 7.31 -16.09 4.98
C LEU D 499 6.03 -16.30 5.77
N GLY D 500 5.24 -15.25 5.92
CA GLY D 500 3.96 -15.39 6.58
C GLY D 500 3.00 -14.31 6.18
N PRO D 501 1.71 -14.50 6.44
CA PRO D 501 0.76 -13.45 6.08
C PRO D 501 0.99 -12.24 6.96
N CYS D 502 1.06 -11.06 6.33
CA CYS D 502 1.37 -9.83 7.05
C CYS D 502 0.28 -9.55 8.07
N HIS D 503 0.70 -9.05 9.24
CA HIS D 503 -0.24 -8.56 10.23
C HIS D 503 0.08 -7.18 10.76
N ARG D 504 1.17 -6.58 10.30
CA ARG D 504 1.39 -5.15 10.52
C ARG D 504 1.37 -4.83 12.02
N MET D 505 1.60 -5.83 12.86
CA MET D 505 1.81 -5.65 14.30
C MET D 505 3.30 -5.62 14.68
N GLY D 506 4.18 -5.57 13.69
CA GLY D 506 5.59 -5.57 13.99
C GLY D 506 6.01 -6.85 14.70
N GLY D 507 6.83 -6.68 15.74
CA GLY D 507 7.33 -7.78 16.52
C GLY D 507 8.27 -8.68 15.75
N ASN D 508 7.82 -9.90 15.45
CA ASN D 508 8.61 -10.81 14.62
C ASN D 508 8.44 -10.55 13.13
N GLN D 509 7.64 -9.56 12.74
CA GLN D 509 7.58 -9.12 11.34
C GLN D 509 8.20 -7.72 11.17
N LEU D 510 9.09 -7.34 12.09
CA LEU D 510 9.75 -6.05 12.08
C LEU D 510 11.25 -6.24 11.92
N PHE D 511 11.87 -5.44 11.03
CA PHE D 511 13.29 -5.53 10.73
C PHE D 511 13.83 -4.12 10.54
N ARG D 512 15.15 -3.99 10.60
CA ARG D 512 15.81 -2.74 10.26
C ARG D 512 17.06 -3.08 9.50
N ILE D 513 17.48 -2.15 8.64
CA ILE D 513 18.71 -2.33 7.90
C ILE D 513 19.66 -1.18 8.21
N ASN D 514 20.92 -1.55 8.44
CA ASN D 514 21.99 -0.72 8.93
C ASN D 514 22.65 0.12 7.85
N GLU D 515 23.24 1.24 8.27
CA GLU D 515 24.26 1.85 7.43
C GLU D 515 25.44 0.92 7.25
N ALA D 516 25.61 -0.04 8.15
CA ALA D 516 26.66 -1.03 8.02
C ALA D 516 26.18 -2.31 7.33
N ASN D 517 25.11 -2.24 6.55
CA ASN D 517 24.67 -3.34 5.70
C ASN D 517 24.15 -4.55 6.49
N GLN D 518 23.84 -4.38 7.76
CA GLN D 518 23.30 -5.43 8.59
C GLN D 518 21.77 -5.38 8.57
N LEU D 519 21.15 -6.57 8.43
CA LEU D 519 19.70 -6.73 8.45
C LEU D 519 19.35 -7.33 9.80
N MET D 520 18.73 -6.54 10.66
CA MET D 520 18.62 -6.91 12.04
C MET D 520 17.21 -6.99 12.61
N GLN D 521 17.01 -7.92 13.54
CA GLN D 521 15.83 -7.94 14.39
C GLN D 521 16.28 -8.10 15.82
N TYR D 522 15.90 -7.17 16.69
CA TYR D 522 16.39 -7.20 18.06
C TYR D 522 17.91 -7.17 18.04
N ASP D 523 18.56 -8.13 18.68
CA ASP D 523 20.01 -8.18 18.70
C ASP D 523 20.63 -9.13 17.69
N GLN D 524 19.83 -9.58 16.73
CA GLN D 524 20.26 -10.58 15.77
C GLN D 524 20.28 -10.03 14.38
N CYS D 525 21.02 -10.67 13.49
CA CYS D 525 20.99 -10.30 12.08
C CYS D 525 20.61 -11.50 11.21
N LEU D 526 20.13 -11.22 10.02
CA LEU D 526 20.00 -12.25 9.02
C LEU D 526 21.34 -12.45 8.35
N THR D 527 21.60 -13.68 7.93
CA THR D 527 22.80 -14.01 7.16
C THR D 527 22.48 -15.17 6.24
N LYS D 528 23.42 -15.44 5.33
CA LYS D 528 23.26 -16.55 4.41
C LYS D 528 23.51 -17.86 5.14
N GLY D 529 22.62 -18.82 4.92
CA GLY D 529 22.73 -20.10 5.59
C GLY D 529 23.82 -20.99 5.02
N ALA D 530 24.22 -21.98 5.82
CA ALA D 530 25.30 -22.87 5.39
C ALA D 530 24.89 -23.66 4.15
N ASP D 531 23.60 -23.96 4.00
CA ASP D 531 23.17 -24.71 2.81
C ASP D 531 23.26 -23.85 1.57
N GLY D 532 23.04 -22.56 1.73
CA GLY D 532 23.12 -21.70 0.58
C GLY D 532 21.89 -20.85 0.48
N SER D 533 20.73 -21.44 0.13
CA SER D 533 19.61 -20.60 -0.27
C SER D 533 18.93 -19.95 0.93
N LYS D 534 18.88 -20.65 2.07
CA LYS D 534 18.06 -20.23 3.21
C LYS D 534 18.65 -19.05 3.96
N VAL D 535 17.78 -18.32 4.67
CA VAL D 535 18.19 -17.12 5.41
C VAL D 535 18.00 -17.35 6.90
N MET D 536 19.11 -17.25 7.62
CA MET D 536 19.28 -17.65 9.00
C MET D 536 19.30 -16.40 9.88
N ILE D 537 18.72 -16.48 11.07
CA ILE D 537 18.84 -15.43 12.08
C ILE D 537 19.82 -15.91 13.12
N THR D 538 20.78 -15.06 13.52
CA THR D 538 21.80 -15.48 14.47
C THR D 538 22.28 -14.26 15.25
N HIS D 539 23.02 -14.53 16.33
CA HIS D 539 23.62 -13.45 17.12
C HIS D 539 24.67 -12.68 16.32
N CYS D 540 24.88 -11.40 16.72
CA CYS D 540 25.40 -10.30 15.86
C CYS D 540 26.45 -9.44 16.59
N ASN D 541 27.55 -9.19 15.86
CA ASN D 541 28.61 -8.27 16.30
C ASN D 541 28.73 -7.06 15.37
N LEU D 542 29.31 -5.96 15.87
CA LEU D 542 29.34 -4.74 15.06
C LEU D 542 29.90 -4.99 13.66
N ASN D 543 30.91 -5.83 13.53
CA ASN D 543 31.44 -6.08 12.19
C ASN D 543 30.89 -7.33 11.53
N GLU D 544 29.94 -8.05 12.14
CA GLU D 544 29.47 -9.32 11.57
C GLU D 544 28.25 -9.19 10.68
N PHE D 545 28.30 -9.85 9.53
CA PHE D 545 27.12 -9.99 8.68
C PHE D 545 26.74 -8.68 8.03
N LYS D 546 27.74 -7.86 7.72
CA LYS D 546 27.52 -6.67 6.90
C LYS D 546 27.42 -7.12 5.44
N GLU D 547 26.28 -7.76 5.11
CA GLU D 547 26.15 -8.43 3.84
C GLU D 547 24.85 -8.16 3.09
N TRP D 548 24.13 -7.09 3.39
CA TRP D 548 22.86 -6.78 2.73
C TRP D 548 22.86 -5.33 2.26
N GLN D 549 22.42 -5.10 1.03
CA GLN D 549 22.03 -3.75 0.68
C GLN D 549 20.59 -3.75 0.16
N TYR D 550 19.84 -2.76 0.61
CA TYR D 550 18.43 -2.61 0.32
C TYR D 550 18.26 -1.42 -0.62
N PHE D 551 17.62 -1.64 -1.77
CA PHE D 551 17.37 -0.57 -2.73
C PHE D 551 15.87 -0.32 -2.81
N LYS D 552 15.40 0.71 -2.11
CA LYS D 552 13.97 0.93 -1.98
C LYS D 552 13.29 1.04 -3.34
N ASN D 553 13.84 1.88 -4.23
CA ASN D 553 13.15 2.12 -5.50
C ASN D 553 13.14 0.86 -6.36
N LEU D 554 14.26 0.13 -6.39
CA LEU D 554 14.35 -1.16 -7.07
C LEU D 554 13.50 -2.24 -6.40
N HIS D 555 13.09 -2.05 -5.14
CA HIS D 555 12.36 -3.10 -4.44
C HIS D 555 13.24 -4.34 -4.23
N ARG D 556 14.55 -4.15 -4.16
CA ARG D 556 15.50 -5.26 -4.12
C ARG D 556 16.23 -5.30 -2.77
N PHE D 557 16.37 -6.50 -2.23
CA PHE D 557 17.29 -6.77 -1.13
C PHE D 557 18.37 -7.68 -1.65
N THR D 558 19.60 -7.24 -1.63
CA THR D 558 20.63 -8.01 -2.29
C THR D 558 21.72 -8.43 -1.32
N HIS D 559 22.15 -9.69 -1.45
CA HIS D 559 23.14 -10.29 -0.58
C HIS D 559 24.50 -9.97 -1.15
N ILE D 560 25.37 -9.39 -0.34
CA ILE D 560 26.54 -8.73 -0.90
C ILE D 560 27.62 -9.76 -1.27
N PRO D 561 27.97 -10.71 -0.39
CA PRO D 561 28.99 -11.70 -0.77
C PRO D 561 28.69 -12.42 -2.09
N SER D 562 27.55 -13.08 -2.24
CA SER D 562 27.16 -13.52 -3.57
C SER D 562 26.57 -12.37 -4.36
N GLY D 563 26.07 -12.65 -5.55
CA GLY D 563 25.33 -11.62 -6.24
C GLY D 563 23.84 -11.68 -6.03
N LYS D 564 23.38 -12.44 -5.05
CA LYS D 564 22.02 -12.95 -5.14
C LYS D 564 21.00 -12.00 -4.53
N CYS D 565 19.76 -12.21 -4.95
CA CYS D 565 18.63 -11.40 -4.52
C CYS D 565 17.84 -12.15 -3.45
N LEU D 566 17.22 -11.38 -2.55
CA LEU D 566 16.31 -11.98 -1.60
C LEU D 566 15.08 -12.47 -2.37
N ASP D 567 14.64 -13.69 -2.09
CA ASP D 567 13.59 -14.33 -2.87
C ASP D 567 12.62 -14.98 -1.91
N ARG D 568 11.46 -15.37 -2.42
CA ARG D 568 10.48 -16.09 -1.63
C ARG D 568 9.71 -17.04 -2.54
N SER D 569 9.12 -18.06 -1.94
CA SER D 569 8.12 -18.86 -2.61
C SER D 569 6.79 -18.71 -1.88
N GLU D 570 5.75 -18.17 -2.54
CA GLU D 570 4.51 -17.83 -1.84
C GLU D 570 3.82 -19.08 -1.27
N VAL D 571 3.74 -20.14 -2.09
CA VAL D 571 2.86 -21.26 -1.70
C VAL D 571 3.59 -22.20 -0.75
N LEU D 572 4.92 -22.14 -0.68
CA LEU D 572 5.68 -22.91 0.31
C LEU D 572 6.01 -22.10 1.55
N HIS D 573 5.82 -20.77 1.53
CA HIS D 573 6.09 -19.92 2.70
C HIS D 573 7.57 -19.92 3.05
N GLN D 574 8.40 -19.70 2.04
CA GLN D 574 9.85 -19.84 2.17
C GLN D 574 10.56 -18.57 1.71
N VAL D 575 11.58 -18.19 2.47
CA VAL D 575 12.48 -17.11 2.08
C VAL D 575 13.84 -17.74 1.79
N PHE D 576 14.52 -17.20 0.78
CA PHE D 576 15.82 -17.71 0.33
C PHE D 576 16.44 -16.65 -0.56
N ILE D 577 17.70 -16.87 -0.95
CA ILE D 577 18.36 -16.02 -1.94
C ILE D 577 18.64 -16.86 -3.18
N SER D 578 18.54 -16.22 -4.36
CA SER D 578 18.72 -16.84 -5.67
C SER D 578 19.38 -15.81 -6.59
N ASN D 579 19.79 -16.25 -7.78
CA ASN D 579 20.35 -15.32 -8.75
C ASN D 579 19.31 -14.30 -9.14
N CYS D 580 19.69 -13.03 -9.15
CA CYS D 580 18.72 -11.98 -9.41
C CYS D 580 18.05 -12.18 -10.76
N ASP D 581 16.74 -12.03 -10.78
CA ASP D 581 16.01 -12.03 -12.04
C ASP D 581 15.00 -10.90 -11.98
N SER D 582 15.15 -9.93 -12.90
CA SER D 582 14.23 -8.81 -12.94
C SER D 582 12.81 -9.24 -13.11
N SER D 583 12.58 -10.33 -13.84
CA SER D 583 11.20 -10.70 -14.15
C SER D 583 10.49 -11.22 -12.91
N LYS D 584 11.23 -11.87 -12.01
CA LYS D 584 10.66 -12.50 -10.83
C LYS D 584 10.11 -11.46 -9.85
N THR D 585 8.80 -11.52 -9.64
CA THR D 585 8.18 -10.68 -8.62
C THR D 585 8.51 -11.17 -7.21
N THR D 586 8.92 -12.43 -7.07
CA THR D 586 9.31 -12.95 -5.77
C THR D 586 10.65 -12.39 -5.33
N GLN D 587 11.20 -11.46 -6.08
CA GLN D 587 12.42 -10.77 -5.65
C GLN D 587 12.18 -9.29 -5.46
N LYS D 588 10.93 -8.86 -5.59
CA LYS D 588 10.56 -7.51 -5.25
C LYS D 588 9.96 -7.48 -3.84
N TRP D 589 10.66 -6.80 -2.96
CA TRP D 589 10.16 -6.46 -1.65
C TRP D 589 9.95 -4.97 -1.51
N GLU D 590 9.15 -4.62 -0.51
CA GLU D 590 9.11 -3.29 0.04
C GLU D 590 9.34 -3.39 1.55
N MET D 591 9.80 -2.29 2.16
CA MET D 591 10.06 -2.24 3.59
C MET D 591 9.33 -1.02 4.12
N ASN D 592 8.32 -1.26 4.96
CA ASN D 592 7.36 -0.25 5.39
C ASN D 592 7.37 -0.08 6.90
N ASN D 593 7.42 1.17 7.38
CA ASN D 593 7.37 1.43 8.82
C ASN D 593 6.05 0.92 9.39
N ILE D 594 6.16 0.26 10.52
CA ILE D 594 4.97 -0.22 11.17
C ILE D 594 4.89 0.64 12.42
N HIS D 595 4.07 1.69 12.36
CA HIS D 595 3.97 2.57 13.50
C HIS D 595 2.96 2.02 14.48
N SER D 596 3.22 2.29 15.74
CA SER D 596 2.43 1.75 16.83
C SER D 596 1.90 2.93 17.62
N VAL D 597 0.65 2.85 18.04
CA VAL D 597 0.06 3.99 18.73
C VAL D 597 -0.24 3.60 20.19
N TYR E 52 33.42 -6.09 -38.82
CA TYR E 52 32.79 -7.14 -38.02
C TYR E 52 33.09 -6.96 -36.52
N LEU E 53 33.87 -5.95 -36.14
CA LEU E 53 34.16 -5.68 -34.73
C LEU E 53 32.95 -5.06 -34.02
N THR E 54 32.72 -5.50 -32.79
CA THR E 54 31.60 -5.02 -31.98
C THR E 54 32.01 -4.64 -30.57
N PHE E 55 31.23 -3.78 -29.95
CA PHE E 55 31.40 -3.48 -28.54
C PHE E 55 30.85 -4.59 -27.67
N LYS E 56 31.39 -4.70 -26.46
CA LYS E 56 30.93 -5.70 -25.53
C LYS E 56 29.50 -5.43 -25.16
N PRO E 57 28.70 -6.56 -25.03
CA PRO E 57 27.27 -6.26 -24.82
C PRO E 57 26.91 -5.82 -23.43
N GLN E 58 25.73 -5.24 -23.31
CA GLN E 58 25.20 -4.87 -22.01
C GLN E 58 24.94 -6.13 -21.19
N THR E 59 25.60 -6.23 -20.04
CA THR E 59 25.28 -7.26 -19.07
C THR E 59 24.46 -6.73 -17.90
N PHE E 60 24.80 -5.55 -17.43
CA PHE E 60 24.04 -4.84 -16.41
C PHE E 60 22.59 -4.63 -16.84
N THR E 61 21.66 -4.90 -15.93
CA THR E 61 20.25 -4.54 -16.14
C THR E 61 19.93 -3.29 -15.34
N TYR E 62 19.43 -2.25 -16.02
CA TYR E 62 19.06 -1.02 -15.32
C TYR E 62 17.84 -0.39 -15.98
N HIS E 63 16.97 0.19 -15.18
CA HIS E 63 15.72 0.75 -15.66
C HIS E 63 15.77 2.28 -15.60
N ASP E 64 15.25 2.91 -16.65
CA ASP E 64 15.20 4.36 -16.71
C ASP E 64 14.41 4.88 -15.51
N PRO E 65 14.71 6.10 -15.06
CA PRO E 65 14.00 6.64 -13.89
C PRO E 65 12.56 6.99 -14.26
N VAL E 66 11.81 7.33 -13.22
CA VAL E 66 10.39 7.61 -13.32
C VAL E 66 10.14 8.99 -12.70
N LEU E 67 9.39 9.81 -13.41
CA LEU E 67 9.10 11.16 -12.95
C LEU E 67 7.78 11.13 -12.22
N ARG E 68 7.81 11.38 -10.91
CA ARG E 68 6.60 11.31 -10.09
C ARG E 68 6.32 12.72 -9.56
N PRO E 69 5.58 13.56 -10.30
CA PRO E 69 5.38 14.94 -9.83
C PRO E 69 4.79 14.93 -8.44
N GLY E 70 5.27 15.84 -7.61
CA GLY E 70 4.75 16.03 -6.29
C GLY E 70 5.38 15.08 -5.29
N ILE E 71 6.21 14.17 -5.77
CA ILE E 71 6.93 13.31 -4.86
C ILE E 71 8.43 13.54 -4.98
N LEU E 72 9.00 13.99 -3.88
CA LEU E 72 10.40 14.36 -3.79
C LEU E 72 11.28 13.14 -3.73
N GLY E 73 12.57 13.33 -3.98
CA GLY E 73 13.54 12.28 -3.77
C GLY E 73 13.57 11.46 -5.02
N ASN E 74 14.22 10.31 -4.99
CA ASN E 74 14.80 9.68 -3.81
C ASN E 74 16.26 10.11 -3.60
N PHE E 75 16.91 10.62 -4.65
CA PHE E 75 18.26 11.14 -4.55
C PHE E 75 18.30 12.63 -4.27
N GLU E 76 17.17 13.24 -3.91
CA GLU E 76 17.15 14.65 -3.56
C GLU E 76 17.49 14.80 -2.08
N PRO E 77 18.48 15.60 -1.74
CA PRO E 77 18.76 15.81 -0.31
C PRO E 77 17.47 16.09 0.45
N LYS E 78 17.32 15.38 1.56
CA LYS E 78 16.15 15.56 2.40
C LYS E 78 16.03 17.00 2.92
N GLU E 79 17.12 17.56 3.44
CA GLU E 79 17.11 18.87 4.09
C GLU E 79 18.11 19.82 3.46
N PRO E 80 17.93 21.14 3.65
CA PRO E 80 18.79 22.11 2.95
C PRO E 80 20.26 21.94 3.29
N GLU E 81 21.12 22.24 2.30
CA GLU E 81 22.55 21.94 2.44
C GLU E 81 23.19 22.81 3.52
N PRO E 82 23.89 22.22 4.47
CA PRO E 82 24.63 23.02 5.48
C PRO E 82 25.62 23.94 4.80
N PRO E 83 25.73 25.21 5.24
CA PRO E 83 26.77 26.07 4.69
C PRO E 83 28.15 25.67 5.17
N GLY E 84 29.17 26.04 4.39
CA GLY E 84 30.52 25.81 4.84
C GLY E 84 30.88 26.72 6.00
N VAL E 85 30.51 28.00 5.88
CA VAL E 85 30.59 28.97 6.96
C VAL E 85 29.26 29.70 7.05
N VAL E 86 28.59 29.61 8.20
CA VAL E 86 27.45 30.46 8.55
C VAL E 86 27.97 31.88 8.72
N GLY E 87 27.58 32.78 7.82
CA GLY E 87 26.74 32.41 6.72
C GLY E 87 27.28 33.09 5.49
N GLY E 88 28.37 33.88 5.64
CA GLY E 88 29.06 34.37 4.46
C GLY E 88 30.50 33.95 4.56
N PRO E 89 31.34 34.20 3.53
CA PRO E 89 31.10 34.64 2.15
C PRO E 89 31.23 33.57 1.07
N GLY E 90 30.52 33.79 -0.04
CA GLY E 90 30.43 32.83 -1.10
C GLY E 90 29.23 31.91 -1.02
N GLU E 91 28.47 31.98 0.05
CA GLU E 91 27.33 31.11 0.23
C GLU E 91 26.04 31.90 0.14
N LYS E 92 24.99 31.31 -0.41
CA LYS E 92 25.05 30.10 -1.17
C LYS E 92 25.23 30.55 -2.59
N ALA E 93 26.47 30.78 -2.95
CA ALA E 93 26.85 31.40 -4.19
C ALA E 93 26.37 32.83 -4.33
N LYS E 94 26.17 33.53 -3.23
CA LYS E 94 26.04 34.99 -3.28
C LYS E 94 27.30 35.60 -3.87
N PRO E 95 27.20 36.59 -4.76
CA PRO E 95 28.43 37.17 -5.30
C PRO E 95 29.26 37.81 -4.21
N LEU E 96 30.59 37.61 -4.30
CA LEU E 96 31.58 38.20 -3.41
C LEU E 96 32.25 39.38 -4.12
N VAL E 97 31.91 40.59 -3.71
CA VAL E 97 32.46 41.81 -4.31
C VAL E 97 33.44 42.41 -3.30
N LEU E 98 34.68 42.65 -3.73
CA LEU E 98 35.74 43.09 -2.81
C LEU E 98 36.25 44.50 -3.16
N GLY E 99 37.34 44.91 -2.51
CA GLY E 99 38.16 46.03 -2.91
C GLY E 99 37.46 47.30 -2.50
N PRO E 100 38.09 48.45 -2.76
CA PRO E 100 39.37 48.59 -3.43
C PRO E 100 40.58 48.36 -2.55
N GLU E 101 40.41 48.15 -1.24
CA GLU E 101 41.58 47.83 -0.43
C GLU E 101 42.25 46.55 -0.91
N PHE E 102 41.49 45.67 -1.55
CA PHE E 102 42.01 44.41 -2.05
C PHE E 102 42.46 44.47 -3.50
N LYS E 103 42.32 45.61 -4.18
CA LYS E 103 42.40 45.57 -5.63
C LYS E 103 43.80 45.20 -6.12
N GLN E 104 44.84 45.62 -5.39
CA GLN E 104 46.19 45.28 -5.83
C GLN E 104 46.41 43.77 -5.75
N ALA E 105 46.08 43.18 -4.62
CA ALA E 105 46.23 41.75 -4.45
C ALA E 105 45.40 40.98 -5.47
N ILE E 106 44.18 41.46 -5.75
CA ILE E 106 43.32 40.77 -6.72
C ILE E 106 44.03 40.70 -8.07
N GLN E 107 44.49 41.85 -8.57
CA GLN E 107 45.13 41.86 -9.86
C GLN E 107 46.36 40.97 -9.88
N ALA E 108 47.12 40.94 -8.78
CA ALA E 108 48.28 40.06 -8.73
C ALA E 108 47.88 38.61 -8.96
N SER E 109 46.88 38.12 -8.22
CA SER E 109 46.44 36.74 -8.37
C SER E 109 45.90 36.48 -9.76
N ILE E 110 45.10 37.39 -10.31
CA ILE E 110 44.62 37.21 -11.68
C ILE E 110 45.80 36.99 -12.62
N LYS E 111 46.87 37.77 -12.46
CA LYS E 111 48.03 37.58 -13.32
C LYS E 111 48.58 36.16 -13.20
N GLU E 112 48.65 35.63 -11.98
CA GLU E 112 49.26 34.31 -11.82
C GLU E 112 48.34 33.21 -12.29
N PHE E 113 47.01 33.36 -12.10
CA PHE E 113 46.06 32.27 -12.29
C PHE E 113 44.93 32.53 -13.26
N GLY E 114 44.61 33.78 -13.59
CA GLY E 114 43.45 34.02 -14.43
C GLY E 114 42.12 33.94 -13.70
N PHE E 115 42.16 33.76 -12.38
CA PHE E 115 41.03 33.81 -11.48
C PHE E 115 41.31 34.77 -10.35
N ASN E 116 40.24 35.30 -9.75
CA ASN E 116 40.38 36.12 -8.57
C ASN E 116 40.57 35.18 -7.40
N MET E 117 41.83 34.83 -7.13
CA MET E 117 42.13 33.92 -6.03
C MET E 117 41.95 34.57 -4.65
N VAL E 118 42.18 35.88 -4.51
CA VAL E 118 41.96 36.44 -3.18
C VAL E 118 40.50 36.21 -2.79
N ALA E 119 39.57 36.42 -3.70
CA ALA E 119 38.17 36.06 -3.47
C ALA E 119 38.02 34.56 -3.21
N SER E 120 38.48 33.73 -4.14
CA SER E 120 38.33 32.28 -3.99
C SER E 120 38.85 31.79 -2.64
N ASP E 121 39.96 32.37 -2.17
CA ASP E 121 40.56 31.95 -0.91
C ASP E 121 39.71 32.29 0.31
N MET E 122 38.74 33.22 0.19
CA MET E 122 37.88 33.49 1.34
C MET E 122 36.56 32.80 1.24
N ILE E 123 36.36 31.96 0.22
CA ILE E 123 35.12 31.19 0.06
C ILE E 123 35.36 29.76 0.56
N SER E 124 34.54 29.31 1.50
CA SER E 124 34.69 27.97 2.05
C SER E 124 34.93 26.93 0.96
N LEU E 125 35.82 25.98 1.23
CA LEU E 125 35.92 24.87 0.28
C LEU E 125 34.65 24.05 0.22
N ASP E 126 33.86 24.05 1.30
CA ASP E 126 32.63 23.27 1.40
C ASP E 126 31.41 24.16 1.28
N ARG E 127 31.54 25.29 0.62
CA ARG E 127 30.41 26.22 0.50
C ARG E 127 29.19 25.56 -0.13
N SER E 128 28.02 25.91 0.38
CA SER E 128 26.78 25.67 -0.35
C SER E 128 26.75 26.54 -1.57
N VAL E 129 25.83 26.22 -2.49
CA VAL E 129 25.73 26.81 -3.81
C VAL E 129 24.24 26.97 -4.12
N ASN E 130 23.93 27.81 -5.10
CA ASN E 130 22.56 27.96 -5.57
C ASN E 130 22.15 26.76 -6.43
N ASP E 131 20.83 26.57 -6.58
CA ASP E 131 20.29 25.45 -7.35
C ASP E 131 19.79 25.98 -8.69
N LEU E 132 20.52 25.71 -9.76
CA LEU E 132 20.13 26.15 -11.10
C LEU E 132 19.26 25.15 -11.87
N ARG E 133 18.88 24.01 -11.30
CA ARG E 133 18.09 23.06 -12.07
C ARG E 133 16.60 23.41 -11.95
N GLN E 134 15.82 22.96 -12.93
CA GLN E 134 14.38 23.16 -12.88
C GLN E 134 13.72 22.28 -11.83
N GLU E 135 12.68 22.85 -11.19
CA GLU E 135 11.89 22.14 -10.19
C GLU E 135 11.65 20.68 -10.58
N GLU E 136 11.16 20.43 -11.80
CA GLU E 136 10.82 19.05 -12.11
C GLU E 136 12.00 18.12 -11.91
N CYS E 137 13.23 18.62 -12.02
CA CYS E 137 14.41 17.78 -11.78
C CYS E 137 14.42 17.14 -10.39
N LYS E 138 13.66 17.68 -9.44
CA LYS E 138 13.59 17.15 -8.09
C LYS E 138 12.60 16.01 -7.92
N TYR E 139 11.94 15.58 -8.99
CA TYR E 139 10.89 14.58 -8.89
C TYR E 139 11.17 13.34 -9.74
N TRP E 140 12.43 13.10 -10.04
CA TRP E 140 12.83 11.86 -10.68
C TRP E 140 13.17 10.84 -9.61
N HIS E 141 12.63 9.64 -9.73
CA HIS E 141 13.03 8.53 -8.89
C HIS E 141 13.91 7.61 -9.73
N TYR E 142 15.12 7.42 -9.25
CA TYR E 142 16.11 6.57 -9.88
C TYR E 142 16.20 5.27 -9.10
N ASP E 143 16.45 4.18 -9.83
CA ASP E 143 16.95 2.95 -9.22
C ASP E 143 18.39 3.18 -8.75
N GLU E 144 18.68 2.59 -7.59
CA GLU E 144 19.93 2.78 -6.85
C GLU E 144 21.01 1.86 -7.38
N ASN E 145 20.70 1.22 -8.47
CA ASN E 145 21.37 0.09 -9.04
C ASN E 145 22.48 0.58 -9.97
N LEU E 146 22.86 1.83 -9.78
CA LEU E 146 23.80 2.55 -10.61
C LEU E 146 25.22 2.06 -10.60
N LEU E 147 25.94 2.37 -11.66
CA LEU E 147 27.36 2.14 -11.77
C LEU E 147 28.16 3.05 -10.85
N THR E 148 29.29 2.56 -10.40
CA THR E 148 30.22 3.34 -9.61
C THR E 148 31.08 4.18 -10.56
N SER E 149 31.76 5.20 -10.02
CA SER E 149 32.55 6.11 -10.84
C SER E 149 33.91 6.43 -10.21
N SER E 150 34.92 6.59 -11.07
CA SER E 150 36.14 7.32 -10.74
C SER E 150 36.05 8.70 -11.39
N VAL E 151 36.12 9.76 -10.58
CA VAL E 151 36.24 11.09 -11.18
C VAL E 151 37.72 11.41 -11.30
N VAL E 152 38.16 11.73 -12.51
CA VAL E 152 39.55 12.10 -12.72
C VAL E 152 39.58 13.59 -13.04
N ILE E 153 40.47 14.31 -12.38
CA ILE E 153 40.66 15.74 -12.56
C ILE E 153 42.10 15.93 -12.99
N VAL E 154 42.31 16.42 -14.21
CA VAL E 154 43.62 16.80 -14.70
C VAL E 154 43.87 18.25 -14.31
N PHE E 155 45.06 18.53 -13.77
CA PHE E 155 45.37 19.89 -13.36
C PHE E 155 46.81 20.21 -13.73
N HIS E 156 47.07 21.52 -13.90
CA HIS E 156 48.41 22.06 -14.11
C HIS E 156 48.43 23.45 -13.49
N ASN E 157 49.24 23.64 -12.45
CA ASN E 157 49.40 24.95 -11.80
C ASN E 157 48.09 25.54 -11.33
N GLU E 158 47.08 24.72 -11.06
CA GLU E 158 45.81 25.24 -10.58
C GLU E 158 45.98 25.80 -9.17
N GLY E 159 45.27 26.89 -8.90
CA GLY E 159 45.27 27.44 -7.55
C GLY E 159 44.73 26.45 -6.53
N TRP E 160 45.30 26.49 -5.33
CA TRP E 160 44.94 25.53 -4.29
C TRP E 160 43.43 25.52 -4.03
N SER E 161 42.87 26.70 -3.74
CA SER E 161 41.47 26.72 -3.30
C SER E 161 40.50 26.31 -4.41
N THR E 162 40.76 26.66 -5.67
CA THR E 162 39.87 26.19 -6.73
C THR E 162 40.03 24.68 -6.97
N LEU E 163 41.26 24.16 -6.88
CA LEU E 163 41.45 22.71 -7.03
C LEU E 163 40.77 21.95 -5.91
N MET E 164 40.93 22.39 -4.66
CA MET E 164 40.37 21.66 -3.54
C MET E 164 38.87 21.90 -3.38
N ARG E 165 38.34 23.05 -3.80
CA ARG E 165 36.89 23.20 -3.77
C ARG E 165 36.22 22.23 -4.74
N THR E 166 36.86 21.97 -5.88
CA THR E 166 36.35 20.95 -6.79
C THR E 166 36.28 19.60 -6.08
N VAL E 167 37.36 19.21 -5.43
CA VAL E 167 37.41 17.95 -4.70
C VAL E 167 36.41 17.97 -3.54
N HIS E 168 36.42 19.00 -2.71
CA HIS E 168 35.43 19.08 -1.64
C HIS E 168 34.02 18.98 -2.21
N SER E 169 33.77 19.61 -3.35
CA SER E 169 32.41 19.62 -3.87
C SER E 169 31.97 18.22 -4.27
N VAL E 170 32.85 17.46 -4.95
CA VAL E 170 32.47 16.10 -5.35
C VAL E 170 32.17 15.26 -4.12
N ILE E 171 33.06 15.27 -3.14
CA ILE E 171 32.82 14.55 -1.89
C ILE E 171 31.53 15.04 -1.22
N LYS E 172 31.27 16.33 -1.26
CA LYS E 172 30.14 16.83 -0.48
C LYS E 172 28.80 16.44 -1.09
N ARG E 173 28.70 16.29 -2.42
CA ARG E 173 27.39 16.12 -3.06
C ARG E 173 27.24 14.80 -3.80
N THR E 174 28.14 13.85 -3.63
CA THR E 174 28.01 12.59 -4.31
C THR E 174 27.74 11.51 -3.30
N PRO E 175 26.75 10.62 -3.52
CA PRO E 175 26.56 9.49 -2.60
C PRO E 175 27.83 8.68 -2.44
N ARG E 176 28.21 8.40 -1.18
CA ARG E 176 29.50 7.76 -0.94
C ARG E 176 29.65 6.44 -1.69
N LYS E 177 28.57 5.65 -1.79
CA LYS E 177 28.73 4.29 -2.29
C LYS E 177 29.06 4.26 -3.79
N TYR E 178 28.78 5.34 -4.51
CA TYR E 178 29.06 5.34 -5.94
C TYR E 178 30.41 5.94 -6.28
N LEU E 179 31.01 6.71 -5.37
CA LEU E 179 32.29 7.37 -5.62
C LEU E 179 33.42 6.40 -5.30
N ALA E 180 33.96 5.73 -6.33
CA ALA E 180 35.02 4.75 -6.10
C ALA E 180 36.36 5.41 -5.80
N GLU E 181 36.65 6.54 -6.44
CA GLU E 181 37.90 7.26 -6.19
C GLU E 181 37.81 8.61 -6.89
N ILE E 182 38.65 9.53 -6.47
CA ILE E 182 38.92 10.76 -7.19
C ILE E 182 40.41 10.72 -7.53
N VAL E 183 40.73 10.68 -8.81
CA VAL E 183 42.11 10.63 -9.30
C VAL E 183 42.49 12.01 -9.81
N LEU E 184 43.51 12.61 -9.20
CA LEU E 184 44.05 13.88 -9.64
C LEU E 184 45.28 13.59 -10.49
N ILE E 185 45.26 14.02 -11.75
CA ILE E 185 46.37 13.82 -12.69
C ILE E 185 47.14 15.13 -12.80
N ASP E 186 48.33 15.16 -12.23
CA ASP E 186 49.20 16.33 -12.22
C ASP E 186 49.99 16.36 -13.52
N ASP E 187 49.61 17.25 -14.45
CA ASP E 187 50.33 17.34 -15.71
C ASP E 187 51.53 18.29 -15.60
N PHE E 188 52.45 17.95 -14.69
CA PHE E 188 53.78 18.55 -14.66
C PHE E 188 53.73 20.01 -14.17
N SER E 189 53.09 20.23 -13.02
CA SER E 189 53.04 21.56 -12.42
C SER E 189 54.38 21.90 -11.76
N ASN E 190 54.66 23.19 -11.68
CA ASN E 190 55.82 23.66 -10.93
C ASN E 190 55.47 24.49 -9.70
N LYS E 191 54.24 24.95 -9.55
CA LYS E 191 53.90 25.72 -8.35
C LYS E 191 54.00 24.82 -7.14
N GLU E 192 54.63 25.32 -6.08
CA GLU E 192 55.08 24.50 -4.96
C GLU E 192 53.97 24.05 -4.02
N HIS E 193 52.81 24.71 -4.05
CA HIS E 193 51.71 24.26 -3.22
C HIS E 193 51.04 23.01 -3.78
N LEU E 194 51.25 22.70 -5.05
CA LEU E 194 50.66 21.50 -5.61
C LEU E 194 51.47 20.24 -5.34
N LYS E 195 52.56 20.33 -4.58
CA LYS E 195 53.38 19.15 -4.32
C LYS E 195 53.72 19.07 -2.84
N GLU E 196 53.60 17.88 -2.27
CA GLU E 196 53.95 17.68 -0.87
C GLU E 196 52.91 18.27 0.05
N LYS E 197 52.71 19.59 -0.02
CA LYS E 197 51.55 20.15 0.68
C LYS E 197 50.27 19.48 0.23
N LEU E 198 50.14 19.20 -1.09
CA LEU E 198 49.00 18.44 -1.61
C LEU E 198 49.04 17.00 -1.14
N ASP E 199 50.21 16.35 -1.27
CA ASP E 199 50.32 14.95 -0.86
C ASP E 199 49.89 14.76 0.59
N GLU E 200 50.33 15.65 1.48
CA GLU E 200 49.97 15.52 2.89
C GLU E 200 48.50 15.84 3.12
N TYR E 201 48.01 16.93 2.50
CA TYR E 201 46.61 17.32 2.66
C TYR E 201 45.67 16.21 2.29
N ILE E 202 45.97 15.53 1.18
CA ILE E 202 45.05 14.62 0.55
C ILE E 202 44.70 13.45 1.48
N LYS E 203 45.53 13.23 2.51
CA LYS E 203 45.35 12.16 3.49
C LYS E 203 44.08 12.39 4.30
N LEU E 204 43.43 13.52 4.05
CA LEU E 204 42.19 13.87 4.75
C LEU E 204 41.09 12.88 4.45
N TRP E 205 41.15 12.25 3.28
CA TRP E 205 40.08 11.39 2.78
C TRP E 205 40.49 9.93 2.78
N ASN E 206 41.53 9.59 3.53
CA ASN E 206 41.89 8.20 3.78
C ASN E 206 42.14 7.41 2.50
N GLY E 207 42.78 7.99 1.51
CA GLY E 207 43.01 7.24 0.31
C GLY E 207 41.89 7.25 -0.71
N LEU E 208 40.75 7.86 -0.40
CA LEU E 208 39.70 8.02 -1.41
C LEU E 208 40.20 8.84 -2.60
N VAL E 209 41.08 9.80 -2.33
CA VAL E 209 41.59 10.75 -3.30
C VAL E 209 43.08 10.47 -3.46
N LYS E 210 43.57 10.52 -4.69
CA LYS E 210 44.93 10.10 -4.96
C LYS E 210 45.45 10.92 -6.12
N VAL E 211 46.75 11.17 -6.12
CA VAL E 211 47.34 12.00 -7.17
C VAL E 211 48.42 11.20 -7.88
N PHE E 212 48.50 11.36 -9.19
CA PHE E 212 49.60 10.81 -9.97
C PHE E 212 50.27 11.94 -10.75
N ARG E 213 51.59 12.04 -10.61
CA ARG E 213 52.41 12.99 -11.34
C ARG E 213 52.77 12.45 -12.71
N ASN E 214 52.86 13.34 -13.69
CA ASN E 214 53.38 13.01 -15.01
C ASN E 214 54.85 13.43 -15.07
N GLU E 215 55.64 12.70 -15.87
CA GLU E 215 57.08 12.96 -15.94
C GLU E 215 57.40 14.16 -16.81
N ARG E 216 56.54 14.45 -17.77
CA ARG E 216 56.63 15.63 -18.62
C ARG E 216 55.25 16.24 -18.76
N ARG E 217 55.19 17.41 -19.37
CA ARG E 217 53.91 18.01 -19.67
C ARG E 217 53.32 17.31 -20.88
N GLU E 218 52.39 16.37 -20.65
CA GLU E 218 51.75 15.58 -21.69
C GLU E 218 50.65 16.34 -22.42
N GLY E 219 50.27 17.52 -21.95
CA GLY E 219 49.17 18.26 -22.50
C GLY E 219 47.82 17.75 -22.01
N LEU E 220 46.80 18.60 -22.16
CA LEU E 220 45.50 18.32 -21.55
C LEU E 220 44.90 17.02 -22.09
N ILE E 221 44.89 16.84 -23.41
CA ILE E 221 44.21 15.69 -24.01
C ILE E 221 44.84 14.39 -23.51
N GLN E 222 46.15 14.22 -23.73
CA GLN E 222 46.77 12.95 -23.38
C GLN E 222 46.78 12.74 -21.88
N ALA E 223 46.72 13.82 -21.09
CA ALA E 223 46.63 13.68 -19.65
C ALA E 223 45.28 13.10 -19.20
N ARG E 224 44.22 13.37 -19.96
CA ARG E 224 42.97 12.64 -19.73
C ARG E 224 43.16 11.16 -20.02
N SER E 225 43.81 10.82 -21.13
CA SER E 225 44.05 9.41 -21.44
C SER E 225 44.85 8.74 -20.33
N ILE E 226 45.92 9.37 -19.86
CA ILE E 226 46.65 8.81 -18.72
C ILE E 226 45.72 8.66 -17.53
N GLY E 227 44.80 9.61 -17.35
CA GLY E 227 43.85 9.50 -16.26
C GLY E 227 42.97 8.25 -16.35
N ALA E 228 42.52 7.92 -17.57
CA ALA E 228 41.72 6.72 -17.75
C ALA E 228 42.50 5.47 -17.35
N GLN E 229 43.79 5.42 -17.70
CA GLN E 229 44.60 4.25 -17.39
C GLN E 229 44.89 4.13 -15.89
N LYS E 230 45.08 5.27 -15.21
CA LYS E 230 45.47 5.24 -13.81
C LYS E 230 44.28 5.15 -12.86
N ALA E 231 43.09 5.52 -13.31
CA ALA E 231 41.89 5.48 -12.48
C ALA E 231 41.19 4.16 -12.78
N LYS E 232 41.37 3.19 -11.89
CA LYS E 232 41.03 1.80 -12.18
C LYS E 232 39.81 1.30 -11.42
N LEU E 233 39.36 2.01 -10.40
CA LEU E 233 38.45 1.43 -9.43
C LEU E 233 36.99 1.53 -9.84
N GLY E 234 36.60 2.57 -10.56
CA GLY E 234 35.19 2.76 -10.87
C GLY E 234 34.76 2.14 -12.18
N GLN E 235 33.45 2.04 -12.37
CA GLN E 235 32.97 1.44 -13.60
C GLN E 235 32.83 2.46 -14.73
N VAL E 236 32.51 3.72 -14.40
CA VAL E 236 32.47 4.80 -15.38
C VAL E 236 33.53 5.82 -15.01
N LEU E 237 34.04 6.50 -16.03
CA LEU E 237 34.98 7.60 -15.84
C LEU E 237 34.20 8.91 -15.92
N ILE E 238 34.32 9.74 -14.89
CA ILE E 238 33.73 11.10 -14.90
C ILE E 238 34.87 12.10 -14.92
N TYR E 239 34.99 12.86 -16.00
CA TYR E 239 36.03 13.88 -16.10
C TYR E 239 35.49 15.23 -15.65
N LEU E 240 36.35 16.00 -14.97
CA LEU E 240 36.05 17.32 -14.40
C LEU E 240 37.25 18.24 -14.58
N ASP E 241 37.01 19.51 -14.96
CA ASP E 241 38.06 20.52 -14.93
C ASP E 241 38.56 20.68 -13.49
N ALA E 242 39.75 21.22 -13.33
CA ALA E 242 40.24 21.41 -11.97
C ALA E 242 39.57 22.57 -11.24
N HIS E 243 38.59 23.24 -11.86
CA HIS E 243 37.97 24.44 -11.33
C HIS E 243 36.47 24.33 -11.54
N CYS E 244 35.88 23.38 -10.84
CA CYS E 244 34.48 23.05 -11.00
C CYS E 244 33.82 22.95 -9.64
N GLU E 245 32.52 23.22 -9.63
CA GLU E 245 31.67 22.98 -8.47
C GLU E 245 30.46 22.22 -8.97
N VAL E 246 30.23 21.09 -8.39
CA VAL E 246 29.24 20.13 -8.85
C VAL E 246 27.92 20.46 -8.14
N ALA E 247 26.81 20.47 -8.89
CA ALA E 247 25.47 20.81 -8.40
C ALA E 247 24.89 19.67 -7.54
N VAL E 248 23.79 19.96 -6.82
CA VAL E 248 23.18 18.91 -6.00
C VAL E 248 22.51 17.85 -6.87
N ASN E 249 22.67 16.59 -6.46
CA ASN E 249 22.13 15.42 -7.16
C ASN E 249 22.56 15.39 -8.61
N TRP E 250 23.83 15.71 -8.83
CA TRP E 250 24.42 15.69 -10.17
C TRP E 250 24.74 14.29 -10.63
N TYR E 251 24.85 13.32 -9.72
CA TYR E 251 25.39 12.01 -10.06
C TYR E 251 24.35 11.14 -10.72
N ALA E 252 23.25 10.86 -10.02
CA ALA E 252 22.28 9.88 -10.51
C ALA E 252 21.82 10.21 -11.92
N PRO E 253 21.42 11.44 -12.23
CA PRO E 253 21.00 11.75 -13.60
C PRO E 253 22.11 11.54 -14.62
N LEU E 254 23.36 11.82 -14.23
CA LEU E 254 24.46 11.76 -15.18
C LEU E 254 24.87 10.32 -15.49
N VAL E 255 24.73 9.41 -14.52
CA VAL E 255 25.18 8.03 -14.68
C VAL E 255 24.05 7.03 -14.94
N ALA E 256 22.81 7.39 -14.66
CA ALA E 256 21.69 6.51 -14.99
C ALA E 256 21.68 6.10 -16.46
N PRO E 257 21.72 7.04 -17.42
CA PRO E 257 21.72 6.60 -18.83
C PRO E 257 22.87 5.66 -19.15
N ILE E 258 24.06 5.87 -18.59
CA ILE E 258 25.13 4.91 -18.88
C ILE E 258 24.82 3.56 -18.25
N SER E 259 24.01 3.55 -17.21
CA SER E 259 23.66 2.28 -16.58
C SER E 259 22.77 1.44 -17.50
N LYS E 260 21.69 2.02 -18.04
CA LYS E 260 20.83 1.22 -18.92
C LYS E 260 21.63 0.66 -20.08
N ASP E 261 22.66 1.39 -20.53
CA ASP E 261 23.26 1.18 -21.85
C ASP E 261 24.67 1.75 -21.82
N ARG E 262 25.65 0.86 -21.84
CA ARG E 262 27.06 1.19 -21.60
C ARG E 262 27.69 1.97 -22.74
N THR E 263 27.04 2.09 -23.88
CA THR E 263 27.56 2.85 -25.00
C THR E 263 26.97 4.23 -25.09
N ILE E 264 26.15 4.62 -24.11
CA ILE E 264 25.74 6.02 -23.98
C ILE E 264 26.84 6.77 -23.25
N CYS E 265 27.25 7.92 -23.78
CA CYS E 265 28.15 8.84 -23.09
C CYS E 265 27.37 10.06 -22.64
N THR E 266 27.61 10.52 -21.42
CA THR E 266 26.75 11.50 -20.78
C THR E 266 27.50 12.78 -20.45
N VAL E 267 26.85 13.92 -20.67
CA VAL E 267 27.43 15.22 -20.32
C VAL E 267 26.47 16.01 -19.43
N PRO E 268 26.96 16.66 -18.38
CA PRO E 268 26.12 17.58 -17.61
C PRO E 268 26.01 18.92 -18.29
N LEU E 269 24.94 19.64 -17.99
CA LEU E 269 24.88 21.04 -18.37
C LEU E 269 25.94 21.81 -17.57
N ILE E 270 26.84 22.47 -18.29
CA ILE E 270 27.94 23.21 -17.66
C ILE E 270 27.52 24.65 -17.44
N ASP E 271 27.47 25.05 -16.17
CA ASP E 271 27.12 26.42 -15.79
C ASP E 271 28.38 27.28 -15.58
N VAL E 272 28.18 28.60 -15.54
CA VAL E 272 29.27 29.56 -15.46
C VAL E 272 29.50 29.94 -14.00
N ILE E 273 30.70 29.68 -13.51
CA ILE E 273 31.16 30.24 -12.24
C ILE E 273 31.96 31.48 -12.57
N ASN E 274 31.49 32.61 -12.08
CA ASN E 274 32.16 33.87 -12.34
C ASN E 274 33.54 33.90 -11.68
N GLY E 275 34.59 34.03 -12.49
CA GLY E 275 35.94 33.98 -11.94
C GLY E 275 36.36 35.18 -11.11
N ASN E 276 35.52 36.20 -11.01
CA ASN E 276 35.83 37.31 -10.14
C ASN E 276 34.99 37.33 -8.87
N THR E 277 33.68 37.09 -8.98
CA THR E 277 32.79 37.17 -7.83
C THR E 277 32.17 35.83 -7.44
N TYR E 278 32.27 34.80 -8.27
CA TYR E 278 32.00 33.39 -7.94
C TYR E 278 30.53 33.05 -7.81
N GLU E 279 29.61 33.93 -8.19
CA GLU E 279 28.25 33.45 -8.32
C GLU E 279 28.15 32.62 -9.60
N ILE E 280 27.10 31.78 -9.66
CA ILE E 280 27.01 30.75 -10.70
C ILE E 280 25.78 30.98 -11.55
N ILE E 281 26.01 31.13 -12.84
CA ILE E 281 25.05 31.59 -13.85
C ILE E 281 24.93 30.50 -14.89
N PRO E 282 23.74 30.21 -15.41
CA PRO E 282 23.65 29.30 -16.56
C PRO E 282 24.20 29.95 -17.82
N GLN E 283 24.56 29.11 -18.79
CA GLN E 283 25.06 29.63 -20.06
C GLN E 283 23.92 30.18 -20.90
N GLY E 284 24.18 31.28 -21.60
CA GLY E 284 23.23 31.77 -22.56
C GLY E 284 23.10 30.80 -23.72
N GLY E 285 21.94 30.16 -23.83
CA GLY E 285 21.78 29.06 -24.75
C GLY E 285 20.36 29.01 -25.25
N GLY E 286 20.20 28.31 -26.36
CA GLY E 286 19.03 28.54 -27.19
C GLY E 286 17.71 28.34 -26.47
N ASP E 287 17.54 27.20 -25.84
CA ASP E 287 16.19 26.75 -25.54
C ASP E 287 15.45 27.80 -24.73
N GLU E 288 14.11 27.81 -24.86
CA GLU E 288 13.32 28.62 -23.95
C GLU E 288 13.62 28.23 -22.51
N ASP E 289 14.04 26.98 -22.29
CA ASP E 289 14.46 26.48 -21.00
C ASP E 289 15.96 26.55 -20.82
N GLY E 290 16.67 27.16 -21.77
CA GLY E 290 18.11 27.32 -21.69
C GLY E 290 18.92 26.13 -22.15
N TYR E 291 18.27 25.07 -22.64
CA TYR E 291 18.99 23.90 -23.11
C TYR E 291 19.57 24.18 -24.48
N ALA E 292 20.87 23.96 -24.61
CA ALA E 292 21.56 24.00 -25.87
C ALA E 292 22.11 22.62 -26.20
N ARG E 293 22.42 22.41 -27.46
CA ARG E 293 23.17 21.24 -27.86
C ARG E 293 24.44 21.72 -28.55
N GLY E 294 25.49 20.92 -28.43
CA GLY E 294 26.81 21.35 -28.87
C GLY E 294 27.02 21.09 -30.35
N ALA E 295 27.75 21.99 -30.98
CA ALA E 295 27.83 22.07 -32.44
C ALA E 295 29.22 22.59 -32.81
N TRP E 296 29.38 22.99 -34.08
CA TRP E 296 30.63 23.52 -34.59
C TRP E 296 30.32 24.30 -35.86
N ASP E 297 31.21 25.21 -36.20
CA ASP E 297 31.21 25.82 -37.52
C ASP E 297 32.26 25.08 -38.34
N TRP E 298 32.32 25.34 -39.64
CA TRP E 298 33.09 24.46 -40.51
C TRP E 298 34.59 24.74 -40.51
N SER E 299 35.06 25.66 -39.66
CA SER E 299 36.47 25.68 -39.30
C SER E 299 36.71 24.84 -38.05
N MET E 300 35.66 24.21 -37.51
CA MET E 300 35.75 23.33 -36.34
C MET E 300 35.94 24.13 -35.04
N LEU E 301 35.21 25.24 -34.93
CA LEU E 301 35.18 26.02 -33.71
C LEU E 301 33.90 25.69 -32.96
N TRP E 302 34.04 25.48 -31.66
CA TRP E 302 32.90 25.09 -30.82
C TRP E 302 31.81 26.14 -30.88
N LYS E 303 30.57 25.68 -31.02
CA LYS E 303 29.42 26.56 -31.05
C LYS E 303 28.32 25.91 -30.24
N ARG E 304 27.32 26.68 -29.88
CA ARG E 304 26.15 26.13 -29.18
C ARG E 304 24.90 26.59 -29.89
N VAL E 305 23.95 25.66 -30.06
CA VAL E 305 22.69 25.99 -30.74
C VAL E 305 21.53 25.55 -29.87
N PRO E 306 20.35 26.20 -29.97
CA PRO E 306 19.23 25.83 -29.09
C PRO E 306 18.72 24.43 -29.34
N LEU E 307 18.27 23.77 -28.26
CA LEU E 307 17.63 22.47 -28.38
C LEU E 307 16.46 22.60 -29.35
N THR E 308 16.32 21.61 -30.22
CA THR E 308 15.43 21.62 -31.37
C THR E 308 14.08 21.02 -31.02
N PRO E 309 13.03 21.40 -31.76
CA PRO E 309 11.71 20.78 -31.52
C PRO E 309 11.64 19.33 -31.97
N GLN E 310 12.43 18.92 -32.94
CA GLN E 310 12.54 17.49 -33.26
C GLN E 310 12.91 16.70 -32.02
N GLU E 311 13.98 17.10 -31.33
CA GLU E 311 14.41 16.40 -30.12
C GLU E 311 13.34 16.42 -29.03
N LYS E 312 12.50 17.46 -28.99
CA LYS E 312 11.48 17.50 -27.95
C LYS E 312 10.29 16.61 -28.26
N ARG E 313 10.08 16.22 -29.53
CA ARG E 313 9.05 15.21 -29.79
C ARG E 313 9.51 13.84 -29.34
N LEU E 314 10.81 13.56 -29.46
CA LEU E 314 11.44 12.34 -28.98
C LEU E 314 11.38 12.17 -27.46
N ARG E 315 10.91 13.17 -26.72
CA ARG E 315 11.12 13.23 -25.28
C ARG E 315 9.80 13.51 -24.58
N LYS E 316 9.34 12.55 -23.77
CA LYS E 316 8.09 12.75 -23.04
C LYS E 316 8.16 13.93 -22.08
N THR E 317 9.34 14.18 -21.51
CA THR E 317 9.54 15.08 -20.38
C THR E 317 10.41 16.27 -20.78
N LYS E 318 10.27 17.37 -20.04
CA LYS E 318 11.08 18.56 -20.28
C LYS E 318 12.52 18.38 -19.80
N THR E 319 12.74 17.52 -18.80
CA THR E 319 14.00 17.49 -18.08
C THR E 319 14.85 16.26 -18.40
N GLU E 320 14.29 15.19 -18.95
CA GLU E 320 15.09 14.01 -19.26
C GLU E 320 16.27 14.37 -20.17
N PRO E 321 17.18 13.43 -20.36
CA PRO E 321 18.34 13.71 -21.23
C PRO E 321 17.89 13.99 -22.65
N TYR E 322 18.80 14.57 -23.44
CA TYR E 322 18.55 14.82 -24.86
C TYR E 322 19.86 14.72 -25.63
N ARG E 323 19.74 14.46 -26.94
CA ARG E 323 20.92 14.19 -27.75
C ARG E 323 21.68 15.47 -28.09
N SER E 324 22.99 15.35 -28.22
CA SER E 324 23.82 16.46 -28.64
C SER E 324 24.83 15.98 -29.68
N PRO E 325 24.99 16.69 -30.79
CA PRO E 325 26.02 16.28 -31.75
C PRO E 325 27.41 16.20 -31.13
N ALA E 326 27.78 17.14 -30.26
CA ALA E 326 29.11 17.12 -29.69
C ALA E 326 29.11 17.68 -28.26
N MET E 327 30.20 17.42 -27.55
CA MET E 327 30.39 17.84 -26.17
C MET E 327 31.50 18.88 -26.09
N ALA E 328 31.32 19.88 -25.22
CA ALA E 328 32.36 20.90 -25.02
C ALA E 328 33.73 20.26 -24.88
N GLY E 329 33.85 19.20 -24.07
CA GLY E 329 35.07 18.41 -24.04
C GLY E 329 35.66 18.18 -22.66
N GLY E 330 35.31 19.04 -21.71
CA GLY E 330 36.00 19.03 -20.43
C GLY E 330 35.36 18.14 -19.39
N LEU E 331 34.04 18.19 -19.28
CA LEU E 331 33.29 17.40 -18.32
C LEU E 331 32.44 16.39 -19.07
N PHE E 332 32.56 15.11 -18.73
CA PHE E 332 31.68 14.09 -19.28
C PHE E 332 31.86 12.81 -18.47
N ALA E 333 30.93 11.88 -18.68
CA ALA E 333 30.98 10.54 -18.10
C ALA E 333 30.83 9.51 -19.21
N ILE E 334 31.80 8.59 -19.34
CA ILE E 334 31.63 7.35 -20.12
C ILE E 334 31.91 6.16 -19.23
N GLU E 335 31.29 5.03 -19.58
CA GLU E 335 31.64 3.77 -18.94
C GLU E 335 33.07 3.42 -19.33
N ARG E 336 33.86 2.96 -18.36
CA ARG E 336 35.30 2.92 -18.56
C ARG E 336 35.70 1.97 -19.70
N GLU E 337 35.07 0.79 -19.77
CA GLU E 337 35.45 -0.15 -20.82
C GLU E 337 35.12 0.42 -22.18
N PHE E 338 33.93 1.00 -22.32
CA PHE E 338 33.57 1.67 -23.56
C PHE E 338 34.67 2.62 -24.01
N PHE E 339 35.13 3.49 -23.11
CA PHE E 339 36.11 4.48 -23.50
C PHE E 339 37.36 3.83 -24.09
N PHE E 340 37.82 2.73 -23.47
CA PHE E 340 38.96 2.01 -24.05
C PHE E 340 38.59 1.37 -25.37
N GLU E 341 37.36 0.92 -25.50
CA GLU E 341 36.91 0.31 -26.73
C GLU E 341 36.95 1.32 -27.88
N LEU E 342 36.80 2.58 -27.53
CA LEU E 342 36.78 3.67 -28.48
C LEU E 342 38.15 4.24 -28.81
N GLY E 343 39.19 3.72 -28.19
CA GLY E 343 40.54 4.12 -28.53
C GLY E 343 41.46 5.11 -27.84
N LEU E 344 41.16 5.60 -26.67
CA LEU E 344 40.07 6.41 -26.26
C LEU E 344 40.09 7.77 -26.94
N TYR E 345 41.23 8.43 -26.91
CA TYR E 345 41.40 9.71 -27.57
C TYR E 345 42.48 9.38 -28.52
N ASP E 346 42.44 9.97 -29.71
CA ASP E 346 43.45 9.65 -30.68
C ASP E 346 44.79 10.04 -30.07
N PRO E 347 45.77 9.15 -30.13
CA PRO E 347 47.08 9.42 -29.53
C PRO E 347 47.80 10.58 -30.20
N GLY E 348 47.46 10.81 -31.46
CA GLY E 348 48.04 11.85 -32.28
C GLY E 348 47.77 13.24 -31.77
N LEU E 349 46.62 13.41 -31.15
CA LEU E 349 46.18 14.71 -30.69
C LEU E 349 47.15 15.26 -29.68
N GLN E 350 47.46 16.53 -29.82
CA GLN E 350 48.45 17.14 -28.97
C GLN E 350 47.88 18.36 -28.25
N ILE E 351 48.04 18.39 -26.95
CA ILE E 351 47.91 19.61 -26.19
C ILE E 351 46.49 20.14 -26.16
N TRP E 352 45.96 20.50 -27.30
CA TRP E 352 44.70 21.22 -27.33
C TRP E 352 43.99 21.11 -28.66
N GLY E 353 42.70 21.42 -28.64
CA GLY E 353 41.88 21.42 -29.84
C GLY E 353 41.28 20.05 -30.05
N GLY E 354 40.02 19.93 -29.65
CA GLY E 354 39.41 18.63 -29.42
C GLY E 354 39.38 17.82 -30.68
N GLU E 355 39.49 16.51 -30.55
CA GLU E 355 39.53 15.76 -29.30
C GLU E 355 38.13 15.71 -28.74
N ASN E 356 37.57 16.86 -28.44
CA ASN E 356 36.21 16.91 -27.98
C ASN E 356 35.29 16.47 -29.11
N PHE E 357 35.64 16.88 -30.32
CA PHE E 357 34.91 16.47 -31.51
C PHE E 357 35.25 15.04 -31.89
N GLU E 358 36.52 14.65 -31.76
CA GLU E 358 36.90 13.28 -32.11
C GLU E 358 36.01 12.28 -31.38
N ILE E 359 35.92 12.40 -30.06
CA ILE E 359 35.19 11.41 -29.26
C ILE E 359 33.71 11.43 -29.60
N SER E 360 33.14 12.63 -29.75
CA SER E 360 31.74 12.75 -30.13
C SER E 360 31.47 11.97 -31.41
N TYR E 361 32.27 12.22 -32.45
CA TYR E 361 32.08 11.51 -33.71
C TYR E 361 32.28 10.01 -33.54
N LYS E 362 33.32 9.57 -32.83
CA LYS E 362 33.47 8.13 -32.61
C LYS E 362 32.23 7.56 -31.94
N ILE E 363 31.72 8.24 -30.91
CA ILE E 363 30.59 7.71 -30.16
C ILE E 363 29.38 7.56 -31.07
N TRP E 364 29.01 8.63 -31.76
CA TRP E 364 27.80 8.61 -32.56
C TRP E 364 27.92 7.68 -33.76
N GLN E 365 28.95 7.87 -34.58
CA GLN E 365 29.03 7.11 -35.81
C GLN E 365 29.26 5.62 -35.58
N CYS E 366 29.81 5.22 -34.43
CA CYS E 366 30.13 3.83 -34.16
C CYS E 366 29.12 3.11 -33.27
N GLY E 367 27.92 3.68 -33.08
CA GLY E 367 26.86 2.94 -32.42
C GLY E 367 26.43 3.47 -31.06
N GLY E 368 27.16 4.40 -30.45
CA GLY E 368 26.79 4.92 -29.15
C GLY E 368 25.86 6.11 -29.24
N LYS E 369 25.63 6.72 -28.08
CA LYS E 369 24.89 7.96 -27.96
C LYS E 369 25.68 8.97 -27.13
N LEU E 370 25.44 10.26 -27.40
CA LEU E 370 26.02 11.37 -26.64
C LEU E 370 24.85 12.18 -26.12
N LEU E 371 24.57 12.11 -24.82
CA LEU E 371 23.43 12.81 -24.22
C LEU E 371 23.85 13.92 -23.28
N PHE E 372 23.15 15.05 -23.37
CA PHE E 372 23.19 16.08 -22.34
C PHE E 372 22.14 15.76 -21.28
N VAL E 373 22.53 15.82 -20.01
CA VAL E 373 21.60 15.50 -18.93
C VAL E 373 21.17 16.79 -18.23
N PRO E 374 19.99 17.34 -18.51
CA PRO E 374 19.58 18.58 -17.83
C PRO E 374 19.62 18.51 -16.32
N CYS E 375 19.46 17.33 -15.73
CA CYS E 375 19.29 17.32 -14.28
C CYS E 375 20.61 17.15 -13.57
N SER E 376 21.69 17.05 -14.32
CA SER E 376 23.04 16.97 -13.77
C SER E 376 23.79 18.20 -14.26
N ARG E 377 24.07 19.12 -13.36
CA ARG E 377 24.71 20.39 -13.70
C ARG E 377 26.02 20.57 -12.94
N VAL E 378 27.02 21.13 -13.61
CA VAL E 378 28.28 21.45 -12.96
C VAL E 378 28.69 22.87 -13.33
N GLY E 379 29.24 23.59 -12.36
CA GLY E 379 29.73 24.94 -12.61
C GLY E 379 31.22 24.93 -12.94
N HIS E 380 31.59 25.74 -13.94
CA HIS E 380 32.95 25.81 -14.44
C HIS E 380 33.42 27.26 -14.33
N ILE E 381 34.57 27.48 -13.70
CA ILE E 381 35.13 28.82 -13.59
C ILE E 381 35.69 29.25 -14.94
N TYR E 382 35.30 30.43 -15.38
CA TYR E 382 35.75 30.92 -16.67
C TYR E 382 36.80 31.99 -16.46
N ARG E 383 37.85 31.93 -17.29
CA ARG E 383 39.03 32.74 -17.07
C ARG E 383 38.77 34.23 -17.29
N LEU E 384 39.57 35.05 -16.64
CA LEU E 384 39.49 36.49 -16.78
C LEU E 384 40.65 37.00 -17.63
N GLU E 385 40.48 38.21 -18.18
CA GLU E 385 41.60 38.80 -18.91
C GLU E 385 42.73 39.14 -17.95
N GLY E 386 43.93 39.16 -18.50
CA GLY E 386 45.10 39.52 -17.71
C GLY E 386 45.85 38.34 -17.18
N TRP E 387 45.48 37.13 -17.61
CA TRP E 387 46.21 35.95 -17.21
C TRP E 387 47.47 35.83 -18.04
N GLN E 388 48.43 35.09 -17.50
CA GLN E 388 49.69 34.83 -18.21
C GLN E 388 50.27 33.49 -17.77
N GLY E 389 49.82 32.39 -18.37
CA GLY E 389 48.86 32.38 -19.46
C GLY E 389 49.62 32.45 -20.79
N ASN E 390 50.15 31.31 -21.26
CA ASN E 390 51.15 31.34 -22.34
C ASN E 390 51.28 30.06 -23.16
N PRO E 391 51.48 30.19 -24.47
CA PRO E 391 51.58 29.00 -25.32
C PRO E 391 52.95 28.35 -25.22
N PRO E 392 53.07 27.12 -25.73
CA PRO E 392 54.38 26.45 -25.80
C PRO E 392 55.14 26.91 -27.03
N PRO E 393 56.48 26.81 -27.02
CA PRO E 393 57.22 27.15 -28.24
C PRO E 393 57.44 25.96 -29.15
N ILE E 394 56.63 25.82 -30.19
CA ILE E 394 56.86 24.77 -31.18
C ILE E 394 56.93 25.39 -32.58
N TYR E 395 57.96 25.02 -33.35
CA TYR E 395 58.04 25.49 -34.73
C TYR E 395 58.19 24.36 -35.74
N VAL E 396 57.30 24.35 -36.73
CA VAL E 396 56.05 25.11 -36.65
C VAL E 396 54.90 24.22 -37.15
N GLY E 397 53.89 23.98 -36.31
CA GLY E 397 52.79 23.15 -36.76
C GLY E 397 52.02 23.79 -37.91
N SER E 398 51.70 25.08 -37.77
CA SER E 398 51.58 25.73 -36.48
C SER E 398 50.18 26.32 -36.43
N SER E 399 49.43 26.07 -35.36
CA SER E 399 49.84 25.29 -34.19
C SER E 399 49.45 23.82 -34.22
N PRO E 400 49.87 23.13 -33.17
CA PRO E 400 49.50 21.74 -32.87
C PRO E 400 47.99 21.52 -32.87
N THR E 401 47.21 22.55 -32.58
CA THR E 401 45.78 22.37 -32.55
C THR E 401 45.23 22.21 -33.97
N LEU E 402 45.78 23.00 -34.89
CA LEU E 402 45.33 22.96 -36.26
C LEU E 402 45.62 21.59 -36.85
N LYS E 403 46.76 21.04 -36.50
CA LYS E 403 47.12 19.72 -36.94
C LYS E 403 46.19 18.68 -36.33
N ASN E 404 45.54 19.02 -35.23
CA ASN E 404 44.61 18.08 -34.63
C ASN E 404 43.25 18.15 -35.30
N TYR E 405 42.85 19.36 -35.69
CA TYR E 405 41.62 19.52 -36.47
C TYR E 405 41.68 18.69 -37.74
N VAL E 406 42.85 18.71 -38.41
CA VAL E 406 42.96 17.99 -39.66
C VAL E 406 42.87 16.49 -39.42
N ARG E 407 43.45 16.02 -38.32
CA ARG E 407 43.44 14.59 -38.03
C ARG E 407 42.02 14.10 -37.77
N VAL E 408 41.22 14.92 -37.09
CA VAL E 408 39.81 14.59 -36.86
C VAL E 408 39.04 14.62 -38.17
N VAL E 409 39.29 15.65 -38.99
CA VAL E 409 38.48 15.86 -40.19
C VAL E 409 38.81 14.81 -41.25
N GLU E 410 40.09 14.46 -41.40
CA GLU E 410 40.44 13.48 -42.41
C GLU E 410 39.83 12.12 -42.09
N VAL E 411 39.77 11.75 -40.82
CA VAL E 411 39.30 10.40 -40.46
C VAL E 411 37.76 10.31 -40.36
N TRP E 412 37.12 11.37 -39.89
CA TRP E 412 35.70 11.31 -39.57
C TRP E 412 34.73 12.05 -40.49
N TRP E 413 35.17 13.17 -41.05
CA TRP E 413 34.37 13.88 -42.03
C TRP E 413 34.67 13.26 -43.37
N ASP E 414 33.67 12.80 -44.08
CA ASP E 414 34.00 12.30 -45.38
C ASP E 414 33.37 13.26 -46.32
N GLU E 415 34.16 13.90 -47.16
CA GLU E 415 33.58 14.71 -48.20
C GLU E 415 33.14 16.03 -47.60
N TYR E 416 33.07 16.08 -46.29
CA TYR E 416 32.74 17.29 -45.62
C TYR E 416 34.04 17.96 -45.34
N LYS E 417 35.13 17.23 -45.51
CA LYS E 417 36.42 17.83 -45.31
C LYS E 417 36.49 18.99 -46.25
N ASP E 418 35.93 18.85 -47.44
CA ASP E 418 35.93 19.99 -48.36
C ASP E 418 35.57 21.28 -47.64
N TYR E 419 34.42 21.29 -46.95
CA TYR E 419 33.98 22.50 -46.28
C TYR E 419 35.00 22.97 -45.27
N PHE E 420 35.67 22.03 -44.61
CA PHE E 420 36.69 22.42 -43.65
C PHE E 420 37.83 23.14 -44.35
N TYR E 421 38.24 22.62 -45.50
CA TYR E 421 39.38 23.16 -46.22
C TYR E 421 39.07 24.46 -46.93
N ALA E 422 37.80 24.74 -47.19
CA ALA E 422 37.42 26.08 -47.63
C ALA E 422 37.52 27.09 -46.49
N SER E 423 37.12 26.69 -45.28
CA SER E 423 37.21 27.59 -44.13
C SER E 423 38.65 27.85 -43.74
N ARG E 424 39.54 26.87 -43.85
CA ARG E 424 40.95 27.06 -43.52
C ARG E 424 41.79 26.49 -44.65
N PRO E 425 41.87 27.16 -45.81
CA PRO E 425 42.75 26.64 -46.86
C PRO E 425 44.21 26.62 -46.45
N GLU E 426 44.60 27.45 -45.48
CA GLU E 426 45.98 27.42 -45.00
C GLU E 426 46.36 26.05 -44.46
N SER E 427 45.37 25.18 -44.27
CA SER E 427 45.60 23.89 -43.63
C SER E 427 45.66 22.74 -44.63
N GLN E 428 45.41 23.01 -45.92
CA GLN E 428 45.28 21.93 -46.88
C GLN E 428 46.55 21.06 -46.93
N ALA E 429 47.73 21.67 -46.95
CA ALA E 429 48.92 20.83 -47.09
C ALA E 429 49.79 20.85 -45.83
N LEU E 430 49.17 20.50 -44.67
CA LEU E 430 49.79 20.40 -43.36
C LEU E 430 50.17 18.97 -43.08
N PRO E 431 51.39 18.69 -42.67
CA PRO E 431 51.74 17.32 -42.31
C PRO E 431 50.97 16.87 -41.06
N TYR E 432 49.84 16.17 -41.25
CA TYR E 432 49.00 15.84 -40.11
C TYR E 432 49.37 14.51 -39.43
N GLY E 433 50.43 13.83 -39.88
CA GLY E 433 50.89 12.61 -39.22
C GLY E 433 50.23 11.34 -39.72
N ASP E 434 50.49 10.26 -38.98
CA ASP E 434 49.94 8.95 -39.33
C ASP E 434 48.53 8.80 -38.80
N ILE E 435 47.60 8.47 -39.70
CA ILE E 435 46.19 8.39 -39.35
C ILE E 435 45.70 6.99 -39.72
N SER E 436 46.65 6.05 -39.84
CA SER E 436 46.37 4.71 -40.37
C SER E 436 45.44 3.93 -39.46
N GLU E 437 45.85 3.73 -38.20
CA GLU E 437 45.07 2.92 -37.29
C GLU E 437 43.70 3.53 -37.04
N LEU E 438 43.65 4.85 -36.92
CA LEU E 438 42.38 5.55 -36.67
C LEU E 438 41.39 5.29 -37.80
N LYS E 439 41.86 5.28 -39.05
CA LYS E 439 41.00 4.99 -40.18
C LYS E 439 40.64 3.51 -40.22
N LYS E 440 41.57 2.64 -39.81
CA LYS E 440 41.25 1.21 -39.70
C LYS E 440 40.29 0.96 -38.55
N PHE E 441 40.46 1.68 -37.43
CA PHE E 441 39.49 1.58 -36.35
C PHE E 441 38.08 1.78 -36.90
N ARG E 442 37.89 2.88 -37.61
CA ARG E 442 36.58 3.19 -38.15
C ARG E 442 36.08 2.08 -39.06
N GLU E 443 36.94 1.56 -39.92
CA GLU E 443 36.51 0.51 -40.85
C GLU E 443 36.23 -0.80 -40.11
N ASP E 444 37.10 -1.19 -39.18
CA ASP E 444 36.90 -2.46 -38.48
C ASP E 444 35.58 -2.47 -37.69
N HIS E 445 35.16 -1.32 -37.19
CA HIS E 445 33.92 -1.29 -36.41
C HIS E 445 32.69 -1.00 -37.27
N ASN E 446 32.86 -0.80 -38.58
CA ASN E 446 31.71 -0.61 -39.46
C ASN E 446 30.96 0.67 -39.08
N CYS E 447 31.70 1.71 -38.74
CA CYS E 447 31.09 2.95 -38.28
C CYS E 447 30.34 3.63 -39.43
N LYS E 448 29.23 4.30 -39.08
CA LYS E 448 28.36 4.96 -40.04
C LYS E 448 29.02 6.19 -40.63
N SER E 449 28.40 6.67 -41.71
CA SER E 449 28.95 7.74 -42.52
C SER E 449 28.72 9.09 -41.87
N PHE E 450 29.67 10.00 -42.05
CA PHE E 450 29.44 11.35 -41.57
C PHE E 450 28.19 11.95 -42.20
N LYS E 451 27.89 11.56 -43.45
CA LYS E 451 26.64 12.02 -44.07
C LYS E 451 25.43 11.56 -43.25
N TRP E 452 25.41 10.31 -42.80
CA TRP E 452 24.32 9.88 -41.92
C TRP E 452 24.33 10.69 -40.65
N PHE E 453 25.51 10.94 -40.10
CA PHE E 453 25.62 11.70 -38.86
C PHE E 453 24.96 13.07 -39.02
N MET E 454 25.32 13.79 -40.11
CA MET E 454 24.89 15.16 -40.31
C MET E 454 23.40 15.26 -40.56
N GLU E 455 22.78 14.21 -41.11
CA GLU E 455 21.37 14.25 -41.43
C GLU E 455 20.49 13.62 -40.36
N GLU E 456 21.02 12.68 -39.58
CA GLU E 456 20.23 12.03 -38.54
C GLU E 456 20.28 12.78 -37.20
N ILE E 457 21.48 13.02 -36.68
CA ILE E 457 21.62 13.53 -35.33
C ILE E 457 22.05 15.01 -35.30
N ALA E 458 22.81 15.48 -36.30
CA ALA E 458 23.30 16.86 -36.37
C ALA E 458 22.61 17.71 -37.45
N TYR E 459 21.32 17.43 -37.71
CA TYR E 459 20.53 18.05 -38.77
C TYR E 459 20.40 19.56 -38.66
N ASP E 460 20.56 20.14 -37.47
CA ASP E 460 20.28 21.55 -37.29
C ASP E 460 21.50 22.44 -37.51
N ILE E 461 22.71 21.87 -37.55
CA ILE E 461 23.92 22.69 -37.58
C ILE E 461 23.91 23.63 -38.79
N THR E 462 23.87 23.05 -39.99
CA THR E 462 23.90 23.85 -41.21
C THR E 462 22.88 24.97 -41.18
N SER E 463 21.72 24.72 -40.56
CA SER E 463 20.74 25.79 -40.37
C SER E 463 21.34 27.00 -39.69
N HIS E 464 22.32 26.83 -38.79
CA HIS E 464 22.92 27.93 -38.03
C HIS E 464 24.28 28.36 -38.56
N TYR E 465 25.04 27.44 -39.13
CA TYR E 465 26.34 27.72 -39.71
C TYR E 465 26.32 27.08 -41.08
N PRO E 466 25.97 27.84 -42.12
CA PRO E 466 25.71 27.25 -43.43
C PRO E 466 26.98 26.75 -44.09
N LEU E 467 26.81 25.82 -45.00
CA LEU E 467 27.93 25.23 -45.71
C LEU E 467 28.65 26.31 -46.52
N PRO E 468 29.98 26.41 -46.44
CA PRO E 468 30.65 27.56 -47.06
C PRO E 468 30.90 27.35 -48.53
N PRO E 469 30.87 28.41 -49.34
CA PRO E 469 31.19 28.27 -50.77
C PRO E 469 32.62 27.81 -50.95
N LYS E 470 32.86 27.11 -52.07
CA LYS E 470 34.22 26.75 -52.40
C LYS E 470 35.07 28.01 -52.60
N ASN E 471 36.38 27.85 -52.46
CA ASN E 471 37.32 28.96 -52.63
C ASN E 471 37.75 29.11 -54.08
N VAL E 472 37.73 30.35 -54.57
CA VAL E 472 38.43 30.65 -55.81
C VAL E 472 39.93 30.70 -55.58
N ASP E 473 40.38 31.55 -54.65
CA ASP E 473 41.80 31.67 -54.36
C ASP E 473 41.94 32.06 -52.88
N TRP E 474 43.16 31.95 -52.36
CA TRP E 474 43.45 32.28 -50.97
C TRP E 474 44.93 32.58 -50.83
N GLY E 475 45.25 33.38 -49.81
CA GLY E 475 46.64 33.63 -49.44
C GLY E 475 46.81 35.05 -48.95
N GLU E 476 48.05 35.52 -49.01
CA GLU E 476 48.28 36.94 -48.85
C GLU E 476 47.72 37.69 -50.05
N ILE E 477 47.38 38.96 -49.82
CA ILE E 477 47.00 39.87 -50.89
C ILE E 477 48.12 40.89 -51.02
N ARG E 478 49.11 40.58 -51.85
CA ARG E 478 50.33 41.37 -51.97
C ARG E 478 50.21 42.38 -53.11
N GLY E 479 50.91 43.51 -52.96
CA GLY E 479 50.97 44.50 -54.02
C GLY E 479 51.92 44.05 -55.11
N PHE E 480 51.46 44.12 -56.37
CA PHE E 480 52.20 43.47 -57.45
C PHE E 480 53.61 44.02 -57.55
N GLU E 481 54.59 43.12 -57.54
CA GLU E 481 56.01 43.47 -57.59
C GLU E 481 56.39 44.44 -56.46
N THR E 482 55.74 44.26 -55.29
CA THR E 482 56.07 45.01 -54.09
C THR E 482 56.16 44.06 -52.90
N ALA E 483 56.41 44.65 -51.73
CA ALA E 483 56.57 43.91 -50.48
C ALA E 483 55.58 44.41 -49.42
N TYR E 484 54.45 44.95 -49.87
CA TYR E 484 53.37 45.37 -48.98
C TYR E 484 52.16 44.48 -49.19
N CYS E 485 51.53 44.10 -48.09
CA CYS E 485 50.39 43.19 -48.10
C CYS E 485 49.21 43.89 -47.46
N ILE E 486 47.99 43.58 -47.93
CA ILE E 486 46.83 43.94 -47.13
C ILE E 486 46.88 43.13 -45.85
N ASP E 487 46.65 43.80 -44.72
CA ASP E 487 46.69 43.10 -43.46
C ASP E 487 45.68 43.71 -42.50
N SER E 488 45.09 42.84 -41.70
CA SER E 488 43.90 43.15 -40.94
C SER E 488 44.20 43.97 -39.71
N MET E 489 45.44 43.95 -39.23
CA MET E 489 45.73 44.54 -37.93
C MET E 489 44.89 43.86 -36.85
N GLY E 490 44.55 42.59 -37.09
CA GLY E 490 43.61 41.87 -36.26
C GLY E 490 42.23 42.48 -36.18
N LYS E 491 42.01 43.64 -36.80
CA LYS E 491 40.74 44.33 -36.70
C LYS E 491 39.56 43.38 -36.94
N THR E 492 38.40 43.75 -36.39
CA THR E 492 37.15 43.01 -36.54
C THR E 492 35.96 43.97 -36.45
N ASN E 493 34.85 43.57 -37.06
CA ASN E 493 33.54 44.19 -36.85
C ASN E 493 33.56 45.71 -36.98
N GLY E 494 33.88 46.20 -38.17
CA GLY E 494 33.82 47.61 -38.44
C GLY E 494 35.17 48.27 -38.61
N GLY E 495 36.26 47.61 -38.25
CA GLY E 495 37.58 48.19 -38.42
C GLY E 495 37.93 48.38 -39.88
N PHE E 496 39.03 49.07 -40.09
CA PHE E 496 39.54 49.37 -41.42
C PHE E 496 40.83 48.61 -41.66
N VAL E 497 40.89 47.91 -42.77
CA VAL E 497 42.05 47.15 -43.16
C VAL E 497 43.10 48.12 -43.69
N GLU E 498 44.37 47.83 -43.41
CA GLU E 498 45.49 48.70 -43.75
C GLU E 498 46.49 47.95 -44.62
N LEU E 499 47.59 48.62 -44.92
CA LEU E 499 48.71 48.04 -45.64
C LEU E 499 49.88 47.87 -44.68
N GLY E 500 50.66 46.80 -44.87
CA GLY E 500 51.82 46.56 -44.06
C GLY E 500 52.86 45.77 -44.82
N PRO E 501 54.12 45.88 -44.41
CA PRO E 501 55.16 45.03 -45.00
C PRO E 501 54.75 43.57 -44.86
N CYS E 502 54.93 42.80 -45.94
CA CYS E 502 54.58 41.39 -45.93
C CYS E 502 55.50 40.63 -44.98
N HIS E 503 55.01 39.49 -44.51
CA HIS E 503 55.80 38.61 -43.67
C HIS E 503 55.49 37.16 -43.93
N ARG E 504 54.60 36.85 -44.88
CA ARG E 504 54.37 35.49 -45.31
C ARG E 504 54.11 34.55 -44.12
N MET E 505 53.68 35.10 -43.00
CA MET E 505 53.29 34.28 -41.86
C MET E 505 51.78 34.12 -41.75
N GLY E 506 51.05 34.46 -42.79
CA GLY E 506 49.61 34.22 -42.79
C GLY E 506 48.88 35.08 -41.76
N GLY E 507 47.97 34.45 -41.02
CA GLY E 507 47.26 35.12 -39.95
C GLY E 507 46.41 36.28 -40.44
N ASN E 508 46.75 37.49 -39.99
CA ASN E 508 46.06 38.69 -40.43
C ASN E 508 46.51 39.18 -41.80
N GLN E 509 47.55 38.58 -42.39
CA GLN E 509 47.90 38.82 -43.78
C GLN E 509 47.45 37.67 -44.67
N LEU E 510 46.45 36.92 -44.22
CA LEU E 510 45.84 35.84 -44.99
C LEU E 510 44.38 36.17 -45.26
N PHE E 511 43.96 36.01 -46.52
CA PHE E 511 42.57 36.18 -46.91
C PHE E 511 42.19 35.06 -47.86
N ARG E 512 40.90 34.98 -48.17
CA ARG E 512 40.43 34.02 -49.15
C ARG E 512 39.23 34.64 -49.86
N ILE E 513 39.01 34.25 -51.11
CA ILE E 513 37.93 34.80 -51.91
C ILE E 513 36.98 33.67 -52.33
N ASN E 514 35.69 33.90 -52.10
CA ASN E 514 34.58 32.99 -52.27
C ASN E 514 34.22 32.78 -53.74
N GLU E 515 33.58 31.64 -54.00
CA GLU E 515 32.80 31.53 -55.22
C GLU E 515 31.55 32.40 -55.14
N ALA E 516 31.14 32.79 -53.94
CA ALA E 516 30.02 33.69 -53.71
C ALA E 516 30.44 35.16 -53.71
N ASN E 517 31.70 35.46 -54.03
CA ASN E 517 32.19 36.82 -54.21
C ASN E 517 32.44 37.52 -52.88
N GLN E 518 32.85 36.77 -51.85
CA GLN E 518 33.12 37.29 -50.52
C GLN E 518 34.62 37.24 -50.25
N LEU E 519 35.18 38.37 -49.83
CA LEU E 519 36.57 38.42 -49.39
C LEU E 519 36.59 38.21 -47.89
N MET E 520 37.13 37.08 -47.44
CA MET E 520 37.03 36.66 -46.06
C MET E 520 38.39 36.52 -45.41
N GLN E 521 38.40 36.76 -44.09
CA GLN E 521 39.46 36.40 -43.16
C GLN E 521 38.74 35.86 -41.94
N TYR E 522 39.02 34.62 -41.57
CA TYR E 522 38.30 34.01 -40.44
C TYR E 522 36.81 34.04 -40.76
N ASP E 523 35.95 34.44 -39.82
CA ASP E 523 34.51 34.50 -40.02
C ASP E 523 34.05 35.79 -40.71
N GLN E 524 34.93 36.76 -40.86
CA GLN E 524 34.53 38.08 -41.32
C GLN E 524 34.87 38.28 -42.79
N CYS E 525 34.21 39.25 -43.40
CA CYS E 525 34.44 39.65 -44.78
C CYS E 525 34.74 41.13 -44.85
N LEU E 526 35.48 41.52 -45.90
CA LEU E 526 35.71 42.93 -46.17
C LEU E 526 34.55 43.47 -46.99
N THR E 527 34.21 44.74 -46.76
CA THR E 527 33.20 45.46 -47.53
C THR E 527 33.58 46.94 -47.56
N LYS E 528 32.71 47.75 -48.17
CA LYS E 528 33.00 49.15 -48.41
C LYS E 528 32.40 49.99 -47.29
N GLY E 529 33.25 50.67 -46.55
CA GLY E 529 32.75 51.55 -45.52
C GLY E 529 32.37 52.89 -46.10
N ALA E 530 31.07 53.11 -46.29
CA ALA E 530 30.62 54.47 -46.54
C ALA E 530 30.95 55.32 -45.32
N ASP E 531 31.19 56.61 -45.55
CA ASP E 531 31.16 57.23 -46.86
C ASP E 531 32.52 57.11 -47.54
N GLY E 532 33.46 56.49 -46.84
CA GLY E 532 34.82 56.42 -47.34
C GLY E 532 34.95 55.51 -48.55
N SER E 533 36.10 55.64 -49.19
CA SER E 533 36.59 54.60 -50.09
C SER E 533 37.30 53.51 -49.31
N LYS E 534 37.26 53.58 -47.98
CA LYS E 534 37.94 52.62 -47.12
C LYS E 534 37.27 51.25 -47.20
N VAL E 535 38.11 50.22 -47.15
CA VAL E 535 37.67 48.83 -47.02
C VAL E 535 37.63 48.48 -45.54
N MET E 536 36.56 47.82 -45.13
CA MET E 536 36.28 47.58 -43.73
C MET E 536 36.00 46.11 -43.50
N ILE E 537 36.38 45.62 -42.32
CA ILE E 537 36.17 44.22 -41.91
C ILE E 537 34.98 44.16 -40.96
N THR E 538 34.06 43.24 -41.23
CA THR E 538 32.84 43.13 -40.43
C THR E 538 32.38 41.69 -40.43
N HIS E 539 31.50 41.39 -39.48
CA HIS E 539 30.97 40.03 -39.42
C HIS E 539 30.13 39.75 -40.65
N CYS E 540 30.18 38.49 -41.07
CA CYS E 540 29.71 38.06 -42.37
C CYS E 540 28.55 37.09 -42.23
N ASN E 541 27.60 37.17 -43.16
CA ASN E 541 26.48 36.23 -43.28
C ASN E 541 26.34 35.79 -44.72
N LEU E 542 25.73 34.62 -44.93
CA LEU E 542 25.97 33.84 -46.15
C LEU E 542 25.78 34.64 -47.44
N ASN E 543 24.86 35.62 -47.45
CA ASN E 543 24.60 36.41 -48.64
C ASN E 543 24.91 37.88 -48.44
N GLU E 544 25.79 38.20 -47.50
CA GLU E 544 26.18 39.56 -47.20
C GLU E 544 27.54 39.83 -47.84
N PHE E 545 27.69 41.01 -48.42
CA PHE E 545 28.98 41.44 -48.95
C PHE E 545 29.53 40.45 -49.98
N LYS E 546 28.65 40.02 -50.89
CA LYS E 546 29.04 39.28 -52.08
C LYS E 546 29.38 40.32 -53.14
N GLU E 547 30.56 40.91 -53.02
CA GLU E 547 30.83 42.12 -53.78
C GLU E 547 32.26 42.20 -54.32
N TRP E 548 33.04 41.12 -54.24
CA TRP E 548 34.41 41.12 -54.74
C TRP E 548 34.58 40.02 -55.78
N GLN E 549 35.32 40.33 -56.83
CA GLN E 549 35.75 39.30 -57.78
C GLN E 549 37.21 39.56 -58.11
N TYR E 550 37.99 38.49 -58.22
CA TYR E 550 39.44 38.59 -58.35
C TYR E 550 39.89 37.96 -59.66
N PHE E 551 40.62 38.76 -60.45
CA PHE E 551 41.10 38.36 -61.77
C PHE E 551 42.60 38.10 -61.69
N LYS E 552 42.98 36.83 -61.51
CA LYS E 552 44.39 36.53 -61.27
C LYS E 552 45.25 37.17 -62.34
N ASN E 553 44.92 36.93 -63.61
CA ASN E 553 45.78 37.36 -64.71
C ASN E 553 45.81 38.88 -64.83
N LEU E 554 44.70 39.54 -64.51
CA LEU E 554 44.62 40.99 -64.53
C LEU E 554 45.31 41.64 -63.33
N HIS E 555 45.58 40.89 -62.27
CA HIS E 555 46.14 41.47 -61.05
C HIS E 555 45.18 42.48 -60.42
N ARG E 556 43.88 42.22 -60.56
CA ARG E 556 42.86 43.19 -60.16
C ARG E 556 41.81 42.55 -59.26
N PHE E 557 41.60 43.17 -58.11
CA PHE E 557 40.40 42.97 -57.31
C PHE E 557 39.43 44.09 -57.66
N THR E 558 38.20 43.73 -58.00
CA THR E 558 37.25 44.72 -58.44
C THR E 558 36.00 44.65 -57.56
N HIS E 559 35.67 45.80 -56.97
CA HIS E 559 34.45 45.97 -56.20
C HIS E 559 33.27 45.96 -57.16
N ILE E 560 32.23 45.19 -56.83
CA ILE E 560 31.21 44.89 -57.83
C ILE E 560 30.08 45.91 -57.83
N PRO E 561 29.57 46.32 -56.68
CA PRO E 561 28.54 47.39 -56.66
C PRO E 561 29.02 48.69 -57.29
N SER E 562 30.17 49.20 -56.89
CA SER E 562 30.82 50.25 -57.65
C SER E 562 31.47 49.61 -58.88
N GLY E 563 32.18 50.40 -59.68
CA GLY E 563 33.08 49.84 -60.66
C GLY E 563 34.52 49.83 -60.19
N LYS E 564 34.75 50.18 -58.91
CA LYS E 564 36.07 50.56 -58.45
C LYS E 564 36.96 49.35 -58.21
N CYS E 565 38.26 49.59 -58.33
CA CYS E 565 39.26 48.56 -58.13
C CYS E 565 39.80 48.65 -56.69
N LEU E 566 40.54 47.62 -56.28
CA LEU E 566 41.26 47.73 -55.02
C LEU E 566 42.54 48.54 -55.24
N ASP E 567 42.85 49.47 -54.32
CA ASP E 567 43.96 50.39 -54.51
C ASP E 567 44.68 50.54 -53.17
N ARG E 568 45.90 51.05 -53.22
CA ARG E 568 46.63 51.38 -52.01
C ARG E 568 47.40 52.68 -52.21
N SER E 569 47.96 53.18 -51.11
CA SER E 569 49.09 54.11 -51.13
C SER E 569 50.22 53.46 -50.35
N GLU E 570 51.41 53.41 -50.93
CA GLU E 570 52.50 52.66 -50.28
C GLU E 570 53.03 53.40 -49.05
N VAL E 571 53.05 54.75 -49.08
CA VAL E 571 53.18 55.60 -47.90
C VAL E 571 52.16 56.72 -48.06
N LEU E 572 51.21 56.81 -47.13
CA LEU E 572 51.16 55.94 -45.98
C LEU E 572 50.45 54.63 -46.29
N HIS E 573 50.28 53.78 -45.27
CA HIS E 573 49.96 52.38 -45.44
C HIS E 573 48.44 52.21 -45.47
N GLN E 574 47.86 52.47 -46.63
CA GLN E 574 46.43 52.68 -46.72
C GLN E 574 45.82 51.85 -47.84
N VAL E 575 44.65 51.29 -47.57
CA VAL E 575 43.94 50.44 -48.52
C VAL E 575 42.54 51.02 -48.74
N PHE E 576 42.27 51.39 -49.99
CA PHE E 576 41.00 51.99 -50.40
C PHE E 576 40.62 51.44 -51.77
N ILE E 577 39.42 51.81 -52.24
CA ILE E 577 38.98 51.54 -53.62
C ILE E 577 38.78 52.86 -54.36
N SER E 578 39.29 52.91 -55.59
CA SER E 578 39.22 54.08 -56.45
C SER E 578 38.79 53.64 -57.84
N ASN E 579 38.39 54.60 -58.68
CA ASN E 579 38.00 54.28 -60.04
C ASN E 579 39.12 53.54 -60.77
N CYS E 580 38.77 52.51 -61.51
CA CYS E 580 39.81 51.67 -62.07
C CYS E 580 40.62 52.46 -63.08
N ASP E 581 41.95 52.27 -63.03
CA ASP E 581 42.91 52.88 -63.94
C ASP E 581 44.06 51.90 -64.13
N SER E 582 44.29 51.50 -65.39
CA SER E 582 45.23 50.40 -65.67
C SER E 582 46.69 50.81 -65.60
N SER E 583 46.99 52.11 -65.60
CA SER E 583 48.37 52.55 -65.48
C SER E 583 48.86 52.38 -64.05
N LYS E 584 47.97 52.67 -63.09
CA LYS E 584 48.28 52.57 -61.67
C LYS E 584 48.76 51.19 -61.32
N THR E 585 50.03 51.08 -60.96
CA THR E 585 50.48 49.83 -60.38
C THR E 585 49.95 49.64 -58.97
N THR E 586 49.32 50.67 -58.41
CA THR E 586 48.73 50.55 -57.09
C THR E 586 47.40 49.82 -57.12
N GLN E 587 46.90 49.46 -58.30
CA GLN E 587 45.69 48.67 -58.38
C GLN E 587 45.98 47.24 -58.81
N LYS E 588 47.24 46.85 -58.83
CA LYS E 588 47.64 45.50 -59.19
C LYS E 588 48.02 44.71 -57.94
N TRP E 589 47.44 43.52 -57.81
CA TRP E 589 47.61 42.65 -56.65
C TRP E 589 47.80 41.22 -57.11
N GLU E 590 48.59 40.45 -56.35
CA GLU E 590 48.59 39.00 -56.48
C GLU E 590 48.07 38.38 -55.18
N MET E 591 47.44 37.21 -55.30
CA MET E 591 47.08 36.39 -54.14
C MET E 591 47.98 35.17 -54.15
N ASN E 592 48.77 35.01 -53.08
CA ASN E 592 49.78 33.95 -53.00
C ASN E 592 49.50 33.06 -51.80
N ASN E 593 49.24 31.77 -52.06
CA ASN E 593 49.11 30.81 -50.98
C ASN E 593 50.26 30.95 -50.00
N ILE E 594 49.93 31.05 -48.71
CA ILE E 594 50.92 30.97 -47.65
C ILE E 594 50.85 29.59 -47.03
N HIS E 595 51.90 28.81 -47.22
CA HIS E 595 51.97 27.46 -46.70
C HIS E 595 52.64 27.47 -45.33
N SER E 596 52.07 26.70 -44.40
CA SER E 596 52.63 26.50 -43.07
C SER E 596 53.08 25.05 -42.94
N VAL E 597 54.37 24.84 -42.68
CA VAL E 597 54.93 23.49 -42.57
C VAL E 597 55.06 23.09 -41.10
N TYR F 52 13.82 24.53 -48.93
CA TYR F 52 12.97 25.30 -48.02
C TYR F 52 11.49 24.94 -48.15
N LEU F 53 11.15 23.96 -49.00
CA LEU F 53 9.78 23.47 -49.10
C LEU F 53 9.47 22.47 -47.99
N THR F 54 8.30 22.60 -47.39
CA THR F 54 7.92 21.77 -46.25
C THR F 54 6.50 21.27 -46.45
N PHE F 55 6.17 20.18 -45.76
CA PHE F 55 4.80 19.67 -45.78
C PHE F 55 3.91 20.46 -44.84
N LYS F 56 2.62 20.43 -45.11
CA LYS F 56 1.70 21.21 -44.31
C LYS F 56 1.61 20.60 -42.91
N PRO F 57 1.55 21.42 -41.86
CA PRO F 57 1.71 20.88 -40.49
C PRO F 57 0.42 20.23 -40.01
N GLN F 58 0.59 19.33 -39.04
CA GLN F 58 -0.55 18.63 -38.46
C GLN F 58 -1.46 19.62 -37.77
N THR F 59 -2.74 19.59 -38.13
CA THR F 59 -3.74 20.37 -37.42
C THR F 59 -4.70 19.50 -36.63
N PHE F 60 -4.83 18.24 -37.04
CA PHE F 60 -5.59 17.24 -36.34
C PHE F 60 -4.90 16.85 -35.04
N THR F 61 -5.68 16.75 -33.95
CA THR F 61 -5.19 16.22 -32.68
C THR F 61 -5.74 14.82 -32.47
N TYR F 62 -4.85 13.85 -32.23
CA TYR F 62 -5.24 12.45 -32.06
C TYR F 62 -4.28 11.79 -31.09
N HIS F 63 -4.75 10.75 -30.40
CA HIS F 63 -3.98 10.08 -29.37
C HIS F 63 -3.78 8.60 -29.69
N ASP F 64 -2.53 8.17 -29.70
CA ASP F 64 -2.17 6.78 -29.98
C ASP F 64 -3.04 5.83 -29.13
N PRO F 65 -3.39 4.65 -29.63
CA PRO F 65 -4.30 3.79 -28.89
C PRO F 65 -3.62 3.14 -27.69
N VAL F 66 -4.44 2.58 -26.81
CA VAL F 66 -4.00 2.05 -25.52
C VAL F 66 -4.33 0.57 -25.43
N LEU F 67 -3.38 -0.23 -24.96
CA LEU F 67 -3.53 -1.68 -24.87
C LEU F 67 -3.98 -2.03 -23.46
N ARG F 68 -5.23 -2.46 -23.32
CA ARG F 68 -5.79 -2.87 -22.03
C ARG F 68 -5.96 -4.37 -22.03
N PRO F 69 -4.92 -5.15 -21.67
CA PRO F 69 -5.06 -6.61 -21.71
C PRO F 69 -6.33 -7.05 -21.02
N GLY F 70 -7.01 -8.02 -21.62
CA GLY F 70 -8.17 -8.63 -21.04
C GLY F 70 -9.46 -7.87 -21.24
N ILE F 71 -9.38 -6.59 -21.58
CA ILE F 71 -10.55 -5.76 -21.82
C ILE F 71 -10.74 -5.65 -23.32
N LEU F 72 -11.85 -6.22 -23.79
CA LEU F 72 -12.19 -6.27 -25.20
C LEU F 72 -12.47 -4.88 -25.75
N GLY F 73 -12.95 -4.83 -26.99
CA GLY F 73 -13.33 -3.58 -27.63
C GLY F 73 -12.11 -2.75 -27.95
N ASN F 74 -12.34 -1.53 -28.43
CA ASN F 74 -13.67 -0.96 -28.62
C ASN F 74 -14.16 -1.08 -30.07
N PHE F 75 -13.25 -1.47 -30.97
CA PHE F 75 -13.58 -1.70 -32.37
C PHE F 75 -13.68 -3.17 -32.72
N GLU F 76 -13.42 -4.05 -31.76
CA GLU F 76 -13.64 -5.48 -31.94
C GLU F 76 -15.13 -5.73 -32.17
N PRO F 77 -15.51 -6.58 -33.11
CA PRO F 77 -16.93 -6.93 -33.21
C PRO F 77 -17.39 -7.60 -31.93
N LYS F 78 -18.51 -7.10 -31.39
CA LYS F 78 -18.99 -7.56 -30.09
C LYS F 78 -19.27 -9.06 -30.09
N GLU F 79 -19.90 -9.57 -31.15
CA GLU F 79 -20.35 -10.94 -31.28
C GLU F 79 -19.88 -11.52 -32.61
N PRO F 80 -19.80 -12.86 -32.73
CA PRO F 80 -19.21 -13.46 -33.94
C PRO F 80 -19.89 -13.02 -35.22
N GLU F 81 -19.11 -12.98 -36.29
CA GLU F 81 -19.57 -12.41 -37.54
C GLU F 81 -20.55 -13.36 -38.22
N PRO F 82 -21.74 -12.90 -38.57
CA PRO F 82 -22.71 -13.77 -39.27
C PRO F 82 -22.14 -14.27 -40.59
N PRO F 83 -22.33 -15.54 -40.93
CA PRO F 83 -21.90 -16.02 -42.24
C PRO F 83 -22.80 -15.47 -43.34
N GLY F 84 -22.22 -15.35 -44.54
CA GLY F 84 -23.02 -14.94 -45.68
C GLY F 84 -24.02 -15.99 -46.09
N VAL F 85 -23.67 -17.26 -45.90
CA VAL F 85 -24.60 -18.38 -46.03
C VAL F 85 -24.28 -19.37 -44.94
N VAL F 86 -25.32 -19.88 -44.29
CA VAL F 86 -25.17 -20.92 -43.28
C VAL F 86 -25.17 -22.26 -44.02
N GLY F 87 -24.09 -23.04 -43.86
CA GLY F 87 -22.86 -22.53 -43.25
C GLY F 87 -21.71 -22.83 -44.19
N GLY F 88 -22.04 -23.27 -45.41
CA GLY F 88 -21.08 -23.39 -46.47
C GLY F 88 -21.57 -22.60 -47.66
N PRO F 89 -20.74 -22.46 -48.70
CA PRO F 89 -19.34 -22.87 -48.71
C PRO F 89 -18.32 -21.72 -48.75
N GLY F 90 -17.16 -21.93 -48.14
CA GLY F 90 -16.12 -20.93 -48.11
C GLY F 90 -15.95 -20.25 -46.77
N GLU F 91 -16.89 -20.43 -45.85
CA GLU F 91 -16.81 -19.84 -44.53
C GLU F 91 -16.48 -20.91 -43.50
N LYS F 92 -15.92 -20.50 -42.38
CA LYS F 92 -15.56 -19.12 -42.16
C LYS F 92 -14.52 -18.72 -43.22
N ALA F 93 -13.44 -19.51 -43.33
CA ALA F 93 -12.49 -19.48 -44.44
C ALA F 93 -12.12 -20.89 -44.84
N LYS F 94 -13.07 -21.81 -44.73
CA LYS F 94 -12.77 -23.22 -44.95
C LYS F 94 -12.39 -23.44 -46.41
N PRO F 95 -11.37 -24.26 -46.68
CA PRO F 95 -10.98 -24.47 -48.08
C PRO F 95 -12.08 -25.18 -48.85
N LEU F 96 -12.25 -24.78 -50.10
CA LEU F 96 -13.31 -25.29 -50.96
C LEU F 96 -12.67 -26.18 -52.02
N VAL F 97 -12.73 -27.49 -51.81
CA VAL F 97 -12.11 -28.45 -52.73
C VAL F 97 -13.21 -29.04 -53.61
N LEU F 98 -13.07 -28.84 -54.92
CA LEU F 98 -14.04 -29.26 -55.93
C LEU F 98 -13.50 -30.46 -56.72
N GLY F 99 -14.07 -30.68 -57.90
CA GLY F 99 -13.59 -31.70 -58.80
C GLY F 99 -14.01 -33.09 -58.38
N PRO F 100 -13.79 -34.07 -59.28
CA PRO F 100 -13.21 -33.72 -60.57
C PRO F 100 -14.30 -33.41 -61.57
N GLU F 101 -15.57 -33.54 -61.17
CA GLU F 101 -16.66 -33.19 -62.06
C GLU F 101 -16.51 -31.76 -62.56
N PHE F 102 -15.91 -30.88 -61.75
CA PHE F 102 -15.74 -29.46 -62.05
C PHE F 102 -14.44 -29.16 -62.78
N LYS F 103 -13.55 -30.13 -62.92
CA LYS F 103 -12.16 -29.81 -63.27
C LYS F 103 -12.07 -29.15 -64.64
N GLN F 104 -12.86 -29.63 -65.61
CA GLN F 104 -12.84 -29.01 -66.93
C GLN F 104 -13.18 -27.53 -66.83
N ALA F 105 -14.28 -27.24 -66.13
CA ALA F 105 -14.69 -25.85 -65.93
C ALA F 105 -13.61 -25.05 -65.23
N ILE F 106 -13.02 -25.63 -64.17
CA ILE F 106 -12.05 -24.89 -63.37
C ILE F 106 -10.86 -24.47 -64.21
N GLN F 107 -10.30 -25.41 -64.98
CA GLN F 107 -9.18 -25.05 -65.82
C GLN F 107 -9.56 -23.97 -66.83
N ALA F 108 -10.81 -23.96 -67.28
CA ALA F 108 -11.24 -22.93 -68.21
C ALA F 108 -11.15 -21.54 -67.59
N SER F 109 -11.77 -21.37 -66.42
CA SER F 109 -11.78 -20.04 -65.79
C SER F 109 -10.40 -19.64 -65.31
N ILE F 110 -9.55 -20.61 -64.96
CA ILE F 110 -8.17 -20.26 -64.61
C ILE F 110 -7.45 -19.69 -65.81
N LYS F 111 -7.75 -20.22 -67.01
CA LYS F 111 -7.21 -19.62 -68.22
C LYS F 111 -7.63 -18.16 -68.34
N GLU F 112 -8.92 -17.88 -68.09
CA GLU F 112 -9.43 -16.53 -68.34
C GLU F 112 -8.92 -15.52 -67.33
N PHE F 113 -8.82 -15.91 -66.05
CA PHE F 113 -8.58 -14.96 -64.97
C PHE F 113 -7.37 -15.25 -64.09
N GLY F 114 -6.79 -16.45 -64.15
CA GLY F 114 -5.73 -16.79 -63.22
C GLY F 114 -6.20 -17.18 -61.84
N PHE F 115 -7.51 -17.20 -61.60
CA PHE F 115 -8.08 -17.69 -60.36
C PHE F 115 -9.07 -18.79 -60.66
N ASN F 116 -9.23 -19.70 -59.70
CA ASN F 116 -10.34 -20.65 -59.75
C ASN F 116 -11.65 -19.90 -59.62
N MET F 117 -12.23 -19.45 -60.75
CA MET F 117 -13.44 -18.64 -60.68
C MET F 117 -14.67 -19.47 -60.33
N VAL F 118 -14.73 -20.73 -60.76
CA VAL F 118 -15.89 -21.56 -60.44
C VAL F 118 -16.03 -21.73 -58.94
N ALA F 119 -14.89 -21.88 -58.24
CA ALA F 119 -14.88 -21.96 -56.79
C ALA F 119 -15.29 -20.62 -56.19
N SER F 120 -14.70 -19.53 -56.67
CA SER F 120 -15.04 -18.21 -56.16
C SER F 120 -16.51 -17.89 -56.38
N ASP F 121 -17.09 -18.38 -57.48
CA ASP F 121 -18.46 -17.99 -57.79
C ASP F 121 -19.46 -18.60 -56.82
N MET F 122 -19.14 -19.74 -56.20
CA MET F 122 -20.03 -20.41 -55.26
C MET F 122 -19.73 -20.06 -53.81
N ILE F 123 -18.82 -19.13 -53.57
CA ILE F 123 -18.57 -18.62 -52.23
C ILE F 123 -19.30 -17.29 -52.08
N SER F 124 -20.01 -17.16 -50.95
CA SER F 124 -20.77 -15.94 -50.67
C SER F 124 -19.89 -14.70 -50.81
N LEU F 125 -20.43 -13.66 -51.46
CA LEU F 125 -19.71 -12.39 -51.50
C LEU F 125 -19.58 -11.78 -50.12
N ASP F 126 -20.44 -12.13 -49.17
CA ASP F 126 -20.40 -11.59 -47.81
C ASP F 126 -19.89 -12.63 -46.83
N ARG F 127 -19.07 -13.56 -47.30
CA ARG F 127 -18.67 -14.69 -46.48
C ARG F 127 -17.90 -14.22 -45.24
N SER F 128 -18.05 -14.98 -44.16
CA SER F 128 -17.18 -14.80 -43.02
C SER F 128 -15.77 -15.25 -43.41
N VAL F 129 -14.83 -15.09 -42.49
CA VAL F 129 -13.43 -15.32 -42.78
C VAL F 129 -12.72 -15.62 -41.46
N ASN F 130 -11.62 -16.36 -41.54
CA ASN F 130 -10.87 -16.72 -40.34
C ASN F 130 -10.07 -15.53 -39.84
N ASP F 131 -9.67 -15.58 -38.58
CA ASP F 131 -8.96 -14.48 -37.94
C ASP F 131 -7.49 -14.88 -37.84
N LEU F 132 -6.62 -14.18 -38.55
CA LEU F 132 -5.20 -14.45 -38.49
C LEU F 132 -4.42 -13.49 -37.59
N ARG F 133 -5.09 -12.45 -37.09
CA ARG F 133 -4.42 -11.50 -36.21
C ARG F 133 -4.18 -12.09 -34.86
N GLN F 134 -3.13 -11.64 -34.20
CA GLN F 134 -2.79 -12.12 -32.88
C GLN F 134 -3.81 -11.62 -31.86
N GLU F 135 -3.94 -12.36 -30.76
CA GLU F 135 -4.97 -12.11 -29.78
C GLU F 135 -4.84 -10.74 -29.13
N GLU F 136 -3.63 -10.34 -28.78
CA GLU F 136 -3.43 -9.02 -28.19
C GLU F 136 -3.96 -7.90 -29.06
N CYS F 137 -4.28 -8.20 -30.33
CA CYS F 137 -4.85 -7.20 -31.24
C CYS F 137 -6.28 -6.85 -30.87
N LYS F 138 -6.95 -7.68 -30.07
CA LYS F 138 -8.33 -7.43 -29.71
C LYS F 138 -8.48 -6.53 -28.49
N TYR F 139 -7.37 -6.11 -27.90
CA TYR F 139 -7.41 -5.35 -26.65
C TYR F 139 -6.88 -3.94 -26.79
N TRP F 140 -6.69 -3.46 -28.03
CA TRP F 140 -6.35 -2.07 -28.27
C TRP F 140 -7.63 -1.25 -28.28
N HIS F 141 -7.60 -0.12 -27.59
CA HIS F 141 -8.71 0.83 -27.65
C HIS F 141 -8.24 2.05 -28.43
N TYR F 142 -9.10 2.47 -29.35
CA TYR F 142 -8.81 3.47 -30.35
C TYR F 142 -9.63 4.71 -30.11
N ASP F 143 -9.06 5.85 -30.49
CA ASP F 143 -9.59 7.14 -30.13
C ASP F 143 -11.00 7.33 -30.66
N GLU F 144 -11.26 6.83 -31.86
CA GLU F 144 -12.56 6.95 -32.52
C GLU F 144 -12.64 8.27 -33.22
N ASN F 145 -11.57 9.04 -33.09
CA ASN F 145 -11.37 10.33 -33.71
C ASN F 145 -10.81 10.22 -35.13
N LEU F 146 -10.74 9.00 -35.67
CA LEU F 146 -10.04 8.67 -36.91
C LEU F 146 -10.49 9.49 -38.10
N LEU F 147 -9.60 9.63 -39.09
CA LEU F 147 -9.89 10.31 -40.35
C LEU F 147 -10.79 9.45 -41.23
N THR F 148 -11.53 10.12 -42.11
CA THR F 148 -12.35 9.38 -43.05
C THR F 148 -11.50 8.91 -44.24
N SER F 149 -11.95 7.83 -44.89
CA SER F 149 -11.16 7.19 -45.95
C SER F 149 -11.98 6.98 -47.22
N SER F 150 -11.35 7.22 -48.36
CA SER F 150 -11.82 6.73 -49.64
C SER F 150 -10.93 5.57 -50.06
N VAL F 151 -11.52 4.39 -50.25
CA VAL F 151 -10.77 3.23 -50.71
C VAL F 151 -10.89 3.18 -52.23
N VAL F 152 -9.75 3.17 -52.91
CA VAL F 152 -9.74 3.15 -54.37
C VAL F 152 -9.27 1.78 -54.82
N ILE F 153 -10.05 1.16 -55.69
CA ILE F 153 -9.75 -0.16 -56.23
C ILE F 153 -9.61 -0.01 -57.73
N VAL F 154 -8.37 -0.06 -58.22
CA VAL F 154 -8.14 -0.20 -59.66
C VAL F 154 -8.40 -1.64 -60.09
N PHE F 155 -8.90 -1.82 -61.31
CA PHE F 155 -9.12 -3.18 -61.81
C PHE F 155 -9.03 -3.18 -63.33
N HIS F 156 -8.71 -4.34 -63.88
CA HIS F 156 -8.72 -4.54 -65.33
C HIS F 156 -9.14 -5.98 -65.59
N ASN F 157 -10.32 -6.17 -66.19
CA ASN F 157 -10.78 -7.50 -66.53
C ASN F 157 -10.84 -8.42 -65.33
N GLU F 158 -11.09 -7.86 -64.15
CA GLU F 158 -11.20 -8.69 -62.96
C GLU F 158 -12.49 -9.51 -63.01
N GLY F 159 -12.43 -10.76 -62.57
CA GLY F 159 -13.64 -11.55 -62.52
C GLY F 159 -14.65 -10.92 -61.59
N TRP F 160 -15.94 -11.07 -61.93
CA TRP F 160 -16.99 -10.39 -61.18
C TRP F 160 -16.92 -10.74 -59.70
N SER F 161 -16.94 -12.04 -59.38
CA SER F 161 -17.11 -12.46 -57.98
C SER F 161 -15.93 -12.02 -57.10
N THR F 162 -14.71 -12.01 -57.65
CA THR F 162 -13.54 -11.61 -56.86
C THR F 162 -13.42 -10.10 -56.71
N LEU F 163 -13.91 -9.33 -57.68
CA LEU F 163 -13.97 -7.88 -57.52
C LEU F 163 -15.06 -7.49 -56.53
N MET F 164 -16.27 -8.01 -56.74
CA MET F 164 -17.37 -7.63 -55.87
C MET F 164 -17.14 -8.11 -54.45
N ARG F 165 -16.58 -9.31 -54.27
CA ARG F 165 -16.34 -9.78 -52.91
C ARG F 165 -15.41 -8.82 -52.17
N THR F 166 -14.50 -8.18 -52.91
CA THR F 166 -13.63 -7.18 -52.31
C THR F 166 -14.45 -6.01 -51.75
N VAL F 167 -15.27 -5.39 -52.59
CA VAL F 167 -16.13 -4.31 -52.12
C VAL F 167 -17.00 -4.77 -50.95
N HIS F 168 -17.74 -5.87 -51.14
CA HIS F 168 -18.57 -6.41 -50.06
C HIS F 168 -17.78 -6.56 -48.77
N SER F 169 -16.54 -7.01 -48.89
CA SER F 169 -15.67 -7.19 -47.73
C SER F 169 -15.44 -5.86 -47.01
N VAL F 170 -15.17 -4.80 -47.78
CA VAL F 170 -14.88 -3.49 -47.18
C VAL F 170 -16.13 -2.92 -46.51
N ILE F 171 -17.27 -3.04 -47.20
CA ILE F 171 -18.54 -2.58 -46.64
C ILE F 171 -18.89 -3.33 -45.37
N LYS F 172 -18.62 -4.64 -45.36
CA LYS F 172 -19.03 -5.49 -44.25
C LYS F 172 -18.18 -5.29 -43.00
N ARG F 173 -16.92 -4.86 -43.12
CA ARG F 173 -16.06 -4.78 -41.94
C ARG F 173 -15.51 -3.38 -41.68
N THR F 174 -16.08 -2.35 -42.30
CA THR F 174 -15.62 -0.99 -42.02
C THR F 174 -16.74 -0.18 -41.38
N PRO F 175 -16.55 0.35 -40.17
CA PRO F 175 -17.56 1.22 -39.57
C PRO F 175 -18.01 2.28 -40.58
N ARG F 176 -19.32 2.44 -40.72
CA ARG F 176 -19.86 3.25 -41.81
C ARG F 176 -19.43 4.71 -41.75
N LYS F 177 -19.26 5.28 -40.55
CA LYS F 177 -19.01 6.72 -40.50
C LYS F 177 -17.70 7.10 -41.18
N TYR F 178 -16.70 6.21 -41.10
CA TYR F 178 -15.36 6.46 -41.62
C TYR F 178 -15.21 6.13 -43.11
N LEU F 179 -16.18 5.45 -43.72
CA LEU F 179 -16.09 4.99 -45.11
C LEU F 179 -16.73 6.05 -46.00
N ALA F 180 -15.92 6.94 -46.56
CA ALA F 180 -16.47 8.09 -47.28
C ALA F 180 -16.91 7.73 -48.69
N GLU F 181 -16.19 6.83 -49.36
CA GLU F 181 -16.63 6.33 -50.66
C GLU F 181 -15.83 5.07 -50.98
N ILE F 182 -16.25 4.40 -52.05
CA ILE F 182 -15.48 3.34 -52.66
C ILE F 182 -15.41 3.67 -54.14
N VAL F 183 -14.23 4.04 -54.60
CA VAL F 183 -13.97 4.44 -55.97
C VAL F 183 -13.30 3.27 -56.69
N LEU F 184 -14.00 2.70 -57.66
CA LEU F 184 -13.42 1.72 -58.56
C LEU F 184 -12.89 2.46 -59.78
N ILE F 185 -11.67 2.15 -60.19
CA ILE F 185 -11.06 2.75 -61.38
C ILE F 185 -10.95 1.65 -62.43
N ASP F 186 -11.72 1.78 -63.49
CA ASP F 186 -11.72 0.81 -64.58
C ASP F 186 -10.59 1.22 -65.51
N ASP F 187 -9.49 0.47 -65.48
CA ASP F 187 -8.36 0.79 -66.36
C ASP F 187 -8.55 0.16 -67.75
N PHE F 188 -9.71 0.45 -68.35
CA PHE F 188 -9.94 0.09 -69.74
C PHE F 188 -10.21 -1.40 -69.96
N SER F 189 -11.12 -1.98 -69.19
CA SER F 189 -11.43 -3.40 -69.34
C SER F 189 -12.33 -3.62 -70.55
N ASN F 190 -12.28 -4.84 -71.11
CA ASN F 190 -13.19 -5.23 -72.18
C ASN F 190 -14.20 -6.29 -71.80
N LYS F 191 -14.01 -7.01 -70.69
CA LYS F 191 -15.00 -7.98 -70.30
C LYS F 191 -16.34 -7.29 -70.10
N GLU F 192 -17.40 -7.87 -70.67
CA GLU F 192 -18.70 -7.23 -70.67
C GLU F 192 -19.32 -7.19 -69.28
N HIS F 193 -19.03 -8.18 -68.43
CA HIS F 193 -19.67 -8.19 -67.12
C HIS F 193 -19.22 -7.04 -66.24
N LEU F 194 -18.24 -6.28 -66.71
CA LEU F 194 -17.74 -5.12 -66.01
C LEU F 194 -18.37 -3.80 -66.44
N LYS F 195 -19.15 -3.82 -67.52
CA LYS F 195 -19.79 -2.59 -67.99
C LYS F 195 -21.30 -2.68 -67.94
N GLU F 196 -21.93 -1.62 -67.43
CA GLU F 196 -23.38 -1.59 -67.38
C GLU F 196 -23.84 -2.52 -66.31
N LYS F 197 -23.49 -3.78 -66.44
CA LYS F 197 -23.93 -4.76 -65.48
C LYS F 197 -23.40 -4.32 -64.14
N LEU F 198 -22.14 -3.90 -64.15
CA LEU F 198 -21.49 -3.31 -63.00
C LEU F 198 -22.12 -1.98 -62.58
N ASP F 199 -22.41 -1.10 -63.54
CA ASP F 199 -23.10 0.14 -63.21
C ASP F 199 -24.39 -0.13 -62.46
N GLU F 200 -25.23 -1.01 -63.01
CA GLU F 200 -26.54 -1.26 -62.40
C GLU F 200 -26.38 -1.90 -61.03
N TYR F 201 -25.59 -2.97 -60.92
CA TYR F 201 -25.42 -3.64 -59.64
C TYR F 201 -24.98 -2.66 -58.55
N ILE F 202 -24.08 -1.75 -58.89
CA ILE F 202 -23.45 -0.91 -57.89
C ILE F 202 -24.46 0.01 -57.21
N LYS F 203 -25.59 0.30 -57.88
CA LYS F 203 -26.66 1.09 -57.28
C LYS F 203 -27.06 0.53 -55.93
N LEU F 204 -26.64 -0.71 -55.65
CA LEU F 204 -26.98 -1.38 -54.40
C LEU F 204 -26.62 -0.54 -53.18
N TRP F 205 -25.56 0.26 -53.29
CA TRP F 205 -25.01 0.95 -52.15
C TRP F 205 -25.35 2.43 -52.16
N ASN F 206 -26.41 2.81 -52.87
CA ASN F 206 -26.90 4.18 -52.86
C ASN F 206 -25.78 5.17 -53.14
N GLY F 207 -25.00 4.89 -54.18
CA GLY F 207 -23.95 5.83 -54.54
C GLY F 207 -22.75 5.84 -53.62
N LEU F 208 -22.70 4.98 -52.60
CA LEU F 208 -21.50 4.88 -51.79
C LEU F 208 -20.34 4.35 -52.61
N VAL F 209 -20.64 3.47 -53.56
CA VAL F 209 -19.65 2.91 -54.46
C VAL F 209 -19.85 3.54 -55.83
N LYS F 210 -18.77 4.01 -56.44
CA LYS F 210 -18.80 4.68 -57.72
C LYS F 210 -17.68 4.11 -58.59
N VAL F 211 -17.85 4.18 -59.91
CA VAL F 211 -16.86 3.68 -60.85
C VAL F 211 -16.55 4.76 -61.86
N PHE F 212 -15.27 4.87 -62.23
CA PHE F 212 -14.81 5.83 -63.22
C PHE F 212 -14.00 5.10 -64.28
N ARG F 213 -14.48 5.16 -65.52
CA ARG F 213 -13.77 4.56 -66.63
C ARG F 213 -12.60 5.44 -67.06
N ASN F 214 -11.55 4.77 -67.57
CA ASN F 214 -10.42 5.42 -68.21
C ASN F 214 -10.54 5.26 -69.71
N GLU F 215 -10.15 6.29 -70.46
CA GLU F 215 -10.33 6.24 -71.91
C GLU F 215 -9.34 5.30 -72.58
N ARG F 216 -8.13 5.23 -72.05
CA ARG F 216 -7.14 4.27 -72.54
C ARG F 216 -6.55 3.48 -71.39
N ARG F 217 -5.96 2.33 -71.71
CA ARG F 217 -5.26 1.54 -70.69
C ARG F 217 -4.08 2.34 -70.17
N GLU F 218 -4.23 2.91 -68.98
CA GLU F 218 -3.28 3.81 -68.36
C GLU F 218 -2.19 3.09 -67.57
N GLY F 219 -2.33 1.78 -67.34
CA GLY F 219 -1.43 1.04 -66.51
C GLY F 219 -1.84 1.06 -65.05
N LEU F 220 -1.36 0.06 -64.33
CA LEU F 220 -1.67 -0.05 -62.91
C LEU F 220 -1.20 1.18 -62.12
N ILE F 221 0.02 1.63 -62.37
CA ILE F 221 0.62 2.69 -61.55
C ILE F 221 -0.10 4.01 -61.75
N GLN F 222 -0.30 4.42 -63.02
CA GLN F 222 -0.98 5.68 -63.30
C GLN F 222 -2.46 5.61 -62.98
N ALA F 223 -3.06 4.41 -63.02
CA ALA F 223 -4.46 4.29 -62.65
C ALA F 223 -4.67 4.61 -61.16
N ARG F 224 -3.69 4.26 -60.33
CA ARG F 224 -3.76 4.63 -58.92
C ARG F 224 -3.72 6.14 -58.74
N SER F 225 -2.91 6.84 -59.53
CA SER F 225 -2.86 8.30 -59.44
C SER F 225 -4.19 8.90 -59.87
N ILE F 226 -4.69 8.51 -61.05
CA ILE F 226 -6.05 8.91 -61.42
C ILE F 226 -6.99 8.69 -60.23
N GLY F 227 -6.91 7.51 -59.63
CA GLY F 227 -7.78 7.23 -58.49
C GLY F 227 -7.65 8.25 -57.38
N ALA F 228 -6.42 8.70 -57.10
CA ALA F 228 -6.24 9.73 -56.08
C ALA F 228 -6.99 11.00 -56.44
N GLN F 229 -7.10 11.30 -57.74
CA GLN F 229 -7.69 12.55 -58.20
C GLN F 229 -9.21 12.46 -58.26
N LYS F 230 -9.74 11.27 -58.57
CA LYS F 230 -11.16 11.07 -58.70
C LYS F 230 -11.84 10.68 -57.40
N ALA F 231 -11.06 10.34 -56.37
CA ALA F 231 -11.61 10.00 -55.06
C ALA F 231 -11.32 11.18 -54.15
N LYS F 232 -12.33 12.03 -53.97
CA LYS F 232 -12.13 13.32 -53.32
C LYS F 232 -12.74 13.39 -51.93
N LEU F 233 -13.62 12.46 -51.58
CA LEU F 233 -14.40 12.60 -50.37
C LEU F 233 -13.64 12.25 -49.11
N GLY F 234 -12.69 11.31 -49.16
CA GLY F 234 -12.03 10.89 -47.95
C GLY F 234 -10.85 11.76 -47.56
N GLN F 235 -10.45 11.65 -46.30
CA GLN F 235 -9.27 12.37 -45.84
C GLN F 235 -7.98 11.59 -46.09
N VAL F 236 -8.05 10.27 -45.98
CA VAL F 236 -6.93 9.41 -46.37
C VAL F 236 -7.40 8.54 -47.51
N LEU F 237 -6.47 8.20 -48.39
CA LEU F 237 -6.71 7.21 -49.43
C LEU F 237 -6.27 5.85 -48.92
N ILE F 238 -7.09 4.82 -49.16
CA ILE F 238 -6.75 3.43 -48.87
C ILE F 238 -6.81 2.67 -50.19
N TYR F 239 -5.67 2.11 -50.61
CA TYR F 239 -5.56 1.42 -51.89
C TYR F 239 -5.62 -0.10 -51.69
N LEU F 240 -6.48 -0.76 -52.48
CA LEU F 240 -6.68 -2.22 -52.41
C LEU F 240 -6.65 -2.82 -53.81
N ASP F 241 -5.94 -3.94 -53.99
CA ASP F 241 -6.03 -4.76 -55.20
C ASP F 241 -7.50 -5.13 -55.44
N ALA F 242 -7.85 -5.38 -56.70
CA ALA F 242 -9.22 -5.76 -57.01
C ALA F 242 -9.56 -7.19 -56.59
N HIS F 243 -8.70 -7.84 -55.82
CA HIS F 243 -8.87 -9.22 -55.42
C HIS F 243 -8.34 -9.35 -53.99
N CYS F 244 -9.08 -8.74 -53.07
CA CYS F 244 -8.71 -8.74 -51.66
C CYS F 244 -9.94 -9.10 -50.84
N GLU F 245 -9.67 -9.56 -49.62
CA GLU F 245 -10.67 -9.67 -48.57
C GLU F 245 -10.06 -9.08 -47.32
N VAL F 246 -10.75 -8.14 -46.71
CA VAL F 246 -10.22 -7.33 -45.63
C VAL F 246 -10.61 -7.97 -44.29
N ALA F 247 -9.72 -7.91 -43.30
CA ALA F 247 -9.94 -8.59 -42.03
C ALA F 247 -10.89 -7.79 -41.15
N VAL F 248 -11.24 -8.36 -39.99
CA VAL F 248 -12.10 -7.66 -39.05
C VAL F 248 -11.29 -6.65 -38.26
N ASN F 249 -11.86 -5.46 -38.05
CA ASN F 249 -11.15 -4.35 -37.47
C ASN F 249 -9.80 -4.14 -38.15
N TRP F 250 -9.84 -4.01 -39.48
CA TRP F 250 -8.64 -3.64 -40.22
C TRP F 250 -8.47 -2.14 -40.24
N TYR F 251 -9.59 -1.41 -40.22
CA TYR F 251 -9.57 0.04 -40.46
C TYR F 251 -8.88 0.78 -39.31
N ALA F 252 -9.37 0.62 -38.09
CA ALA F 252 -8.89 1.45 -36.97
C ALA F 252 -7.38 1.39 -36.81
N PRO F 253 -6.75 0.21 -36.71
CA PRO F 253 -5.29 0.15 -36.54
C PRO F 253 -4.53 0.70 -37.73
N LEU F 254 -5.12 0.62 -38.92
CA LEU F 254 -4.48 1.14 -40.13
C LEU F 254 -4.47 2.66 -40.12
N VAL F 255 -5.62 3.27 -39.81
CA VAL F 255 -5.80 4.70 -39.98
C VAL F 255 -5.40 5.51 -38.75
N ALA F 256 -5.22 4.85 -37.61
CA ALA F 256 -4.89 5.57 -36.38
C ALA F 256 -3.52 6.25 -36.47
N PRO F 257 -2.46 5.58 -36.92
CA PRO F 257 -1.16 6.27 -37.02
C PRO F 257 -1.19 7.43 -37.99
N ILE F 258 -1.99 7.36 -39.06
CA ILE F 258 -2.14 8.51 -39.95
C ILE F 258 -2.85 9.63 -39.23
N SER F 259 -3.58 9.32 -38.15
CA SER F 259 -4.37 10.35 -37.49
C SER F 259 -3.52 11.18 -36.53
N LYS F 260 -2.54 10.57 -35.86
CA LYS F 260 -1.64 11.37 -35.03
C LYS F 260 -0.65 12.17 -35.86
N ASP F 261 -0.29 11.65 -37.04
CA ASP F 261 0.80 12.18 -37.85
C ASP F 261 0.45 11.96 -39.31
N ARG F 262 0.06 13.02 -40.02
CA ARG F 262 -0.40 12.92 -41.40
C ARG F 262 0.68 12.40 -42.36
N THR F 263 1.96 12.49 -41.98
CA THR F 263 3.07 12.05 -42.81
C THR F 263 3.48 10.62 -42.54
N ILE F 264 2.70 9.90 -41.75
CA ILE F 264 2.86 8.45 -41.62
C ILE F 264 2.05 7.78 -42.72
N CYS F 265 2.69 6.87 -43.42
CA CYS F 265 2.00 6.00 -44.37
C CYS F 265 1.89 4.60 -43.80
N THR F 266 0.72 3.99 -43.97
CA THR F 266 0.36 2.76 -43.28
C THR F 266 0.12 1.62 -44.26
N VAL F 267 0.69 0.45 -43.97
CA VAL F 267 0.55 -0.74 -44.78
C VAL F 267 0.00 -1.85 -43.89
N PRO F 268 -1.10 -2.50 -44.26
CA PRO F 268 -1.52 -3.70 -43.55
C PRO F 268 -0.59 -4.86 -43.82
N LEU F 269 -0.59 -5.82 -42.91
CA LEU F 269 0.03 -7.09 -43.22
C LEU F 269 -0.82 -7.79 -44.28
N ILE F 270 -0.16 -8.30 -45.32
CA ILE F 270 -0.87 -8.87 -46.46
C ILE F 270 -0.85 -10.38 -46.32
N ASP F 271 -2.03 -10.99 -46.34
CA ASP F 271 -2.20 -12.43 -46.16
C ASP F 271 -2.57 -13.09 -47.46
N VAL F 272 -2.32 -14.39 -47.54
CA VAL F 272 -2.46 -15.12 -48.79
C VAL F 272 -3.82 -15.81 -48.87
N ILE F 273 -4.62 -15.36 -49.82
CA ILE F 273 -5.85 -16.03 -50.21
C ILE F 273 -5.51 -17.01 -51.32
N ASN F 274 -5.73 -18.29 -51.07
CA ASN F 274 -5.46 -19.30 -52.07
C ASN F 274 -6.35 -19.11 -53.29
N GLY F 275 -5.73 -18.94 -54.47
CA GLY F 275 -6.45 -18.73 -55.72
C GLY F 275 -7.26 -19.91 -56.21
N ASN F 276 -7.13 -21.05 -55.55
CA ASN F 276 -7.83 -22.26 -55.96
C ASN F 276 -8.91 -22.68 -54.98
N THR F 277 -8.60 -22.67 -53.67
CA THR F 277 -9.54 -23.13 -52.66
C THR F 277 -9.98 -22.04 -51.69
N TYR F 278 -9.24 -20.93 -51.61
CA TYR F 278 -9.65 -19.68 -50.98
C TYR F 278 -9.58 -19.69 -49.47
N GLU F 279 -8.87 -20.63 -48.85
CA GLU F 279 -8.55 -20.44 -47.45
C GLU F 279 -7.47 -19.39 -47.34
N ILE F 280 -7.33 -18.80 -46.15
CA ILE F 280 -6.47 -17.64 -45.98
C ILE F 280 -5.30 -18.03 -45.08
N ILE F 281 -4.09 -17.78 -45.59
CA ILE F 281 -2.83 -18.23 -45.00
C ILE F 281 -1.98 -16.99 -44.84
N PRO F 282 -1.32 -16.79 -43.69
CA PRO F 282 -0.31 -15.71 -43.61
C PRO F 282 0.94 -16.06 -44.40
N GLN F 283 1.62 -15.01 -44.85
CA GLN F 283 2.88 -15.22 -45.57
C GLN F 283 3.92 -15.85 -44.65
N GLY F 284 4.89 -16.52 -45.26
CA GLY F 284 6.01 -17.02 -44.50
C GLY F 284 7.05 -15.93 -44.40
N GLY F 285 7.08 -15.24 -43.27
CA GLY F 285 7.98 -14.13 -43.08
C GLY F 285 8.88 -14.36 -41.89
N GLY F 286 9.93 -13.54 -41.81
CA GLY F 286 11.05 -13.86 -40.94
C GLY F 286 10.71 -13.97 -39.46
N ASP F 287 9.96 -13.00 -38.94
CA ASP F 287 9.90 -12.84 -37.48
C ASP F 287 9.29 -14.07 -36.81
N GLU F 288 9.71 -14.28 -35.58
CA GLU F 288 9.29 -15.42 -34.79
C GLU F 288 7.80 -15.33 -34.64
N ASP F 289 7.26 -14.13 -34.70
CA ASP F 289 5.84 -13.89 -34.74
C ASP F 289 5.33 -13.74 -36.17
N GLY F 290 6.20 -13.97 -37.14
CA GLY F 290 5.82 -13.88 -38.53
C GLY F 290 5.85 -12.50 -39.17
N TYR F 291 6.44 -11.55 -38.49
CA TYR F 291 6.51 -10.16 -38.93
C TYR F 291 7.75 -9.95 -39.79
N ALA F 292 7.54 -9.52 -41.03
CA ALA F 292 8.64 -9.13 -41.91
C ALA F 292 8.54 -7.65 -42.23
N ARG F 293 9.64 -7.09 -42.71
CA ARG F 293 9.62 -5.78 -43.31
C ARG F 293 10.09 -5.88 -44.76
N GLY F 294 9.51 -5.02 -45.60
CA GLY F 294 9.80 -5.05 -47.01
C GLY F 294 11.14 -4.44 -47.32
N ALA F 295 11.84 -5.07 -48.26
CA ALA F 295 13.19 -4.67 -48.63
C ALA F 295 13.35 -4.97 -50.11
N TRP F 296 14.58 -5.21 -50.54
CA TRP F 296 14.89 -5.36 -51.95
C TRP F 296 16.32 -5.85 -52.03
N ASP F 297 16.62 -6.62 -53.06
CA ASP F 297 18.00 -6.87 -53.42
C ASP F 297 18.42 -5.75 -54.38
N TRP F 298 19.64 -5.80 -54.89
CA TRP F 298 20.16 -4.64 -55.62
C TRP F 298 19.87 -4.68 -57.11
N SER F 299 19.06 -5.63 -57.59
CA SER F 299 18.41 -5.46 -58.88
C SER F 299 17.03 -4.85 -58.71
N MET F 300 16.70 -4.49 -57.46
CA MET F 300 15.43 -3.89 -57.06
C MET F 300 14.26 -4.87 -57.15
N LEU F 301 14.54 -6.13 -56.86
CA LEU F 301 13.53 -7.16 -56.74
C LEU F 301 13.01 -7.17 -55.31
N TRP F 302 11.70 -7.23 -55.18
CA TRP F 302 11.07 -7.16 -53.87
C TRP F 302 11.48 -8.32 -52.99
N LYS F 303 11.85 -8.03 -51.75
CA LYS F 303 12.29 -9.06 -50.81
C LYS F 303 11.77 -8.72 -49.43
N ARG F 304 11.54 -9.75 -48.62
CA ARG F 304 11.07 -9.56 -47.25
C ARG F 304 12.12 -10.08 -46.28
N VAL F 305 12.28 -9.41 -45.14
CA VAL F 305 13.24 -9.83 -44.13
C VAL F 305 12.56 -9.81 -42.77
N PRO F 306 13.14 -10.47 -41.77
CA PRO F 306 12.49 -10.54 -40.46
C PRO F 306 12.47 -9.20 -39.74
N LEU F 307 11.42 -8.98 -38.93
CA LEU F 307 11.41 -7.81 -38.07
C LEU F 307 12.62 -7.85 -37.15
N THR F 308 13.28 -6.73 -37.01
CA THR F 308 14.59 -6.76 -36.39
C THR F 308 14.49 -6.57 -34.88
N PRO F 309 15.51 -7.01 -34.16
CA PRO F 309 15.57 -6.68 -32.72
C PRO F 309 15.57 -5.18 -32.46
N GLN F 310 16.43 -4.44 -33.16
CA GLN F 310 16.44 -2.99 -33.03
C GLN F 310 15.03 -2.41 -33.11
N GLU F 311 14.24 -2.84 -34.09
CA GLU F 311 12.89 -2.29 -34.22
C GLU F 311 12.03 -2.61 -33.01
N LYS F 312 12.27 -3.76 -32.38
CA LYS F 312 11.42 -4.21 -31.28
C LYS F 312 11.70 -3.42 -30.00
N ARG F 313 12.97 -3.13 -29.73
CA ARG F 313 13.30 -2.26 -28.59
C ARG F 313 12.55 -0.93 -28.68
N LEU F 314 12.39 -0.39 -29.89
CA LEU F 314 11.64 0.85 -30.07
C LEU F 314 10.19 0.72 -29.65
N ARG F 315 9.66 -0.50 -29.59
CA ARG F 315 8.24 -0.73 -29.39
C ARG F 315 7.98 -1.36 -28.03
N LYS F 316 6.93 -0.85 -27.38
CA LYS F 316 6.51 -1.37 -26.08
C LYS F 316 5.71 -2.67 -26.21
N THR F 317 4.97 -2.82 -27.30
CA THR F 317 4.05 -3.94 -27.50
C THR F 317 4.59 -4.88 -28.57
N LYS F 318 4.02 -6.09 -28.64
CA LYS F 318 4.37 -6.97 -29.74
C LYS F 318 3.62 -6.60 -31.01
N THR F 319 2.41 -6.04 -30.88
CA THR F 319 1.50 -5.88 -32.01
C THR F 319 1.38 -4.45 -32.51
N GLU F 320 2.07 -3.47 -31.91
CA GLU F 320 1.96 -2.11 -32.41
C GLU F 320 2.69 -1.97 -33.74
N PRO F 321 2.33 -0.95 -34.53
CA PRO F 321 2.99 -0.74 -35.83
C PRO F 321 4.51 -0.70 -35.71
N TYR F 322 5.18 -1.04 -36.80
CA TYR F 322 6.64 -0.97 -36.86
C TYR F 322 7.08 -0.43 -38.22
N ARG F 323 8.37 -0.05 -38.28
CA ARG F 323 8.93 0.56 -39.48
C ARG F 323 9.36 -0.49 -40.50
N SER F 324 8.89 -0.32 -41.76
CA SER F 324 9.39 -1.05 -42.92
C SER F 324 10.10 -0.08 -43.88
N PRO F 325 11.30 -0.41 -44.36
CA PRO F 325 11.89 0.45 -45.42
C PRO F 325 11.00 0.57 -46.65
N ALA F 326 10.20 -0.45 -46.98
CA ALA F 326 9.39 -0.39 -48.19
C ALA F 326 8.11 -1.21 -48.03
N MET F 327 7.17 -0.97 -48.94
CA MET F 327 5.89 -1.67 -48.99
C MET F 327 5.84 -2.52 -50.26
N ALA F 328 5.00 -3.56 -50.23
CA ALA F 328 4.85 -4.42 -51.40
C ALA F 328 4.27 -3.63 -52.57
N GLY F 329 3.33 -2.72 -52.31
CA GLY F 329 2.88 -1.80 -53.33
C GLY F 329 1.38 -1.74 -53.57
N GLY F 330 0.68 -2.86 -53.42
CA GLY F 330 -0.70 -2.90 -53.84
C GLY F 330 -1.69 -2.30 -52.86
N LEU F 331 -1.41 -2.41 -51.55
CA LEU F 331 -2.34 -2.00 -50.52
C LEU F 331 -1.63 -1.09 -49.55
N PHE F 332 -2.14 0.13 -49.38
CA PHE F 332 -1.57 1.01 -48.38
C PHE F 332 -2.56 2.13 -48.10
N ALA F 333 -2.15 3.03 -47.19
CA ALA F 333 -2.97 4.17 -46.78
C ALA F 333 -2.08 5.37 -46.53
N ILE F 334 -2.34 6.49 -47.22
CA ILE F 334 -1.73 7.79 -46.93
C ILE F 334 -2.82 8.82 -46.79
N GLU F 335 -2.51 9.88 -46.04
CA GLU F 335 -3.41 11.02 -46.01
C GLU F 335 -3.46 11.67 -47.38
N ARG F 336 -4.67 11.89 -47.88
CA ARG F 336 -4.83 12.27 -49.28
C ARG F 336 -3.93 13.43 -49.66
N GLU F 337 -3.98 14.52 -48.88
CA GLU F 337 -3.16 15.69 -49.16
C GLU F 337 -1.69 15.31 -49.21
N PHE F 338 -1.19 14.65 -48.16
CA PHE F 338 0.21 14.25 -48.11
C PHE F 338 0.62 13.51 -49.38
N PHE F 339 -0.21 12.58 -49.86
CA PHE F 339 0.11 11.93 -51.13
C PHE F 339 0.30 12.97 -52.23
N PHE F 340 -0.56 13.95 -52.29
CA PHE F 340 -0.41 15.03 -53.25
C PHE F 340 0.85 15.84 -53.00
N GLU F 341 1.19 16.04 -51.74
CA GLU F 341 2.36 16.82 -51.39
C GLU F 341 3.61 16.16 -51.92
N LEU F 342 3.57 14.84 -52.04
CA LEU F 342 4.71 14.06 -52.47
C LEU F 342 4.72 13.91 -53.97
N GLY F 343 3.75 14.51 -54.61
CA GLY F 343 2.79 13.91 -55.49
C GLY F 343 3.14 13.32 -56.85
N LEU F 344 2.50 12.23 -57.22
CA LEU F 344 1.92 11.27 -56.33
C LEU F 344 2.91 10.14 -56.51
N TYR F 345 2.78 9.46 -57.64
CA TYR F 345 3.75 8.51 -58.11
C TYR F 345 4.36 9.27 -59.24
N ASP F 346 5.60 8.94 -59.58
CA ASP F 346 6.28 9.56 -60.69
C ASP F 346 5.42 9.30 -61.90
N PRO F 347 5.18 10.30 -62.73
CA PRO F 347 4.27 10.03 -63.85
C PRO F 347 4.99 9.34 -64.98
N GLY F 348 6.29 9.24 -64.85
CA GLY F 348 7.13 8.49 -65.76
C GLY F 348 6.87 7.01 -65.81
N LEU F 349 6.56 6.45 -64.66
CA LEU F 349 6.44 5.02 -64.50
C LEU F 349 5.34 4.44 -65.35
N GLN F 350 5.65 3.33 -66.00
CA GLN F 350 4.80 2.72 -67.00
C GLN F 350 4.38 1.30 -66.63
N ILE F 351 3.10 0.98 -66.77
CA ILE F 351 2.67 -0.39 -66.57
C ILE F 351 2.99 -0.87 -65.16
N TRP F 352 3.77 -1.93 -65.04
CA TRP F 352 4.08 -2.51 -63.74
C TRP F 352 5.57 -2.42 -63.45
N GLY F 353 5.96 -1.93 -62.27
CA GLY F 353 7.37 -1.92 -61.89
C GLY F 353 7.73 -0.94 -60.80
N GLY F 354 7.50 -1.25 -59.53
CA GLY F 354 7.35 -0.22 -58.54
C GLY F 354 8.45 0.79 -58.46
N GLU F 355 8.13 2.05 -58.22
CA GLU F 355 6.80 2.53 -57.87
C GLU F 355 6.41 2.23 -56.44
N ASN F 356 6.45 0.97 -56.04
CA ASN F 356 6.32 0.64 -54.64
C ASN F 356 7.51 1.19 -53.86
N PHE F 357 8.69 1.04 -54.44
CA PHE F 357 9.90 1.64 -53.93
C PHE F 357 9.91 3.15 -54.03
N GLU F 358 9.42 3.69 -55.14
CA GLU F 358 9.50 5.12 -55.35
C GLU F 358 8.73 5.88 -54.29
N ILE F 359 7.52 5.45 -53.98
CA ILE F 359 6.80 6.11 -52.91
C ILE F 359 7.45 5.83 -51.57
N SER F 360 7.99 4.62 -51.37
CA SER F 360 8.66 4.31 -50.11
C SER F 360 9.85 5.23 -49.87
N TYR F 361 10.75 5.33 -50.84
CA TYR F 361 11.89 6.23 -50.69
C TYR F 361 11.43 7.68 -50.46
N LYS F 362 10.44 8.17 -51.21
CA LYS F 362 9.97 9.55 -51.00
C LYS F 362 9.57 9.77 -49.55
N ILE F 363 8.66 8.93 -49.05
CA ILE F 363 8.12 9.09 -47.72
C ILE F 363 9.24 9.11 -46.68
N TRP F 364 10.16 8.15 -46.75
CA TRP F 364 11.24 8.10 -45.77
C TRP F 364 12.22 9.25 -45.96
N GLN F 365 12.76 9.42 -47.15
CA GLN F 365 13.80 10.41 -47.34
C GLN F 365 13.27 11.83 -47.29
N CYS F 366 11.95 12.04 -47.39
CA CYS F 366 11.43 13.38 -47.31
C CYS F 366 10.74 13.66 -45.99
N GLY F 367 10.95 12.80 -45.00
CA GLY F 367 10.57 13.09 -43.63
C GLY F 367 9.28 12.48 -43.13
N GLY F 368 8.70 11.50 -43.81
CA GLY F 368 7.57 10.76 -43.29
C GLY F 368 8.00 9.45 -42.64
N LYS F 369 7.02 8.57 -42.43
CA LYS F 369 7.27 7.23 -41.92
C LYS F 369 6.45 6.22 -42.69
N LEU F 370 7.00 5.00 -42.82
CA LEU F 370 6.31 3.88 -43.43
C LEU F 370 6.19 2.81 -42.36
N LEU F 371 4.96 2.44 -42.02
CA LEU F 371 4.71 1.52 -40.91
C LEU F 371 3.82 0.38 -41.36
N PHE F 372 4.24 -0.85 -41.04
CA PHE F 372 3.35 -2.00 -41.12
C PHE F 372 2.49 -2.05 -39.85
N VAL F 373 1.21 -2.36 -40.01
CA VAL F 373 0.30 -2.37 -38.87
C VAL F 373 -0.15 -3.78 -38.56
N PRO F 374 0.49 -4.50 -37.63
CA PRO F 374 0.12 -5.91 -37.42
C PRO F 374 -1.36 -6.16 -37.24
N CYS F 375 -2.06 -5.26 -36.54
CA CYS F 375 -3.45 -5.52 -36.21
C CYS F 375 -4.41 -5.19 -37.34
N SER F 376 -3.90 -4.68 -38.47
CA SER F 376 -4.69 -4.52 -39.68
C SER F 376 -4.15 -5.52 -40.68
N ARG F 377 -5.05 -6.35 -41.22
CA ARG F 377 -4.68 -7.47 -42.08
C ARG F 377 -5.61 -7.52 -43.28
N VAL F 378 -5.05 -7.82 -44.45
CA VAL F 378 -5.83 -7.93 -45.68
C VAL F 378 -5.37 -9.15 -46.46
N GLY F 379 -6.31 -9.90 -47.01
CA GLY F 379 -5.99 -11.02 -47.86
C GLY F 379 -5.91 -10.57 -49.31
N HIS F 380 -4.92 -11.10 -50.02
CA HIS F 380 -4.73 -10.86 -51.45
C HIS F 380 -4.75 -12.22 -52.13
N ILE F 381 -5.60 -12.38 -53.15
CA ILE F 381 -5.59 -13.60 -53.93
C ILE F 381 -4.33 -13.64 -54.80
N TYR F 382 -3.66 -14.78 -54.80
CA TYR F 382 -2.43 -14.95 -55.53
C TYR F 382 -2.67 -15.87 -56.72
N ARG F 383 -2.09 -15.49 -57.85
CA ARG F 383 -2.42 -16.08 -59.14
C ARG F 383 -1.89 -17.50 -59.28
N LEU F 384 -2.62 -18.29 -60.06
CA LEU F 384 -2.23 -19.65 -60.38
C LEU F 384 -1.55 -19.67 -61.73
N GLU F 385 -0.88 -20.77 -62.03
CA GLU F 385 -0.35 -20.95 -63.37
C GLU F 385 -1.49 -21.28 -64.33
N GLY F 386 -1.27 -20.94 -65.60
CA GLY F 386 -2.26 -21.16 -66.63
C GLY F 386 -3.03 -19.93 -67.02
N TRP F 387 -2.63 -18.76 -66.51
CA TRP F 387 -3.32 -17.54 -66.84
C TRP F 387 -2.81 -16.99 -68.16
N GLN F 388 -3.66 -16.23 -68.83
CA GLN F 388 -3.27 -15.62 -70.08
C GLN F 388 -4.02 -14.31 -70.28
N GLY F 389 -3.56 -13.21 -69.65
CA GLY F 389 -2.33 -13.17 -68.89
C GLY F 389 -1.22 -12.87 -69.88
N ASN F 390 -0.99 -11.59 -70.19
CA ASN F 390 -0.16 -11.24 -71.37
C ASN F 390 0.42 -9.82 -71.39
N PRO F 391 1.65 -9.67 -71.85
CA PRO F 391 2.28 -8.34 -71.84
C PRO F 391 1.82 -7.49 -73.00
N PRO F 392 2.05 -6.18 -72.92
CA PRO F 392 1.76 -5.27 -74.05
C PRO F 392 2.88 -5.32 -75.08
N PRO F 393 2.56 -4.96 -76.32
CA PRO F 393 3.61 -4.96 -77.33
C PRO F 393 4.16 -3.56 -77.48
N ILE F 394 5.35 -3.35 -76.93
CA ILE F 394 6.04 -2.10 -77.13
C ILE F 394 6.92 -2.46 -78.31
N TYR F 395 6.59 -1.91 -79.46
CA TYR F 395 7.10 -2.43 -80.71
C TYR F 395 8.23 -1.59 -81.24
N VAL F 396 9.44 -2.13 -81.13
CA VAL F 396 9.76 -3.20 -80.19
C VAL F 396 10.51 -2.60 -79.00
N GLY F 397 9.77 -1.96 -78.11
CA GLY F 397 10.37 -1.29 -76.98
C GLY F 397 11.03 -2.21 -75.97
N SER F 398 12.11 -1.74 -75.37
CA SER F 398 12.71 -2.44 -74.26
C SER F 398 11.74 -2.35 -73.11
N SER F 399 11.83 -3.32 -72.20
CA SER F 399 10.86 -3.48 -71.13
C SER F 399 10.64 -2.17 -70.42
N PRO F 400 9.30 -1.83 -70.23
CA PRO F 400 9.12 -0.53 -69.55
C PRO F 400 9.49 -0.67 -68.10
N THR F 401 9.20 -1.81 -67.52
CA THR F 401 9.41 -1.97 -66.10
C THR F 401 10.89 -1.82 -65.71
N LEU F 402 11.79 -2.27 -66.57
CA LEU F 402 13.20 -2.05 -66.32
C LEU F 402 13.50 -0.56 -66.34
N LYS F 403 12.86 0.16 -67.23
CA LYS F 403 13.13 1.55 -67.45
C LYS F 403 12.65 2.27 -66.23
N ASN F 404 11.64 1.70 -65.58
CA ASN F 404 11.09 2.35 -64.39
C ASN F 404 12.03 2.24 -63.21
N TYR F 405 12.63 1.07 -62.98
CA TYR F 405 13.64 0.92 -61.95
C TYR F 405 14.72 1.98 -62.10
N VAL F 406 15.17 2.21 -63.34
CA VAL F 406 16.22 3.19 -63.56
C VAL F 406 15.75 4.58 -63.14
N ARG F 407 14.52 4.93 -63.49
CA ARG F 407 13.98 6.20 -63.05
C ARG F 407 14.08 6.32 -61.54
N VAL F 408 13.64 5.29 -60.82
CA VAL F 408 13.68 5.32 -59.36
C VAL F 408 15.11 5.39 -58.87
N VAL F 409 15.97 4.51 -59.37
CA VAL F 409 17.35 4.48 -58.87
C VAL F 409 18.03 5.82 -59.11
N GLU F 410 17.81 6.40 -60.29
CA GLU F 410 18.60 7.58 -60.66
C GLU F 410 18.23 8.78 -59.81
N VAL F 411 16.98 8.86 -59.34
CA VAL F 411 16.60 10.01 -58.54
C VAL F 411 16.88 9.79 -57.06
N TRP F 412 16.64 8.58 -56.55
CA TRP F 412 16.78 8.34 -55.12
C TRP F 412 18.03 7.67 -54.57
N TRP F 413 18.61 6.75 -55.30
CA TRP F 413 19.67 5.89 -54.78
C TRP F 413 21.01 6.57 -54.56
N ASP F 414 21.22 7.71 -55.18
CA ASP F 414 22.48 8.39 -55.05
C ASP F 414 23.60 7.45 -55.48
N GLU F 415 24.64 7.32 -54.67
CA GLU F 415 25.83 6.59 -55.04
C GLU F 415 25.56 5.12 -55.15
N TYR F 416 24.43 4.70 -54.61
CA TYR F 416 24.05 3.31 -54.66
C TYR F 416 23.65 2.89 -56.06
N LYS F 417 23.43 3.82 -56.97
CA LYS F 417 23.12 3.42 -58.34
C LYS F 417 24.21 2.49 -58.87
N ASP F 418 25.46 2.68 -58.43
CA ASP F 418 26.55 1.77 -58.79
C ASP F 418 26.17 0.32 -58.55
N TYR F 419 25.58 0.00 -57.39
CA TYR F 419 25.24 -1.39 -57.12
C TYR F 419 24.14 -1.87 -58.06
N PHE F 420 23.21 -0.99 -58.43
CA PHE F 420 22.13 -1.40 -59.30
C PHE F 420 22.61 -1.66 -60.72
N TYR F 421 23.53 -0.82 -61.24
CA TYR F 421 24.07 -1.05 -62.57
C TYR F 421 25.07 -2.20 -62.60
N ALA F 422 25.59 -2.63 -61.46
CA ALA F 422 26.37 -3.86 -61.44
C ALA F 422 25.48 -5.09 -61.54
N SER F 423 24.34 -5.07 -60.84
CA SER F 423 23.39 -6.15 -60.95
C SER F 423 22.77 -6.21 -62.35
N ARG F 424 22.51 -5.06 -62.95
CA ARG F 424 21.82 -5.00 -64.25
C ARG F 424 22.59 -4.09 -65.18
N PRO F 425 23.78 -4.48 -65.61
CA PRO F 425 24.53 -3.61 -66.52
C PRO F 425 23.77 -3.34 -67.81
N GLU F 426 22.91 -4.26 -68.24
CA GLU F 426 22.11 -4.01 -69.43
C GLU F 426 21.35 -2.69 -69.32
N SER F 427 21.04 -2.25 -68.12
CA SER F 427 20.17 -1.08 -67.98
C SER F 427 20.94 0.23 -67.99
N GLN F 428 22.27 0.18 -68.00
CA GLN F 428 23.06 1.41 -67.90
C GLN F 428 22.63 2.46 -68.94
N ALA F 429 22.59 2.09 -70.22
CA ALA F 429 22.39 3.12 -71.25
C ALA F 429 20.97 3.09 -71.81
N LEU F 430 20.07 2.97 -70.98
CA LEU F 430 18.69 2.85 -71.35
C LEU F 430 18.04 4.23 -71.33
N PRO F 431 17.23 4.58 -72.33
CA PRO F 431 16.58 5.90 -72.30
C PRO F 431 15.58 5.97 -71.17
N TYR F 432 15.98 6.31 -69.94
CA TYR F 432 15.01 6.19 -68.85
C TYR F 432 13.93 7.28 -68.89
N GLY F 433 14.11 8.35 -69.65
CA GLY F 433 13.13 9.42 -69.72
C GLY F 433 13.56 10.65 -68.95
N ASP F 434 12.73 11.68 -69.03
CA ASP F 434 12.99 12.92 -68.31
C ASP F 434 12.74 12.74 -66.83
N ILE F 435 13.70 13.14 -66.01
CA ILE F 435 13.61 12.90 -64.58
C ILE F 435 13.74 14.23 -63.85
N SER F 436 13.75 15.32 -64.63
CA SER F 436 14.14 16.64 -64.14
C SER F 436 13.24 17.11 -63.01
N GLU F 437 11.93 16.99 -63.19
CA GLU F 437 11.03 17.45 -62.14
C GLU F 437 11.21 16.65 -60.88
N LEU F 438 11.43 15.34 -61.02
CA LEU F 438 11.61 14.50 -59.84
C LEU F 438 12.90 14.83 -59.12
N LYS F 439 13.95 15.19 -59.85
CA LYS F 439 15.16 15.63 -59.17
C LYS F 439 14.92 16.95 -58.45
N LYS F 440 14.14 17.85 -59.06
CA LYS F 440 13.88 19.15 -58.44
C LYS F 440 13.00 19.00 -57.21
N PHE F 441 12.13 18.00 -57.21
CA PHE F 441 11.29 17.75 -56.04
C PHE F 441 12.13 17.36 -54.84
N ARG F 442 13.14 16.52 -55.06
CA ARG F 442 13.98 16.06 -53.96
C ARG F 442 14.87 17.17 -53.42
N GLU F 443 15.37 18.05 -54.30
CA GLU F 443 16.19 19.15 -53.81
C GLU F 443 15.33 20.23 -53.17
N ASP F 444 14.14 20.47 -53.69
CA ASP F 444 13.31 21.52 -53.11
C ASP F 444 12.81 21.14 -51.73
N HIS F 445 12.55 19.87 -51.50
CA HIS F 445 12.09 19.46 -50.18
C HIS F 445 13.23 19.11 -49.25
N ASN F 446 14.47 19.31 -49.66
CA ASN F 446 15.59 19.05 -48.77
C ASN F 446 15.54 17.61 -48.24
N CYS F 447 15.07 16.69 -49.08
CA CYS F 447 15.01 15.27 -48.72
C CYS F 447 16.41 14.77 -48.37
N LYS F 448 16.45 13.76 -47.51
CA LYS F 448 17.73 13.26 -47.01
C LYS F 448 18.34 12.28 -48.00
N SER F 449 19.62 12.02 -47.79
CA SER F 449 20.29 11.19 -48.77
C SER F 449 19.88 9.73 -48.59
N PHE F 450 20.23 8.94 -49.61
CA PHE F 450 20.00 7.51 -49.53
C PHE F 450 20.96 6.86 -48.53
N LYS F 451 22.15 7.44 -48.37
CA LYS F 451 23.13 6.94 -47.40
C LYS F 451 22.56 7.00 -45.98
N TRP F 452 22.00 8.14 -45.59
CA TRP F 452 21.26 8.20 -44.33
C TRP F 452 20.23 7.10 -44.28
N PHE F 453 19.34 7.05 -45.28
CA PHE F 453 18.27 6.06 -45.29
C PHE F 453 18.80 4.65 -45.11
N MET F 454 19.92 4.31 -45.76
CA MET F 454 20.43 2.96 -45.67
C MET F 454 20.97 2.66 -44.29
N GLU F 455 21.57 3.66 -43.64
CA GLU F 455 22.20 3.48 -42.34
C GLU F 455 21.28 3.78 -41.16
N GLU F 456 20.19 4.52 -41.36
CA GLU F 456 19.28 4.83 -40.27
C GLU F 456 18.05 3.94 -40.24
N ILE F 457 17.36 3.75 -41.35
CA ILE F 457 16.09 3.03 -41.33
C ILE F 457 16.14 1.70 -42.08
N ALA F 458 17.07 1.51 -43.02
CA ALA F 458 17.17 0.23 -43.72
C ALA F 458 18.50 -0.50 -43.44
N TYR F 459 18.91 -0.52 -42.17
CA TYR F 459 20.21 -1.07 -41.76
C TYR F 459 20.32 -2.59 -41.93
N ASP F 460 19.19 -3.33 -41.94
CA ASP F 460 19.28 -4.78 -42.01
C ASP F 460 19.49 -5.31 -43.43
N ILE F 461 19.18 -4.52 -44.46
CA ILE F 461 19.12 -5.04 -45.82
C ILE F 461 20.46 -5.64 -46.23
N THR F 462 21.55 -4.88 -46.11
CA THR F 462 22.81 -5.43 -46.61
C THR F 462 23.23 -6.70 -45.88
N SER F 463 22.58 -7.01 -44.76
CA SER F 463 22.83 -8.26 -44.05
C SER F 463 22.16 -9.45 -44.74
N HIS F 464 21.04 -9.23 -45.42
CA HIS F 464 20.38 -10.30 -46.16
C HIS F 464 20.70 -10.27 -47.65
N TYR F 465 21.04 -9.10 -48.17
CA TYR F 465 21.31 -8.91 -49.59
C TYR F 465 22.56 -8.05 -49.67
N PRO F 466 23.73 -8.67 -49.59
CA PRO F 466 24.98 -7.92 -49.57
C PRO F 466 25.19 -7.12 -50.83
N LEU F 467 25.93 -6.03 -50.69
CA LEU F 467 26.32 -5.20 -51.83
C LEU F 467 27.14 -6.01 -52.86
N PRO F 468 26.86 -5.86 -54.15
CA PRO F 468 27.50 -6.75 -55.15
C PRO F 468 28.85 -6.21 -55.59
N PRO F 469 29.78 -7.09 -55.93
CA PRO F 469 31.06 -6.62 -56.49
C PRO F 469 30.88 -5.94 -57.82
N LYS F 470 31.73 -4.96 -58.11
CA LYS F 470 31.68 -4.32 -59.41
C LYS F 470 31.85 -5.37 -60.51
N ASN F 471 31.46 -5.00 -61.74
CA ASN F 471 31.61 -5.88 -62.89
C ASN F 471 32.93 -5.64 -63.60
N VAL F 472 33.58 -6.72 -64.02
CA VAL F 472 34.69 -6.60 -64.93
C VAL F 472 34.20 -6.47 -66.37
N ASP F 473 33.25 -7.30 -66.80
CA ASP F 473 32.67 -7.19 -68.13
C ASP F 473 31.30 -7.86 -68.10
N TRP F 474 30.50 -7.60 -69.14
CA TRP F 474 29.14 -8.14 -69.21
C TRP F 474 28.73 -8.22 -70.68
N GLY F 475 27.75 -9.07 -70.98
CA GLY F 475 27.22 -9.12 -72.33
C GLY F 475 26.92 -10.52 -72.86
N GLU F 476 26.93 -10.68 -74.17
CA GLU F 476 26.84 -12.02 -74.72
C GLU F 476 28.20 -12.69 -74.60
N ILE F 477 28.20 -14.01 -74.47
CA ILE F 477 29.48 -14.72 -74.51
C ILE F 477 29.56 -15.43 -75.85
N ARG F 478 30.03 -14.74 -76.87
CA ARG F 478 30.01 -15.26 -78.23
C ARG F 478 31.32 -15.98 -78.55
N GLY F 479 31.21 -17.03 -79.37
CA GLY F 479 32.40 -17.73 -79.83
C GLY F 479 33.17 -16.87 -80.83
N PHE F 480 34.47 -16.70 -80.59
CA PHE F 480 35.26 -15.75 -81.38
C PHE F 480 35.09 -16.03 -82.87
N GLU F 481 34.79 -14.98 -83.63
CA GLU F 481 34.61 -15.09 -85.08
C GLU F 481 33.64 -16.22 -85.42
N THR F 482 32.56 -16.32 -84.64
CA THR F 482 31.48 -17.27 -84.90
C THR F 482 30.14 -16.62 -84.55
N ALA F 483 29.08 -17.41 -84.74
CA ALA F 483 27.71 -16.94 -84.62
C ALA F 483 26.96 -17.72 -83.53
N TYR F 484 27.70 -18.35 -82.63
CA TYR F 484 27.12 -19.08 -81.51
C TYR F 484 27.48 -18.38 -80.20
N CYS F 485 26.57 -18.49 -79.25
CA CYS F 485 26.58 -17.77 -77.99
C CYS F 485 26.27 -18.78 -76.90
N ILE F 486 26.92 -18.59 -75.74
CA ILE F 486 26.51 -19.37 -74.60
C ILE F 486 25.13 -18.91 -74.24
N ASP F 487 24.26 -19.85 -73.92
CA ASP F 487 22.95 -19.37 -73.59
C ASP F 487 22.27 -20.34 -72.65
N SER F 488 21.60 -19.74 -71.67
CA SER F 488 21.17 -20.42 -70.47
C SER F 488 20.02 -21.36 -70.72
N MET F 489 19.31 -21.22 -71.84
CA MET F 489 18.02 -21.87 -72.03
C MET F 489 17.07 -21.56 -70.88
N GLY F 490 17.34 -20.46 -70.18
CA GLY F 490 16.57 -20.12 -69.01
C GLY F 490 16.76 -21.07 -67.86
N LYS F 491 17.62 -22.08 -68.05
CA LYS F 491 17.90 -23.05 -67.01
C LYS F 491 18.28 -22.35 -65.70
N THR F 492 17.91 -22.98 -64.58
CA THR F 492 18.22 -22.47 -63.25
C THR F 492 18.61 -23.62 -62.35
N ASN F 493 19.36 -23.31 -61.30
CA ASN F 493 19.51 -24.19 -60.16
C ASN F 493 19.86 -25.62 -60.58
N GLY F 494 21.02 -25.78 -61.18
CA GLY F 494 21.55 -27.10 -61.45
C GLY F 494 21.50 -27.52 -62.91
N GLY F 495 20.74 -26.82 -63.77
CA GLY F 495 20.73 -27.10 -65.20
C GLY F 495 22.07 -26.82 -65.85
N PHE F 496 22.23 -27.34 -67.06
CA PHE F 496 23.46 -27.20 -67.82
C PHE F 496 23.31 -26.19 -68.94
N VAL F 497 24.25 -25.29 -69.04
CA VAL F 497 24.21 -24.21 -70.01
C VAL F 497 24.62 -24.75 -71.36
N GLU F 498 24.12 -24.15 -72.45
CA GLU F 498 24.28 -24.73 -73.78
C GLU F 498 24.84 -23.70 -74.75
N LEU F 499 25.05 -24.17 -75.98
CA LEU F 499 25.34 -23.30 -77.10
C LEU F 499 24.07 -23.06 -77.93
N GLY F 500 23.96 -21.86 -78.47
CA GLY F 500 22.83 -21.52 -79.32
C GLY F 500 23.23 -20.47 -80.34
N PRO F 501 22.47 -20.34 -81.42
CA PRO F 501 22.73 -19.27 -82.39
C PRO F 501 22.51 -17.91 -81.74
N CYS F 502 23.48 -17.01 -81.90
CA CYS F 502 23.38 -15.72 -81.24
C CYS F 502 22.16 -14.97 -81.75
N HIS F 503 21.61 -14.13 -80.89
CA HIS F 503 20.48 -13.30 -81.28
C HIS F 503 20.59 -11.89 -80.72
N ARG F 504 21.58 -11.63 -79.90
CA ARG F 504 21.86 -10.27 -79.45
C ARG F 504 20.65 -9.65 -78.79
N MET F 505 19.77 -10.47 -78.23
CA MET F 505 18.62 -9.93 -77.53
C MET F 505 18.80 -10.01 -76.03
N GLY F 506 19.90 -10.62 -75.63
CA GLY F 506 20.42 -10.54 -74.29
C GLY F 506 19.57 -10.88 -73.10
N GLY F 507 18.85 -11.99 -73.14
CA GLY F 507 18.12 -12.40 -71.95
C GLY F 507 18.87 -13.55 -71.35
N ASN F 508 18.69 -14.71 -71.95
CA ASN F 508 19.42 -15.87 -71.53
C ASN F 508 20.72 -15.95 -72.29
N GLN F 509 20.97 -15.00 -73.19
CA GLN F 509 22.28 -14.93 -73.81
C GLN F 509 23.10 -13.78 -73.26
N LEU F 510 22.76 -13.33 -72.05
CA LEU F 510 23.47 -12.26 -71.37
C LEU F 510 24.10 -12.77 -70.08
N PHE F 511 25.35 -12.38 -69.84
CA PHE F 511 26.11 -12.74 -68.65
C PHE F 511 26.95 -11.55 -68.19
N ARG F 512 27.46 -11.65 -66.97
CA ARG F 512 28.41 -10.68 -66.43
C ARG F 512 29.42 -11.42 -65.58
N ILE F 513 30.65 -10.89 -65.53
CA ILE F 513 31.73 -11.44 -64.73
C ILE F 513 32.17 -10.41 -63.67
N ASN F 514 32.23 -10.88 -62.42
CA ASN F 514 32.53 -10.07 -61.25
C ASN F 514 33.97 -9.60 -61.21
N GLU F 515 34.22 -8.64 -60.33
CA GLU F 515 35.56 -8.54 -59.76
C GLU F 515 35.81 -9.71 -58.81
N ALA F 516 34.74 -10.29 -58.25
CA ALA F 516 34.79 -11.47 -57.39
C ALA F 516 34.92 -12.79 -58.16
N ASN F 517 35.32 -12.76 -59.44
CA ASN F 517 35.52 -13.95 -60.26
C ASN F 517 34.26 -14.81 -60.43
N GLN F 518 33.08 -14.22 -60.30
CA GLN F 518 31.83 -14.95 -60.50
C GLN F 518 31.30 -14.68 -61.91
N LEU F 519 30.81 -15.75 -62.56
CA LEU F 519 30.12 -15.69 -63.85
C LEU F 519 28.63 -15.85 -63.60
N MET F 520 27.87 -14.78 -63.82
CA MET F 520 26.50 -14.74 -63.36
C MET F 520 25.55 -14.40 -64.48
N GLN F 521 24.30 -14.84 -64.31
CA GLN F 521 23.15 -14.44 -65.09
C GLN F 521 22.02 -14.23 -64.10
N TYR F 522 21.46 -13.03 -64.08
CA TYR F 522 20.49 -12.72 -63.03
C TYR F 522 21.14 -13.02 -61.68
N ASP F 523 20.45 -13.81 -60.86
CA ASP F 523 20.90 -14.09 -59.48
C ASP F 523 21.80 -15.31 -59.38
N GLN F 524 21.95 -16.09 -60.44
CA GLN F 524 22.69 -17.33 -60.39
C GLN F 524 24.07 -17.21 -61.04
N CYS F 525 24.93 -18.16 -60.69
CA CYS F 525 26.29 -18.27 -61.19
C CYS F 525 26.44 -19.54 -62.01
N LEU F 526 27.48 -19.57 -62.84
CA LEU F 526 27.87 -20.82 -63.48
C LEU F 526 29.09 -21.36 -62.77
N THR F 527 29.10 -22.69 -62.59
CA THR F 527 30.16 -23.42 -61.91
C THR F 527 30.34 -24.74 -62.65
N LYS F 528 31.32 -25.53 -62.19
CA LYS F 528 31.67 -26.81 -62.81
C LYS F 528 30.83 -27.93 -62.19
N GLY F 529 30.03 -28.59 -63.03
CA GLY F 529 29.22 -29.69 -62.53
C GLY F 529 30.01 -30.97 -62.54
N ALA F 530 30.40 -31.45 -61.36
CA ALA F 530 30.95 -32.78 -61.28
C ALA F 530 29.85 -33.79 -61.57
N ASP F 531 30.24 -34.92 -62.15
CA ASP F 531 31.65 -35.22 -62.45
C ASP F 531 32.00 -34.76 -63.87
N GLY F 532 31.05 -34.11 -64.53
CA GLY F 532 31.27 -33.70 -65.91
C GLY F 532 32.18 -32.52 -66.05
N SER F 533 32.59 -32.29 -67.30
CA SER F 533 33.20 -31.05 -67.75
C SER F 533 32.14 -30.00 -68.07
N LYS F 534 30.88 -30.33 -67.77
CA LYS F 534 29.76 -29.46 -68.09
C LYS F 534 29.73 -28.25 -67.17
N VAL F 535 29.33 -27.11 -67.74
CA VAL F 535 29.10 -25.88 -67.01
C VAL F 535 27.63 -25.81 -66.64
N MET F 536 27.37 -25.51 -65.38
CA MET F 536 26.06 -25.61 -64.76
C MET F 536 25.71 -24.26 -64.16
N ILE F 537 24.41 -24.03 -63.99
CA ILE F 537 23.90 -22.77 -63.45
C ILE F 537 23.15 -23.05 -62.16
N THR F 538 23.57 -22.40 -61.06
CA THR F 538 22.91 -22.59 -59.78
C THR F 538 22.77 -21.25 -59.08
N HIS F 539 22.10 -21.31 -57.93
CA HIS F 539 22.00 -20.15 -57.05
C HIS F 539 23.37 -19.77 -56.49
N CYS F 540 23.56 -18.48 -56.32
CA CYS F 540 24.85 -17.89 -56.01
C CYS F 540 24.78 -17.16 -54.68
N ASN F 541 25.86 -17.25 -53.90
CA ASN F 541 26.03 -16.47 -52.67
C ASN F 541 27.38 -15.76 -52.73
N LEU F 542 27.59 -14.78 -51.85
CA LEU F 542 28.63 -13.79 -52.08
C LEU F 542 30.03 -14.38 -52.30
N ASN F 543 30.33 -15.53 -51.71
CA ASN F 543 31.68 -16.10 -51.86
C ASN F 543 31.67 -17.48 -52.48
N GLU F 544 30.54 -17.88 -53.05
CA GLU F 544 30.40 -19.15 -53.73
C GLU F 544 30.81 -19.00 -55.19
N PHE F 545 31.59 -19.96 -55.69
CA PHE F 545 31.82 -20.10 -57.13
C PHE F 545 32.69 -18.98 -57.70
N LYS F 546 33.61 -18.45 -56.89
CA LYS F 546 34.56 -17.43 -57.35
C LYS F 546 35.64 -18.14 -58.15
N GLU F 547 35.27 -18.57 -59.37
CA GLU F 547 36.11 -19.54 -60.06
C GLU F 547 36.35 -19.24 -61.54
N TRP F 548 36.02 -18.05 -62.02
CA TRP F 548 36.25 -17.71 -63.42
C TRP F 548 37.08 -16.44 -63.48
N GLN F 549 37.96 -16.37 -64.48
CA GLN F 549 38.65 -15.13 -64.76
C GLN F 549 38.77 -14.98 -66.27
N TYR F 550 38.45 -13.79 -66.75
CA TYR F 550 38.26 -13.55 -68.18
C TYR F 550 39.41 -12.69 -68.69
N PHE F 551 40.04 -13.13 -69.77
CA PHE F 551 41.15 -12.41 -70.37
C PHE F 551 40.72 -11.88 -71.72
N LYS F 552 40.15 -10.66 -71.75
CA LYS F 552 39.63 -10.10 -72.99
C LYS F 552 40.64 -10.27 -74.12
N ASN F 553 41.90 -9.93 -73.87
CA ASN F 553 42.87 -9.89 -74.97
C ASN F 553 43.30 -11.28 -75.39
N LEU F 554 43.25 -12.24 -74.47
CA LEU F 554 43.49 -13.64 -74.79
C LEU F 554 42.26 -14.33 -75.39
N HIS F 555 41.09 -13.70 -75.35
CA HIS F 555 39.86 -14.38 -75.76
C HIS F 555 39.65 -15.67 -74.96
N ARG F 556 40.01 -15.65 -73.67
CA ARG F 556 39.98 -16.86 -72.87
C ARG F 556 39.18 -16.65 -71.59
N PHE F 557 38.27 -17.57 -71.32
CA PHE F 557 37.68 -17.75 -70.00
C PHE F 557 38.37 -18.95 -69.38
N THR F 558 38.87 -18.80 -68.16
CA THR F 558 39.59 -19.88 -67.55
C THR F 558 38.99 -20.17 -66.17
N HIS F 559 38.74 -21.46 -65.94
CA HIS F 559 38.29 -21.98 -64.66
C HIS F 559 39.48 -22.02 -63.69
N ILE F 560 39.28 -21.52 -62.48
CA ILE F 560 40.41 -21.21 -61.61
C ILE F 560 40.81 -22.45 -60.81
N PRO F 561 39.87 -23.16 -60.16
CA PRO F 561 40.23 -24.40 -59.45
C PRO F 561 41.01 -25.39 -60.30
N SER F 562 40.40 -25.91 -61.37
CA SER F 562 41.16 -26.59 -62.39
C SER F 562 42.09 -25.58 -63.06
N GLY F 563 42.79 -26.00 -64.09
CA GLY F 563 43.44 -25.05 -64.97
C GLY F 563 42.68 -24.83 -66.26
N LYS F 564 41.47 -25.40 -66.37
CA LYS F 564 40.81 -25.64 -67.65
C LYS F 564 40.22 -24.35 -68.25
N CYS F 565 40.17 -24.32 -69.58
CA CYS F 565 39.59 -23.22 -70.34
C CYS F 565 38.12 -23.49 -70.69
N LEU F 566 37.38 -22.43 -70.99
CA LEU F 566 36.02 -22.61 -71.48
C LEU F 566 36.06 -23.11 -72.93
N ASP F 567 35.24 -24.11 -73.26
CA ASP F 567 35.30 -24.75 -74.58
C ASP F 567 33.88 -25.02 -75.07
N ARG F 568 33.73 -25.09 -76.39
CA ARG F 568 32.49 -25.57 -76.98
C ARG F 568 32.78 -26.58 -78.08
N SER F 569 31.74 -27.35 -78.42
CA SER F 569 31.59 -27.94 -79.75
C SER F 569 30.47 -27.20 -80.48
N GLU F 570 30.71 -26.77 -81.72
CA GLU F 570 29.68 -26.02 -82.42
C GLU F 570 28.51 -26.90 -82.86
N VAL F 571 28.76 -28.16 -83.21
CA VAL F 571 27.73 -29.21 -83.27
C VAL F 571 28.27 -30.41 -82.49
N LEU F 572 27.51 -30.84 -81.48
CA LEU F 572 26.27 -30.19 -81.19
C LEU F 572 26.55 -28.96 -80.37
N HIS F 573 25.50 -28.42 -79.77
CA HIS F 573 25.58 -27.09 -79.17
C HIS F 573 25.95 -27.26 -77.70
N GLN F 574 27.25 -27.41 -77.46
CA GLN F 574 27.72 -27.89 -76.17
C GLN F 574 28.81 -26.99 -75.60
N VAL F 575 28.65 -26.62 -74.34
CA VAL F 575 29.61 -25.83 -73.61
C VAL F 575 30.19 -26.69 -72.50
N PHE F 576 31.51 -26.81 -72.48
CA PHE F 576 32.23 -27.57 -71.47
C PHE F 576 33.54 -26.84 -71.19
N ILE F 577 34.28 -27.32 -70.18
CA ILE F 577 35.65 -26.89 -69.92
C ILE F 577 36.57 -28.07 -70.19
N SER F 578 37.73 -27.78 -70.79
CA SER F 578 38.73 -28.77 -71.14
C SER F 578 40.11 -28.17 -70.92
N ASN F 579 41.14 -29.01 -71.00
CA ASN F 579 42.51 -28.56 -70.79
C ASN F 579 42.89 -27.49 -71.81
N CYS F 580 43.38 -26.35 -71.32
CA CYS F 580 43.63 -25.21 -72.19
C CYS F 580 44.55 -25.61 -73.33
N ASP F 581 44.17 -25.22 -74.55
CA ASP F 581 44.95 -25.43 -75.76
C ASP F 581 44.83 -24.21 -76.65
N SER F 582 45.96 -23.59 -76.97
CA SER F 582 45.94 -22.34 -77.70
C SER F 582 45.59 -22.51 -79.17
N SER F 583 45.70 -23.72 -79.71
CA SER F 583 45.38 -23.92 -81.11
C SER F 583 43.87 -23.87 -81.32
N LYS F 584 43.13 -24.49 -80.39
CA LYS F 584 41.67 -24.65 -80.46
C LYS F 584 40.94 -23.32 -80.52
N THR F 585 40.29 -23.03 -81.64
CA THR F 585 39.48 -21.83 -81.66
C THR F 585 38.18 -22.03 -80.89
N THR F 586 37.87 -23.26 -80.53
CA THR F 586 36.71 -23.52 -79.69
C THR F 586 36.91 -23.05 -78.27
N GLN F 587 38.09 -22.55 -77.94
CA GLN F 587 38.38 -22.07 -76.60
C GLN F 587 38.45 -20.55 -76.55
N LYS F 588 38.16 -19.90 -77.67
CA LYS F 588 38.26 -18.45 -77.82
C LYS F 588 36.85 -17.85 -77.79
N TRP F 589 36.69 -16.79 -77.01
CA TRP F 589 35.41 -16.13 -76.79
C TRP F 589 35.57 -14.62 -76.73
N GLU F 590 34.51 -13.92 -77.03
CA GLU F 590 34.44 -12.49 -76.75
C GLU F 590 33.21 -12.20 -75.90
N MET F 591 33.31 -11.15 -75.08
CA MET F 591 32.21 -10.65 -74.28
C MET F 591 31.83 -9.27 -74.79
N ASN F 592 30.67 -9.18 -75.44
CA ASN F 592 30.19 -7.97 -76.09
C ASN F 592 28.95 -7.46 -75.38
N ASN F 593 28.96 -6.18 -74.99
CA ASN F 593 27.75 -5.60 -74.42
C ASN F 593 26.62 -5.65 -75.43
N ILE F 594 25.47 -6.08 -74.98
CA ILE F 594 24.24 -5.99 -75.74
C ILE F 594 23.47 -4.79 -75.22
N HIS F 595 23.34 -3.76 -76.04
CA HIS F 595 22.58 -2.58 -75.67
C HIS F 595 21.15 -2.72 -76.17
N SER F 596 20.20 -2.37 -75.31
CA SER F 596 18.79 -2.31 -75.65
C SER F 596 18.39 -0.86 -75.75
N VAL F 597 17.70 -0.49 -76.83
CA VAL F 597 17.24 0.90 -76.99
C VAL F 597 15.73 0.98 -76.90
#